data_7CZX
#
_entry.id   7CZX
#
_cell.length_a   1.00
_cell.length_b   1.00
_cell.length_c   1.00
_cell.angle_alpha   90.00
_cell.angle_beta   90.00
_cell.angle_gamma   90.00
#
_symmetry.space_group_name_H-M   'P 1'
#
loop_
_entity.id
_entity.type
_entity.pdbx_description
1 polymer 'Spike glycoprotein'
2 polymer 'Immunoglobulin heavy variable 4-59,chain H of P5A-1B9,IGH@ protein'
3 polymer 'IG c168_light_IGKV4-1_IGKJ4,Uncharacterized protein'
4 branched 2-acetamido-2-deoxy-beta-D-glucopyranose-(1-4)-2-acetamido-2-deoxy-beta-D-glucopyranose
5 non-polymer 2-acetamido-2-deoxy-beta-D-glucopyranose
#
loop_
_entity_poly.entity_id
_entity_poly.type
_entity_poly.pdbx_seq_one_letter_code
_entity_poly.pdbx_strand_id
1 'polypeptide(L)'
;MFVFLVLLPLVSSQCVNLTTRTQLPPAYTNSFTRGVYYPDKVFRSSVLHSTQDLFLPFFSNVTWFHAIHVSGTNGTKRFD
NPVLPFNDGVYFASTEKSNIIRGWIFGTTLDSKTQSLLIVNNATNVVIKVCEFQFCNDPFLGVYYHKNNKSWMESEFRVY
SSANNCTFEYVSQPFLMDLEGKQGNFKNLREFVFKNIDGYFKIYSKHTPINLVRDLPQGFSALEPLVDLPIGINITRFQT
LLALHRSYLTPGDSSSGWTAGAAAYYVGYLQPRTFLLKYNENGTITDAVDCALDPLSETKCTLKSFTVEKGIYQTSNFRV
QPTESIVRFPNITNLCPFGEVFNATRFASVYAWNRKRISNCVADYSVLYNSASFSTFKCYGVSPTKLNDLCFTNVYADSF
VIRGDEVRQIAPGQTGKIADYNYKLPDDFTGCVIAWNSNNLDSKVGGNYNYLYRLFRKSNLKPFERDISTEIYQAGSTPC
NGVEGFNCYFPLQSYGFQPTNGVGYQPYRVVVLSFELLHAPATVCGPKKSTNLVKNKCVNFNFNGLTGTGVLTESNKKFL
PFQQFGRDIADTTDAVRDPQTLEILDITPCSFGGVSVITPGTNTSNQVAVLYQDVNCTEVPVAIHADQLTPTWRVYSTGS
NVFQTRAGCLIGAEHVNNSYECDIPIGAGICASYQTQTNSPRRARSVASQSIIAYTMSLGAENSVAYSNNSIAIPTNFTI
SVTTEILPVSMTKTSVDCTMYICGDSTECSNLLLQYGSFCTQLNRALTGIAVEQDKNTQEVFAQVKQIYKTPPIKDFGGF
NFSQILPDPSKPSKRSFIEDLLFNKVTLADAGFIKQYGDCLGDIAARDLICAQKFNGLTVLPPLLTDEMIAQYTSALLAG
TITSGWTFGAGAALQIPFAMQMAYRFNGIGVTQNVLYENQKLIANQFNSAIGKIQDSLSSTASALGKLQDVVNQNAQALN
TLVKQLSSNFGAISSVLNDILSRLDPPEAEVQIDRLITGRLQSLQTYVTQQLIRAAEIRASANLAATKMSECVLGQSKRV
DFCGKGYHLMSFPQSAPHGVVFLHVTYVPAQEKNFTTAPAICHDGKAHFPREGVFVSNGTHWFVTQRNFYEPQIITTDNT
FVSGNCDVVIGIVNNTVYDPLQPELDSFKEELDKYFKNHTSPDVDLGDISGINASVVNIQKEIDRLNEVAKNLNESLIDL
QELGKYEQYIKWPWYIWLGFIAGLIAIVMVTIMLCCMTSCCSCLKGCCSCGSCCKFDEDDSEPVLKGVKLHYTLEDYKDD
DDK
;
A,B,C
2 'polypeptide(L)'
;QVQLQESGPGLVKPSETLSLTCTVSGGSISSYYWSWIRQPPGKGLEWIGYISYSGSTNYNPSLKSRVTISLDTSKNQFSL
KLSSVTAADTAVYYCASNGQYYDILTGQPPDYWYFDLWGRGTLVTVSSASTKGPSVFPLAPSSKSTSGGTAALGCLVKDY
FPEPVTVSWNSGALTSGVHTFPAVLQSSGLYSLSSVVTVPSSSLGTQTYICNVNHKPSNTKVDKKVEPKSCDKTHTCPPC
PAPELLGGPSVFLFPPKPKDTLMISRTPEVTCVVVDVSHEDPEVKFNWYVDGVEVHNAKTKPREEQYNSTYRVVSVLTVL
HQDWLNGKEYKCKVSNKALPAPIEKTISKAKGQPREPQVYTLPPSRDELTKNQVSLTCLVKGFYPSDIAVEWESNGQPEN
NYKTTPPVLDSDGSFFLYSKLTVDKSRWQQGNVFSCSVMHEALHNHYTQKSLSLSPGK
;
H,I,J
3 'polypeptide(L)'
;DIVMTQSPDSLAVSLGERATINCKSSQSVLYSSNNKNYLAWYQQKPGQPPKLLIYWASTRESGVPDRFSGSGSGTDFTLT
ISSLQAEDVAVYYCQQYYSTPLTFGGGTKVEIKRTVAAPSVFIFPPSDEQLKSGTASVVCLLNNFYPREAKVQWKVDNAL
QSGNSQESVTEQDSKDSTYSLSSTLTLSKADYEKHKVYACEVTHQGLSSPVTKSFNRGEC
;
K,M,N
#
# COMPACT_ATOMS: atom_id res chain seq x y z
N ALA A 27 53.03 -2.86 -20.90
CA ALA A 27 53.52 -2.55 -19.57
C ALA A 27 52.39 -2.14 -18.66
N TYR A 28 52.63 -2.23 -17.35
CA TYR A 28 51.71 -1.76 -16.34
C TYR A 28 52.52 -0.95 -15.34
N THR A 29 51.86 -0.01 -14.67
CA THR A 29 52.53 0.85 -13.72
C THR A 29 51.61 1.07 -12.53
N ASN A 30 52.16 1.72 -11.51
CA ASN A 30 51.49 1.94 -10.25
C ASN A 30 51.26 3.42 -10.05
N SER A 31 49.99 3.83 -9.99
CA SER A 31 49.64 5.16 -9.51
C SER A 31 50.03 5.24 -8.06
N PHE A 32 50.19 6.44 -7.52
CA PHE A 32 50.40 6.45 -6.08
C PHE A 32 49.23 7.10 -5.37
N THR A 33 49.01 8.38 -5.63
CA THR A 33 47.84 9.09 -5.14
C THR A 33 47.44 10.03 -6.28
N ARG A 34 46.59 9.54 -7.17
CA ARG A 34 46.32 10.20 -8.43
C ARG A 34 44.85 10.00 -8.77
N GLY A 35 44.25 11.00 -9.41
CA GLY A 35 42.88 10.87 -9.84
C GLY A 35 41.88 11.29 -8.80
N VAL A 36 42.16 12.39 -8.10
CA VAL A 36 41.23 12.98 -7.15
C VAL A 36 40.65 14.24 -7.78
N TYR A 37 39.33 14.32 -7.80
CA TYR A 37 38.64 15.46 -8.37
C TYR A 37 37.67 16.02 -7.35
N TYR A 38 37.36 17.29 -7.50
CA TYR A 38 36.36 17.94 -6.65
C TYR A 38 34.99 17.39 -7.01
N PRO A 39 34.38 16.68 -6.06
CA PRO A 39 33.08 16.03 -6.27
C PRO A 39 31.97 16.96 -6.69
N ASP A 40 32.18 18.27 -6.60
CA ASP A 40 31.14 19.23 -6.97
C ASP A 40 31.51 20.64 -6.57
N LYS A 41 30.59 21.57 -6.84
CA LYS A 41 30.79 22.96 -6.50
C LYS A 41 30.82 23.10 -4.98
N VAL A 42 30.36 24.24 -4.48
CA VAL A 42 30.34 24.45 -3.04
C VAL A 42 31.74 24.63 -2.51
N PHE A 43 32.08 25.84 -2.10
CA PHE A 43 33.39 26.13 -1.56
C PHE A 43 33.62 25.25 -0.34
N ARG A 44 34.75 25.45 0.34
CA ARG A 44 35.07 24.67 1.53
C ARG A 44 36.50 24.91 1.97
N SER A 45 36.72 24.85 3.28
CA SER A 45 38.05 25.06 3.85
C SER A 45 38.46 23.86 4.69
N SER A 46 39.44 24.07 5.56
CA SER A 46 39.95 23.01 6.43
C SER A 46 38.82 22.16 7.02
N VAL A 47 38.50 21.07 6.33
CA VAL A 47 37.44 20.18 6.80
C VAL A 47 37.56 18.76 6.24
N LEU A 48 38.25 17.89 6.96
CA LEU A 48 38.40 16.50 6.53
C LEU A 48 37.02 15.96 6.21
N HIS A 49 36.53 16.33 5.04
CA HIS A 49 35.19 15.96 4.58
C HIS A 49 35.21 14.57 3.95
N SER A 50 34.18 13.79 4.23
CA SER A 50 34.11 12.40 3.79
C SER A 50 33.10 12.25 2.66
N THR A 51 33.49 11.57 1.59
CA THR A 51 32.62 11.38 0.42
C THR A 51 32.59 9.93 -0.03
N GLN A 52 31.46 9.58 -0.65
CA GLN A 52 31.30 8.34 -1.38
C GLN A 52 31.09 8.68 -2.85
N ASP A 53 31.92 8.12 -3.73
CA ASP A 53 31.82 8.46 -5.15
C ASP A 53 32.60 7.43 -5.96
N LEU A 54 32.84 7.74 -7.23
CA LEU A 54 33.63 6.91 -8.12
C LEU A 54 35.03 7.50 -8.22
N PHE A 55 36.01 6.78 -7.68
CA PHE A 55 37.37 7.26 -7.64
C PHE A 55 38.29 6.19 -8.21
N LEU A 56 39.52 6.60 -8.47
CA LEU A 56 40.59 5.69 -8.84
C LEU A 56 41.32 5.27 -7.57
N PRO A 57 41.21 4.01 -7.14
CA PRO A 57 41.81 3.60 -5.87
C PRO A 57 43.29 3.88 -5.80
N PHE A 58 43.81 4.14 -4.60
CA PHE A 58 45.21 4.44 -4.45
C PHE A 58 46.04 3.20 -4.75
N PHE A 59 47.23 3.42 -5.30
CA PHE A 59 48.15 2.34 -5.63
C PHE A 59 47.47 1.31 -6.52
N SER A 60 47.11 1.71 -7.73
CA SER A 60 46.35 0.89 -8.64
C SER A 60 47.23 0.41 -9.78
N ASN A 61 46.65 -0.43 -10.61
CA ASN A 61 47.33 -1.11 -11.71
C ASN A 61 46.90 -0.45 -13.02
N VAL A 62 47.66 0.53 -13.48
CA VAL A 62 47.27 1.33 -14.63
C VAL A 62 48.06 0.85 -15.84
N THR A 63 47.34 0.57 -16.93
CA THR A 63 47.97 0.15 -18.16
C THR A 63 48.95 1.22 -18.65
N TRP A 64 49.92 0.79 -19.44
CA TRP A 64 50.88 1.70 -20.03
C TRP A 64 50.81 1.51 -21.53
N PHE A 65 50.81 2.62 -22.27
CA PHE A 65 50.82 2.59 -23.72
C PHE A 65 51.92 3.48 -24.23
N HIS A 66 52.57 3.03 -25.31
CA HIS A 66 53.61 3.78 -25.98
C HIS A 66 53.15 4.11 -27.38
N ALA A 67 53.87 5.05 -28.01
CA ALA A 67 53.66 5.41 -29.39
C ALA A 67 54.91 6.12 -29.90
N ASN A 81 46.11 3.96 -31.39
CA ASN A 81 46.24 2.91 -30.39
C ASN A 81 44.81 2.35 -30.12
N PRO A 82 44.70 1.23 -29.41
CA PRO A 82 43.53 0.36 -29.57
C PRO A 82 42.25 0.85 -28.91
N VAL A 83 41.17 0.13 -29.23
CA VAL A 83 39.84 0.34 -28.64
C VAL A 83 39.85 -0.22 -27.23
N LEU A 84 39.53 0.63 -26.26
CA LEU A 84 39.50 0.24 -24.86
C LEU A 84 38.06 0.13 -24.37
N PRO A 85 37.83 -0.35 -23.16
CA PRO A 85 36.46 -0.22 -22.59
C PRO A 85 36.28 1.06 -21.81
N PHE A 86 35.06 1.32 -21.34
CA PHE A 86 34.76 2.44 -20.47
C PHE A 86 34.27 2.01 -19.09
N ASN A 87 33.12 1.34 -19.08
CA ASN A 87 32.47 0.51 -18.07
C ASN A 87 32.14 1.26 -16.77
N ASP A 88 32.94 2.25 -16.39
CA ASP A 88 32.62 3.21 -15.34
C ASP A 88 33.72 4.26 -15.30
N GLY A 89 33.56 5.36 -16.00
CA GLY A 89 34.56 6.41 -15.92
C GLY A 89 35.97 6.00 -16.29
N VAL A 90 36.89 6.96 -16.37
CA VAL A 90 38.25 6.70 -16.83
C VAL A 90 39.15 7.80 -16.30
N TYR A 91 40.29 7.41 -15.74
CA TYR A 91 41.42 8.28 -15.55
C TYR A 91 42.33 8.19 -16.76
N PHE A 92 43.00 9.29 -17.08
CA PHE A 92 43.79 9.30 -18.31
C PHE A 92 44.86 10.38 -18.18
N ALA A 93 46.11 10.00 -18.01
CA ALA A 93 47.20 10.97 -18.00
C ALA A 93 48.00 10.84 -19.29
N SER A 94 48.90 11.79 -19.50
CA SER A 94 49.70 11.84 -20.72
C SER A 94 50.85 12.81 -20.52
N THR A 95 51.95 12.57 -21.23
CA THR A 95 53.17 13.33 -21.03
C THR A 95 53.85 13.63 -22.36
N GLU A 96 54.19 14.92 -22.57
CA GLU A 96 55.00 15.37 -23.71
C GLU A 96 55.23 16.87 -23.69
N LYS A 97 56.08 17.36 -24.60
CA LYS A 97 56.18 18.78 -24.89
C LYS A 97 55.52 19.16 -26.20
N SER A 98 55.71 18.40 -27.26
CA SER A 98 54.87 18.45 -28.44
C SER A 98 53.47 17.98 -28.09
N ASN A 99 52.57 17.91 -29.07
CA ASN A 99 51.20 17.50 -28.77
C ASN A 99 50.83 16.34 -29.69
N ILE A 100 51.08 15.12 -29.21
CA ILE A 100 50.79 13.91 -29.96
C ILE A 100 49.39 13.44 -29.62
N ILE A 101 48.99 13.64 -28.37
CA ILE A 101 47.64 13.28 -27.93
C ILE A 101 46.70 14.40 -28.33
N ARG A 102 45.79 14.10 -29.24
CA ARG A 102 44.93 15.08 -29.87
C ARG A 102 43.48 14.66 -29.69
N GLY A 103 43.12 14.30 -28.46
CA GLY A 103 41.75 14.03 -28.14
C GLY A 103 41.40 12.56 -28.23
N TRP A 104 40.16 12.27 -27.87
CA TRP A 104 39.66 10.93 -27.71
C TRP A 104 38.42 10.80 -28.58
N ILE A 105 37.90 9.59 -28.70
CA ILE A 105 36.61 9.37 -29.34
C ILE A 105 35.89 8.33 -28.50
N PHE A 106 34.58 8.50 -28.35
CA PHE A 106 33.84 7.70 -27.39
C PHE A 106 32.69 6.99 -28.08
N GLY A 107 31.97 6.19 -27.31
CA GLY A 107 30.71 5.64 -27.80
C GLY A 107 30.51 4.17 -27.51
N THR A 108 29.59 3.54 -28.22
CA THR A 108 29.37 2.11 -28.05
C THR A 108 29.93 1.33 -29.23
N THR A 109 29.68 1.81 -30.46
CA THR A 109 30.13 1.09 -31.65
C THR A 109 31.18 1.84 -32.45
N LEU A 110 31.38 3.13 -32.22
CA LEU A 110 32.38 3.93 -32.92
C LEU A 110 32.18 3.89 -34.43
N ASP A 111 30.90 3.94 -34.83
CA ASP A 111 30.56 3.91 -36.24
C ASP A 111 29.16 4.50 -36.40
N SER A 112 28.58 4.29 -37.58
CA SER A 112 27.19 4.63 -37.81
C SER A 112 26.29 3.59 -37.16
N LYS A 113 24.98 3.77 -37.36
CA LYS A 113 23.92 2.94 -36.79
C LYS A 113 23.73 3.21 -35.30
N THR A 114 24.63 3.96 -34.68
CA THR A 114 24.44 4.46 -33.32
C THR A 114 25.34 5.67 -33.13
N GLN A 115 24.94 6.53 -32.20
CA GLN A 115 25.56 7.85 -32.01
C GLN A 115 26.79 7.75 -31.13
N SER A 116 27.70 8.70 -31.30
CA SER A 116 28.95 8.74 -30.55
C SER A 116 29.43 10.18 -30.43
N LEU A 117 30.35 10.40 -29.50
CA LEU A 117 31.00 11.69 -29.29
C LEU A 117 32.34 11.72 -30.00
N LEU A 118 32.85 12.92 -30.28
CA LEU A 118 34.15 13.09 -30.89
C LEU A 118 34.77 14.38 -30.38
N ILE A 119 35.93 14.28 -29.76
CA ILE A 119 36.62 15.42 -29.18
C ILE A 119 38.00 15.54 -29.80
N VAL A 120 38.22 16.63 -30.50
CA VAL A 120 39.39 16.75 -31.36
C VAL A 120 40.10 18.06 -31.06
N ASN A 121 41.37 18.16 -31.44
CA ASN A 121 42.13 19.40 -31.34
C ASN A 121 43.17 19.43 -32.45
N ASN A 122 42.93 20.19 -33.51
CA ASN A 122 44.00 20.46 -34.47
C ASN A 122 44.88 21.54 -33.87
N ALA A 123 45.82 22.09 -34.65
CA ALA A 123 46.70 23.12 -34.11
C ALA A 123 45.96 24.41 -33.80
N THR A 124 44.64 24.42 -34.01
CA THR A 124 43.83 25.62 -33.78
C THR A 124 43.26 25.65 -32.38
N ASN A 125 42.34 24.72 -32.08
CA ASN A 125 41.66 24.61 -30.80
C ASN A 125 40.66 23.47 -30.84
N VAL A 126 40.09 23.20 -29.67
CA VAL A 126 39.22 22.06 -29.40
C VAL A 126 38.00 22.08 -30.30
N VAL A 127 37.53 20.89 -30.71
CA VAL A 127 36.32 20.75 -31.49
C VAL A 127 35.47 19.60 -30.93
N ILE A 128 34.56 19.90 -30.01
CA ILE A 128 33.64 18.85 -29.59
C ILE A 128 32.60 18.67 -30.68
N LYS A 129 32.07 17.47 -30.80
CA LYS A 129 31.12 17.18 -31.85
C LYS A 129 30.35 15.91 -31.51
N VAL A 130 29.07 15.90 -31.83
CA VAL A 130 28.27 14.69 -31.63
C VAL A 130 27.40 14.44 -32.86
N CYS A 131 27.83 13.53 -33.71
CA CYS A 131 27.04 13.05 -34.84
C CYS A 131 26.99 11.53 -34.80
N GLU A 132 26.48 10.95 -35.88
CA GLU A 132 26.75 9.57 -36.24
C GLU A 132 27.88 9.57 -37.25
N PHE A 133 28.93 8.82 -36.96
CA PHE A 133 30.15 8.90 -37.76
C PHE A 133 30.38 7.59 -38.50
N GLN A 134 31.44 7.58 -39.29
CA GLN A 134 32.05 6.37 -39.78
C GLN A 134 33.54 6.51 -39.49
N PHE A 135 34.00 5.81 -38.46
CA PHE A 135 35.35 5.98 -37.95
C PHE A 135 36.28 4.97 -38.60
N CYS A 136 37.44 5.46 -39.03
CA CYS A 136 38.52 4.58 -39.40
C CYS A 136 38.81 3.63 -38.24
N ASN A 137 39.02 2.35 -38.56
CA ASN A 137 39.41 1.43 -37.49
C ASN A 137 40.75 1.78 -36.90
N ASP A 138 41.59 2.50 -37.64
CA ASP A 138 42.82 3.10 -37.11
C ASP A 138 42.81 4.57 -37.46
N PRO A 139 42.07 5.38 -36.70
CA PRO A 139 41.90 6.79 -37.06
C PRO A 139 42.96 7.66 -36.41
N PHE A 140 43.42 8.67 -37.13
CA PHE A 140 44.48 9.53 -36.63
C PHE A 140 44.49 10.81 -37.46
N LEU A 141 45.48 11.65 -37.21
CA LEU A 141 45.70 12.85 -37.98
C LEU A 141 47.19 13.04 -38.23
N GLY A 142 47.53 13.58 -39.39
CA GLY A 142 48.91 13.68 -39.83
C GLY A 142 49.63 14.89 -39.27
N VAL A 143 50.70 15.26 -39.95
CA VAL A 143 51.48 16.45 -39.64
C VAL A 143 52.44 16.69 -40.80
N MET A 153 52.96 21.64 -45.49
CA MET A 153 52.03 20.53 -45.57
C MET A 153 51.09 20.53 -44.38
N GLU A 154 51.43 19.75 -43.35
CA GLU A 154 50.71 19.69 -42.09
C GLU A 154 49.22 19.42 -42.32
N SER A 155 48.94 18.44 -43.18
CA SER A 155 47.60 18.03 -43.55
C SER A 155 47.28 16.66 -42.95
N GLU A 156 46.03 16.51 -42.54
CA GLU A 156 45.72 15.57 -41.46
C GLU A 156 44.30 15.02 -41.55
N PHE A 157 43.82 14.52 -40.42
CA PHE A 157 42.42 14.13 -40.23
C PHE A 157 41.96 13.02 -41.16
N ARG A 158 42.59 11.85 -41.02
CA ARG A 158 42.03 10.65 -41.61
C ARG A 158 41.16 9.95 -40.57
N VAL A 159 40.54 10.75 -39.68
CA VAL A 159 39.87 10.18 -38.52
C VAL A 159 38.59 9.46 -38.93
N TYR A 160 37.62 10.18 -39.46
CA TYR A 160 36.37 9.56 -39.89
C TYR A 160 36.14 9.72 -41.39
N SER A 161 34.98 9.30 -41.86
CA SER A 161 34.56 9.56 -43.23
C SER A 161 33.06 9.88 -43.32
N SER A 162 32.46 10.27 -42.21
CA SER A 162 31.02 10.52 -42.16
C SER A 162 30.73 11.41 -40.96
N ALA A 163 29.75 12.31 -41.14
CA ALA A 163 29.36 13.26 -40.12
C ALA A 163 27.85 13.48 -40.10
N ASN A 164 27.08 12.40 -40.11
CA ASN A 164 25.63 12.49 -40.35
C ASN A 164 24.87 12.82 -39.07
N ASN A 165 23.73 13.47 -39.22
CA ASN A 165 22.74 13.60 -38.15
C ASN A 165 23.23 14.32 -36.91
N CYS A 166 24.17 15.25 -37.04
CA CYS A 166 24.80 15.90 -35.90
C CYS A 166 23.79 16.52 -34.95
N THR A 167 23.91 16.18 -33.66
CA THR A 167 22.95 16.57 -32.64
C THR A 167 23.61 17.52 -31.63
N PHE A 168 24.86 17.87 -31.86
CA PHE A 168 25.60 18.77 -30.99
C PHE A 168 26.88 19.15 -31.70
N GLU A 169 27.19 20.44 -31.76
CA GLU A 169 28.46 20.88 -32.31
C GLU A 169 29.12 21.81 -31.31
N TYR A 170 30.38 22.12 -31.58
CA TYR A 170 31.12 23.15 -30.88
C TYR A 170 32.42 23.34 -31.61
N VAL A 171 32.87 24.59 -31.78
CA VAL A 171 34.22 24.85 -32.27
C VAL A 171 34.72 26.07 -31.51
N SER A 172 35.89 26.56 -31.87
CA SER A 172 36.40 27.81 -31.30
C SER A 172 37.45 28.42 -32.23
N LYS A 187 58.51 17.82 -19.01
CA LYS A 187 57.65 18.39 -20.04
C LYS A 187 56.30 18.81 -19.47
N ASN A 188 55.27 18.07 -19.82
CA ASN A 188 53.91 18.36 -19.39
C ASN A 188 53.24 17.08 -18.93
N LEU A 189 52.36 17.21 -17.95
CA LEU A 189 51.49 16.13 -17.51
C LEU A 189 50.06 16.65 -17.53
N ARG A 190 49.19 15.94 -18.25
CA ARG A 190 47.84 16.40 -18.49
C ARG A 190 46.88 15.27 -18.12
N GLU A 191 46.27 15.40 -16.94
CA GLU A 191 45.33 14.38 -16.45
C GLU A 191 43.89 14.74 -16.78
N PHE A 192 43.07 13.70 -16.95
CA PHE A 192 41.66 13.86 -17.26
C PHE A 192 40.88 12.76 -16.59
N VAL A 193 39.68 13.10 -16.10
CA VAL A 193 38.74 12.12 -15.58
C VAL A 193 37.46 12.28 -16.37
N PHE A 194 37.02 11.20 -17.00
CA PHE A 194 35.82 11.21 -17.81
C PHE A 194 34.77 10.35 -17.14
N LYS A 195 33.56 10.88 -16.98
CA LYS A 195 32.47 10.09 -16.46
C LYS A 195 31.17 10.48 -17.16
N ASN A 196 30.14 9.65 -17.00
CA ASN A 196 28.92 9.74 -17.79
C ASN A 196 27.74 9.28 -16.96
N ILE A 197 27.01 10.24 -16.38
CA ILE A 197 25.90 9.94 -15.48
C ILE A 197 24.67 10.75 -15.89
N ASP A 198 23.53 10.07 -15.94
CA ASP A 198 22.23 10.68 -16.22
C ASP A 198 22.28 11.59 -17.45
N GLY A 199 22.77 11.07 -18.57
CA GLY A 199 22.82 11.82 -19.81
C GLY A 199 23.75 13.01 -19.80
N TYR A 200 24.54 13.17 -18.76
CA TYR A 200 25.55 14.21 -18.71
C TYR A 200 26.93 13.54 -18.80
N PHE A 201 27.79 14.13 -19.61
CA PHE A 201 29.14 13.60 -19.77
C PHE A 201 30.10 14.61 -19.15
N LYS A 202 30.57 14.31 -17.95
CA LYS A 202 31.40 15.21 -17.17
C LYS A 202 32.87 14.94 -17.45
N ILE A 203 33.65 16.00 -17.44
CA ILE A 203 35.07 15.98 -17.74
C ILE A 203 35.79 16.83 -16.71
N TYR A 204 36.66 16.22 -15.93
CA TYR A 204 37.55 16.96 -15.04
C TYR A 204 38.94 16.88 -15.63
N SER A 205 39.78 17.84 -15.26
CA SER A 205 41.08 17.90 -15.88
C SER A 205 42.05 18.67 -14.99
N LYS A 206 43.33 18.51 -15.28
CA LYS A 206 44.39 19.25 -14.59
C LYS A 206 45.64 19.18 -15.44
N HIS A 207 46.41 20.26 -15.43
CA HIS A 207 47.65 20.36 -16.19
C HIS A 207 48.76 20.71 -15.22
N THR A 208 49.55 19.72 -14.88
CA THR A 208 50.71 19.94 -14.03
C THR A 208 51.97 19.89 -14.89
N PRO A 209 52.98 20.67 -14.55
CA PRO A 209 54.27 20.54 -15.25
C PRO A 209 55.18 19.51 -14.61
N ILE A 210 55.60 18.49 -15.35
CA ILE A 210 56.59 17.56 -14.83
C ILE A 210 57.97 18.16 -15.01
N ASN A 211 58.96 17.58 -14.34
CA ASN A 211 60.34 17.93 -14.64
C ASN A 211 61.03 16.72 -15.25
N LEU A 212 60.23 15.78 -15.73
CA LEU A 212 60.65 14.67 -16.57
C LEU A 212 60.05 14.89 -17.96
N VAL A 213 60.20 13.91 -18.85
CA VAL A 213 59.59 14.04 -20.16
C VAL A 213 58.35 13.14 -20.26
N ARG A 214 58.49 11.82 -20.06
CA ARG A 214 57.37 10.91 -20.29
C ARG A 214 57.25 9.72 -19.33
N ASP A 215 57.39 9.92 -18.02
CA ASP A 215 57.13 8.86 -17.04
C ASP A 215 56.15 9.37 -15.99
N LEU A 216 55.33 8.46 -15.45
CA LEU A 216 54.30 8.83 -14.48
C LEU A 216 54.95 9.19 -13.14
N PRO A 217 54.81 10.43 -12.67
CA PRO A 217 55.47 10.83 -11.43
C PRO A 217 54.68 10.46 -10.19
N GLN A 218 55.09 10.99 -9.04
CA GLN A 218 54.42 10.78 -7.78
C GLN A 218 54.02 12.13 -7.19
N GLY A 219 52.92 12.14 -6.45
CA GLY A 219 52.47 13.36 -5.82
C GLY A 219 50.96 13.48 -5.72
N PHE A 220 50.47 14.61 -5.22
CA PHE A 220 49.04 14.83 -5.06
C PHE A 220 48.64 16.10 -5.82
N SER A 221 47.57 15.98 -6.62
CA SER A 221 47.07 17.12 -7.37
C SER A 221 45.62 16.88 -7.77
N ALA A 222 44.69 17.64 -7.19
CA ALA A 222 43.27 17.43 -7.41
C ALA A 222 42.80 18.05 -8.72
N LEU A 223 41.85 17.38 -9.36
CA LEU A 223 41.41 17.73 -10.71
C LEU A 223 40.10 18.51 -10.64
N GLU A 224 40.05 19.69 -11.37
CA GLU A 224 38.95 20.65 -11.34
C GLU A 224 38.01 20.48 -12.52
N PRO A 225 36.70 20.55 -12.30
CA PRO A 225 35.74 20.27 -13.37
C PRO A 225 35.86 21.26 -14.52
N LEU A 226 35.69 20.75 -15.74
CA LEU A 226 35.90 21.53 -16.95
C LEU A 226 34.60 21.77 -17.70
N VAL A 227 33.91 20.69 -18.03
CA VAL A 227 32.83 20.69 -19.00
C VAL A 227 31.65 19.93 -18.39
N ASP A 228 30.53 20.02 -19.10
CA ASP A 228 29.28 19.34 -18.77
C ASP A 228 28.48 19.28 -20.08
N LEU A 229 28.13 18.09 -20.57
CA LEU A 229 27.41 18.02 -21.83
C LEU A 229 26.13 17.22 -21.66
N PRO A 230 24.96 17.83 -21.80
CA PRO A 230 23.69 17.08 -21.72
C PRO A 230 23.37 16.36 -23.02
N ILE A 231 24.05 15.22 -23.24
CA ILE A 231 23.93 14.53 -24.51
C ILE A 231 22.83 13.49 -24.44
N GLY A 232 22.99 12.47 -23.61
CA GLY A 232 22.07 11.36 -23.56
C GLY A 232 22.68 10.09 -24.14
N ILE A 233 23.78 10.27 -24.84
CA ILE A 233 24.58 9.23 -25.49
C ILE A 233 24.88 8.07 -24.55
N ASN A 234 24.85 6.85 -25.08
CA ASN A 234 25.35 5.66 -24.40
C ASN A 234 26.83 5.49 -24.73
N ILE A 235 27.61 5.01 -23.77
CA ILE A 235 29.04 4.80 -23.99
C ILE A 235 29.45 3.44 -23.45
N THR A 236 30.25 2.72 -24.23
CA THR A 236 30.82 1.46 -23.81
C THR A 236 32.28 1.32 -24.23
N ARG A 237 32.75 2.21 -25.09
CA ARG A 237 34.10 2.07 -25.62
C ARG A 237 34.68 3.45 -25.90
N PHE A 238 35.99 3.51 -26.04
CA PHE A 238 36.66 4.77 -26.36
C PHE A 238 38.03 4.47 -26.95
N GLN A 239 38.66 5.50 -27.51
CA GLN A 239 39.93 5.37 -28.21
C GLN A 239 40.80 6.59 -27.92
N THR A 240 41.84 6.76 -28.72
CA THR A 240 42.71 7.92 -28.65
C THR A 240 43.08 8.36 -30.06
N LEU A 241 43.65 9.56 -30.17
CA LEU A 241 44.01 10.15 -31.45
C LEU A 241 45.42 10.71 -31.36
N LEU A 242 46.23 10.44 -32.38
CA LEU A 242 47.64 10.82 -32.35
C LEU A 242 48.05 11.47 -33.66
N ALA A 243 49.04 12.35 -33.57
CA ALA A 243 49.57 13.08 -34.73
C ALA A 243 50.81 12.33 -35.24
N LEU A 244 50.70 11.80 -36.46
CA LEU A 244 51.72 10.92 -37.04
C LEU A 244 53.06 11.60 -37.24
N HIS A 245 54.02 10.82 -37.70
CA HIS A 245 55.32 11.27 -38.16
C HIS A 245 55.36 11.29 -39.69
N ARG A 246 55.54 12.49 -40.26
CA ARG A 246 55.63 12.56 -41.71
C ARG A 246 56.76 13.47 -42.19
N SER A 247 57.20 14.40 -41.34
CA SER A 247 58.26 15.33 -41.73
C SER A 247 59.42 15.29 -40.74
N ALA A 264 53.23 8.15 -24.86
CA ALA A 264 53.14 7.62 -23.51
C ALA A 264 51.85 8.06 -22.84
N TYR A 265 51.00 7.11 -22.49
CA TYR A 265 49.76 7.43 -21.82
C TYR A 265 49.22 6.21 -21.08
N TYR A 266 48.39 6.48 -20.08
CA TYR A 266 47.90 5.50 -19.11
C TYR A 266 46.39 5.50 -19.11
N VAL A 267 45.80 4.41 -18.61
CA VAL A 267 44.35 4.32 -18.51
C VAL A 267 43.96 3.60 -17.22
N GLY A 268 43.42 4.34 -16.26
CA GLY A 268 42.84 3.74 -15.07
C GLY A 268 41.33 3.66 -15.20
N TYR A 269 40.72 2.97 -14.24
CA TYR A 269 39.28 2.87 -14.20
C TYR A 269 38.81 3.26 -12.80
N LEU A 270 37.54 3.63 -12.70
CA LEU A 270 36.99 4.19 -11.48
C LEU A 270 35.99 3.23 -10.87
N GLN A 271 36.00 3.13 -9.55
CA GLN A 271 35.10 2.28 -8.81
C GLN A 271 34.48 3.06 -7.68
N PRO A 272 33.38 2.60 -7.13
CA PRO A 272 32.76 3.29 -6.00
C PRO A 272 33.55 3.09 -4.72
N ARG A 273 34.25 4.14 -4.29
CA ARG A 273 35.02 4.16 -3.06
C ARG A 273 34.50 5.24 -2.12
N THR A 274 35.10 5.28 -0.93
CA THR A 274 34.84 6.29 0.09
C THR A 274 36.17 6.91 0.47
N PHE A 275 36.27 8.22 0.35
CA PHE A 275 37.51 8.93 0.63
C PHE A 275 37.31 9.98 1.70
N LEU A 276 38.44 10.43 2.25
CA LEU A 276 38.47 11.49 3.25
C LEU A 276 39.38 12.58 2.70
N LEU A 277 38.78 13.71 2.30
CA LEU A 277 39.52 14.79 1.68
C LEU A 277 39.84 15.88 2.69
N LYS A 278 41.07 16.36 2.67
CA LYS A 278 41.51 17.44 3.53
C LYS A 278 41.45 18.74 2.75
N TYR A 279 40.70 19.70 3.25
CA TYR A 279 40.52 20.97 2.56
C TYR A 279 41.39 22.04 3.20
N ASN A 280 42.06 22.81 2.36
CA ASN A 280 42.85 23.95 2.76
C ASN A 280 41.95 25.07 3.26
N GLU A 281 42.56 26.16 3.71
CA GLU A 281 41.80 27.34 4.09
C GLU A 281 41.37 28.19 2.90
N ASN A 282 42.04 28.08 1.75
CA ASN A 282 41.51 28.65 0.53
C ASN A 282 40.46 27.77 -0.12
N GLY A 283 40.32 26.53 0.31
CA GLY A 283 39.29 25.67 -0.21
C GLY A 283 39.76 24.65 -1.21
N THR A 284 41.06 24.40 -1.29
CA THR A 284 41.58 23.40 -2.20
C THR A 284 41.89 22.11 -1.46
N ILE A 285 41.76 21.00 -2.17
CA ILE A 285 42.06 19.68 -1.62
C ILE A 285 43.55 19.48 -1.67
N THR A 286 44.18 19.32 -0.51
CA THR A 286 45.63 19.19 -0.44
C THR A 286 46.07 17.77 -0.16
N ASP A 287 45.24 16.98 0.53
CA ASP A 287 45.56 15.59 0.84
C ASP A 287 44.28 14.77 0.86
N ALA A 288 44.44 13.46 0.85
CA ALA A 288 43.29 12.57 0.89
C ALA A 288 43.69 11.25 1.55
N VAL A 289 42.67 10.48 1.92
CA VAL A 289 42.83 9.16 2.49
C VAL A 289 41.85 8.23 1.80
N ASP A 290 42.35 7.13 1.25
CA ASP A 290 41.53 6.06 0.70
C ASP A 290 41.24 5.10 1.85
N CYS A 291 39.97 4.91 2.16
CA CYS A 291 39.58 4.31 3.44
C CYS A 291 39.38 2.81 3.32
N ALA A 292 39.93 2.23 2.26
CA ALA A 292 39.77 0.80 2.05
C ALA A 292 41.09 0.20 1.63
N LEU A 293 42.16 0.97 1.74
CA LEU A 293 43.49 0.45 1.45
C LEU A 293 43.93 -0.55 2.51
N ASP A 294 44.08 -0.11 3.75
CA ASP A 294 44.68 -0.93 4.80
C ASP A 294 44.01 -0.63 6.14
N PRO A 295 44.33 -1.36 7.22
CA PRO A 295 43.69 -1.06 8.50
C PRO A 295 43.95 0.33 9.02
N LEU A 296 45.15 0.87 8.84
CA LEU A 296 45.42 2.23 9.29
C LEU A 296 44.49 3.25 8.63
N SER A 297 44.21 3.09 7.35
CA SER A 297 43.36 4.04 6.64
C SER A 297 41.91 3.92 7.07
N GLU A 298 41.44 2.71 7.28
CA GLU A 298 40.11 2.51 7.84
C GLU A 298 39.97 3.09 9.24
N THR A 299 41.02 3.05 10.05
CA THR A 299 40.99 3.71 11.34
C THR A 299 40.93 5.22 11.19
N LYS A 300 41.77 5.79 10.32
CA LYS A 300 41.74 7.23 10.08
C LYS A 300 40.37 7.68 9.63
N CYS A 301 39.70 6.86 8.83
CA CYS A 301 38.37 7.20 8.35
C CYS A 301 37.35 7.09 9.46
N THR A 302 37.46 6.08 10.30
CA THR A 302 36.55 5.93 11.43
C THR A 302 36.65 7.07 12.42
N LEU A 303 37.87 7.57 12.68
CA LEU A 303 38.07 8.69 13.58
C LEU A 303 37.88 10.05 12.93
N LYS A 304 37.89 10.13 11.60
CA LYS A 304 37.85 11.39 10.85
C LYS A 304 39.04 12.27 11.20
N SER A 305 40.23 11.73 11.01
CA SER A 305 41.44 12.47 11.31
C SER A 305 42.59 11.91 10.49
N PHE A 306 43.69 12.64 10.50
CA PHE A 306 44.90 12.22 9.82
C PHE A 306 45.98 11.77 10.78
N THR A 307 45.76 11.99 12.08
CA THR A 307 46.70 11.58 13.09
C THR A 307 45.98 10.60 14.00
N VAL A 308 46.65 9.52 14.35
CA VAL A 308 46.05 8.51 15.22
C VAL A 308 47.02 8.13 16.33
N GLU A 309 46.58 8.28 17.57
CA GLU A 309 47.42 7.96 18.72
C GLU A 309 47.30 6.48 19.04
N LYS A 310 48.35 5.89 19.60
CA LYS A 310 48.35 4.48 19.95
C LYS A 310 47.05 4.10 20.67
N GLY A 311 46.55 2.90 20.41
CA GLY A 311 45.33 2.43 21.04
C GLY A 311 44.65 1.31 20.29
N ILE A 312 43.32 1.29 20.37
CA ILE A 312 42.51 0.26 19.72
C ILE A 312 41.10 0.82 19.55
N TYR A 313 40.51 0.65 18.38
CA TYR A 313 39.17 1.18 18.11
C TYR A 313 38.28 0.19 17.34
N GLN A 314 36.96 0.27 17.54
CA GLN A 314 36.08 -0.64 16.82
C GLN A 314 35.78 -0.05 15.47
N THR A 315 36.01 -0.82 14.42
CA THR A 315 36.10 -0.25 13.10
C THR A 315 35.03 -0.82 12.18
N SER A 316 34.68 -2.08 12.37
CA SER A 316 33.65 -2.69 11.55
C SER A 316 33.20 -4.03 12.11
N ASN A 317 32.77 -4.94 11.24
CA ASN A 317 32.33 -6.25 11.68
C ASN A 317 32.67 -7.35 10.68
N PHE A 318 32.82 -8.56 11.19
CA PHE A 318 33.13 -9.71 10.37
C PHE A 318 31.96 -10.66 10.38
N ARG A 319 31.39 -10.92 9.21
CA ARG A 319 30.25 -11.82 9.11
C ARG A 319 30.45 -12.87 8.02
N VAL A 320 30.65 -14.12 8.42
CA VAL A 320 30.84 -15.20 7.48
C VAL A 320 29.74 -15.13 6.43
N GLN A 321 30.03 -15.64 5.23
CA GLN A 321 29.04 -15.62 4.16
C GLN A 321 28.48 -16.99 3.85
N PRO A 322 27.17 -17.07 3.59
CA PRO A 322 26.53 -18.36 3.28
C PRO A 322 26.37 -18.59 1.79
N THR A 323 26.65 -19.81 1.32
CA THR A 323 26.51 -20.12 -0.10
C THR A 323 25.43 -21.17 -0.34
N GLU A 324 24.77 -21.07 -1.49
CA GLU A 324 23.71 -22.00 -1.88
C GLU A 324 22.53 -21.98 -0.90
N SER A 325 21.37 -22.39 -1.39
CA SER A 325 20.16 -22.43 -0.59
C SER A 325 19.54 -23.82 -0.66
N ILE A 326 19.70 -24.59 0.41
CA ILE A 326 19.16 -25.94 0.47
C ILE A 326 17.71 -25.93 0.92
N VAL A 327 16.81 -26.35 0.03
CA VAL A 327 15.39 -26.39 0.33
C VAL A 327 14.93 -27.82 0.63
N ARG A 328 14.77 -28.13 1.91
CA ARG A 328 14.33 -29.47 2.32
C ARG A 328 12.82 -29.56 2.32
N PHE A 329 12.30 -30.77 2.23
CA PHE A 329 10.85 -30.99 2.22
C PHE A 329 10.53 -32.47 2.40
N PRO A 330 9.25 -32.81 2.33
CA PRO A 330 8.81 -34.21 2.50
C PRO A 330 8.62 -34.93 1.17
N ASN A 331 8.48 -36.25 1.22
CA ASN A 331 8.28 -37.05 0.03
C ASN A 331 6.98 -36.72 -0.69
N ILE A 332 6.47 -37.67 -1.47
CA ILE A 332 5.23 -37.48 -2.21
C ILE A 332 4.40 -38.76 -2.24
N THR A 333 3.67 -39.01 -1.16
CA THR A 333 2.83 -40.21 -1.06
C THR A 333 1.59 -40.07 -1.92
N ASN A 334 0.63 -39.27 -1.46
CA ASN A 334 -0.61 -39.06 -2.19
C ASN A 334 -0.49 -37.97 -3.24
N LEU A 335 0.44 -38.16 -4.19
CA LEU A 335 0.66 -37.20 -5.25
C LEU A 335 -0.63 -36.89 -6.01
N CYS A 336 -0.85 -37.59 -7.11
CA CYS A 336 -2.04 -37.39 -7.92
C CYS A 336 -2.20 -38.55 -8.89
N PRO A 337 -3.37 -39.18 -8.88
CA PRO A 337 -3.63 -40.31 -9.77
C PRO A 337 -4.34 -39.88 -11.05
N PHE A 338 -3.80 -38.86 -11.71
CA PHE A 338 -4.39 -38.35 -12.95
C PHE A 338 -4.49 -39.45 -14.00
N GLY A 339 -3.67 -40.49 -13.84
CA GLY A 339 -3.67 -41.60 -14.77
C GLY A 339 -4.99 -42.34 -14.81
N GLU A 340 -6.07 -41.63 -14.50
CA GLU A 340 -7.40 -42.22 -14.49
C GLU A 340 -8.37 -41.41 -15.35
N VAL A 341 -8.30 -40.09 -15.22
CA VAL A 341 -9.17 -39.20 -15.97
C VAL A 341 -8.57 -38.87 -17.34
N PHE A 342 -7.24 -38.84 -17.40
CA PHE A 342 -6.55 -38.55 -18.64
C PHE A 342 -6.06 -39.81 -19.33
N ASN A 343 -6.46 -40.96 -18.79
CA ASN A 343 -6.06 -42.24 -19.35
C ASN A 343 -7.17 -43.29 -19.23
N ALA A 344 -8.40 -42.86 -19.46
CA ALA A 344 -9.55 -43.75 -19.39
C ALA A 344 -9.71 -44.54 -20.68
N THR A 345 -10.32 -45.72 -20.57
CA THR A 345 -10.59 -46.54 -21.74
C THR A 345 -11.86 -46.13 -22.46
N ARG A 346 -12.80 -45.53 -21.73
CA ARG A 346 -14.05 -45.08 -22.32
C ARG A 346 -14.47 -43.76 -21.69
N PHE A 347 -14.54 -42.71 -22.51
CA PHE A 347 -14.93 -41.40 -22.01
C PHE A 347 -16.43 -41.32 -21.75
N ALA A 348 -16.93 -40.10 -21.55
CA ALA A 348 -18.35 -39.89 -21.29
C ALA A 348 -18.97 -39.01 -22.36
N SER A 349 -20.27 -39.21 -22.58
CA SER A 349 -21.00 -38.44 -23.59
C SER A 349 -20.81 -36.94 -23.38
N VAL A 350 -21.34 -36.14 -24.30
CA VAL A 350 -21.21 -34.69 -24.22
C VAL A 350 -22.42 -34.08 -23.51
N TYR A 351 -23.54 -34.79 -23.55
CA TYR A 351 -24.76 -34.33 -22.92
C TYR A 351 -24.90 -34.79 -21.49
N ALA A 352 -24.15 -35.81 -21.08
CA ALA A 352 -24.02 -36.16 -19.66
C ALA A 352 -22.54 -36.29 -19.37
N TRP A 353 -21.87 -35.17 -19.17
CA TRP A 353 -20.44 -35.18 -18.96
C TRP A 353 -20.15 -35.79 -17.62
N ASN A 354 -18.90 -36.15 -17.39
CA ASN A 354 -18.65 -36.67 -16.06
C ASN A 354 -18.24 -35.54 -15.14
N ARG A 355 -18.01 -35.87 -13.87
CA ARG A 355 -17.60 -34.83 -12.92
C ARG A 355 -16.82 -35.50 -11.80
N LYS A 356 -15.50 -35.42 -11.86
CA LYS A 356 -14.64 -35.98 -10.83
C LYS A 356 -14.20 -34.82 -9.95
N ARG A 357 -14.25 -35.00 -8.63
CA ARG A 357 -13.86 -33.93 -7.73
C ARG A 357 -12.52 -34.26 -7.13
N ILE A 358 -11.46 -33.89 -7.83
CA ILE A 358 -10.12 -34.04 -7.29
C ILE A 358 -10.07 -33.31 -5.96
N SER A 359 -9.29 -33.85 -5.02
CA SER A 359 -9.31 -33.36 -3.65
C SER A 359 -7.88 -33.33 -3.15
N ASN A 360 -7.73 -33.20 -1.82
CA ASN A 360 -6.42 -33.07 -1.18
C ASN A 360 -5.40 -34.06 -1.71
N CYS A 361 -4.33 -33.53 -2.28
CA CYS A 361 -3.25 -34.33 -2.84
C CYS A 361 -2.08 -33.45 -3.25
N VAL A 362 -1.29 -33.93 -4.21
CA VAL A 362 -0.12 -33.20 -4.70
C VAL A 362 -0.31 -33.20 -6.22
N ALA A 363 -0.76 -32.07 -6.78
CA ALA A 363 -1.04 -31.98 -8.20
C ALA A 363 0.16 -31.39 -8.92
N ASP A 364 0.56 -32.04 -10.00
CA ASP A 364 1.72 -31.63 -10.80
C ASP A 364 1.25 -31.30 -12.21
N TYR A 365 0.81 -30.08 -12.40
CA TYR A 365 0.35 -29.67 -13.72
C TYR A 365 1.46 -29.53 -14.72
N SER A 366 2.71 -29.80 -14.33
CA SER A 366 3.78 -29.75 -15.32
C SER A 366 3.77 -30.96 -16.24
N VAL A 367 3.53 -32.15 -15.68
CA VAL A 367 3.43 -33.34 -16.51
C VAL A 367 2.31 -33.18 -17.53
N LEU A 368 1.29 -32.40 -17.18
CA LEU A 368 0.28 -32.06 -18.15
C LEU A 368 0.82 -31.05 -19.14
N TYR A 369 1.30 -29.93 -18.66
CA TYR A 369 1.58 -28.78 -19.51
C TYR A 369 2.60 -29.11 -20.57
N ASN A 370 3.58 -29.95 -20.27
CA ASN A 370 4.66 -30.19 -21.22
C ASN A 370 4.51 -31.50 -21.96
N SER A 371 3.36 -32.16 -21.85
CA SER A 371 3.27 -33.49 -22.43
C SER A 371 3.20 -33.47 -23.95
N ALA A 372 2.94 -32.31 -24.54
CA ALA A 372 3.02 -32.12 -25.98
C ALA A 372 2.08 -33.04 -26.75
N SER A 373 1.30 -33.85 -26.04
CA SER A 373 0.31 -34.71 -26.68
C SER A 373 -1.03 -34.03 -26.79
N PHE A 374 -1.20 -32.87 -26.21
CA PHE A 374 -2.47 -32.16 -26.18
C PHE A 374 -2.52 -31.19 -27.34
N SER A 375 -3.61 -31.23 -28.08
CA SER A 375 -3.77 -30.29 -29.17
C SER A 375 -4.26 -28.94 -28.71
N THR A 376 -4.83 -28.85 -27.52
CA THR A 376 -5.32 -27.56 -27.03
C THR A 376 -5.12 -27.51 -25.54
N PHE A 377 -4.42 -26.51 -25.05
CA PHE A 377 -4.23 -26.33 -23.61
C PHE A 377 -4.35 -24.85 -23.29
N LYS A 378 -5.56 -24.39 -23.02
CA LYS A 378 -5.77 -22.98 -22.73
C LYS A 378 -6.03 -22.81 -21.26
N CYS A 379 -5.44 -21.81 -20.65
CA CYS A 379 -5.71 -21.50 -19.25
C CYS A 379 -6.26 -20.09 -19.17
N TYR A 380 -7.30 -19.90 -18.38
CA TYR A 380 -8.02 -18.63 -18.38
C TYR A 380 -7.84 -17.82 -17.13
N GLY A 381 -8.18 -18.35 -15.97
CA GLY A 381 -8.01 -17.57 -14.77
C GLY A 381 -6.54 -17.33 -14.49
N VAL A 382 -5.69 -18.23 -14.94
CA VAL A 382 -4.30 -18.29 -14.50
C VAL A 382 -3.44 -18.93 -15.57
N SER A 383 -2.36 -18.25 -15.96
CA SER A 383 -1.47 -18.77 -16.97
C SER A 383 -0.87 -20.10 -16.51
N PRO A 384 -0.49 -20.98 -17.45
CA PRO A 384 -0.23 -22.38 -17.07
C PRO A 384 0.99 -22.59 -16.20
N THR A 385 2.07 -21.85 -16.40
CA THR A 385 3.32 -22.18 -15.70
C THR A 385 3.24 -21.91 -14.21
N LYS A 386 2.30 -21.07 -13.77
CA LYS A 386 2.16 -20.75 -12.35
C LYS A 386 1.16 -21.63 -11.64
N LEU A 387 0.78 -22.76 -12.24
CA LEU A 387 -0.15 -23.66 -11.56
C LEU A 387 0.55 -24.46 -10.48
N ASN A 388 1.79 -24.86 -10.74
CA ASN A 388 2.56 -25.64 -9.77
C ASN A 388 3.17 -24.76 -8.69
N ASP A 389 2.49 -23.68 -8.35
CA ASP A 389 2.97 -22.75 -7.32
C ASP A 389 1.80 -22.10 -6.58
N LEU A 390 0.61 -22.66 -6.77
CA LEU A 390 -0.59 -22.13 -6.12
C LEU A 390 -1.38 -23.24 -5.44
N CYS A 391 -2.27 -22.85 -4.54
CA CYS A 391 -3.10 -23.81 -3.81
C CYS A 391 -4.55 -23.36 -3.75
N PHE A 392 -5.47 -24.30 -3.96
CA PHE A 392 -6.90 -24.00 -3.92
C PHE A 392 -7.63 -24.88 -2.92
N THR A 393 -8.95 -24.89 -3.00
CA THR A 393 -9.77 -25.70 -2.11
C THR A 393 -10.23 -26.99 -2.78
N ASN A 394 -10.65 -26.86 -4.04
CA ASN A 394 -11.12 -28.01 -4.79
C ASN A 394 -10.73 -27.83 -6.25
N VAL A 395 -10.46 -28.93 -6.92
CA VAL A 395 -10.32 -28.96 -8.36
C VAL A 395 -11.37 -29.90 -8.88
N TYR A 396 -12.13 -29.49 -9.85
CA TYR A 396 -13.05 -30.39 -10.48
C TYR A 396 -12.54 -30.71 -11.87
N ALA A 397 -12.80 -31.91 -12.34
CA ALA A 397 -12.40 -32.29 -13.68
C ALA A 397 -13.61 -32.84 -14.40
N ASP A 398 -14.01 -32.21 -15.49
CA ASP A 398 -15.12 -32.69 -16.29
C ASP A 398 -14.60 -33.30 -17.58
N SER A 399 -15.25 -34.36 -18.03
CA SER A 399 -14.74 -35.13 -19.15
C SER A 399 -15.85 -35.40 -20.15
N PHE A 400 -15.53 -35.29 -21.44
CA PHE A 400 -16.50 -35.68 -22.46
C PHE A 400 -15.82 -35.77 -23.82
N VAL A 401 -16.63 -36.00 -24.86
CA VAL A 401 -16.14 -36.21 -26.21
C VAL A 401 -17.01 -35.41 -27.18
N ILE A 402 -16.37 -34.63 -28.06
CA ILE A 402 -17.10 -33.80 -29.01
C ILE A 402 -16.45 -33.94 -30.38
N ARG A 403 -16.94 -33.14 -31.31
CA ARG A 403 -16.40 -33.13 -32.66
C ARG A 403 -15.07 -32.41 -32.58
N GLY A 404 -14.39 -32.28 -33.72
CA GLY A 404 -13.11 -31.59 -33.73
C GLY A 404 -13.24 -30.09 -33.74
N ASP A 405 -14.25 -29.57 -34.43
CA ASP A 405 -14.37 -28.13 -34.56
C ASP A 405 -15.36 -27.54 -33.58
N GLU A 406 -15.69 -28.30 -32.55
CA GLU A 406 -16.58 -27.84 -31.51
C GLU A 406 -15.75 -27.54 -30.26
N VAL A 407 -14.42 -27.61 -30.37
CA VAL A 407 -13.60 -27.32 -29.20
C VAL A 407 -13.51 -25.83 -28.97
N ARG A 408 -13.97 -25.03 -29.90
CA ARG A 408 -13.92 -23.60 -29.69
C ARG A 408 -15.15 -23.08 -28.98
N GLN A 409 -16.11 -23.93 -28.67
CA GLN A 409 -17.23 -23.52 -27.84
C GLN A 409 -17.03 -23.86 -26.38
N ILE A 410 -15.95 -24.53 -26.04
CA ILE A 410 -15.62 -24.79 -24.63
C ILE A 410 -14.71 -23.64 -24.20
N ALA A 411 -15.32 -22.55 -23.84
CA ALA A 411 -14.61 -21.34 -23.48
C ALA A 411 -15.61 -20.39 -22.86
N PRO A 412 -15.21 -19.45 -22.02
CA PRO A 412 -16.20 -18.57 -21.38
C PRO A 412 -16.77 -17.61 -22.40
N GLY A 413 -18.10 -17.53 -22.45
CA GLY A 413 -18.75 -16.65 -23.39
C GLY A 413 -18.75 -17.11 -24.82
N GLN A 414 -19.39 -18.22 -25.13
CA GLN A 414 -19.58 -18.69 -26.49
C GLN A 414 -21.04 -19.09 -26.69
N THR A 415 -21.38 -19.40 -27.93
CA THR A 415 -22.71 -19.88 -28.28
C THR A 415 -22.58 -20.99 -29.31
N GLY A 416 -23.66 -21.73 -29.48
CA GLY A 416 -23.65 -22.92 -30.30
C GLY A 416 -24.30 -24.08 -29.59
N LYS A 417 -24.60 -25.12 -30.37
CA LYS A 417 -25.40 -26.22 -29.85
C LYS A 417 -24.73 -26.88 -28.66
N ILE A 418 -23.41 -26.78 -28.55
CA ILE A 418 -22.74 -27.41 -27.43
C ILE A 418 -22.79 -26.50 -26.21
N ALA A 419 -22.37 -25.25 -26.36
CA ALA A 419 -22.33 -24.37 -25.20
C ALA A 419 -23.70 -23.89 -24.81
N ASP A 420 -24.67 -23.90 -25.72
CA ASP A 420 -26.01 -23.47 -25.36
C ASP A 420 -26.65 -24.48 -24.43
N TYR A 421 -26.90 -25.68 -24.92
CA TYR A 421 -27.42 -26.72 -24.06
C TYR A 421 -26.68 -28.03 -24.29
N ASN A 422 -25.42 -28.10 -23.86
CA ASN A 422 -24.84 -29.36 -23.45
C ASN A 422 -23.92 -29.15 -22.25
N TYR A 423 -23.13 -28.09 -22.30
CA TYR A 423 -22.11 -27.84 -21.29
C TYR A 423 -21.73 -26.37 -21.34
N LYS A 424 -22.09 -25.61 -20.31
CA LYS A 424 -21.87 -24.18 -20.30
C LYS A 424 -20.89 -23.83 -19.20
N LEU A 425 -19.88 -23.03 -19.54
CA LEU A 425 -18.80 -22.51 -18.72
C LEU A 425 -19.12 -21.11 -18.22
N PRO A 426 -18.98 -20.81 -16.94
CA PRO A 426 -19.36 -19.49 -16.45
C PRO A 426 -18.50 -18.42 -17.08
N ASP A 427 -18.90 -17.18 -16.87
CA ASP A 427 -18.25 -16.08 -17.58
C ASP A 427 -17.01 -15.58 -16.86
N ASP A 428 -16.74 -16.03 -15.65
CA ASP A 428 -15.49 -15.73 -14.96
C ASP A 428 -14.73 -17.00 -14.63
N PHE A 429 -14.63 -17.90 -15.61
CA PHE A 429 -13.99 -19.17 -15.42
C PHE A 429 -12.60 -18.98 -14.84
N THR A 430 -12.10 -20.01 -14.18
CA THR A 430 -10.78 -19.93 -13.57
C THR A 430 -9.80 -21.00 -14.02
N GLY A 431 -10.28 -22.14 -14.47
CA GLY A 431 -9.41 -23.28 -14.68
C GLY A 431 -8.71 -23.28 -16.01
N CYS A 432 -8.54 -24.47 -16.57
CA CYS A 432 -7.94 -24.65 -17.88
C CYS A 432 -8.70 -25.71 -18.65
N VAL A 433 -8.60 -25.64 -19.97
CA VAL A 433 -9.31 -26.52 -20.88
C VAL A 433 -8.26 -27.27 -21.68
N ILE A 434 -8.36 -28.60 -21.71
CA ILE A 434 -7.39 -29.44 -22.39
C ILE A 434 -8.13 -30.33 -23.36
N ALA A 435 -7.56 -30.54 -24.54
CA ALA A 435 -8.25 -31.31 -25.55
C ALA A 435 -7.25 -31.99 -26.48
N TRP A 436 -7.56 -33.23 -26.86
CA TRP A 436 -6.67 -33.92 -27.78
C TRP A 436 -7.46 -34.84 -28.68
N ASN A 437 -6.94 -35.06 -29.88
CA ASN A 437 -7.62 -35.87 -30.87
C ASN A 437 -7.59 -37.33 -30.46
N SER A 438 -8.69 -38.02 -30.74
CA SER A 438 -8.79 -39.42 -30.38
C SER A 438 -9.45 -40.22 -31.48
N ASN A 439 -9.02 -40.02 -32.72
CA ASN A 439 -9.70 -40.67 -33.83
C ASN A 439 -9.60 -42.19 -33.75
N ASN A 440 -8.47 -42.72 -33.31
CA ASN A 440 -8.27 -44.15 -33.39
C ASN A 440 -9.00 -44.91 -32.31
N LEU A 441 -9.36 -44.26 -31.22
CA LEU A 441 -10.02 -44.92 -30.11
C LEU A 441 -11.54 -44.90 -30.22
N ASP A 442 -12.12 -43.76 -30.59
CA ASP A 442 -13.58 -43.66 -30.58
C ASP A 442 -14.31 -43.86 -31.91
N SER A 443 -13.58 -43.75 -33.00
CA SER A 443 -14.20 -43.91 -34.31
C SER A 443 -13.88 -45.27 -34.90
N LYS A 444 -14.88 -46.14 -34.98
CA LYS A 444 -14.70 -47.47 -35.53
C LYS A 444 -15.05 -47.51 -37.01
N VAL A 445 -14.99 -48.69 -37.60
CA VAL A 445 -15.30 -48.85 -39.02
C VAL A 445 -16.80 -48.96 -39.24
N GLY A 446 -17.40 -47.87 -39.73
CA GLY A 446 -18.82 -47.84 -39.98
C GLY A 446 -19.53 -46.78 -39.17
N GLY A 447 -18.85 -46.29 -38.13
CA GLY A 447 -19.41 -45.28 -37.25
C GLY A 447 -19.61 -45.77 -35.84
N ASN A 448 -19.33 -44.91 -34.88
CA ASN A 448 -19.48 -45.26 -33.47
C ASN A 448 -20.93 -45.15 -33.00
N TYR A 449 -21.57 -44.04 -33.33
CA TYR A 449 -22.96 -43.82 -32.94
C TYR A 449 -23.15 -44.16 -31.47
N ASN A 450 -22.09 -43.96 -30.69
CA ASN A 450 -22.14 -44.25 -29.27
C ASN A 450 -22.15 -42.98 -28.42
N TYR A 451 -21.73 -41.87 -29.03
CA TYR A 451 -21.69 -40.59 -28.34
C TYR A 451 -22.82 -39.68 -28.81
N LEU A 452 -23.70 -39.32 -27.88
CA LEU A 452 -24.84 -38.47 -28.20
C LEU A 452 -24.62 -37.02 -27.78
N TYR A 453 -25.52 -36.14 -28.17
CA TYR A 453 -25.43 -34.73 -27.82
C TYR A 453 -26.77 -34.04 -28.00
N ARG A 454 -27.31 -33.48 -26.92
CA ARG A 454 -28.60 -32.78 -26.99
C ARG A 454 -28.51 -31.59 -27.95
N LEU A 455 -29.57 -31.38 -28.73
CA LEU A 455 -29.60 -30.27 -29.67
C LEU A 455 -30.98 -29.64 -29.73
N PHE A 456 -31.84 -30.00 -28.78
CA PHE A 456 -33.19 -29.46 -28.71
C PHE A 456 -33.56 -29.20 -27.27
N ARG A 457 -33.43 -27.94 -26.84
CA ARG A 457 -33.74 -27.57 -25.47
C ARG A 457 -34.69 -26.39 -25.42
N LYS A 458 -35.20 -26.10 -24.23
CA LYS A 458 -36.13 -25.00 -24.03
C LYS A 458 -35.38 -23.70 -23.72
N SER A 459 -34.35 -23.80 -22.88
CA SER A 459 -33.59 -22.62 -22.52
C SER A 459 -32.14 -23.01 -22.26
N ASN A 460 -31.24 -22.10 -22.59
CA ASN A 460 -29.83 -22.36 -22.45
C ASN A 460 -29.50 -22.70 -21.00
N LEU A 461 -28.42 -23.46 -20.83
CA LEU A 461 -28.07 -23.97 -19.52
C LEU A 461 -27.51 -22.86 -18.64
N LYS A 462 -27.71 -23.00 -17.34
CA LYS A 462 -26.91 -22.23 -16.42
C LYS A 462 -25.51 -22.82 -16.40
N PRO A 463 -24.49 -22.04 -16.05
CA PRO A 463 -23.14 -22.58 -16.05
C PRO A 463 -23.01 -23.78 -15.13
N PHE A 464 -22.40 -24.84 -15.65
CA PHE A 464 -22.14 -26.08 -14.90
C PHE A 464 -23.42 -26.81 -14.55
N GLU A 465 -24.48 -26.55 -15.28
CA GLU A 465 -25.73 -27.25 -15.09
C GLU A 465 -25.79 -28.43 -16.04
N ARG A 466 -26.56 -29.46 -15.67
CA ARG A 466 -26.55 -30.73 -16.38
C ARG A 466 -27.96 -31.24 -16.54
N ASP A 467 -28.26 -31.85 -17.68
CA ASP A 467 -29.63 -32.19 -18.06
C ASP A 467 -29.65 -33.48 -18.85
N ILE A 468 -30.03 -34.58 -18.20
CA ILE A 468 -30.02 -35.89 -18.83
C ILE A 468 -31.43 -36.38 -19.14
N SER A 469 -32.42 -35.50 -19.11
CA SER A 469 -33.77 -35.94 -19.40
C SER A 469 -33.92 -36.29 -20.87
N THR A 470 -35.01 -36.95 -21.20
CA THR A 470 -35.22 -37.43 -22.55
C THR A 470 -36.67 -37.24 -22.96
N GLU A 471 -37.24 -36.10 -22.62
CA GLU A 471 -38.61 -35.80 -22.98
C GLU A 471 -38.69 -35.36 -24.42
N ILE A 472 -39.78 -35.72 -25.10
CA ILE A 472 -39.93 -35.35 -26.49
C ILE A 472 -40.16 -33.85 -26.66
N TYR A 473 -39.41 -33.24 -27.56
CA TYR A 473 -39.52 -31.81 -27.81
C TYR A 473 -40.89 -31.48 -28.37
N GLN A 474 -40.98 -30.40 -29.14
CA GLN A 474 -42.24 -29.99 -29.74
C GLN A 474 -42.15 -28.60 -30.36
N ALA A 475 -41.12 -28.39 -31.19
CA ALA A 475 -40.93 -27.12 -31.85
C ALA A 475 -42.07 -26.79 -32.79
N GLY A 476 -43.26 -27.28 -32.47
CA GLY A 476 -44.43 -27.04 -33.31
C GLY A 476 -45.49 -26.22 -32.61
N SER A 477 -46.69 -26.78 -32.49
CA SER A 477 -47.79 -26.09 -31.84
C SER A 477 -48.94 -27.04 -31.54
N THR A 478 -48.61 -28.23 -31.06
CA THR A 478 -49.61 -29.24 -30.74
C THR A 478 -49.06 -30.26 -29.77
N PRO A 479 -49.96 -30.74 -28.81
CA PRO A 479 -49.39 -31.74 -27.89
C PRO A 479 -48.75 -32.90 -28.64
N CYS A 480 -47.88 -33.65 -27.95
CA CYS A 480 -47.20 -34.78 -28.57
C CYS A 480 -47.55 -36.10 -27.90
N ASN A 481 -48.05 -36.03 -26.68
CA ASN A 481 -48.42 -37.22 -25.93
C ASN A 481 -47.21 -38.04 -25.53
N GLY A 482 -46.17 -38.01 -26.35
CA GLY A 482 -44.96 -38.75 -26.07
C GLY A 482 -44.53 -39.67 -27.22
N VAL A 483 -44.49 -39.12 -28.42
CA VAL A 483 -44.09 -39.88 -29.60
C VAL A 483 -43.64 -38.94 -30.70
N GLU A 484 -42.77 -39.45 -31.57
CA GLU A 484 -42.26 -38.65 -32.68
C GLU A 484 -43.40 -38.09 -33.53
N GLY A 485 -43.04 -37.38 -34.59
CA GLY A 485 -44.02 -36.79 -35.48
C GLY A 485 -43.51 -35.49 -36.04
N PHE A 486 -44.40 -34.70 -36.64
CA PHE A 486 -44.02 -33.42 -37.23
C PHE A 486 -44.08 -32.31 -36.18
N ASN A 487 -43.10 -31.42 -36.20
CA ASN A 487 -43.06 -30.31 -35.26
C ASN A 487 -43.10 -30.79 -33.82
N CYS A 488 -42.14 -31.65 -33.48
CA CYS A 488 -42.03 -32.23 -32.15
C CYS A 488 -41.16 -33.46 -32.30
N TYR A 489 -39.86 -33.33 -32.01
CA TYR A 489 -38.97 -34.47 -32.16
C TYR A 489 -38.06 -34.79 -30.98
N PHE A 490 -37.57 -36.02 -31.01
CA PHE A 490 -36.68 -36.59 -30.03
C PHE A 490 -35.50 -35.65 -29.86
N PRO A 491 -35.03 -35.40 -28.65
CA PRO A 491 -34.05 -34.32 -28.44
C PRO A 491 -32.59 -34.73 -28.55
N LEU A 492 -32.26 -35.97 -28.83
CA LEU A 492 -30.86 -36.39 -28.84
C LEU A 492 -30.48 -36.90 -30.22
N GLN A 493 -29.31 -36.48 -30.68
CA GLN A 493 -28.75 -36.88 -31.96
C GLN A 493 -27.45 -37.63 -31.65
N SER A 494 -26.93 -38.37 -32.63
CA SER A 494 -25.70 -39.10 -32.41
C SER A 494 -24.70 -38.78 -33.51
N TYR A 495 -23.50 -38.41 -33.11
CA TYR A 495 -22.37 -38.34 -34.02
C TYR A 495 -22.18 -39.72 -34.60
N GLY A 496 -22.23 -39.86 -35.91
CA GLY A 496 -21.79 -41.13 -36.41
C GLY A 496 -20.35 -41.02 -36.82
N PHE A 497 -19.43 -41.37 -35.93
CA PHE A 497 -18.03 -41.16 -36.21
C PHE A 497 -17.52 -42.28 -37.10
N GLN A 498 -16.70 -41.92 -38.07
CA GLN A 498 -16.13 -42.88 -39.00
C GLN A 498 -14.64 -42.59 -39.06
N PRO A 499 -13.82 -43.61 -39.33
CA PRO A 499 -12.38 -43.33 -39.38
C PRO A 499 -11.95 -42.55 -40.59
N THR A 500 -12.70 -42.57 -41.67
CA THR A 500 -12.36 -41.78 -42.85
C THR A 500 -13.08 -40.45 -42.86
N ASN A 501 -13.01 -39.71 -41.76
CA ASN A 501 -13.60 -38.38 -41.67
C ASN A 501 -12.50 -37.34 -41.70
N GLY A 502 -12.74 -36.27 -42.44
CA GLY A 502 -11.81 -35.16 -42.40
C GLY A 502 -11.66 -34.61 -41.00
N VAL A 503 -10.50 -34.03 -40.73
CA VAL A 503 -10.26 -33.46 -39.42
C VAL A 503 -11.47 -32.57 -39.19
N GLY A 504 -11.70 -32.16 -37.96
CA GLY A 504 -12.85 -31.33 -37.70
C GLY A 504 -14.14 -32.10 -37.74
N TYR A 505 -14.11 -33.36 -38.12
CA TYR A 505 -15.21 -34.26 -37.85
C TYR A 505 -14.77 -35.51 -37.12
N GLN A 506 -13.56 -35.58 -36.70
CA GLN A 506 -13.09 -36.71 -35.92
C GLN A 506 -13.24 -36.41 -34.44
N PRO A 507 -13.39 -37.42 -33.61
CA PRO A 507 -13.70 -37.18 -32.22
C PRO A 507 -12.52 -36.63 -31.45
N TYR A 508 -12.80 -35.65 -30.61
CA TYR A 508 -11.79 -35.07 -29.73
C TYR A 508 -12.24 -35.33 -28.32
N ARG A 509 -11.31 -35.69 -27.45
CA ARG A 509 -11.64 -35.85 -26.05
C ARG A 509 -11.22 -34.60 -25.30
N VAL A 510 -12.08 -34.15 -24.38
CA VAL A 510 -11.91 -32.89 -23.69
C VAL A 510 -12.00 -33.10 -22.20
N VAL A 511 -11.12 -32.40 -21.47
CA VAL A 511 -11.12 -32.39 -20.01
C VAL A 511 -11.03 -30.93 -19.58
N VAL A 512 -11.95 -30.52 -18.72
CA VAL A 512 -12.03 -29.14 -18.27
C VAL A 512 -11.71 -29.15 -16.79
N LEU A 513 -10.57 -28.59 -16.40
CA LEU A 513 -10.22 -28.47 -15.01
C LEU A 513 -10.70 -27.14 -14.49
N SER A 514 -11.38 -27.16 -13.36
CA SER A 514 -11.95 -25.94 -12.80
C SER A 514 -11.51 -25.83 -11.35
N PHE A 515 -10.63 -24.89 -11.06
CA PHE A 515 -10.14 -24.70 -9.72
C PHE A 515 -11.10 -23.78 -9.00
N GLU A 516 -11.59 -24.20 -7.86
CA GLU A 516 -12.49 -23.36 -7.10
C GLU A 516 -11.92 -23.09 -5.71
N LEU A 517 -12.31 -21.95 -5.14
CA LEU A 517 -11.84 -21.57 -3.81
C LEU A 517 -12.99 -21.09 -2.93
N LEU A 518 -13.65 -22.02 -2.25
CA LEU A 518 -14.75 -21.69 -1.38
C LEU A 518 -14.30 -20.78 -0.24
N HIS A 519 -14.18 -21.34 0.96
CA HIS A 519 -13.75 -20.58 2.13
C HIS A 519 -13.21 -21.50 3.22
N ALA A 520 -12.61 -22.61 2.81
CA ALA A 520 -12.06 -23.58 3.75
C ALA A 520 -10.73 -23.10 4.31
N PRO A 521 -9.95 -24.01 4.88
CA PRO A 521 -8.65 -23.66 5.47
C PRO A 521 -7.49 -23.91 4.51
N ALA A 522 -7.71 -24.77 3.52
CA ALA A 522 -6.68 -25.11 2.54
C ALA A 522 -7.05 -26.37 1.78
N THR A 523 -6.17 -26.78 0.88
CA THR A 523 -6.40 -27.98 0.07
C THR A 523 -5.24 -28.25 -0.87
N VAL A 524 -5.47 -29.08 -1.87
CA VAL A 524 -4.44 -29.43 -2.86
C VAL A 524 -3.54 -28.24 -3.15
N CYS A 525 -2.55 -28.46 -4.01
CA CYS A 525 -1.61 -27.41 -4.39
C CYS A 525 -0.47 -27.97 -5.24
N GLY A 526 0.34 -27.07 -5.77
CA GLY A 526 1.47 -27.47 -6.60
C GLY A 526 2.41 -28.42 -5.89
N PRO A 527 3.55 -28.72 -6.51
CA PRO A 527 4.53 -29.63 -5.92
C PRO A 527 5.65 -28.91 -5.19
N LYS A 528 6.56 -29.65 -4.58
CA LYS A 528 7.67 -29.06 -3.85
C LYS A 528 8.88 -30.00 -3.82
N LYS A 529 9.81 -29.80 -4.75
CA LYS A 529 11.00 -30.63 -4.81
C LYS A 529 11.82 -30.54 -3.53
N SER A 530 12.74 -31.48 -3.34
CA SER A 530 13.58 -31.51 -2.15
C SER A 530 15.06 -31.57 -2.53
N THR A 531 15.84 -30.64 -2.00
CA THR A 531 17.27 -30.59 -2.27
C THR A 531 18.05 -31.42 -1.26
N ASN A 532 19.37 -31.23 -1.24
CA ASN A 532 20.24 -31.95 -0.32
C ASN A 532 20.53 -31.16 0.94
N LEU A 533 21.43 -31.68 1.76
CA LEU A 533 21.81 -31.03 3.01
C LEU A 533 23.31 -31.08 3.27
N VAL A 534 23.96 -29.91 3.20
CA VAL A 534 25.38 -29.79 3.42
C VAL A 534 25.66 -29.34 4.86
N LYS A 535 26.01 -30.30 5.70
CA LYS A 535 26.28 -30.01 7.11
C LYS A 535 27.67 -29.42 7.31
N ASN A 536 27.76 -28.42 8.18
CA ASN A 536 29.02 -27.76 8.49
C ASN A 536 29.45 -26.73 7.46
N LYS A 537 28.74 -25.59 7.43
CA LYS A 537 29.04 -24.51 6.50
C LYS A 537 27.91 -23.50 6.44
N CYS A 538 28.15 -22.31 7.01
CA CYS A 538 27.15 -21.25 7.03
C CYS A 538 26.47 -21.11 5.68
N VAL A 539 25.53 -22.01 5.39
CA VAL A 539 24.82 -21.98 4.12
C VAL A 539 23.33 -21.77 4.35
N ASN A 540 22.74 -20.83 3.61
CA ASN A 540 21.32 -20.53 3.75
C ASN A 540 20.54 -21.83 3.73
N PHE A 541 19.41 -21.88 4.44
CA PHE A 541 18.63 -23.11 4.46
C PHE A 541 17.15 -22.83 4.59
N ASN A 542 16.38 -23.82 4.15
CA ASN A 542 14.92 -23.84 4.30
C ASN A 542 14.52 -25.28 4.61
N PHE A 543 13.96 -25.49 5.80
CA PHE A 543 13.49 -26.80 6.25
C PHE A 543 11.97 -26.75 6.34
N ASN A 544 11.31 -27.19 5.27
CA ASN A 544 9.86 -27.19 5.10
C ASN A 544 9.17 -26.00 5.76
N GLY A 545 9.68 -24.80 5.52
CA GLY A 545 9.06 -23.61 6.08
C GLY A 545 10.02 -22.78 6.91
N LEU A 546 10.88 -23.44 7.69
CA LEU A 546 11.86 -22.75 8.51
C LEU A 546 12.93 -22.16 7.59
N THR A 547 12.98 -20.85 7.50
CA THR A 547 13.98 -20.17 6.68
C THR A 547 15.05 -19.60 7.61
N GLY A 548 16.32 -19.90 7.31
CA GLY A 548 17.38 -19.34 8.12
C GLY A 548 18.76 -19.36 7.50
N THR A 549 19.77 -18.99 8.28
CA THR A 549 21.15 -18.98 7.84
C THR A 549 22.03 -19.51 8.96
N GLY A 550 23.08 -20.22 8.59
CA GLY A 550 24.03 -20.67 9.59
C GLY A 550 24.73 -21.94 9.17
N VAL A 551 25.57 -22.41 10.07
CA VAL A 551 26.27 -23.68 9.96
C VAL A 551 25.39 -24.76 10.56
N LEU A 552 25.32 -25.90 9.86
CA LEU A 552 24.54 -27.06 10.28
C LEU A 552 25.51 -28.11 10.79
N THR A 553 25.18 -28.75 11.90
CA THR A 553 26.07 -29.73 12.49
C THR A 553 25.30 -30.92 13.04
N GLU A 554 25.91 -32.10 13.01
CA GLU A 554 25.29 -33.29 13.57
C GLU A 554 25.04 -33.12 15.06
N SER A 555 23.84 -33.49 15.50
CA SER A 555 23.44 -33.27 16.87
C SER A 555 23.63 -34.51 17.72
N ASN A 556 23.36 -34.35 19.01
CA ASN A 556 23.28 -35.49 19.91
C ASN A 556 22.13 -35.32 20.90
N LYS A 557 21.18 -34.44 20.62
CA LYS A 557 19.93 -34.34 21.36
C LYS A 557 18.90 -35.27 20.77
N LYS A 558 17.82 -35.48 21.53
CA LYS A 558 16.77 -36.41 21.14
C LYS A 558 15.41 -35.76 21.32
N PHE A 559 14.81 -35.35 20.20
CA PHE A 559 13.47 -34.78 20.23
C PHE A 559 12.44 -35.83 20.64
N LEU A 560 11.21 -35.42 20.85
CA LEU A 560 10.16 -36.43 20.91
C LEU A 560 9.63 -36.67 19.50
N PRO A 561 9.15 -37.86 19.18
CA PRO A 561 8.92 -38.18 17.77
C PRO A 561 7.69 -37.52 17.20
N PHE A 562 7.47 -36.28 17.56
CA PHE A 562 6.55 -35.43 16.83
C PHE A 562 7.03 -33.99 16.78
N GLN A 563 8.21 -33.69 17.31
CA GLN A 563 8.75 -32.34 17.38
C GLN A 563 9.69 -32.12 16.21
N GLN A 564 9.54 -30.97 15.54
CA GLN A 564 10.28 -30.65 14.35
C GLN A 564 11.58 -29.90 14.65
N PHE A 565 11.49 -28.78 15.36
CA PHE A 565 12.67 -27.97 15.64
C PHE A 565 12.68 -27.60 17.11
N GLY A 566 13.88 -27.25 17.59
CA GLY A 566 14.08 -26.85 18.96
C GLY A 566 14.43 -25.37 19.07
N ARG A 567 14.06 -24.81 20.22
CA ARG A 567 14.27 -23.40 20.46
C ARG A 567 15.09 -23.21 21.73
N ASP A 568 15.73 -22.06 21.83
CA ASP A 568 16.51 -21.69 23.00
C ASP A 568 15.66 -20.84 23.93
N ILE A 569 16.21 -20.54 25.10
CA ILE A 569 15.70 -19.47 25.95
C ILE A 569 16.03 -18.18 25.24
N ALA A 570 15.09 -17.25 25.24
CA ALA A 570 15.07 -16.05 24.40
C ALA A 570 14.58 -16.38 22.99
N ASP A 571 14.13 -17.62 22.79
CA ASP A 571 13.32 -18.00 21.65
C ASP A 571 14.00 -17.82 20.29
N THR A 572 15.10 -18.53 20.06
CA THR A 572 15.69 -18.59 18.72
C THR A 572 15.86 -20.04 18.32
N THR A 573 15.54 -20.35 17.07
CA THR A 573 15.68 -21.70 16.55
C THR A 573 17.13 -22.14 16.60
N ASP A 574 17.39 -23.27 17.25
CA ASP A 574 18.77 -23.73 17.35
C ASP A 574 18.95 -25.19 16.98
N ALA A 575 17.88 -25.93 16.73
CA ALA A 575 17.98 -27.27 16.20
C ALA A 575 16.84 -27.51 15.24
N VAL A 576 17.04 -28.40 14.27
CA VAL A 576 15.99 -28.84 13.37
C VAL A 576 16.08 -30.34 13.21
N ARG A 577 15.06 -30.89 12.59
CA ARG A 577 15.02 -32.29 12.21
C ARG A 577 14.86 -32.36 10.69
N ASP A 578 15.70 -33.14 10.04
CA ASP A 578 15.63 -33.23 8.59
C ASP A 578 14.43 -34.08 8.20
N PRO A 579 13.50 -33.57 7.41
CA PRO A 579 12.28 -34.32 7.13
C PRO A 579 12.53 -35.68 6.49
N GLN A 580 13.48 -35.77 5.58
CA GLN A 580 13.66 -37.01 4.83
C GLN A 580 14.33 -38.09 5.67
N THR A 581 15.47 -37.78 6.29
CA THR A 581 16.19 -38.78 7.05
C THR A 581 15.85 -38.78 8.55
N LEU A 582 15.21 -37.71 9.03
CA LEU A 582 14.72 -37.62 10.42
C LEU A 582 15.86 -37.65 11.44
N GLU A 583 16.85 -36.79 11.24
CA GLU A 583 17.95 -36.65 12.18
C GLU A 583 18.06 -35.20 12.63
N ILE A 584 18.47 -35.03 13.87
CA ILE A 584 18.52 -33.72 14.51
C ILE A 584 19.85 -33.06 14.16
N LEU A 585 19.79 -31.79 13.80
CA LEU A 585 20.97 -31.01 13.41
C LEU A 585 20.93 -29.68 14.13
N ASP A 586 22.03 -29.31 14.78
CA ASP A 586 22.08 -28.05 15.52
C ASP A 586 22.32 -26.86 14.58
N ILE A 587 21.39 -25.90 14.60
CA ILE A 587 21.50 -24.72 13.76
C ILE A 587 22.17 -23.57 14.49
N THR A 588 23.48 -23.65 14.67
CA THR A 588 24.23 -22.61 15.35
C THR A 588 24.31 -21.36 14.46
N PRO A 589 24.08 -20.15 15.10
CA PRO A 589 24.15 -18.98 14.21
C PRO A 589 25.45 -18.93 13.42
N CYS A 590 25.46 -18.20 12.32
CA CYS A 590 26.66 -18.06 11.50
C CYS A 590 27.80 -17.54 12.37
N SER A 591 28.95 -17.32 11.76
CA SER A 591 30.11 -16.81 12.48
C SER A 591 30.23 -15.30 12.34
N PHE A 592 30.36 -14.61 13.46
CA PHE A 592 30.49 -13.15 13.45
C PHE A 592 31.24 -12.63 14.67
N GLY A 593 31.60 -11.35 14.62
CA GLY A 593 32.33 -10.70 15.69
C GLY A 593 32.88 -9.35 15.29
N GLY A 594 33.22 -8.52 16.25
CA GLY A 594 33.79 -7.23 15.93
C GLY A 594 35.23 -7.31 15.46
N VAL A 595 35.65 -6.27 14.77
CA VAL A 595 37.02 -6.14 14.32
C VAL A 595 37.59 -4.86 14.93
N SER A 596 38.74 -4.99 15.58
CA SER A 596 39.39 -3.85 16.20
C SER A 596 40.76 -3.65 15.60
N VAL A 597 41.20 -2.40 15.54
CA VAL A 597 42.49 -2.03 14.97
C VAL A 597 43.36 -1.43 16.06
N ILE A 598 44.55 -2.01 16.18
CA ILE A 598 45.56 -1.65 17.16
C ILE A 598 46.72 -0.92 16.50
N THR A 599 46.84 0.38 16.77
CA THR A 599 47.92 1.16 16.18
C THR A 599 48.86 1.74 17.23
N PRO A 600 50.21 1.61 16.96
CA PRO A 600 51.09 2.19 17.99
C PRO A 600 51.27 3.67 17.74
N GLY A 601 50.37 4.26 16.97
CA GLY A 601 50.43 5.67 16.65
C GLY A 601 51.12 5.94 15.33
N THR A 602 50.54 6.84 14.53
CA THR A 602 51.11 7.18 13.23
C THR A 602 52.35 8.03 13.42
N ASN A 603 52.29 8.96 14.37
CA ASN A 603 53.40 9.84 14.67
C ASN A 603 54.58 9.06 15.21
N THR A 604 54.65 7.77 14.87
CA THR A 604 55.72 6.91 15.34
C THR A 604 56.02 5.79 14.36
N SER A 605 54.97 5.13 13.89
CA SER A 605 55.12 4.03 12.94
C SER A 605 53.92 3.92 12.02
N ASN A 606 53.95 2.92 11.15
CA ASN A 606 52.86 2.70 10.20
C ASN A 606 52.32 1.29 10.25
N GLN A 607 53.01 0.41 10.97
CA GLN A 607 52.58 -0.98 11.08
C GLN A 607 51.28 -1.05 11.86
N VAL A 608 50.58 -2.17 11.78
CA VAL A 608 49.32 -2.32 12.47
C VAL A 608 48.99 -3.79 12.74
N ALA A 609 48.04 -4.01 13.65
CA ALA A 609 47.60 -5.35 14.01
C ALA A 609 46.08 -5.33 14.05
N VAL A 610 45.45 -6.47 13.85
CA VAL A 610 44.00 -6.54 13.85
C VAL A 610 43.45 -7.63 14.77
N LEU A 611 42.47 -7.27 15.61
CA LEU A 611 41.87 -8.25 16.50
C LEU A 611 40.50 -8.64 15.95
N TYR A 612 40.30 -9.92 15.70
CA TYR A 612 38.99 -10.48 15.38
C TYR A 612 38.44 -11.05 16.67
N GLN A 613 37.38 -10.44 17.18
CA GLN A 613 36.99 -10.70 18.56
C GLN A 613 36.25 -12.02 18.65
N ASP A 614 36.66 -12.83 19.62
CA ASP A 614 36.19 -14.19 19.90
C ASP A 614 35.84 -14.97 18.63
N VAL A 615 36.77 -14.90 17.68
CA VAL A 615 36.72 -15.73 16.49
C VAL A 615 37.90 -16.68 16.52
N ASN A 616 37.64 -17.94 16.19
CA ASN A 616 38.73 -18.89 16.12
C ASN A 616 39.63 -18.54 14.94
N CYS A 617 40.92 -18.53 15.19
CA CYS A 617 41.84 -17.88 14.28
C CYS A 617 42.10 -18.70 13.02
N THR A 618 41.32 -19.74 12.77
CA THR A 618 41.48 -20.62 11.61
C THR A 618 40.44 -20.28 10.53
N GLU A 619 39.50 -19.40 10.88
CA GLU A 619 38.43 -19.07 9.97
C GLU A 619 38.36 -17.57 9.73
N VAL A 620 39.51 -16.92 9.72
CA VAL A 620 39.57 -15.46 9.60
C VAL A 620 39.33 -15.02 8.16
N PRO A 621 40.04 -15.56 7.16
CA PRO A 621 39.73 -15.04 5.82
C PRO A 621 38.77 -15.95 5.06
N SER A 640 53.72 -14.73 8.43
CA SER A 640 53.11 -13.68 9.23
C SER A 640 52.86 -14.12 10.66
N ASN A 641 52.18 -13.27 11.43
CA ASN A 641 51.94 -13.50 12.84
C ASN A 641 50.46 -13.66 13.09
N VAL A 642 50.03 -14.91 13.30
CA VAL A 642 48.69 -15.18 13.79
C VAL A 642 48.84 -15.75 15.19
N PHE A 643 48.13 -15.16 16.13
CA PHE A 643 48.28 -15.47 17.53
C PHE A 643 46.89 -15.57 18.12
N GLN A 644 46.64 -16.64 18.86
CA GLN A 644 45.32 -16.89 19.41
C GLN A 644 45.26 -16.42 20.86
N THR A 645 44.21 -15.70 21.18
CA THR A 645 44.00 -15.12 22.50
C THR A 645 42.65 -15.60 23.01
N ARG A 646 42.49 -15.53 24.33
CA ARG A 646 41.18 -15.71 24.93
C ARG A 646 40.21 -14.63 24.50
N ALA A 647 40.68 -13.56 23.84
CA ALA A 647 39.84 -12.47 23.39
C ALA A 647 39.63 -12.45 21.88
N GLY A 648 40.19 -13.40 21.16
CA GLY A 648 40.06 -13.48 19.73
C GLY A 648 41.37 -13.77 19.03
N CYS A 649 41.36 -13.58 17.72
CA CYS A 649 42.55 -13.83 16.92
C CYS A 649 43.25 -12.53 16.53
N LEU A 650 44.53 -12.44 16.87
CA LEU A 650 45.34 -11.26 16.66
C LEU A 650 46.26 -11.47 15.47
N ILE A 651 46.27 -10.53 14.54
CA ILE A 651 47.09 -10.62 13.33
C ILE A 651 47.94 -9.37 13.23
N GLY A 652 49.23 -9.55 13.03
CA GLY A 652 50.13 -8.44 12.82
C GLY A 652 50.97 -8.04 14.01
N ALA A 653 50.93 -8.81 15.09
CA ALA A 653 51.77 -8.60 16.26
C ALA A 653 52.43 -9.92 16.61
N GLU A 654 53.67 -9.86 17.07
CA GLU A 654 54.38 -11.06 17.48
C GLU A 654 54.28 -11.23 19.00
N HIS A 655 54.21 -12.48 19.42
CA HIS A 655 54.09 -12.82 20.83
C HIS A 655 55.48 -13.02 21.43
N VAL A 656 55.78 -12.28 22.48
CA VAL A 656 57.05 -12.38 23.17
C VAL A 656 56.82 -13.04 24.53
N ASN A 657 57.92 -13.35 25.22
CA ASN A 657 57.86 -14.03 26.50
C ASN A 657 58.15 -13.13 27.69
N ASN A 658 58.64 -11.91 27.44
CA ASN A 658 58.85 -10.92 28.47
C ASN A 658 57.51 -10.48 29.05
N SER A 659 57.53 -9.61 30.06
CA SER A 659 56.31 -9.03 30.58
C SER A 659 56.59 -7.60 31.00
N TYR A 660 55.83 -6.68 30.45
CA TYR A 660 56.01 -5.26 30.68
C TYR A 660 54.77 -4.71 31.38
N GLU A 661 54.79 -3.41 31.64
CA GLU A 661 53.60 -2.72 32.08
C GLU A 661 52.65 -2.56 30.90
N CYS A 662 51.36 -2.59 31.18
CA CYS A 662 50.39 -2.62 30.10
C CYS A 662 50.40 -1.30 29.34
N ASP A 663 50.28 -1.40 28.02
CA ASP A 663 50.33 -0.23 27.16
C ASP A 663 48.99 -0.01 26.44
N ILE A 664 48.60 -0.97 25.63
CA ILE A 664 47.33 -0.97 24.93
C ILE A 664 46.63 -2.25 25.35
N PRO A 665 45.48 -2.16 25.99
CA PRO A 665 44.86 -3.35 26.56
C PRO A 665 44.10 -4.17 25.54
N ILE A 666 44.49 -5.41 25.34
CA ILE A 666 43.77 -6.32 24.46
C ILE A 666 42.68 -7.04 25.20
N GLY A 667 43.04 -7.72 26.29
CA GLY A 667 42.04 -8.37 27.12
C GLY A 667 42.56 -9.68 27.67
N ALA A 668 41.87 -10.16 28.70
CA ALA A 668 42.20 -11.42 29.37
C ALA A 668 43.68 -11.47 29.78
N GLY A 669 44.21 -10.35 30.23
CA GLY A 669 45.58 -10.27 30.65
C GLY A 669 46.60 -9.94 29.60
N ILE A 670 46.19 -9.76 28.35
CA ILE A 670 47.10 -9.53 27.23
C ILE A 670 47.09 -8.05 26.89
N CYS A 671 48.29 -7.47 26.73
CA CYS A 671 48.44 -6.13 26.19
C CYS A 671 49.37 -6.12 24.97
N ALA A 672 49.42 -4.99 24.28
CA ALA A 672 50.22 -4.82 23.09
C ALA A 672 51.03 -3.55 23.20
N SER A 673 52.15 -3.51 22.50
CA SER A 673 52.97 -2.30 22.47
C SER A 673 53.74 -2.24 21.17
N TYR A 674 54.24 -1.05 20.85
CA TYR A 674 55.07 -0.84 19.67
C TYR A 674 56.52 -0.79 20.10
N GLN A 675 57.14 -1.94 20.29
CA GLN A 675 58.45 -1.89 20.90
C GLN A 675 59.53 -2.65 20.15
N THR A 676 59.25 -3.89 19.82
CA THR A 676 60.28 -4.85 19.44
C THR A 676 60.02 -5.41 18.05
N GLN A 690 60.03 -1.51 15.50
CA GLN A 690 60.19 -2.80 14.81
C GLN A 690 58.82 -3.37 14.51
N SER A 691 58.01 -3.76 15.51
CA SER A 691 56.67 -4.15 15.20
C SER A 691 55.90 -3.99 16.45
N ILE A 692 54.61 -4.38 16.44
CA ILE A 692 53.65 -4.38 17.46
C ILE A 692 54.00 -5.60 18.17
N ILE A 693 53.86 -5.78 19.50
CA ILE A 693 54.14 -7.04 20.13
C ILE A 693 53.05 -7.32 21.08
N ALA A 694 52.97 -8.52 21.64
CA ALA A 694 51.92 -8.89 22.57
C ALA A 694 52.55 -9.59 23.77
N TYR A 695 51.75 -9.84 24.80
CA TYR A 695 52.28 -10.50 25.99
C TYR A 695 51.27 -10.46 27.13
N THR A 696 51.66 -11.04 28.27
CA THR A 696 50.82 -11.05 29.45
C THR A 696 51.37 -9.99 30.38
N MET A 697 50.59 -8.94 30.60
CA MET A 697 51.03 -7.85 31.44
C MET A 697 51.61 -8.19 32.75
N SER A 698 52.25 -7.25 33.34
CA SER A 698 53.02 -7.39 34.52
C SER A 698 52.32 -6.73 35.59
N LEU A 699 52.14 -7.42 36.71
CA LEU A 699 51.44 -6.86 37.84
C LEU A 699 52.32 -5.83 38.53
N GLY A 700 53.61 -6.10 38.55
CA GLY A 700 54.56 -5.19 39.18
C GLY A 700 55.84 -5.90 39.55
N ALA A 701 56.80 -5.15 40.08
CA ALA A 701 58.09 -5.71 40.48
C ALA A 701 57.91 -6.96 41.36
N GLU A 702 58.81 -7.15 42.31
CA GLU A 702 58.76 -8.28 43.22
C GLU A 702 59.59 -7.82 44.39
N ASN A 703 58.96 -7.60 45.53
CA ASN A 703 59.68 -7.16 46.73
C ASN A 703 59.60 -8.26 47.77
N SER A 704 60.72 -8.59 48.39
CA SER A 704 60.69 -9.67 49.38
C SER A 704 61.10 -9.20 50.78
N VAL A 705 60.09 -8.99 51.64
CA VAL A 705 60.34 -8.53 53.00
C VAL A 705 61.02 -9.60 53.83
N ALA A 706 62.14 -9.25 54.44
CA ALA A 706 62.89 -10.16 55.28
C ALA A 706 62.27 -10.25 56.66
N TYR A 707 61.05 -10.78 56.72
CA TYR A 707 60.34 -10.89 57.99
C TYR A 707 60.89 -11.98 58.89
N SER A 708 60.96 -11.67 60.19
CA SER A 708 61.44 -12.61 61.20
C SER A 708 60.74 -12.28 62.52
N ASN A 709 60.86 -13.17 63.51
CA ASN A 709 60.20 -12.95 64.79
C ASN A 709 60.94 -12.04 65.76
N ASN A 710 61.88 -11.24 65.27
CA ASN A 710 62.63 -10.33 66.13
C ASN A 710 63.49 -9.35 65.35
N SER A 711 63.03 -9.01 64.15
CA SER A 711 63.71 -8.07 63.27
C SER A 711 62.80 -6.88 62.94
N ILE A 712 63.41 -5.72 62.85
CA ILE A 712 62.71 -4.48 62.55
C ILE A 712 63.56 -3.64 61.61
N ALA A 713 62.91 -2.88 60.76
CA ALA A 713 63.57 -1.91 59.90
C ALA A 713 63.07 -0.53 60.27
N ILE A 714 63.98 0.43 60.39
CA ILE A 714 63.65 1.79 60.80
C ILE A 714 64.30 2.75 59.83
N PRO A 715 63.61 3.80 59.40
CA PRO A 715 64.20 4.71 58.42
C PRO A 715 65.17 5.69 59.06
N THR A 716 66.19 6.06 58.30
CA THR A 716 67.18 7.01 58.78
C THR A 716 67.11 8.35 58.07
N ASN A 717 66.28 8.50 57.04
CA ASN A 717 66.19 9.75 56.33
C ASN A 717 64.76 9.92 55.83
N PHE A 718 64.50 10.97 55.07
CA PHE A 718 63.20 11.17 54.48
C PHE A 718 63.34 11.96 53.20
N THR A 719 62.28 11.97 52.41
CA THR A 719 62.14 12.88 51.29
C THR A 719 60.81 13.61 51.39
N ILE A 720 60.85 14.88 51.02
CA ILE A 720 59.65 15.68 50.86
C ILE A 720 59.20 15.55 49.42
N SER A 721 58.00 15.02 49.21
CA SER A 721 57.50 14.87 47.85
C SER A 721 56.24 15.68 47.67
N VAL A 722 55.98 16.12 46.45
CA VAL A 722 54.76 16.85 46.13
C VAL A 722 54.21 16.35 44.81
N THR A 723 52.93 16.01 44.81
CA THR A 723 52.25 15.47 43.64
C THR A 723 51.01 16.30 43.32
N THR A 724 50.44 16.07 42.14
CA THR A 724 49.26 16.79 41.72
C THR A 724 48.04 15.88 41.64
N GLU A 725 46.87 16.50 41.77
CA GLU A 725 45.61 15.80 41.56
C GLU A 725 44.64 16.75 40.87
N ILE A 726 44.06 16.33 39.76
CA ILE A 726 43.24 17.17 38.89
C ILE A 726 41.79 16.72 39.00
N LEU A 727 40.87 17.66 39.18
CA LEU A 727 39.47 17.29 39.30
C LEU A 727 38.56 18.26 38.55
N PRO A 728 37.63 17.75 37.73
CA PRO A 728 36.60 18.60 37.14
C PRO A 728 35.55 19.06 38.14
N VAL A 729 35.18 20.34 38.07
CA VAL A 729 34.11 20.80 38.95
C VAL A 729 32.89 21.23 38.15
N SER A 730 33.08 21.79 36.95
CA SER A 730 31.93 22.27 36.19
C SER A 730 31.99 21.80 34.74
N MET A 731 30.90 22.03 34.03
CA MET A 731 30.83 21.89 32.58
C MET A 731 30.07 23.10 32.05
N THR A 732 29.91 23.16 30.74
CA THR A 732 29.35 24.36 30.11
C THR A 732 27.83 24.37 30.18
N LYS A 733 27.29 25.55 30.48
CA LYS A 733 25.86 25.75 30.52
C LYS A 733 25.34 26.08 29.13
N THR A 734 24.50 25.20 28.61
CA THR A 734 23.92 25.38 27.30
C THR A 734 22.41 25.51 27.43
N SER A 735 21.83 26.24 26.50
CA SER A 735 20.38 26.34 26.41
C SER A 735 19.99 26.04 24.97
N VAL A 736 18.82 25.44 24.82
CA VAL A 736 18.23 25.22 23.51
C VAL A 736 16.87 25.89 23.50
N ASP A 737 16.44 26.27 22.31
CA ASP A 737 15.09 26.74 22.08
C ASP A 737 14.41 25.71 21.19
N CYS A 738 13.68 24.79 21.83
CA CYS A 738 12.95 23.73 21.14
C CYS A 738 12.33 24.16 19.82
N THR A 739 11.53 25.23 19.84
CA THR A 739 10.80 25.61 18.65
C THR A 739 11.73 26.04 17.52
N MET A 740 12.79 26.76 17.85
CA MET A 740 13.69 27.23 16.81
C MET A 740 14.57 26.11 16.28
N TYR A 741 14.72 25.03 17.03
CA TYR A 741 15.50 23.90 16.56
C TYR A 741 14.65 22.99 15.70
N ILE A 742 13.43 22.70 16.14
CA ILE A 742 12.59 21.75 15.43
C ILE A 742 12.00 22.37 14.17
N CYS A 743 11.58 23.63 14.26
CA CYS A 743 10.85 24.26 13.16
C CYS A 743 11.66 25.32 12.44
N GLY A 744 12.41 26.11 13.19
CA GLY A 744 13.24 27.12 12.56
C GLY A 744 12.43 28.24 11.95
N ASP A 745 11.52 28.82 12.74
CA ASP A 745 10.76 30.01 12.35
C ASP A 745 9.95 29.75 11.08
N SER A 746 8.98 28.85 11.19
CA SER A 746 8.02 28.58 10.14
C SER A 746 6.70 28.20 10.79
N THR A 747 5.64 28.96 10.49
CA THR A 747 4.39 28.82 11.22
C THR A 747 3.69 27.49 10.95
N GLU A 748 3.97 26.87 9.81
CA GLU A 748 3.34 25.58 9.53
C GLU A 748 3.83 24.51 10.50
N CYS A 749 5.15 24.36 10.65
CA CYS A 749 5.70 23.40 11.59
C CYS A 749 5.31 23.75 13.02
N SER A 750 5.27 25.04 13.33
CA SER A 750 5.03 25.46 14.70
C SER A 750 3.61 25.15 15.17
N ASN A 751 2.65 25.08 14.25
CA ASN A 751 1.30 24.75 14.63
C ASN A 751 1.11 23.25 14.81
N LEU A 752 1.75 22.45 13.98
CA LEU A 752 1.77 21.01 14.18
C LEU A 752 2.41 20.62 15.50
N LEU A 753 3.42 21.37 15.93
CA LEU A 753 4.15 21.08 17.15
C LEU A 753 3.29 21.23 18.40
N LEU A 754 2.34 22.14 18.39
CA LEU A 754 1.41 22.32 19.49
C LEU A 754 0.64 21.05 19.84
N GLN A 755 0.52 20.13 18.89
CA GLN A 755 -0.19 18.88 19.15
C GLN A 755 0.59 17.92 20.01
N TYR A 756 1.83 18.23 20.34
CA TYR A 756 2.64 17.31 21.12
C TYR A 756 2.64 17.66 22.59
N GLY A 757 1.94 18.67 22.99
CA GLY A 757 1.73 18.93 24.41
C GLY A 757 2.80 19.85 24.96
N SER A 758 3.52 19.38 25.97
CA SER A 758 4.45 20.21 26.71
C SER A 758 5.84 19.59 26.77
N PHE A 759 6.22 18.80 25.77
CA PHE A 759 7.55 18.20 25.78
C PHE A 759 8.65 19.25 25.83
N CYS A 760 8.41 20.37 25.19
CA CYS A 760 9.46 21.36 25.03
C CYS A 760 9.53 22.35 26.19
N THR A 761 8.58 22.29 27.11
CA THR A 761 8.76 22.99 28.37
C THR A 761 9.53 22.13 29.36
N GLN A 762 9.33 20.82 29.30
CA GLN A 762 10.12 19.90 30.09
C GLN A 762 11.59 19.92 29.71
N LEU A 763 11.89 19.90 28.42
CA LEU A 763 13.29 19.91 28.03
C LEU A 763 14.01 21.17 28.54
N ASN A 764 13.38 22.32 28.43
CA ASN A 764 13.97 23.54 28.94
C ASN A 764 14.09 23.55 30.45
N ARG A 765 13.11 23.02 31.16
CA ARG A 765 13.23 22.90 32.60
C ARG A 765 14.44 22.07 32.98
N ALA A 766 14.65 20.96 32.28
CA ALA A 766 15.79 20.10 32.59
C ALA A 766 17.12 20.81 32.35
N LEU A 767 17.25 21.47 31.20
CA LEU A 767 18.50 22.16 30.92
C LEU A 767 18.75 23.33 31.87
N THR A 768 17.72 24.02 32.31
CA THR A 768 17.90 25.09 33.27
C THR A 768 18.32 24.56 34.64
N GLY A 769 17.71 23.45 35.06
CA GLY A 769 18.12 22.82 36.29
C GLY A 769 19.54 22.35 36.30
N ILE A 770 20.08 21.92 35.15
CA ILE A 770 21.49 21.56 35.16
C ILE A 770 22.41 22.73 34.89
N ALA A 771 21.91 23.85 34.37
CA ALA A 771 22.79 25.01 34.27
C ALA A 771 22.90 25.80 35.56
N VAL A 772 21.94 25.68 36.47
CA VAL A 772 22.07 26.34 37.76
C VAL A 772 23.03 25.58 38.69
N GLU A 773 23.00 24.26 38.64
CA GLU A 773 23.89 23.50 39.51
C GLU A 773 25.34 23.56 39.06
N GLN A 774 25.65 24.04 37.87
CA GLN A 774 27.06 24.22 37.52
C GLN A 774 27.68 25.35 38.29
N ASP A 775 26.93 26.41 38.56
CA ASP A 775 27.41 27.47 39.43
C ASP A 775 27.37 27.09 40.88
N LYS A 776 26.38 26.29 41.28
CA LYS A 776 26.44 25.75 42.63
C LYS A 776 27.66 24.85 42.85
N ASN A 777 28.10 24.13 41.82
CA ASN A 777 29.28 23.28 41.97
C ASN A 777 30.53 24.09 42.29
N THR A 778 30.73 25.20 41.59
CA THR A 778 31.91 26.03 41.80
C THR A 778 31.86 26.76 43.12
N GLN A 779 30.68 27.23 43.51
CA GLN A 779 30.58 27.97 44.75
C GLN A 779 30.99 27.15 45.95
N GLU A 780 30.76 25.85 45.94
CA GLU A 780 31.05 25.03 47.10
C GLU A 780 32.47 24.49 47.12
N VAL A 781 33.21 24.57 46.02
CA VAL A 781 34.62 24.23 46.06
C VAL A 781 35.44 25.44 46.44
N PHE A 782 35.07 26.63 45.96
CA PHE A 782 36.02 27.73 46.07
C PHE A 782 35.67 28.76 47.13
N ALA A 783 34.40 28.99 47.42
CA ALA A 783 34.03 29.98 48.43
C ALA A 783 34.06 29.30 49.78
N GLN A 784 35.26 28.92 50.22
CA GLN A 784 35.47 28.29 51.52
C GLN A 784 36.20 29.24 52.46
N VAL A 785 36.10 30.54 52.20
CA VAL A 785 36.68 31.57 53.04
C VAL A 785 35.64 32.65 53.22
N LYS A 786 35.72 33.35 54.34
CA LYS A 786 34.94 34.56 54.55
C LYS A 786 35.72 35.81 54.16
N GLN A 787 36.96 35.91 54.61
CA GLN A 787 37.83 37.03 54.27
C GLN A 787 38.67 36.69 53.05
N ILE A 788 39.10 37.73 52.36
CA ILE A 788 40.10 37.60 51.33
C ILE A 788 41.43 37.95 51.97
N TYR A 789 42.24 36.95 52.27
CA TYR A 789 43.50 37.17 52.94
C TYR A 789 44.57 37.52 51.93
N LYS A 790 45.45 38.42 52.34
CA LYS A 790 46.60 38.82 51.54
C LYS A 790 47.87 38.43 52.27
N THR A 791 48.90 38.15 51.50
CA THR A 791 50.17 37.75 52.06
C THR A 791 51.04 38.97 52.35
N PRO A 792 52.01 38.86 53.25
CA PRO A 792 52.78 40.04 53.63
C PRO A 792 53.73 40.44 52.52
N PRO A 793 54.12 41.72 52.47
CA PRO A 793 55.05 42.14 51.42
C PRO A 793 56.43 41.52 51.53
N ILE A 794 57.01 41.47 52.74
CA ILE A 794 58.31 40.83 52.94
C ILE A 794 58.08 39.38 53.33
N LYS A 795 58.53 38.46 52.48
CA LYS A 795 58.14 37.06 52.52
C LYS A 795 59.32 36.20 52.94
N ASP A 796 59.48 36.01 54.25
CA ASP A 796 60.51 35.11 54.74
C ASP A 796 59.82 33.98 55.51
N PHE A 797 59.70 32.83 54.86
CA PHE A 797 58.96 31.70 55.38
C PHE A 797 59.89 30.57 55.80
N GLY A 798 61.07 30.91 56.31
CA GLY A 798 61.99 29.93 56.83
C GLY A 798 62.83 29.21 55.81
N GLY A 799 62.97 29.74 54.62
CA GLY A 799 63.67 29.08 53.55
C GLY A 799 62.77 28.50 52.49
N PHE A 800 61.48 28.36 52.77
CA PHE A 800 60.52 27.87 51.80
C PHE A 800 60.17 28.99 50.84
N ASN A 801 59.96 28.63 49.59
CA ASN A 801 59.81 29.58 48.49
C ASN A 801 58.53 29.23 47.75
N PHE A 802 57.53 30.11 47.84
CA PHE A 802 56.23 29.86 47.23
C PHE A 802 55.98 30.74 46.02
N SER A 803 57.03 31.17 45.33
CA SER A 803 56.87 32.22 44.33
C SER A 803 56.21 31.74 43.05
N GLN A 804 56.28 30.46 42.73
CA GLN A 804 55.64 29.93 41.55
C GLN A 804 54.17 29.60 41.74
N ILE A 805 53.63 29.73 42.94
CA ILE A 805 52.22 29.50 43.19
C ILE A 805 51.54 30.68 43.83
N LEU A 806 52.18 31.70 44.04
CA LEU A 806 51.57 32.91 44.53
C LEU A 806 51.22 33.82 43.36
N PRO A 807 50.21 34.68 43.49
CA PRO A 807 49.77 35.49 42.35
C PRO A 807 50.86 36.39 41.82
N ASP A 808 50.79 36.64 40.51
CA ASP A 808 51.76 37.44 39.79
C ASP A 808 51.07 38.64 39.15
N PRO A 809 51.39 39.86 39.56
CA PRO A 809 50.62 41.02 39.05
C PRO A 809 50.83 41.30 37.58
N SER A 810 52.03 41.08 37.06
CA SER A 810 52.33 41.32 35.66
C SER A 810 51.76 40.27 34.72
N LYS A 811 50.99 39.31 35.24
CA LYS A 811 50.45 38.22 34.44
C LYS A 811 48.99 38.50 34.09
N PRO A 812 48.38 37.68 33.19
CA PRO A 812 46.95 37.88 32.89
C PRO A 812 46.03 37.36 33.98
N SER A 813 45.09 38.19 34.39
CA SER A 813 44.10 37.93 35.43
C SER A 813 44.71 37.80 36.81
N LYS A 814 45.96 38.22 37.01
CA LYS A 814 46.64 38.12 38.31
C LYS A 814 46.76 36.67 38.76
N ARG A 815 47.07 35.79 37.84
CA ARG A 815 47.25 34.38 38.15
C ARG A 815 48.67 34.10 38.61
N SER A 816 48.83 32.95 39.24
CA SER A 816 50.14 32.46 39.58
C SER A 816 50.84 31.92 38.33
N PHE A 817 52.12 31.64 38.46
CA PHE A 817 52.89 31.15 37.33
C PHE A 817 52.43 29.76 36.90
N ILE A 818 51.98 28.94 37.84
CA ILE A 818 51.55 27.59 37.50
C ILE A 818 50.09 27.58 37.08
N GLU A 819 49.30 28.56 37.50
CA GLU A 819 47.95 28.68 37.00
C GLU A 819 47.90 29.09 35.53
N ASP A 820 48.98 29.67 35.02
CA ASP A 820 49.07 30.00 33.60
C ASP A 820 49.38 28.79 32.74
N LEU A 821 50.37 27.98 33.12
CA LEU A 821 50.63 26.76 32.38
C LEU A 821 49.40 25.90 32.25
N LEU A 822 48.48 25.98 33.21
CA LEU A 822 47.28 25.18 33.15
C LEU A 822 46.26 25.77 32.20
N PHE A 823 46.13 27.08 32.13
CA PHE A 823 45.19 27.69 31.21
C PHE A 823 45.69 27.73 29.78
N ASN A 824 46.96 27.38 29.55
CA ASN A 824 47.49 27.26 28.21
C ASN A 824 47.45 25.85 27.68
N LYS A 825 47.32 24.85 28.55
CA LYS A 825 47.38 23.47 28.08
C LYS A 825 46.00 22.97 27.70
N VAL A 826 44.96 23.42 28.37
CA VAL A 826 43.60 23.04 28.03
C VAL A 826 42.75 24.26 27.77
N PHE A 855 23.72 28.94 17.14
CA PHE A 855 23.68 28.80 15.69
C PHE A 855 22.25 28.64 15.19
N ASN A 856 21.50 27.71 15.77
CA ASN A 856 20.06 27.69 15.52
C ASN A 856 19.31 27.19 16.74
N GLY A 857 18.95 28.11 17.62
CA GLY A 857 18.33 27.79 18.88
C GLY A 857 19.26 27.29 19.95
N LEU A 858 20.57 27.34 19.75
CA LEU A 858 21.56 26.85 20.70
C LEU A 858 22.36 28.02 21.23
N THR A 859 22.43 28.16 22.54
CA THR A 859 23.24 29.20 23.15
C THR A 859 24.04 28.65 24.32
N VAL A 860 25.08 29.40 24.67
CA VAL A 860 25.96 29.07 25.78
C VAL A 860 25.92 30.21 26.78
N LEU A 861 25.57 29.91 27.99
CA LEU A 861 25.49 30.90 29.05
C LEU A 861 26.81 31.01 29.80
N PRO A 862 27.19 32.21 30.21
CA PRO A 862 28.46 32.39 30.89
C PRO A 862 28.34 31.98 32.35
N PRO A 863 29.44 31.54 32.97
CA PRO A 863 29.41 31.22 34.40
C PRO A 863 29.35 32.47 35.25
N LEU A 864 28.79 32.31 36.45
CA LEU A 864 28.56 33.45 37.32
C LEU A 864 29.85 34.01 37.86
N LEU A 865 30.77 33.15 38.28
CA LEU A 865 32.10 33.56 38.69
C LEU A 865 33.03 33.58 37.49
N THR A 866 33.70 34.70 37.27
CA THR A 866 34.69 34.80 36.22
C THR A 866 35.94 34.01 36.62
N ASP A 867 36.92 33.94 35.73
CA ASP A 867 38.16 33.28 36.10
C ASP A 867 39.00 34.12 37.04
N GLU A 868 38.85 35.44 36.96
CA GLU A 868 39.52 36.34 37.86
C GLU A 868 39.06 36.15 39.30
N MET A 869 37.76 35.99 39.48
CA MET A 869 37.21 35.76 40.81
C MET A 869 37.68 34.44 41.40
N ILE A 870 37.78 33.39 40.60
CA ILE A 870 38.22 32.12 41.13
C ILE A 870 39.72 32.15 41.44
N ALA A 871 40.52 32.86 40.66
CA ALA A 871 41.91 33.01 41.03
C ALA A 871 42.08 33.83 42.30
N GLN A 872 41.24 34.83 42.50
CA GLN A 872 41.18 35.52 43.78
C GLN A 872 40.85 34.61 44.96
N TYR A 873 39.89 33.71 44.79
CA TYR A 873 39.55 32.76 45.85
C TYR A 873 40.71 31.84 46.19
N THR A 874 41.40 31.31 45.18
CA THR A 874 42.52 30.43 45.50
C THR A 874 43.69 31.18 46.11
N SER A 875 43.92 32.43 45.74
CA SER A 875 44.99 33.15 46.40
C SER A 875 44.63 33.51 47.85
N ALA A 876 43.36 33.74 48.15
CA ALA A 876 42.99 33.89 49.56
C ALA A 876 43.15 32.61 50.36
N LEU A 877 42.81 31.44 49.80
CA LEU A 877 43.06 30.20 50.51
C LEU A 877 44.56 29.98 50.74
N LEU A 878 45.36 30.25 49.72
CA LEU A 878 46.78 30.02 49.80
C LEU A 878 47.49 30.98 50.72
N ALA A 879 47.03 32.22 50.84
CA ALA A 879 47.62 33.13 51.80
C ALA A 879 47.17 32.86 53.22
N GLY A 880 45.97 32.30 53.40
CA GLY A 880 45.51 31.86 54.69
C GLY A 880 46.32 30.70 55.22
N THR A 881 46.66 29.73 54.36
CA THR A 881 47.39 28.58 54.87
C THR A 881 48.89 28.85 55.04
N ILE A 882 49.51 29.67 54.21
CA ILE A 882 50.93 29.96 54.38
C ILE A 882 51.18 30.72 55.67
N THR A 883 50.15 31.32 56.23
CA THR A 883 50.35 32.38 57.20
C THR A 883 49.68 32.08 58.53
N SER A 884 48.64 31.25 58.54
CA SER A 884 47.92 30.94 59.75
C SER A 884 47.79 29.45 60.02
N GLY A 885 48.35 28.60 59.17
CA GLY A 885 48.08 27.19 59.27
C GLY A 885 46.61 26.87 59.08
N TRP A 886 46.11 25.97 59.91
CA TRP A 886 44.74 25.49 59.84
C TRP A 886 43.79 26.26 60.74
N THR A 887 44.22 27.39 61.28
CA THR A 887 43.36 28.12 62.22
C THR A 887 42.27 28.90 61.53
N PHE A 888 42.47 29.31 60.28
CA PHE A 888 41.49 30.15 59.63
C PHE A 888 40.28 29.35 59.15
N GLY A 889 40.42 28.04 59.04
CA GLY A 889 39.29 27.22 58.68
C GLY A 889 38.44 26.80 59.86
N ALA A 890 38.78 27.28 61.05
CA ALA A 890 38.00 27.01 62.24
C ALA A 890 37.52 28.26 62.95
N GLY A 891 37.91 29.43 62.48
CA GLY A 891 37.59 30.68 63.18
C GLY A 891 38.39 31.80 62.59
N ALA A 892 38.79 32.73 63.46
CA ALA A 892 39.68 33.79 63.05
C ALA A 892 41.08 33.26 62.79
N ALA A 893 41.73 33.81 61.77
CA ALA A 893 43.09 33.43 61.43
C ALA A 893 44.07 33.93 62.48
N LEU A 894 44.88 33.03 63.01
CA LEU A 894 45.94 33.38 63.95
C LEU A 894 47.29 33.08 63.33
N GLN A 895 48.13 34.09 63.22
CA GLN A 895 49.42 33.91 62.59
C GLN A 895 50.36 33.10 63.47
N ILE A 896 51.28 32.41 62.81
CA ILE A 896 52.31 31.58 63.43
C ILE A 896 53.47 31.57 62.45
N PRO A 897 54.72 31.57 62.88
CA PRO A 897 55.83 31.48 61.93
C PRO A 897 55.80 30.16 61.18
N PHE A 898 56.27 30.17 59.93
CA PHE A 898 56.03 29.04 59.05
C PHE A 898 56.75 27.77 59.50
N ALA A 899 57.95 27.89 60.06
CA ALA A 899 58.66 26.69 60.49
C ALA A 899 58.04 26.08 61.74
N MET A 900 57.42 26.88 62.58
CA MET A 900 56.72 26.32 63.72
C MET A 900 55.45 25.60 63.30
N GLN A 901 54.81 26.09 62.25
CA GLN A 901 53.69 25.38 61.66
C GLN A 901 54.14 24.05 61.06
N MET A 902 55.25 24.06 60.35
CA MET A 902 55.84 22.83 59.83
C MET A 902 56.18 21.84 60.94
N ALA A 903 56.65 22.32 62.09
CA ALA A 903 56.90 21.44 63.22
C ALA A 903 55.62 20.84 63.81
N TYR A 904 54.56 21.61 63.91
CA TYR A 904 53.27 21.04 64.29
C TYR A 904 52.80 19.95 63.33
N ARG A 905 52.96 20.16 62.03
CA ARG A 905 52.58 19.14 61.08
C ARG A 905 53.45 17.90 61.19
N PHE A 906 54.73 18.04 61.49
CA PHE A 906 55.56 16.87 61.76
C PHE A 906 55.09 16.13 62.99
N ASN A 907 54.70 16.85 64.03
CA ASN A 907 54.06 16.19 65.17
C ASN A 907 52.84 15.41 64.78
N GLY A 908 52.07 15.92 63.83
CA GLY A 908 50.84 15.25 63.44
C GLY A 908 51.03 13.93 62.74
N ILE A 909 52.22 13.69 62.18
CA ILE A 909 52.53 12.40 61.59
C ILE A 909 53.41 11.54 62.49
N GLY A 910 53.62 11.94 63.73
CA GLY A 910 54.39 11.14 64.67
C GLY A 910 55.89 11.26 64.61
N VAL A 911 56.42 12.38 64.14
CA VAL A 911 57.85 12.68 64.25
C VAL A 911 58.00 13.81 65.25
N THR A 912 59.13 13.86 65.93
CA THR A 912 59.31 14.92 66.91
C THR A 912 59.78 16.20 66.23
N GLN A 913 59.72 17.30 66.98
CA GLN A 913 59.91 18.63 66.42
C GLN A 913 61.38 18.95 66.17
N ASN A 914 62.26 18.47 67.02
CA ASN A 914 63.68 18.63 66.80
C ASN A 914 64.12 18.05 65.46
N VAL A 915 63.42 17.06 64.92
CA VAL A 915 63.78 16.52 63.61
C VAL A 915 63.50 17.52 62.50
N LEU A 916 62.50 18.39 62.66
CA LEU A 916 62.34 19.48 61.71
C LEU A 916 63.35 20.59 61.96
N TYR A 917 63.54 20.97 63.22
CA TYR A 917 64.36 22.15 63.45
C TYR A 917 65.82 21.90 63.17
N GLU A 918 66.27 20.66 63.24
CA GLU A 918 67.67 20.36 62.94
C GLU A 918 67.90 20.06 61.48
N ASN A 919 66.85 19.94 60.69
CA ASN A 919 66.94 19.62 59.28
C ASN A 919 66.20 20.66 58.45
N GLN A 920 66.03 21.85 59.01
CA GLN A 920 65.26 22.89 58.34
C GLN A 920 65.76 23.20 56.93
N LYS A 921 67.05 23.46 56.76
CA LYS A 921 67.51 23.86 55.44
C LYS A 921 67.40 22.72 54.44
N LEU A 922 67.61 21.48 54.87
CA LEU A 922 67.46 20.36 53.95
C LEU A 922 66.02 20.14 53.56
N ILE A 923 65.09 20.27 54.50
CA ILE A 923 63.68 20.09 54.21
C ILE A 923 63.17 21.20 53.30
N ALA A 924 63.67 22.42 53.50
CA ALA A 924 63.30 23.52 52.63
C ALA A 924 63.89 23.39 51.23
N ASN A 925 65.12 22.92 51.11
CA ASN A 925 65.69 22.68 49.78
C ASN A 925 64.96 21.58 49.05
N GLN A 926 64.62 20.48 49.72
CA GLN A 926 63.84 19.44 49.09
C GLN A 926 62.48 19.94 48.63
N PHE A 927 61.80 20.74 49.45
CA PHE A 927 60.52 21.28 49.03
C PHE A 927 60.66 22.19 47.82
N ASN A 928 61.66 23.09 47.81
CA ASN A 928 61.83 24.00 46.68
C ASN A 928 62.16 23.26 45.40
N SER A 929 63.04 22.27 45.49
CA SER A 929 63.42 21.49 44.34
C SER A 929 62.28 20.61 43.83
N ALA A 930 61.34 20.23 44.68
CA ALA A 930 60.20 19.44 44.24
C ALA A 930 59.07 20.29 43.69
N ILE A 931 58.93 21.54 44.13
CA ILE A 931 58.02 22.45 43.46
C ILE A 931 58.56 22.84 42.10
N GLY A 932 59.88 22.89 41.96
CA GLY A 932 60.47 23.18 40.66
C GLY A 932 60.24 22.11 39.61
N LYS A 933 59.89 20.90 40.01
CA LYS A 933 59.68 19.84 39.03
C LYS A 933 58.25 19.74 38.54
N ILE A 934 57.28 20.11 39.37
CA ILE A 934 55.91 20.26 38.87
C ILE A 934 55.90 21.18 37.67
N GLN A 935 56.64 22.28 37.76
CA GLN A 935 56.63 23.29 36.72
C GLN A 935 57.22 22.75 35.41
N ASP A 936 58.26 21.92 35.50
CA ASP A 936 58.79 21.28 34.30
C ASP A 936 57.83 20.26 33.73
N SER A 937 57.39 19.33 34.56
CA SER A 937 56.51 18.27 34.07
C SER A 937 55.22 18.82 33.46
N LEU A 938 54.73 19.96 33.92
CA LEU A 938 53.58 20.54 33.23
C LEU A 938 53.98 21.36 32.03
N SER A 939 55.03 22.18 32.15
CA SER A 939 55.49 23.00 31.03
C SER A 939 55.93 22.18 29.84
N SER A 940 56.25 20.90 30.02
CA SER A 940 56.75 20.08 28.93
C SER A 940 55.63 19.34 28.21
N ALA A 944 48.63 15.81 30.41
CA ALA A 944 48.49 15.53 31.83
C ALA A 944 47.13 16.00 32.36
N LEU A 945 46.56 17.01 31.72
CA LEU A 945 45.21 17.45 32.04
C LEU A 945 44.18 16.74 31.18
N GLY A 946 44.29 15.43 31.07
CA GLY A 946 43.35 14.67 30.27
C GLY A 946 41.96 14.59 30.86
N LYS A 947 41.83 14.59 32.19
CA LYS A 947 40.51 14.54 32.80
C LYS A 947 39.73 15.82 32.55
N LEU A 948 40.41 16.95 32.42
CA LEU A 948 39.71 18.17 32.06
C LEU A 948 39.43 18.27 30.58
N GLN A 949 40.33 17.74 29.76
CA GLN A 949 40.13 17.74 28.32
C GLN A 949 38.98 16.84 27.91
N ASP A 950 38.76 15.73 28.62
CA ASP A 950 37.73 14.80 28.23
C ASP A 950 36.33 15.36 28.42
N VAL A 951 36.09 16.15 29.47
CA VAL A 951 34.74 16.67 29.64
C VAL A 951 34.46 17.76 28.62
N VAL A 952 35.47 18.52 28.20
CA VAL A 952 35.28 19.45 27.10
C VAL A 952 34.95 18.72 25.80
N ASN A 953 35.75 17.70 25.48
CA ASN A 953 35.54 16.93 24.27
C ASN A 953 34.17 16.29 24.22
N GLN A 954 33.71 15.68 25.31
CA GLN A 954 32.41 15.00 25.31
C GLN A 954 31.28 15.98 25.01
N ASN A 955 31.30 17.14 25.65
CA ASN A 955 30.26 18.13 25.42
C ASN A 955 30.25 18.64 23.99
N ALA A 956 31.43 18.93 23.42
CA ALA A 956 31.48 19.35 22.02
C ALA A 956 31.04 18.26 21.06
N GLN A 957 31.45 17.02 21.28
CA GLN A 957 31.01 15.91 20.45
C GLN A 957 29.51 15.70 20.51
N ALA A 958 28.88 16.02 21.64
CA ALA A 958 27.42 15.89 21.69
C ALA A 958 26.72 17.06 21.01
N LEU A 959 27.23 18.27 21.21
CA LEU A 959 26.62 19.41 20.55
C LEU A 959 26.75 19.33 19.03
N ASN A 960 27.82 18.72 18.52
CA ASN A 960 27.94 18.59 17.08
C ASN A 960 26.98 17.54 16.53
N THR A 961 26.84 16.43 17.23
CA THR A 961 25.85 15.43 16.84
C THR A 961 24.44 15.98 16.86
N LEU A 962 24.14 16.93 17.75
CA LEU A 962 22.80 17.52 17.74
C LEU A 962 22.55 18.32 16.47
N VAL A 963 23.53 19.11 16.03
CA VAL A 963 23.33 19.93 14.84
C VAL A 963 23.37 19.09 13.58
N LYS A 964 24.22 18.06 13.54
CA LYS A 964 24.31 17.21 12.36
C LYS A 964 23.05 16.40 12.13
N GLN A 965 22.10 16.41 13.05
CA GLN A 965 20.84 15.72 12.85
C GLN A 965 19.81 16.58 12.15
N LEU A 966 20.08 17.85 11.98
CA LEU A 966 19.17 18.76 11.27
C LEU A 966 19.25 18.55 9.77
N SER A 967 19.98 17.53 9.35
CA SER A 967 20.12 17.25 7.94
C SER A 967 19.87 15.78 7.65
N SER A 968 18.93 15.17 8.35
CA SER A 968 18.47 13.83 8.06
C SER A 968 16.99 13.89 7.73
N ASN A 969 16.54 12.97 6.89
CA ASN A 969 15.17 12.96 6.43
C ASN A 969 14.24 12.28 7.42
N PHE A 970 14.71 11.23 8.08
CA PHE A 970 13.88 10.35 8.89
C PHE A 970 12.72 9.76 8.09
N GLY A 971 12.88 9.62 6.78
CA GLY A 971 11.81 9.12 5.95
C GLY A 971 10.91 10.20 5.42
N ALA A 972 11.49 11.21 4.80
CA ALA A 972 10.74 12.28 4.18
C ALA A 972 11.40 12.58 2.85
N ILE A 973 10.82 13.52 2.10
CA ILE A 973 11.36 13.81 0.78
C ILE A 973 12.60 14.68 0.84
N SER A 974 12.73 15.54 1.84
CA SER A 974 13.96 16.29 2.03
C SER A 974 14.15 16.57 3.51
N SER A 975 15.14 17.39 3.81
CA SER A 975 15.44 17.83 5.17
C SER A 975 15.11 19.30 5.38
N VAL A 976 14.55 19.96 4.37
CA VAL A 976 14.31 21.39 4.41
C VAL A 976 12.80 21.61 4.41
N LEU A 977 12.33 22.48 5.29
CA LEU A 977 10.91 22.79 5.30
C LEU A 977 10.51 23.68 4.15
N ASN A 978 11.43 24.47 3.62
CA ASN A 978 11.15 25.27 2.43
C ASN A 978 11.14 24.43 1.16
N ASP A 979 11.44 23.14 1.25
CA ASP A 979 11.30 22.24 0.12
C ASP A 979 10.08 21.36 0.21
N ILE A 980 9.57 21.10 1.41
CA ILE A 980 8.28 20.43 1.51
C ILE A 980 7.15 21.43 1.39
N LEU A 981 7.39 22.70 1.74
CA LEU A 981 6.40 23.74 1.54
C LEU A 981 6.47 24.37 0.16
N SER A 982 7.19 23.76 -0.78
CA SER A 982 7.27 24.28 -2.13
C SER A 982 6.91 23.27 -3.21
N ARG A 983 6.98 21.97 -2.93
CA ARG A 983 6.54 20.99 -3.91
C ARG A 983 5.55 20.02 -3.29
N LEU A 984 4.66 20.54 -2.46
CA LEU A 984 3.58 19.74 -1.89
C LEU A 984 2.48 20.68 -1.45
N ASP A 985 1.24 20.25 -1.66
CA ASP A 985 0.10 21.01 -1.17
C ASP A 985 -0.09 20.75 0.31
N PRO A 986 -0.72 21.67 1.02
CA PRO A 986 -0.80 21.59 2.49
C PRO A 986 -1.29 20.25 2.99
N PRO A 987 -2.25 19.59 2.34
CA PRO A 987 -2.67 18.27 2.86
C PRO A 987 -1.59 17.21 2.75
N GLU A 988 -0.65 17.36 1.82
CA GLU A 988 0.41 16.38 1.67
C GLU A 988 1.68 16.76 2.42
N ALA A 989 1.84 18.03 2.75
CA ALA A 989 3.04 18.45 3.47
C ALA A 989 2.92 18.22 4.97
N GLU A 990 1.71 18.08 5.49
CA GLU A 990 1.55 17.72 6.90
C GLU A 990 2.20 16.37 7.19
N VAL A 991 1.99 15.39 6.32
CA VAL A 991 2.47 14.05 6.56
C VAL A 991 3.99 14.01 6.50
N GLN A 992 4.58 14.90 5.69
CA GLN A 992 6.02 14.92 5.56
C GLN A 992 6.67 15.78 6.64
N ILE A 993 5.96 16.78 7.15
CA ILE A 993 6.49 17.60 8.23
C ILE A 993 6.45 16.83 9.53
N ASP A 994 5.42 16.03 9.75
CA ASP A 994 5.37 15.23 10.96
C ASP A 994 6.51 14.22 11.07
N ARG A 995 6.96 13.67 9.94
CA ARG A 995 8.08 12.73 9.99
C ARG A 995 9.37 13.42 10.43
N LEU A 996 9.54 14.68 10.08
CA LEU A 996 10.68 15.45 10.56
C LEU A 996 10.53 15.85 12.02
N ILE A 997 9.32 16.26 12.42
CA ILE A 997 9.08 16.65 13.79
C ILE A 997 9.40 15.51 14.74
N THR A 998 8.92 14.30 14.41
CA THR A 998 9.16 13.17 15.29
C THR A 998 10.64 12.87 15.46
N GLY A 999 11.40 12.86 14.37
CA GLY A 999 12.81 12.62 14.42
C GLY A 999 13.57 13.66 15.20
N ARG A 1000 13.31 14.94 14.94
CA ARG A 1000 14.00 16.00 15.65
C ARG A 1000 13.66 16.04 17.13
N LEU A 1001 12.42 15.73 17.50
CA LEU A 1001 12.08 15.62 18.91
C LEU A 1001 12.85 14.49 19.58
N GLN A 1002 12.89 13.33 18.92
CA GLN A 1002 13.68 12.24 19.45
C GLN A 1002 15.12 12.62 19.68
N SER A 1003 15.73 13.31 18.73
CA SER A 1003 17.13 13.65 18.85
C SER A 1003 17.39 14.66 19.95
N LEU A 1004 16.54 15.67 20.07
CA LEU A 1004 16.66 16.63 21.15
C LEU A 1004 16.48 15.98 22.52
N GLN A 1005 15.56 15.04 22.64
CA GLN A 1005 15.36 14.42 23.94
C GLN A 1005 16.47 13.45 24.30
N THR A 1006 17.08 12.81 23.31
CA THR A 1006 18.28 12.02 23.59
C THR A 1006 19.43 12.90 24.09
N TYR A 1007 19.64 14.04 23.43
CA TYR A 1007 20.60 15.01 23.94
C TYR A 1007 20.33 15.39 25.38
N VAL A 1008 19.07 15.61 25.74
CA VAL A 1008 18.80 16.09 27.09
C VAL A 1008 18.94 14.99 28.13
N THR A 1009 18.69 13.73 27.77
CA THR A 1009 18.93 12.65 28.73
C THR A 1009 20.42 12.45 28.99
N GLN A 1010 21.23 12.43 27.95
CA GLN A 1010 22.65 12.17 28.16
C GLN A 1010 23.36 13.30 28.92
N GLN A 1011 22.85 14.52 28.85
CA GLN A 1011 23.35 15.61 29.66
C GLN A 1011 23.01 15.47 31.14
N LEU A 1012 21.81 14.98 31.47
CA LEU A 1012 21.50 14.69 32.85
C LEU A 1012 22.43 13.63 33.42
N ILE A 1013 22.72 12.61 32.61
CA ILE A 1013 23.58 11.54 33.11
C ILE A 1013 25.03 12.00 33.22
N ARG A 1014 25.47 12.92 32.38
CA ARG A 1014 26.83 13.44 32.48
C ARG A 1014 26.97 14.49 33.59
N ALA A 1015 25.94 15.27 33.84
CA ALA A 1015 25.95 16.21 34.94
C ALA A 1015 25.93 15.53 36.30
N ALA A 1016 25.21 14.40 36.44
CA ALA A 1016 25.26 13.68 37.71
C ALA A 1016 26.64 13.14 38.03
N GLU A 1017 27.49 12.98 37.04
CA GLU A 1017 28.85 12.52 37.26
C GLU A 1017 29.79 13.68 37.56
N ILE A 1018 29.62 14.80 36.89
CA ILE A 1018 30.39 16.00 37.25
C ILE A 1018 30.06 16.46 38.66
N ARG A 1019 28.84 16.20 39.12
CA ARG A 1019 28.42 16.65 40.44
C ARG A 1019 29.16 15.90 41.53
N ALA A 1020 29.38 14.60 41.35
CA ALA A 1020 30.10 13.81 42.32
C ALA A 1020 31.59 14.16 42.38
N SER A 1021 32.19 14.48 41.26
CA SER A 1021 33.55 14.96 41.22
C SER A 1021 33.71 16.28 41.95
N ALA A 1022 32.81 17.23 41.72
CA ALA A 1022 32.85 18.48 42.47
C ALA A 1022 32.57 18.30 43.95
N ASN A 1023 31.76 17.31 44.32
CA ASN A 1023 31.55 17.02 45.73
C ASN A 1023 32.78 16.44 46.40
N LEU A 1024 33.56 15.64 45.66
CA LEU A 1024 34.84 15.18 46.16
C LEU A 1024 35.88 16.29 46.24
N ALA A 1025 35.92 17.19 45.26
CA ALA A 1025 36.80 18.34 45.32
C ALA A 1025 36.50 19.26 46.49
N ALA A 1026 35.23 19.44 46.82
CA ALA A 1026 34.87 20.25 47.96
C ALA A 1026 35.29 19.62 49.29
N THR A 1027 35.30 18.30 49.39
CA THR A 1027 35.77 17.60 50.57
C THR A 1027 37.28 17.62 50.68
N LYS A 1028 38.00 17.49 49.57
CA LYS A 1028 39.44 17.63 49.60
C LYS A 1028 39.88 19.05 49.93
N MET A 1029 39.17 20.06 49.48
CA MET A 1029 39.53 21.41 49.89
C MET A 1029 39.37 21.61 51.39
N SER A 1030 38.37 20.99 52.00
CA SER A 1030 38.17 21.09 53.45
C SER A 1030 39.20 20.30 54.22
N GLU A 1031 39.50 19.09 53.77
CA GLU A 1031 40.24 18.16 54.57
C GLU A 1031 41.73 18.11 54.26
N CYS A 1032 42.17 18.59 53.10
CA CYS A 1032 43.58 18.62 52.78
C CYS A 1032 44.16 20.02 52.75
N VAL A 1033 43.36 21.04 52.46
CA VAL A 1033 43.85 22.40 52.39
C VAL A 1033 43.61 23.16 53.68
N LEU A 1034 42.46 23.01 54.33
CA LEU A 1034 42.22 23.65 55.61
C LEU A 1034 42.48 22.73 56.79
N GLY A 1035 43.09 21.58 56.57
CA GLY A 1035 43.46 20.72 57.66
C GLY A 1035 44.66 19.86 57.34
N GLN A 1036 45.00 18.95 58.24
CA GLN A 1036 45.91 17.86 58.00
C GLN A 1036 45.13 16.55 58.10
N SER A 1037 45.13 15.76 57.05
CA SER A 1037 44.36 14.54 57.06
C SER A 1037 45.18 13.35 57.54
N LYS A 1038 44.52 12.44 58.26
CA LYS A 1038 45.09 11.17 58.65
C LYS A 1038 44.62 10.02 57.79
N ARG A 1039 43.56 10.19 57.01
CA ARG A 1039 43.11 9.17 56.08
C ARG A 1039 44.22 8.79 55.13
N VAL A 1040 44.40 7.50 54.89
CA VAL A 1040 45.50 7.02 54.06
C VAL A 1040 45.16 7.21 52.60
N ASP A 1041 46.08 7.81 51.85
CA ASP A 1041 45.97 8.02 50.42
C ASP A 1041 44.76 8.86 50.02
N PHE A 1042 44.44 9.85 50.84
CA PHE A 1042 43.37 10.77 50.50
C PHE A 1042 43.90 12.12 50.03
N CYS A 1043 45.07 12.50 50.50
CA CYS A 1043 45.71 13.75 50.15
C CYS A 1043 47.14 13.46 49.72
N GLY A 1044 47.28 12.54 48.78
CA GLY A 1044 48.58 12.14 48.26
C GLY A 1044 48.98 10.77 48.72
N LYS A 1045 50.21 10.41 48.41
CA LYS A 1045 50.78 9.12 48.79
C LYS A 1045 52.02 9.35 49.62
N GLY A 1046 52.00 8.90 50.85
CA GLY A 1046 52.94 9.23 51.89
C GLY A 1046 52.16 9.65 53.10
N TYR A 1047 52.79 10.42 53.98
CA TYR A 1047 52.12 10.98 55.14
C TYR A 1047 51.80 12.44 54.86
N HIS A 1048 50.53 12.80 54.87
CA HIS A 1048 50.12 14.12 54.47
C HIS A 1048 50.72 15.18 55.38
N LEU A 1049 51.42 16.15 54.79
CA LEU A 1049 51.81 17.36 55.50
C LEU A 1049 50.86 18.50 55.17
N MET A 1050 50.73 18.90 53.91
CA MET A 1050 49.89 20.04 53.59
C MET A 1050 49.54 20.01 52.12
N SER A 1051 48.57 20.85 51.74
CA SER A 1051 48.06 20.87 50.37
C SER A 1051 47.86 22.30 49.93
N PHE A 1052 48.03 22.56 48.63
CA PHE A 1052 47.84 23.88 48.04
C PHE A 1052 46.90 23.80 46.83
N PRO A 1053 45.88 24.65 46.75
CA PRO A 1053 45.01 24.65 45.58
C PRO A 1053 45.46 25.58 44.46
N GLN A 1054 45.15 25.19 43.23
CA GLN A 1054 45.35 25.99 42.04
C GLN A 1054 44.13 25.84 41.14
N SER A 1055 43.70 26.94 40.55
CA SER A 1055 42.54 26.87 39.68
C SER A 1055 42.94 26.41 38.28
N ALA A 1056 42.02 25.71 37.63
CA ALA A 1056 42.20 25.22 36.27
C ALA A 1056 40.97 25.61 35.48
N PRO A 1057 40.99 25.45 34.15
CA PRO A 1057 39.83 25.85 33.33
C PRO A 1057 38.44 25.47 33.83
N HIS A 1058 38.15 24.20 34.07
CA HIS A 1058 36.85 23.85 34.65
C HIS A 1058 37.04 22.97 35.86
N GLY A 1059 38.09 23.19 36.61
CA GLY A 1059 38.37 22.36 37.74
C GLY A 1059 39.45 22.92 38.61
N VAL A 1060 40.04 22.03 39.40
CA VAL A 1060 40.99 22.44 40.42
C VAL A 1060 42.11 21.41 40.45
N VAL A 1061 43.32 21.90 40.67
CA VAL A 1061 44.51 21.10 40.88
C VAL A 1061 44.92 21.24 42.34
N PHE A 1062 45.14 20.12 43.01
CA PHE A 1062 45.72 20.13 44.34
C PHE A 1062 47.18 19.71 44.24
N LEU A 1063 48.05 20.45 44.90
CA LEU A 1063 49.45 20.10 45.07
C LEU A 1063 49.61 19.58 46.49
N HIS A 1064 49.86 18.28 46.62
CA HIS A 1064 49.95 17.61 47.91
C HIS A 1064 51.42 17.49 48.30
N VAL A 1065 51.75 17.93 49.50
CA VAL A 1065 53.08 17.82 50.08
C VAL A 1065 53.03 16.76 51.16
N THR A 1066 53.79 15.70 50.98
CA THR A 1066 53.84 14.58 51.91
C THR A 1066 55.27 14.25 52.29
N TYR A 1067 55.37 13.56 53.41
CA TYR A 1067 56.61 13.03 53.98
C TYR A 1067 56.75 11.58 53.59
N VAL A 1068 57.92 11.17 53.12
CA VAL A 1068 58.17 9.79 52.75
C VAL A 1068 59.44 9.33 53.45
N PRO A 1069 59.41 8.27 54.24
CA PRO A 1069 60.63 7.80 54.90
C PRO A 1069 61.56 7.08 53.93
N ALA A 1070 62.86 7.12 54.24
CA ALA A 1070 63.87 6.63 53.32
C ALA A 1070 65.04 6.05 54.08
N GLN A 1071 65.81 5.22 53.38
CA GLN A 1071 67.08 4.69 53.81
C GLN A 1071 67.02 3.90 55.10
N GLU A 1072 66.32 2.78 55.09
CA GLU A 1072 66.06 2.00 56.29
C GLU A 1072 67.23 1.08 56.64
N LYS A 1073 67.37 0.79 57.93
CA LYS A 1073 68.29 -0.22 58.42
C LYS A 1073 67.51 -1.24 59.20
N ASN A 1074 68.00 -2.47 59.29
CA ASN A 1074 67.45 -3.40 60.27
C ASN A 1074 68.25 -3.39 61.57
N PHE A 1075 67.53 -3.62 62.65
CA PHE A 1075 68.01 -3.85 64.00
C PHE A 1075 67.29 -5.08 64.51
N THR A 1076 67.55 -5.47 65.75
CA THR A 1076 66.75 -6.52 66.38
C THR A 1076 65.95 -5.89 67.51
N THR A 1077 64.75 -6.44 67.75
CA THR A 1077 63.81 -5.86 68.69
C THR A 1077 63.43 -6.85 69.78
N ALA A 1078 62.82 -6.29 70.81
CA ALA A 1078 62.17 -7.02 71.87
C ALA A 1078 60.93 -6.27 72.27
N PRO A 1079 59.93 -6.93 72.78
CA PRO A 1079 58.72 -6.23 73.22
C PRO A 1079 58.85 -5.49 74.54
N ALA A 1080 59.72 -5.97 75.42
CA ALA A 1080 59.85 -5.44 76.77
C ALA A 1080 61.26 -5.73 77.24
N ILE A 1081 61.63 -5.09 78.35
CA ILE A 1081 62.94 -5.30 78.96
C ILE A 1081 62.71 -5.78 80.38
N CYS A 1082 63.42 -6.83 80.79
CA CYS A 1082 63.31 -7.30 82.16
C CYS A 1082 64.45 -6.72 82.99
N HIS A 1083 64.10 -6.21 84.17
CA HIS A 1083 65.08 -5.60 85.05
C HIS A 1083 64.51 -5.60 86.46
N ASP A 1084 65.28 -6.11 87.41
CA ASP A 1084 64.87 -6.21 88.81
C ASP A 1084 63.59 -7.02 88.95
N GLY A 1085 63.37 -7.96 88.06
CA GLY A 1085 62.17 -8.75 88.12
C GLY A 1085 60.94 -8.08 87.59
N LYS A 1086 61.07 -6.91 86.97
CA LYS A 1086 59.94 -6.20 86.39
C LYS A 1086 60.07 -6.14 84.88
N ALA A 1087 58.94 -5.90 84.22
CA ALA A 1087 58.87 -5.79 82.78
C ALA A 1087 58.59 -4.35 82.38
N HIS A 1088 59.42 -3.81 81.49
CA HIS A 1088 59.36 -2.41 81.09
C HIS A 1088 58.97 -2.32 79.62
N PHE A 1089 58.09 -1.41 79.31
CA PHE A 1089 57.61 -1.15 77.97
C PHE A 1089 57.89 0.29 77.60
N PRO A 1090 58.19 0.58 76.34
CA PRO A 1090 58.48 1.97 75.98
C PRO A 1090 57.24 2.85 75.98
N ARG A 1091 57.43 4.09 76.41
CA ARG A 1091 56.30 5.01 76.48
C ARG A 1091 55.81 5.40 75.11
N GLU A 1092 56.71 5.75 74.19
CA GLU A 1092 56.29 6.08 72.83
C GLU A 1092 57.26 5.61 71.75
N GLY A 1093 57.95 4.51 71.97
CA GLY A 1093 58.90 4.12 70.95
C GLY A 1093 59.00 2.65 70.68
N VAL A 1094 60.20 2.23 70.28
CA VAL A 1094 60.55 0.83 70.12
C VAL A 1094 61.93 0.62 70.74
N PHE A 1095 62.08 -0.53 71.38
CA PHE A 1095 63.38 -1.00 71.84
C PHE A 1095 64.14 -1.59 70.67
N VAL A 1096 65.37 -1.15 70.44
CA VAL A 1096 66.18 -1.69 69.35
C VAL A 1096 67.58 -2.00 69.86
N SER A 1097 68.31 -2.79 69.10
CA SER A 1097 69.65 -3.24 69.46
C SER A 1097 70.56 -3.07 68.25
N ASN A 1098 71.70 -2.40 68.43
CA ASN A 1098 72.63 -2.28 67.32
C ASN A 1098 73.56 -3.47 67.19
N GLY A 1099 73.34 -4.52 67.95
CA GLY A 1099 74.18 -5.69 67.94
C GLY A 1099 74.61 -6.05 69.34
N THR A 1100 74.93 -5.03 70.13
CA THR A 1100 75.40 -5.22 71.51
C THR A 1100 74.71 -4.33 72.53
N HIS A 1101 74.06 -3.23 72.14
CA HIS A 1101 73.47 -2.31 73.09
C HIS A 1101 72.00 -2.07 72.76
N TRP A 1102 71.24 -1.66 73.76
CA TRP A 1102 69.81 -1.51 73.67
C TRP A 1102 69.39 -0.06 73.88
N PHE A 1103 68.61 0.45 72.94
CA PHE A 1103 68.16 1.84 72.93
C PHE A 1103 66.66 1.89 72.73
N VAL A 1104 66.10 3.10 72.81
CA VAL A 1104 64.73 3.39 72.41
C VAL A 1104 64.77 4.39 71.26
N THR A 1105 64.04 4.12 70.19
CA THR A 1105 63.80 5.13 69.18
C THR A 1105 62.32 5.46 69.10
N GLN A 1106 62.05 6.54 68.39
CA GLN A 1106 60.72 6.75 67.83
C GLN A 1106 60.58 5.97 66.54
N ARG A 1107 59.35 5.61 66.20
CA ARG A 1107 59.16 4.53 65.26
C ARG A 1107 59.41 4.89 63.81
N ASN A 1108 59.34 6.17 63.44
CA ASN A 1108 59.48 6.57 62.06
C ASN A 1108 60.81 7.21 61.72
N PHE A 1109 61.66 7.49 62.70
CA PHE A 1109 62.93 8.15 62.42
C PHE A 1109 63.93 7.66 63.44
N TYR A 1110 65.10 7.24 62.98
CA TYR A 1110 66.06 6.60 63.85
C TYR A 1110 66.80 7.63 64.68
N GLU A 1111 66.66 7.53 65.99
CA GLU A 1111 67.26 8.48 66.93
C GLU A 1111 67.34 7.80 68.28
N PRO A 1112 68.41 7.03 68.52
CA PRO A 1112 68.44 6.16 69.69
C PRO A 1112 68.76 6.88 70.99
N GLN A 1113 68.16 6.38 72.08
CA GLN A 1113 68.29 6.98 73.40
C GLN A 1113 68.59 5.89 74.40
N ILE A 1114 69.18 6.26 75.50
CA ILE A 1114 69.41 5.31 76.60
C ILE A 1114 68.09 5.00 77.27
N ILE A 1115 67.86 3.72 77.55
CA ILE A 1115 66.64 3.30 78.23
C ILE A 1115 66.71 3.71 79.69
N THR A 1116 65.80 4.57 80.12
CA THR A 1116 65.73 5.04 81.49
C THR A 1116 64.31 4.85 81.99
N THR A 1117 64.08 5.22 83.25
CA THR A 1117 62.75 5.16 83.83
C THR A 1117 61.91 6.38 83.48
N ASP A 1118 62.39 7.21 82.55
CA ASP A 1118 61.64 8.37 82.07
C ASP A 1118 61.00 8.10 80.73
N ASN A 1119 61.50 7.14 79.97
CA ASN A 1119 60.93 6.81 78.68
C ASN A 1119 60.36 5.42 78.64
N THR A 1120 60.25 4.74 79.78
CA THR A 1120 59.61 3.44 79.88
C THR A 1120 58.62 3.46 81.03
N PHE A 1121 57.74 2.47 81.06
CA PHE A 1121 56.86 2.26 82.20
C PHE A 1121 56.84 0.78 82.55
N VAL A 1122 56.39 0.48 83.75
CA VAL A 1122 56.46 -0.87 84.31
C VAL A 1122 55.07 -1.45 84.45
N SER A 1123 54.92 -2.72 84.16
CA SER A 1123 53.72 -3.46 84.54
C SER A 1123 54.02 -4.94 84.59
N GLY A 1124 53.97 -5.51 85.78
CA GLY A 1124 54.07 -6.95 85.93
C GLY A 1124 55.49 -7.43 86.13
N ASN A 1125 55.61 -8.74 86.18
CA ASN A 1125 56.89 -9.41 86.31
C ASN A 1125 57.26 -10.05 84.99
N CYS A 1126 58.54 -10.36 84.83
CA CYS A 1126 59.01 -10.67 83.50
C CYS A 1126 59.01 -12.17 83.21
N ASP A 1127 57.86 -12.82 83.38
CA ASP A 1127 57.69 -14.21 82.95
C ASP A 1127 56.38 -14.49 82.24
N VAL A 1128 55.59 -13.48 81.90
CA VAL A 1128 54.38 -13.68 81.12
C VAL A 1128 54.52 -13.18 79.68
N VAL A 1129 55.28 -12.11 79.44
CA VAL A 1129 55.60 -11.66 78.09
C VAL A 1129 56.53 -12.67 77.44
N ILE A 1130 56.36 -12.91 76.14
CA ILE A 1130 57.24 -13.81 75.42
C ILE A 1130 58.11 -13.00 74.49
N GLY A 1131 59.42 -13.10 74.67
CA GLY A 1131 60.36 -12.28 73.98
C GLY A 1131 61.09 -11.25 74.81
N ILE A 1132 60.83 -11.18 76.12
CA ILE A 1132 61.55 -10.27 77.00
C ILE A 1132 63.06 -10.49 76.87
N VAL A 1133 63.83 -9.42 76.95
CA VAL A 1133 65.27 -9.54 77.05
C VAL A 1133 65.72 -8.92 78.37
N ASN A 1134 66.89 -9.35 78.81
CA ASN A 1134 67.52 -8.85 80.02
C ASN A 1134 68.41 -7.67 79.69
N ASN A 1135 68.21 -6.56 80.39
CA ASN A 1135 69.03 -5.38 80.20
C ASN A 1135 68.76 -4.45 81.36
N THR A 1136 69.63 -3.48 81.54
CA THR A 1136 69.55 -2.57 82.66
C THR A 1136 68.77 -1.32 82.28
N VAL A 1137 67.89 -0.90 83.17
CA VAL A 1137 67.11 0.32 83.01
C VAL A 1137 67.67 1.32 84.00
N TYR A 1138 68.10 2.46 83.50
CA TYR A 1138 68.89 3.40 84.27
C TYR A 1138 67.99 4.40 84.98
N ASP A 1139 68.20 4.56 86.25
CA ASP A 1139 67.51 5.52 87.08
C ASP A 1139 68.29 6.82 87.16
N PRO A 1140 67.69 7.95 86.80
CA PRO A 1140 68.46 9.20 86.80
C PRO A 1140 68.73 9.77 88.18
N LEU A 1141 67.80 9.65 89.12
CA LEU A 1141 67.99 10.16 90.47
C LEU A 1141 69.09 9.42 91.21
N GLN A 1142 69.04 8.09 91.20
CA GLN A 1142 69.92 7.23 91.99
C GLN A 1142 71.39 7.65 91.98
N PRO A 1143 72.04 7.85 90.83
CA PRO A 1143 73.40 8.39 90.87
C PRO A 1143 73.45 9.85 91.30
N GLU A 1144 72.70 10.69 90.59
CA GLU A 1144 72.84 12.14 90.72
C GLU A 1144 72.73 12.58 92.17
N LEU A 1145 71.67 12.15 92.84
CA LEU A 1145 71.51 12.39 94.26
C LEU A 1145 72.75 11.97 95.04
N ASP A 1146 73.30 10.81 94.70
CA ASP A 1146 74.44 10.26 95.42
C ASP A 1146 75.76 10.46 94.68
N ALA B 27 -24.42 -38.34 38.12
CA ALA B 27 -23.33 -38.07 39.04
C ALA B 27 -22.37 -37.05 38.45
N TYR B 28 -21.60 -36.43 39.34
CA TYR B 28 -20.53 -35.50 38.94
C TYR B 28 -19.30 -35.88 39.74
N THR B 29 -18.14 -35.58 39.19
CA THR B 29 -16.88 -35.94 39.84
C THR B 29 -15.91 -34.80 39.63
N ASN B 30 -14.76 -34.91 40.30
CA ASN B 30 -13.74 -33.89 40.33
C ASN B 30 -12.48 -34.41 39.67
N SER B 31 -12.09 -33.77 38.57
CA SER B 31 -10.77 -33.99 38.00
C SER B 31 -9.75 -33.47 39.00
N PHE B 32 -8.50 -33.89 38.91
CA PHE B 32 -7.56 -33.22 39.78
C PHE B 32 -6.57 -32.41 38.97
N THR B 33 -5.77 -33.10 38.16
CA THR B 33 -4.86 -32.45 37.22
C THR B 33 -4.89 -33.34 35.98
N ARG B 34 -5.82 -33.03 35.08
CA ARG B 34 -6.13 -33.91 33.97
C ARG B 34 -6.46 -33.07 32.75
N GLY B 35 -6.09 -33.58 31.57
CA GLY B 35 -6.43 -32.89 30.35
C GLY B 35 -5.39 -31.88 29.93
N VAL B 36 -4.12 -32.24 30.06
CA VAL B 36 -3.01 -31.43 29.59
C VAL B 36 -2.46 -32.07 28.33
N TYR B 37 -2.37 -31.28 27.26
CA TYR B 37 -1.86 -31.76 26.00
C TYR B 37 -0.72 -30.86 25.53
N TYR B 38 0.15 -31.43 24.71
CA TYR B 38 1.22 -30.66 24.11
C TYR B 38 0.63 -29.69 23.10
N PRO B 39 0.75 -28.39 23.38
CA PRO B 39 0.18 -27.35 22.54
C PRO B 39 0.64 -27.36 21.08
N ASP B 40 1.67 -28.13 20.78
CA ASP B 40 2.18 -28.20 19.42
C ASP B 40 3.50 -28.94 19.33
N LYS B 41 4.05 -28.99 18.12
CA LYS B 41 5.32 -29.68 17.90
C LYS B 41 6.42 -28.91 18.61
N VAL B 42 7.63 -28.93 18.06
CA VAL B 42 8.73 -28.21 18.67
C VAL B 42 9.17 -28.90 19.96
N PHE B 43 10.34 -29.53 19.93
CA PHE B 43 10.85 -30.21 21.11
C PHE B 43 10.98 -29.20 22.24
N ARG B 44 11.54 -29.64 23.36
CA ARG B 44 11.72 -28.76 24.51
C ARG B 44 12.14 -29.55 25.75
N SER B 45 12.96 -28.92 26.59
CA SER B 45 13.43 -29.56 27.81
C SER B 45 13.07 -28.72 29.03
N SER B 46 13.76 -28.96 30.13
CA SER B 46 13.52 -28.23 31.37
C SER B 46 13.31 -26.74 31.14
N VAL B 47 12.05 -26.34 30.98
CA VAL B 47 11.73 -24.94 30.75
C VAL B 47 10.29 -24.59 31.13
N LEU B 48 10.09 -24.15 32.37
CA LEU B 48 8.75 -23.76 32.82
C LEU B 48 8.19 -22.78 31.81
N HIS B 49 7.72 -23.32 30.69
CA HIS B 49 7.18 -22.55 29.59
C HIS B 49 5.73 -22.17 29.84
N SER B 50 5.36 -20.95 29.49
CA SER B 50 4.04 -20.42 29.78
C SER B 50 3.21 -20.33 28.50
N THR B 51 1.98 -20.84 28.54
CA THR B 51 1.11 -20.83 27.37
C THR B 51 -0.28 -20.30 27.68
N GLN B 52 -0.91 -19.76 26.65
CA GLN B 52 -2.33 -19.40 26.66
C GLN B 52 -3.02 -20.28 25.63
N ASP B 53 -4.06 -21.01 26.05
CA ASP B 53 -4.74 -21.92 25.13
C ASP B 53 -6.07 -22.34 25.74
N LEU B 54 -6.68 -23.36 25.16
CA LEU B 54 -7.93 -23.93 25.66
C LEU B 54 -7.60 -25.19 26.45
N PHE B 55 -7.82 -25.13 27.76
CA PHE B 55 -7.49 -26.23 28.65
C PHE B 55 -8.70 -26.58 29.49
N LEU B 56 -8.61 -27.72 30.16
CA LEU B 56 -9.58 -28.13 31.15
C LEU B 56 -9.08 -27.65 32.51
N PRO B 57 -9.75 -26.68 33.14
CA PRO B 57 -9.24 -26.12 34.40
C PRO B 57 -9.04 -27.18 35.47
N PHE B 58 -8.08 -26.97 36.35
CA PHE B 58 -7.81 -27.94 37.40
C PHE B 58 -8.97 -27.98 38.38
N PHE B 59 -9.21 -29.17 38.93
CA PHE B 59 -10.27 -29.37 39.91
C PHE B 59 -11.60 -28.89 39.35
N SER B 60 -12.08 -29.57 38.31
CA SER B 60 -13.27 -29.15 37.59
C SER B 60 -14.42 -30.11 37.90
N ASN B 61 -15.58 -29.76 37.37
CA ASN B 61 -16.83 -30.45 37.62
C ASN B 61 -17.18 -31.26 36.38
N VAL B 62 -16.78 -32.53 36.34
CA VAL B 62 -16.92 -33.35 35.14
C VAL B 62 -18.11 -34.27 35.34
N THR B 63 -19.00 -34.29 34.35
CA THR B 63 -20.16 -35.17 34.39
C THR B 63 -19.72 -36.63 34.48
N TRP B 64 -20.60 -37.46 35.00
CA TRP B 64 -20.34 -38.88 35.09
C TRP B 64 -21.47 -39.59 34.36
N PHE B 65 -21.12 -40.59 33.56
CA PHE B 65 -22.10 -41.39 32.84
C PHE B 65 -21.81 -42.85 33.09
N HIS B 66 -22.88 -43.63 33.22
CA HIS B 66 -22.80 -45.07 33.39
C HIS B 66 -23.46 -45.75 32.22
N ALA B 67 -23.19 -47.04 32.09
CA ALA B 67 -23.82 -47.88 31.09
C ALA B 67 -23.67 -49.33 31.52
N ASN B 81 -25.95 -43.45 24.85
CA ASN B 81 -26.08 -42.41 25.86
C ASN B 81 -26.27 -41.06 25.13
N PRO B 82 -26.64 -39.99 25.84
CA PRO B 82 -27.35 -38.88 25.20
C PRO B 82 -26.50 -37.95 24.35
N VAL B 83 -27.20 -37.06 23.64
CA VAL B 83 -26.61 -36.00 22.83
C VAL B 83 -26.10 -34.91 23.76
N LEU B 84 -24.81 -34.61 23.66
CA LEU B 84 -24.18 -33.60 24.49
C LEU B 84 -23.89 -32.35 23.68
N PRO B 85 -23.44 -31.26 24.28
CA PRO B 85 -22.93 -30.14 23.47
C PRO B 85 -21.43 -30.26 23.21
N PHE B 86 -20.89 -29.36 22.39
CA PHE B 86 -19.45 -29.27 22.16
C PHE B 86 -18.85 -27.95 22.64
N ASN B 87 -19.31 -26.86 22.02
CA ASN B 87 -19.23 -25.43 22.35
C ASN B 87 -17.80 -24.89 22.45
N ASP B 88 -16.84 -25.71 22.87
CA ASP B 88 -15.42 -25.42 22.76
C ASP B 88 -14.65 -26.64 23.20
N GLY B 89 -14.26 -27.51 22.29
CA GLY B 89 -13.47 -28.66 22.69
C GLY B 89 -14.08 -29.55 23.75
N VAL B 90 -13.45 -30.69 24.03
CA VAL B 90 -13.99 -31.68 24.96
C VAL B 90 -12.85 -32.53 25.48
N TYR B 91 -12.82 -32.72 26.79
CA TYR B 91 -12.07 -33.80 27.41
C TYR B 91 -12.99 -35.02 27.55
N PHE B 92 -12.39 -36.20 27.47
CA PHE B 92 -13.22 -37.40 27.45
C PHE B 92 -12.37 -38.58 27.91
N ALA B 93 -12.59 -39.08 29.11
CA ALA B 93 -11.91 -40.28 29.57
C ALA B 93 -12.88 -41.45 29.59
N SER B 94 -12.34 -42.64 29.81
CA SER B 94 -13.14 -43.86 29.79
C SER B 94 -12.31 -45.00 30.40
N THR B 95 -13.00 -45.97 30.99
CA THR B 95 -12.34 -47.04 31.73
C THR B 95 -13.01 -48.38 31.47
N GLU B 96 -12.21 -49.38 31.11
CA GLU B 96 -12.66 -50.77 31.00
C GLU B 96 -11.52 -51.70 30.59
N LYS B 97 -11.79 -53.01 30.58
CA LYS B 97 -10.91 -53.99 29.95
C LYS B 97 -11.45 -54.51 28.64
N SER B 98 -12.75 -54.82 28.57
CA SER B 98 -13.45 -54.99 27.31
C SER B 98 -13.52 -53.64 26.59
N ASN B 99 -14.17 -53.59 25.44
CA ASN B 99 -14.24 -52.33 24.69
C ASN B 99 -15.70 -52.00 24.41
N ILE B 100 -16.31 -51.25 25.32
CA ILE B 100 -17.71 -50.85 25.21
C ILE B 100 -17.77 -49.53 24.49
N ILE B 101 -16.79 -48.67 24.72
CA ILE B 101 -16.71 -47.38 24.05
C ILE B 101 -16.10 -47.60 22.67
N ARG B 102 -16.90 -47.36 21.64
CA ARG B 102 -16.54 -47.69 20.27
C ARG B 102 -16.69 -46.44 19.42
N GLY B 103 -16.13 -45.34 19.90
CA GLY B 103 -16.07 -44.13 19.11
C GLY B 103 -17.22 -43.20 19.37
N TRP B 104 -17.15 -42.06 18.72
CA TRP B 104 -18.04 -40.93 18.94
C TRP B 104 -18.65 -40.57 17.60
N ILE B 105 -19.63 -39.66 17.64
CA ILE B 105 -20.16 -39.09 16.41
C ILE B 105 -20.37 -37.62 16.68
N PHE B 106 -20.09 -36.79 15.68
CA PHE B 106 -20.02 -35.35 15.91
C PHE B 106 -20.97 -34.63 14.96
N GLY B 107 -21.04 -33.31 15.10
CA GLY B 107 -21.73 -32.51 14.11
C GLY B 107 -22.62 -31.44 14.69
N THR B 108 -23.53 -30.91 13.87
CA THR B 108 -24.49 -29.92 14.35
C THR B 108 -25.87 -30.55 14.51
N THR B 109 -26.32 -31.33 13.52
CA THR B 109 -27.66 -31.91 13.55
C THR B 109 -27.67 -33.42 13.67
N LEU B 110 -26.55 -34.10 13.42
CA LEU B 110 -26.45 -35.55 13.53
C LEU B 110 -27.46 -36.24 12.63
N ASP B 111 -27.65 -35.68 11.43
CA ASP B 111 -28.58 -36.25 10.46
C ASP B 111 -28.19 -35.76 9.07
N SER B 112 -29.10 -35.95 8.13
CA SER B 112 -28.94 -35.37 6.81
C SER B 112 -29.27 -33.88 6.84
N LYS B 113 -29.21 -33.25 5.67
CA LYS B 113 -29.43 -31.82 5.48
C LYS B 113 -28.23 -31.01 5.96
N THR B 114 -27.29 -31.63 6.68
CA THR B 114 -26.01 -30.99 6.99
C THR B 114 -25.01 -32.10 7.30
N GLN B 115 -23.73 -31.77 7.11
CA GLN B 115 -22.65 -32.75 7.17
C GLN B 115 -22.19 -32.99 8.60
N SER B 116 -21.61 -34.17 8.83
CA SER B 116 -21.14 -34.57 10.14
C SER B 116 -20.00 -35.57 10.00
N LEU B 117 -19.26 -35.74 11.10
CA LEU B 117 -18.17 -36.71 11.18
C LEU B 117 -18.67 -37.98 11.84
N LEU B 118 -17.97 -39.09 11.62
CA LEU B 118 -18.29 -40.35 12.26
C LEU B 118 -17.01 -41.14 12.48
N ILE B 119 -16.72 -41.47 13.72
CA ILE B 119 -15.51 -42.19 14.08
C ILE B 119 -15.89 -43.48 14.79
N VAL B 120 -15.54 -44.59 14.17
CA VAL B 120 -16.05 -45.88 14.61
C VAL B 120 -14.90 -46.85 14.78
N ASN B 121 -15.11 -47.93 15.53
CA ASN B 121 -14.16 -49.01 15.67
C ASN B 121 -14.90 -50.31 15.91
N ASN B 122 -15.03 -51.16 14.88
CA ASN B 122 -15.50 -52.52 15.12
C ASN B 122 -14.32 -53.33 15.67
N ALA B 123 -14.45 -54.64 15.78
CA ALA B 123 -13.36 -55.43 16.33
C ALA B 123 -12.17 -55.47 15.40
N THR B 124 -12.24 -54.75 14.28
CA THR B 124 -11.16 -54.74 13.30
C THR B 124 -10.18 -53.60 13.53
N ASN B 125 -10.66 -52.37 13.35
CA ASN B 125 -9.86 -51.16 13.50
C ASN B 125 -10.71 -49.94 13.17
N VAL B 126 -10.12 -48.77 13.42
CA VAL B 126 -10.77 -47.47 13.33
C VAL B 126 -11.31 -47.21 11.93
N VAL B 127 -12.44 -46.51 11.85
CA VAL B 127 -13.02 -46.11 10.57
C VAL B 127 -13.48 -44.66 10.67
N ILE B 128 -12.62 -43.71 10.30
CA ILE B 128 -13.09 -42.33 10.23
C ILE B 128 -13.90 -42.19 8.94
N LYS B 129 -14.87 -41.28 8.95
CA LYS B 129 -15.75 -41.12 7.81
C LYS B 129 -16.44 -39.78 7.90
N VAL B 130 -16.61 -39.12 6.75
CA VAL B 130 -17.36 -37.88 6.72
C VAL B 130 -18.31 -37.88 5.54
N CYS B 131 -19.58 -38.15 5.80
CA CYS B 131 -20.66 -38.04 4.82
C CYS B 131 -21.77 -37.18 5.41
N GLU B 132 -22.90 -37.16 4.70
CA GLU B 132 -24.18 -36.81 5.30
C GLU B 132 -24.89 -38.10 5.65
N PHE B 133 -25.31 -38.21 6.91
CA PHE B 133 -25.82 -39.47 7.41
C PHE B 133 -27.30 -39.36 7.74
N GLN B 134 -27.87 -40.47 8.17
CA GLN B 134 -29.12 -40.50 8.89
C GLN B 134 -28.88 -41.35 10.12
N PHE B 135 -28.75 -40.70 11.26
CA PHE B 135 -28.34 -41.35 12.49
C PHE B 135 -29.55 -41.78 13.28
N CYS B 136 -29.51 -43.02 13.77
CA CYS B 136 -30.47 -43.44 14.77
C CYS B 136 -30.43 -42.48 15.95
N ASN B 137 -31.61 -42.12 16.46
CA ASN B 137 -31.62 -41.28 17.65
C ASN B 137 -31.01 -41.99 18.85
N ASP B 138 -30.98 -43.32 18.84
CA ASP B 138 -30.24 -44.11 19.81
C ASP B 138 -29.36 -45.08 19.04
N PRO B 139 -28.22 -44.61 18.53
CA PRO B 139 -27.39 -45.45 17.65
C PRO B 139 -26.35 -46.21 18.45
N PHE B 140 -26.08 -47.45 18.04
CA PHE B 140 -25.15 -48.29 18.77
C PHE B 140 -24.72 -49.43 17.85
N LEU B 141 -23.97 -50.38 18.41
CA LEU B 141 -23.59 -51.58 17.71
C LEU B 141 -23.66 -52.76 18.66
N GLY B 142 -24.04 -53.92 18.12
CA GLY B 142 -24.29 -55.10 18.93
C GLY B 142 -23.05 -55.88 19.29
N VAL B 143 -23.26 -57.15 19.63
CA VAL B 143 -22.20 -58.08 19.91
C VAL B 143 -22.82 -59.48 19.97
N MET B 153 -22.21 -65.06 16.07
CA MET B 153 -23.06 -63.93 15.76
C MET B 153 -22.24 -62.66 15.62
N GLU B 154 -22.17 -61.88 16.72
CA GLU B 154 -21.35 -60.68 16.80
C GLU B 154 -21.65 -59.73 15.65
N SER B 155 -22.94 -59.51 15.40
CA SER B 155 -23.44 -58.66 14.34
C SER B 155 -24.06 -57.40 14.94
N GLU B 156 -23.85 -56.28 14.24
CA GLU B 156 -23.84 -54.99 14.91
C GLU B 156 -24.26 -53.84 13.99
N PHE B 157 -23.87 -52.63 14.38
CA PHE B 157 -23.98 -51.44 13.55
C PHE B 157 -25.41 -51.09 13.19
N ARG B 158 -26.22 -50.78 14.19
CA ARG B 158 -27.49 -50.12 13.95
C ARG B 158 -27.29 -48.62 14.08
N VAL B 159 -26.10 -48.15 13.72
CA VAL B 159 -25.73 -46.77 14.02
C VAL B 159 -26.49 -45.80 13.12
N TYR B 160 -26.26 -45.87 11.81
CA TYR B 160 -26.96 -44.98 10.89
C TYR B 160 -27.82 -45.77 9.90
N SER B 161 -28.40 -45.06 8.93
CA SER B 161 -29.09 -45.72 7.82
C SER B 161 -28.86 -44.98 6.51
N SER B 162 -27.80 -44.17 6.43
CA SER B 162 -27.53 -43.36 5.26
C SER B 162 -26.06 -42.97 5.27
N ALA B 163 -25.48 -42.92 4.07
CA ALA B 163 -24.06 -42.59 3.90
C ALA B 163 -23.83 -41.74 2.65
N ASN B 164 -24.62 -40.69 2.48
CA ASN B 164 -24.65 -39.96 1.22
C ASN B 164 -23.53 -38.92 1.14
N ASN B 165 -23.10 -38.62 -0.07
CA ASN B 165 -22.26 -37.46 -0.36
C ASN B 165 -20.92 -37.45 0.36
N CYS B 166 -20.34 -38.61 0.64
CA CYS B 166 -19.13 -38.72 1.44
C CYS B 166 -17.99 -37.86 0.89
N THR B 167 -17.41 -37.02 1.75
CA THR B 167 -16.40 -36.04 1.37
C THR B 167 -15.05 -36.40 2.00
N PHE B 168 -14.99 -37.51 2.72
CA PHE B 168 -13.76 -37.96 3.36
C PHE B 168 -14.00 -39.38 3.84
N GLU B 169 -13.08 -40.29 3.54
CA GLU B 169 -13.17 -41.64 4.07
C GLU B 169 -11.83 -41.98 4.70
N TYR B 170 -11.82 -43.09 5.42
CA TYR B 170 -10.62 -43.71 5.93
C TYR B 170 -11.00 -45.07 6.49
N VAL B 171 -10.20 -46.09 6.25
CA VAL B 171 -10.37 -47.37 6.93
C VAL B 171 -8.98 -47.89 7.22
N SER B 172 -8.89 -49.10 7.75
CA SER B 172 -7.60 -49.77 7.93
C SER B 172 -7.78 -51.28 8.03
N LYS B 187 -7.84 -51.65 35.06
CA LYS B 187 -8.06 -51.98 33.65
C LYS B 187 -7.32 -51.03 32.74
N ASN B 188 -8.07 -50.17 32.05
CA ASN B 188 -7.52 -49.23 31.11
C ASN B 188 -8.15 -47.87 31.33
N LEU B 189 -7.37 -46.82 31.11
CA LEU B 189 -7.86 -45.45 31.07
C LEU B 189 -7.44 -44.83 29.76
N ARG B 190 -8.40 -44.30 29.01
CA ARG B 190 -8.17 -43.81 27.65
C ARG B 190 -8.73 -42.41 27.56
N GLU B 191 -7.84 -41.42 27.62
CA GLU B 191 -8.24 -40.02 27.55
C GLU B 191 -8.14 -39.47 26.13
N PHE B 192 -8.99 -38.49 25.84
CA PHE B 192 -9.02 -37.87 24.53
C PHE B 192 -9.38 -36.39 24.70
N VAL B 193 -8.76 -35.55 23.88
CA VAL B 193 -9.12 -34.14 23.81
C VAL B 193 -9.47 -33.85 22.37
N PHE B 194 -10.68 -33.37 22.14
CA PHE B 194 -11.16 -33.05 20.81
C PHE B 194 -11.32 -31.55 20.67
N LYS B 195 -10.76 -30.98 19.61
CA LYS B 195 -10.98 -29.57 19.34
C LYS B 195 -11.10 -29.34 17.84
N ASN B 196 -11.58 -28.16 17.46
CA ASN B 196 -11.99 -27.88 16.09
C ASN B 196 -11.73 -26.42 15.77
N ILE B 197 -10.61 -26.13 15.11
CA ILE B 197 -10.20 -24.76 14.82
C ILE B 197 -9.82 -24.63 13.36
N ASP B 198 -10.32 -23.58 12.72
CA ASP B 198 -10.00 -23.23 11.34
C ASP B 198 -10.12 -24.43 10.40
N GLY B 199 -11.26 -25.11 10.44
CA GLY B 199 -11.51 -26.22 9.55
C GLY B 199 -10.66 -27.45 9.80
N TYR B 200 -9.88 -27.44 10.87
CA TYR B 200 -9.11 -28.61 11.25
C TYR B 200 -9.71 -29.18 12.54
N PHE B 201 -9.83 -30.50 12.57
CA PHE B 201 -10.39 -31.18 13.73
C PHE B 201 -9.27 -31.96 14.38
N LYS B 202 -8.72 -31.42 15.47
CA LYS B 202 -7.56 -31.98 16.12
C LYS B 202 -8.00 -32.93 17.23
N ILE B 203 -7.22 -33.99 17.42
CA ILE B 203 -7.50 -35.04 18.38
C ILE B 203 -6.21 -35.38 19.09
N TYR B 204 -6.18 -35.17 20.39
CA TYR B 204 -5.08 -35.63 21.23
C TYR B 204 -5.57 -36.80 22.04
N SER B 205 -4.65 -37.63 22.50
CA SER B 205 -5.06 -38.85 23.17
C SER B 205 -3.93 -39.36 24.03
N LYS B 206 -4.29 -40.25 24.95
CA LYS B 206 -3.32 -40.93 25.81
C LYS B 206 -3.99 -42.17 26.38
N HIS B 207 -3.19 -43.22 26.55
CA HIS B 207 -3.67 -44.49 27.08
C HIS B 207 -2.80 -44.83 28.28
N THR B 208 -3.35 -44.62 29.46
CA THR B 208 -2.68 -45.00 30.68
C THR B 208 -3.32 -46.26 31.25
N PRO B 209 -2.55 -47.12 31.89
CA PRO B 209 -3.17 -48.27 32.58
C PRO B 209 -3.54 -47.95 34.02
N ILE B 210 -4.82 -48.09 34.37
CA ILE B 210 -5.22 -47.93 35.77
C ILE B 210 -4.94 -49.23 36.51
N ASN B 211 -4.95 -49.19 37.83
CA ASN B 211 -4.96 -50.41 38.61
C ASN B 211 -6.29 -50.56 39.32
N LEU B 212 -7.29 -49.82 38.83
CA LEU B 212 -8.69 -49.98 39.17
C LEU B 212 -9.42 -50.50 37.93
N VAL B 213 -10.74 -50.58 38.01
CA VAL B 213 -11.48 -50.99 36.82
C VAL B 213 -12.18 -49.79 36.18
N ARG B 214 -13.04 -49.07 36.91
CA ARG B 214 -13.83 -48.01 36.29
C ARG B 214 -14.10 -46.77 37.15
N ASP B 215 -13.09 -46.22 37.83
CA ASP B 215 -13.23 -44.95 38.54
C ASP B 215 -12.12 -44.00 38.11
N LEU B 216 -12.41 -42.69 38.10
CA LEU B 216 -11.45 -41.68 37.66
C LEU B 216 -10.33 -41.53 38.67
N PRO B 217 -9.09 -41.83 38.30
CA PRO B 217 -7.98 -41.76 39.28
C PRO B 217 -7.42 -40.36 39.43
N GLN B 218 -6.29 -40.27 40.11
CA GLN B 218 -5.59 -39.01 40.30
C GLN B 218 -4.17 -39.14 39.75
N GLY B 219 -3.63 -38.03 39.27
CA GLY B 219 -2.27 -38.02 38.75
C GLY B 219 -2.07 -37.07 37.60
N PHE B 220 -0.87 -37.06 37.02
CA PHE B 220 -0.55 -36.20 35.90
C PHE B 220 -0.07 -37.02 34.72
N SER B 221 -0.64 -36.74 33.54
CA SER B 221 -0.28 -37.45 32.32
C SER B 221 -0.66 -36.61 31.11
N ALA B 222 0.34 -36.11 30.38
CA ALA B 222 0.09 -35.21 29.25
C ALA B 222 -0.30 -35.97 27.99
N LEU B 223 -1.19 -35.38 27.21
CA LEU B 223 -1.80 -36.04 26.06
C LEU B 223 -1.11 -35.59 24.77
N GLU B 224 -0.70 -36.59 23.89
CA GLU B 224 0.09 -36.37 22.69
C GLU B 224 -0.80 -36.35 21.45
N PRO B 225 -0.54 -35.43 20.52
CA PRO B 225 -1.42 -35.28 19.36
C PRO B 225 -1.44 -36.52 18.48
N LEU B 226 -2.62 -36.82 17.95
CA LEU B 226 -2.85 -38.05 17.20
C LEU B 226 -3.11 -37.78 15.72
N VAL B 227 -4.11 -36.95 15.45
CA VAL B 227 -4.70 -36.81 14.14
C VAL B 227 -4.82 -35.33 13.84
N ASP B 228 -5.18 -35.05 12.59
CA ASP B 228 -5.43 -33.71 12.05
C ASP B 228 -6.31 -33.91 10.82
N LEU B 229 -7.51 -33.33 10.77
CA LEU B 229 -8.37 -33.55 9.62
C LEU B 229 -8.81 -32.22 9.03
N PRO B 230 -8.40 -31.87 7.82
CA PRO B 230 -8.85 -30.62 7.18
C PRO B 230 -10.25 -30.77 6.58
N ILE B 231 -11.26 -30.74 7.43
CA ILE B 231 -12.63 -31.01 7.00
C ILE B 231 -13.32 -29.73 6.59
N GLY B 232 -13.55 -28.83 7.54
CA GLY B 232 -14.31 -27.62 7.28
C GLY B 232 -15.66 -27.66 7.98
N ILE B 233 -16.03 -28.87 8.41
CA ILE B 233 -17.27 -29.20 9.12
C ILE B 233 -17.54 -28.24 10.27
N ASN B 234 -18.80 -27.88 10.48
CA ASN B 234 -19.27 -27.19 11.67
C ASN B 234 -19.67 -28.22 12.71
N ILE B 235 -19.43 -27.92 13.98
CA ILE B 235 -19.78 -28.86 15.05
C ILE B 235 -20.46 -28.09 16.18
N THR B 236 -21.54 -28.67 16.69
CA THR B 236 -22.24 -28.11 17.85
C THR B 236 -22.67 -29.22 18.81
N ARG B 237 -22.60 -30.47 18.38
CA ARG B 237 -23.10 -31.56 19.23
C ARG B 237 -22.28 -32.80 18.97
N PHE B 238 -22.37 -33.75 19.90
CA PHE B 238 -21.66 -35.02 19.75
C PHE B 238 -22.33 -36.07 20.63
N GLN B 239 -21.95 -37.32 20.43
CA GLN B 239 -22.54 -38.46 21.11
C GLN B 239 -21.47 -39.49 21.45
N THR B 240 -21.91 -40.69 21.77
CA THR B 240 -21.02 -41.82 22.02
C THR B 240 -21.64 -43.08 21.43
N LEU B 241 -20.83 -44.14 21.33
CA LEU B 241 -21.25 -45.40 20.74
C LEU B 241 -20.83 -46.55 21.66
N LEU B 242 -21.74 -47.49 21.88
CA LEU B 242 -21.48 -48.57 22.83
C LEU B 242 -21.86 -49.91 22.22
N ALA B 243 -21.18 -50.96 22.68
CA ALA B 243 -21.42 -52.33 22.23
C ALA B 243 -22.37 -53.01 23.23
N LEU B 244 -23.57 -53.35 22.74
CA LEU B 244 -24.64 -53.86 23.59
C LEU B 244 -24.32 -55.19 24.25
N HIS B 245 -25.26 -55.65 25.07
CA HIS B 245 -25.27 -56.98 25.66
C HIS B 245 -26.25 -57.87 24.91
N ARG B 246 -25.74 -58.93 24.30
CA ARG B 246 -26.64 -59.86 23.61
C ARG B 246 -26.32 -61.32 23.89
N SER B 247 -25.09 -61.60 24.28
CA SER B 247 -24.68 -62.99 24.54
C SER B 247 -24.10 -63.15 25.94
N ALA B 264 -18.76 -46.50 31.91
CA ALA B 264 -18.27 -45.40 32.74
C ALA B 264 -17.45 -44.44 31.90
N TYR B 265 -17.91 -43.19 31.80
CA TYR B 265 -17.17 -42.19 31.05
C TYR B 265 -17.58 -40.80 31.48
N TYR B 266 -16.69 -39.84 31.25
CA TYR B 266 -16.77 -38.48 31.74
C TYR B 266 -16.72 -37.51 30.57
N VAL B 267 -17.17 -36.28 30.79
CA VAL B 267 -17.11 -35.25 29.77
C VAL B 267 -16.80 -33.90 30.41
N GLY B 268 -15.58 -33.40 30.17
CA GLY B 268 -15.23 -32.05 30.54
C GLY B 268 -15.32 -31.11 29.35
N TYR B 269 -15.19 -29.83 29.64
CA TYR B 269 -15.17 -28.83 28.59
C TYR B 269 -13.95 -27.95 28.78
N LEU B 270 -13.56 -27.28 27.70
CA LEU B 270 -12.30 -26.54 27.66
C LEU B 270 -12.59 -25.05 27.58
N GLN B 271 -11.80 -24.26 28.27
CA GLN B 271 -11.92 -22.81 28.30
C GLN B 271 -10.55 -22.21 28.05
N PRO B 272 -10.50 -20.95 27.67
CA PRO B 272 -9.21 -20.29 27.49
C PRO B 272 -8.54 -19.96 28.81
N ARG B 273 -7.51 -20.72 29.15
CA ARG B 273 -6.71 -20.52 30.34
C ARG B 273 -5.26 -20.23 29.99
N THR B 274 -4.46 -19.96 31.02
CA THR B 274 -3.04 -19.75 30.93
C THR B 274 -2.36 -20.70 31.89
N PHE B 275 -1.45 -21.52 31.38
CA PHE B 275 -0.80 -22.54 32.20
C PHE B 275 0.72 -22.36 32.17
N LEU B 276 1.38 -23.00 33.13
CA LEU B 276 2.83 -23.02 33.24
C LEU B 276 3.26 -24.49 33.22
N LEU B 277 3.86 -24.92 32.12
CA LEU B 277 4.23 -26.31 31.95
C LEU B 277 5.71 -26.52 32.26
N LYS B 278 6.00 -27.56 33.01
CA LYS B 278 7.37 -27.92 33.34
C LYS B 278 7.84 -29.02 32.40
N TYR B 279 8.92 -28.76 31.68
CA TYR B 279 9.43 -29.70 30.70
C TYR B 279 10.61 -30.47 31.26
N ASN B 280 10.61 -31.77 31.05
CA ASN B 280 11.70 -32.64 31.41
C ASN B 280 12.90 -32.38 30.51
N GLU B 281 14.00 -33.09 30.77
CA GLU B 281 15.17 -33.02 29.91
C GLU B 281 15.03 -33.86 28.64
N ASN B 282 14.17 -34.87 28.63
CA ASN B 282 13.81 -35.53 27.39
C ASN B 282 12.77 -34.76 26.60
N GLY B 283 12.12 -33.78 27.21
CA GLY B 283 11.17 -32.96 26.50
C GLY B 283 9.73 -33.28 26.77
N THR B 284 9.43 -34.02 27.83
CA THR B 284 8.06 -34.34 28.17
C THR B 284 7.57 -33.45 29.29
N ILE B 285 6.27 -33.17 29.29
CA ILE B 285 5.64 -32.36 30.31
C ILE B 285 5.40 -33.24 31.52
N THR B 286 6.02 -32.89 32.64
CA THR B 286 5.91 -33.71 33.84
C THR B 286 5.00 -33.08 34.89
N ASP B 287 4.90 -31.75 34.91
CA ASP B 287 4.05 -31.06 35.86
C ASP B 287 3.50 -29.79 35.22
N ALA B 288 2.49 -29.21 35.86
CA ALA B 288 1.90 -27.98 35.34
C ALA B 288 1.32 -27.17 36.50
N VAL B 289 1.03 -25.91 36.21
CA VAL B 289 0.40 -24.99 37.15
C VAL B 289 -0.72 -24.27 36.41
N ASP B 290 -1.92 -24.33 36.96
CA ASP B 290 -3.05 -23.54 36.48
C ASP B 290 -3.01 -22.21 37.22
N CYS B 291 -2.89 -21.12 36.46
CA CYS B 291 -2.49 -19.84 37.04
C CYS B 291 -3.70 -18.99 37.43
N ALA B 292 -4.84 -19.63 37.55
CA ALA B 292 -6.05 -18.90 37.89
C ALA B 292 -6.83 -19.66 38.94
N LEU B 293 -6.21 -20.69 39.50
CA LEU B 293 -6.84 -21.41 40.60
C LEU B 293 -6.92 -20.57 41.86
N ASP B 294 -5.77 -20.20 42.42
CA ASP B 294 -5.73 -19.56 43.73
C ASP B 294 -4.59 -18.54 43.75
N PRO B 295 -4.44 -17.75 44.83
CA PRO B 295 -3.35 -16.77 44.86
C PRO B 295 -1.95 -17.38 44.77
N LEU B 296 -1.71 -18.53 45.40
CA LEU B 296 -0.41 -19.17 45.28
C LEU B 296 -0.05 -19.48 43.84
N SER B 297 -1.00 -19.95 43.04
CA SER B 297 -0.72 -20.30 41.66
C SER B 297 -0.47 -19.08 40.81
N GLU B 298 -1.23 -18.01 41.03
CA GLU B 298 -0.96 -16.75 40.35
C GLU B 298 0.41 -16.18 40.72
N THR B 299 0.86 -16.37 41.96
CA THR B 299 2.22 -15.97 42.30
C THR B 299 3.26 -16.81 41.58
N LYS B 300 3.07 -18.14 41.57
CA LYS B 300 4.01 -19.00 40.85
C LYS B 300 4.09 -18.63 39.39
N CYS B 301 2.97 -18.23 38.81
CA CYS B 301 2.96 -17.83 37.40
C CYS B 301 3.65 -16.49 37.21
N THR B 302 3.44 -15.55 38.13
CA THR B 302 4.11 -14.25 38.04
C THR B 302 5.62 -14.37 38.16
N LEU B 303 6.11 -15.26 39.02
CA LEU B 303 7.54 -15.47 39.18
C LEU B 303 8.14 -16.42 38.17
N LYS B 304 7.33 -17.23 37.49
CA LYS B 304 7.78 -18.28 36.58
C LYS B 304 8.63 -19.31 37.32
N SER B 305 8.05 -19.89 38.36
CA SER B 305 8.76 -20.88 39.15
C SER B 305 7.76 -21.79 39.84
N PHE B 306 8.27 -22.87 40.42
CA PHE B 306 7.45 -23.80 41.17
C PHE B 306 7.71 -23.70 42.67
N THR B 307 8.72 -22.93 43.05
CA THR B 307 9.07 -22.73 44.44
C THR B 307 9.18 -21.23 44.66
N VAL B 308 8.48 -20.72 45.66
CA VAL B 308 8.51 -19.29 45.95
C VAL B 308 8.95 -19.03 47.39
N GLU B 309 10.02 -18.25 47.54
CA GLU B 309 10.57 -17.92 48.83
C GLU B 309 9.70 -16.88 49.55
N LYS B 310 9.77 -16.86 50.87
CA LYS B 310 8.98 -15.91 51.64
C LYS B 310 9.04 -14.51 51.07
N GLY B 311 8.01 -13.72 51.30
CA GLY B 311 7.97 -12.35 50.80
C GLY B 311 6.57 -11.92 50.43
N ILE B 312 6.47 -10.90 49.60
CA ILE B 312 5.19 -10.37 49.14
C ILE B 312 5.35 -9.91 47.71
N TYR B 313 4.37 -10.21 46.86
CA TYR B 313 4.46 -9.84 45.45
C TYR B 313 3.19 -9.26 44.84
N GLN B 314 3.39 -8.37 43.87
CA GLN B 314 2.31 -7.72 43.13
C GLN B 314 1.93 -8.62 41.98
N THR B 315 0.65 -8.94 41.88
CA THR B 315 0.25 -10.06 41.05
C THR B 315 -0.69 -9.60 39.94
N SER B 316 -1.50 -8.58 40.20
CA SER B 316 -2.40 -8.07 39.18
C SER B 316 -3.02 -6.75 39.59
N ASN B 317 -4.23 -6.48 39.12
CA ASN B 317 -4.92 -5.25 39.45
C ASN B 317 -6.42 -5.42 39.57
N PHE B 318 -7.00 -4.68 40.52
CA PHE B 318 -8.40 -4.80 40.85
C PHE B 318 -9.28 -3.79 40.15
N ARG B 319 -10.55 -4.14 40.01
CA ARG B 319 -11.50 -3.26 39.35
C ARG B 319 -12.91 -3.74 39.62
N VAL B 320 -13.69 -2.94 40.33
CA VAL B 320 -15.06 -3.30 40.63
C VAL B 320 -15.83 -3.31 39.31
N GLN B 321 -16.59 -4.37 39.06
CA GLN B 321 -17.35 -4.47 37.83
C GLN B 321 -18.65 -3.67 37.90
N PRO B 322 -18.99 -2.98 36.75
CA PRO B 322 -20.25 -2.21 36.86
C PRO B 322 -21.50 -3.09 36.84
N THR B 323 -22.56 -2.59 37.45
CA THR B 323 -23.83 -3.31 37.52
C THR B 323 -24.89 -2.60 36.68
N GLU B 324 -25.26 -3.20 35.56
CA GLU B 324 -26.26 -2.60 34.68
C GLU B 324 -25.67 -1.44 33.91
N SER B 325 -26.53 -0.73 33.19
CA SER B 325 -26.11 0.42 32.40
C SER B 325 -27.25 1.40 32.20
N ILE B 326 -27.14 2.56 32.84
CA ILE B 326 -28.16 3.59 32.72
C ILE B 326 -27.95 4.45 31.48
N VAL B 327 -29.03 4.71 30.76
CA VAL B 327 -28.99 5.53 29.56
C VAL B 327 -29.97 6.68 29.69
N ARG B 328 -29.46 7.90 29.70
CA ARG B 328 -30.30 9.08 29.83
C ARG B 328 -30.13 10.03 28.66
N PHE B 329 -31.22 10.28 27.94
CA PHE B 329 -31.19 11.18 26.80
C PHE B 329 -32.09 12.37 27.11
N PRO B 330 -32.31 13.24 26.12
CA PRO B 330 -33.14 14.42 26.33
C PRO B 330 -34.64 14.15 26.14
N ASN B 331 -35.49 14.93 26.80
CA ASN B 331 -36.93 14.74 26.67
C ASN B 331 -37.42 15.21 25.30
N ILE B 332 -37.30 14.33 24.32
CA ILE B 332 -37.71 14.63 22.95
C ILE B 332 -39.13 14.16 22.69
N THR B 333 -39.82 14.87 21.80
CA THR B 333 -41.20 14.52 21.45
C THR B 333 -41.33 14.39 19.95
N ASN B 334 -41.35 15.52 19.25
CA ASN B 334 -41.47 15.53 17.80
C ASN B 334 -40.34 14.77 17.13
N LEU B 335 -40.69 13.73 16.38
CA LEU B 335 -39.70 12.92 15.70
C LEU B 335 -38.96 13.74 14.64
N CYS B 336 -38.49 13.06 13.60
CA CYS B 336 -37.76 13.72 12.53
C CYS B 336 -38.59 13.68 11.24
N PRO B 337 -38.81 14.85 10.65
CA PRO B 337 -39.59 14.93 9.40
C PRO B 337 -38.70 14.92 8.17
N PHE B 338 -37.79 13.95 8.11
CA PHE B 338 -36.88 13.84 6.98
C PHE B 338 -37.65 13.69 5.66
N GLY B 339 -38.89 13.26 5.76
CA GLY B 339 -39.74 13.08 4.59
C GLY B 339 -40.00 14.38 3.86
N GLU B 340 -39.06 15.32 3.98
CA GLU B 340 -39.19 16.61 3.32
C GLU B 340 -37.96 16.93 2.48
N VAL B 341 -36.79 16.66 3.04
CA VAL B 341 -35.53 16.92 2.34
C VAL B 341 -35.13 15.75 1.47
N PHE B 342 -35.51 14.54 1.88
CA PHE B 342 -35.19 13.33 1.13
C PHE B 342 -36.39 12.87 0.30
N ASN B 343 -37.44 13.68 0.28
CA ASN B 343 -38.64 13.36 -0.48
C ASN B 343 -39.28 14.60 -1.11
N ALA B 344 -38.45 15.50 -1.61
CA ALA B 344 -38.93 16.72 -2.24
C ALA B 344 -39.33 16.47 -3.68
N THR B 345 -40.27 17.29 -4.17
CA THR B 345 -40.70 17.19 -5.55
C THR B 345 -39.77 17.92 -6.51
N ARG B 346 -39.06 18.93 -6.01
CA ARG B 346 -38.13 19.70 -6.83
C ARG B 346 -36.91 20.06 -6.01
N PHE B 347 -35.74 19.57 -6.43
CA PHE B 347 -34.50 19.85 -5.71
C PHE B 347 -34.02 21.27 -5.98
N ALA B 348 -32.77 21.55 -5.60
CA ALA B 348 -32.18 22.86 -5.81
C ALA B 348 -30.95 22.79 -6.70
N SER B 349 -30.68 23.87 -7.42
CA SER B 349 -29.53 23.93 -8.32
C SER B 349 -28.25 23.54 -7.58
N VAL B 350 -27.15 23.44 -8.33
CA VAL B 350 -25.86 23.08 -7.75
C VAL B 350 -25.07 24.32 -7.37
N TYR B 351 -25.36 25.43 -8.02
CA TYR B 351 -24.67 26.69 -7.75
C TYR B 351 -25.37 27.51 -6.69
N ALA B 352 -26.62 27.24 -6.38
CA ALA B 352 -27.29 27.81 -5.22
C ALA B 352 -27.93 26.65 -4.46
N TRP B 353 -27.15 25.92 -3.70
CA TRP B 353 -27.64 24.76 -3.01
C TRP B 353 -28.59 25.19 -1.92
N ASN B 354 -29.36 24.26 -1.39
CA ASN B 354 -30.19 24.71 -0.29
C ASN B 354 -29.46 24.52 1.02
N ARG B 355 -30.10 24.93 2.12
CA ARG B 355 -29.47 24.76 3.42
C ARG B 355 -30.57 24.70 4.47
N LYS B 356 -30.89 23.48 4.91
CA LYS B 356 -31.90 23.29 5.95
C LYS B 356 -31.14 23.04 7.25
N ARG B 357 -31.57 23.68 8.34
CA ARG B 357 -30.88 23.52 9.59
C ARG B 357 -31.74 22.65 10.50
N ILE B 358 -31.57 21.34 10.38
CA ILE B 358 -32.33 20.40 11.19
C ILE B 358 -32.28 20.80 12.66
N SER B 359 -33.41 20.67 13.35
CA SER B 359 -33.50 21.01 14.76
C SER B 359 -33.83 19.78 15.60
N ASN B 360 -33.99 20.00 16.90
CA ASN B 360 -34.31 18.90 17.82
C ASN B 360 -35.38 17.97 17.26
N CYS B 361 -35.07 16.67 17.24
CA CYS B 361 -36.00 15.68 16.72
C CYS B 361 -35.33 14.31 16.63
N VAL B 362 -35.84 13.35 17.40
CA VAL B 362 -35.30 11.99 17.40
C VAL B 362 -35.22 11.43 15.98
N ALA B 363 -34.15 11.80 15.27
CA ALA B 363 -33.95 11.32 13.90
C ALA B 363 -33.22 9.99 13.88
N ASP B 364 -33.83 8.99 13.26
CA ASP B 364 -33.23 7.66 13.16
C ASP B 364 -32.36 7.55 11.91
N TYR B 365 -31.05 7.63 12.12
CA TYR B 365 -30.10 7.54 11.02
C TYR B 365 -30.08 6.13 10.43
N SER B 366 -30.91 5.26 10.98
CA SER B 366 -30.99 3.88 10.51
C SER B 366 -31.91 3.75 9.31
N VAL B 367 -33.06 4.43 9.35
CA VAL B 367 -33.96 4.41 8.19
C VAL B 367 -33.25 4.93 6.96
N LEU B 368 -32.28 5.81 7.15
CA LEU B 368 -31.45 6.22 6.04
C LEU B 368 -30.47 5.12 5.68
N TYR B 369 -29.68 4.67 6.65
CA TYR B 369 -28.54 3.83 6.35
C TYR B 369 -28.94 2.53 5.67
N ASN B 370 -30.08 1.97 6.02
CA ASN B 370 -30.46 0.67 5.50
C ASN B 370 -31.48 0.75 4.37
N SER B 371 -31.74 1.94 3.85
CA SER B 371 -32.82 2.05 2.89
C SER B 371 -32.47 1.45 1.54
N ALA B 372 -31.20 1.19 1.29
CA ALA B 372 -30.74 0.47 0.10
C ALA B 372 -31.13 1.16 -1.19
N SER B 373 -31.79 2.29 -1.10
CA SER B 373 -32.14 3.08 -2.28
C SER B 373 -31.07 4.08 -2.65
N PHE B 374 -30.06 4.23 -1.82
CA PHE B 374 -29.01 5.22 -2.02
C PHE B 374 -27.86 4.57 -2.75
N SER B 375 -27.40 5.22 -3.80
CA SER B 375 -26.26 4.70 -4.52
C SER B 375 -24.94 5.06 -3.87
N THR B 376 -24.92 6.05 -2.99
CA THR B 376 -23.68 6.43 -2.34
C THR B 376 -24.00 6.89 -0.93
N PHE B 377 -23.39 6.27 0.07
CA PHE B 377 -23.59 6.69 1.46
C PHE B 377 -22.25 6.63 2.16
N LYS B 378 -21.49 7.71 2.11
CA LYS B 378 -20.18 7.74 2.74
C LYS B 378 -20.26 8.57 4.01
N CYS B 379 -19.63 8.10 5.07
CA CYS B 379 -19.54 8.87 6.30
C CYS B 379 -18.08 9.10 6.62
N TYR B 380 -17.74 10.32 7.02
CA TYR B 380 -16.35 10.70 7.16
C TYR B 380 -15.91 10.91 8.59
N GLY B 381 -16.52 11.82 9.31
CA GLY B 381 -16.11 12.01 10.67
C GLY B 381 -16.40 10.80 11.51
N VAL B 382 -17.42 10.04 11.12
CA VAL B 382 -18.00 9.01 11.99
C VAL B 382 -18.65 7.92 11.16
N SER B 383 -18.27 6.68 11.41
CA SER B 383 -18.83 5.56 10.68
C SER B 383 -20.35 5.50 10.87
N PRO B 384 -21.09 4.95 9.90
CA PRO B 384 -22.54 5.16 9.88
C PRO B 384 -23.29 4.50 11.02
N THR B 385 -22.91 3.31 11.46
CA THR B 385 -23.75 2.59 12.41
C THR B 385 -23.78 3.24 13.78
N LYS B 386 -22.81 4.09 14.10
CA LYS B 386 -22.75 4.75 15.39
C LYS B 386 -23.41 6.12 15.39
N LEU B 387 -24.25 6.36 14.39
CA LEU B 387 -24.98 7.61 14.26
C LEU B 387 -26.30 7.54 15.03
N ASN B 388 -26.94 6.37 14.98
CA ASN B 388 -28.23 6.16 15.63
C ASN B 388 -28.13 6.00 17.13
N ASP B 389 -27.06 6.52 17.72
CA ASP B 389 -26.87 6.42 19.16
C ASP B 389 -26.16 7.66 19.71
N LEU B 390 -25.67 8.50 18.82
CA LEU B 390 -24.98 9.72 19.22
C LEU B 390 -25.98 10.82 19.60
N CYS B 391 -25.48 12.06 19.67
CA CYS B 391 -26.32 13.19 20.03
C CYS B 391 -25.72 14.50 19.52
N PHE B 392 -26.45 15.18 18.65
CA PHE B 392 -26.00 16.46 18.09
C PHE B 392 -26.89 17.61 18.53
N THR B 393 -26.43 18.83 18.30
CA THR B 393 -27.19 20.01 18.67
C THR B 393 -27.68 20.77 17.45
N ASN B 394 -26.87 20.76 16.38
CA ASN B 394 -27.22 21.44 15.15
C ASN B 394 -26.74 20.68 13.91
N VAL B 395 -27.68 20.24 13.09
CA VAL B 395 -27.34 19.49 11.88
C VAL B 395 -27.75 20.27 10.63
N TYR B 396 -26.84 20.36 9.67
CA TYR B 396 -27.10 21.08 8.42
C TYR B 396 -27.26 20.14 7.24
N ALA B 397 -28.40 20.20 6.56
CA ALA B 397 -28.59 19.35 5.40
C ALA B 397 -28.58 20.22 4.16
N ASP B 398 -27.64 19.96 3.27
CA ASP B 398 -27.56 20.70 2.01
C ASP B 398 -28.03 19.82 0.87
N SER B 399 -28.71 20.41 -0.09
CA SER B 399 -29.35 19.64 -1.14
C SER B 399 -29.06 20.23 -2.50
N PHE B 400 -28.78 19.38 -3.49
CA PHE B 400 -28.64 19.88 -4.85
C PHE B 400 -28.64 18.72 -5.82
N VAL B 401 -28.38 19.02 -7.10
CA VAL B 401 -28.45 18.07 -8.20
C VAL B 401 -27.24 18.25 -9.09
N ILE B 402 -26.54 17.16 -9.38
CA ILE B 402 -25.35 17.22 -10.23
C ILE B 402 -25.39 16.10 -11.24
N ARG B 403 -24.30 15.96 -11.99
CA ARG B 403 -24.19 14.90 -12.98
C ARG B 403 -23.95 13.61 -12.20
N GLY B 404 -23.81 12.50 -12.91
CA GLY B 404 -23.57 11.24 -12.27
C GLY B 404 -22.14 11.05 -11.84
N ASP B 405 -21.20 11.53 -12.64
CA ASP B 405 -19.81 11.29 -12.34
C ASP B 405 -19.14 12.46 -11.64
N GLU B 406 -19.95 13.34 -11.09
CA GLU B 406 -19.47 14.48 -10.35
C GLU B 406 -19.70 14.23 -8.86
N VAL B 407 -20.17 13.02 -8.50
CA VAL B 407 -20.40 12.75 -7.10
C VAL B 407 -19.11 12.45 -6.39
N ARG B 408 -18.02 12.31 -7.12
CA ARG B 408 -16.75 12.06 -6.46
C ARG B 408 -16.03 13.34 -6.11
N GLN B 409 -16.58 14.50 -6.44
CA GLN B 409 -16.01 15.74 -5.98
C GLN B 409 -16.69 16.26 -4.74
N ILE B 410 -17.73 15.60 -4.27
CA ILE B 410 -18.37 15.96 -2.99
C ILE B 410 -17.68 15.11 -1.93
N ALA B 411 -16.55 15.58 -1.48
CA ALA B 411 -15.73 14.86 -0.52
C ALA B 411 -14.67 15.83 -0.04
N PRO B 412 -14.09 15.63 1.15
CA PRO B 412 -13.10 16.60 1.63
C PRO B 412 -11.81 16.47 0.84
N GLY B 413 -11.32 17.60 0.34
CA GLY B 413 -10.10 17.59 -0.43
C GLY B 413 -10.22 17.08 -1.84
N GLN B 414 -11.00 17.73 -2.69
CA GLN B 414 -11.09 17.42 -4.11
C GLN B 414 -10.96 18.69 -4.92
N THR B 415 -10.88 18.53 -6.23
CA THR B 415 -10.83 19.65 -7.16
C THR B 415 -11.68 19.31 -8.37
N GLY B 416 -12.00 20.34 -9.14
CA GLY B 416 -12.94 20.22 -10.24
C GLY B 416 -13.96 21.34 -10.21
N LYS B 417 -14.66 21.48 -11.33
CA LYS B 417 -15.54 22.62 -11.51
C LYS B 417 -16.60 22.68 -10.43
N ILE B 418 -16.95 21.55 -9.84
CA ILE B 418 -17.98 21.56 -8.80
C ILE B 418 -17.37 21.95 -7.47
N ALA B 419 -16.31 21.27 -7.06
CA ALA B 419 -15.75 21.54 -5.74
C ALA B 419 -14.96 22.82 -5.73
N ASP B 420 -14.47 23.27 -6.88
CA ASP B 420 -13.73 24.53 -6.89
C ASP B 420 -14.65 25.70 -6.64
N TYR B 421 -15.58 25.96 -7.53
CA TYR B 421 -16.56 26.99 -7.29
C TYR B 421 -17.96 26.51 -7.64
N ASN B 422 -18.51 25.60 -6.84
CA ASN B 422 -19.95 25.52 -6.67
C ASN B 422 -20.29 25.18 -5.23
N TYR B 423 -19.54 24.25 -4.65
CA TYR B 423 -19.84 23.73 -3.32
C TYR B 423 -18.58 23.08 -2.77
N LYS B 424 -17.99 23.67 -1.75
CA LYS B 424 -16.73 23.20 -1.21
C LYS B 424 -16.95 22.74 0.22
N LEU B 425 -16.45 21.54 0.53
CA LEU B 425 -16.48 20.83 1.80
C LEU B 425 -15.18 21.04 2.57
N PRO B 426 -15.22 21.41 3.85
CA PRO B 426 -13.98 21.68 4.55
C PRO B 426 -13.12 20.44 4.64
N ASP B 427 -11.89 20.63 5.09
CA ASP B 427 -10.93 19.54 5.04
C ASP B 427 -11.00 18.63 6.26
N ASP B 428 -11.75 19.01 7.29
CA ASP B 428 -12.01 18.15 8.43
C ASP B 428 -13.51 17.89 8.59
N PHE B 429 -14.16 17.56 7.48
CA PHE B 429 -15.58 17.33 7.47
C PHE B 429 -15.96 16.32 8.53
N THR B 430 -17.21 16.37 8.97
CA THR B 430 -17.68 15.45 9.99
C THR B 430 -18.89 14.62 9.61
N GLY B 431 -19.70 15.07 8.68
CA GLY B 431 -20.98 14.46 8.44
C GLY B 431 -20.92 13.27 7.52
N CYS B 432 -21.97 13.12 6.71
CA CYS B 432 -22.06 12.07 5.71
C CYS B 432 -22.64 12.62 4.43
N VAL B 433 -22.33 11.95 3.33
CA VAL B 433 -22.74 12.37 2.00
C VAL B 433 -23.59 11.26 1.43
N ILE B 434 -24.78 11.59 0.95
CA ILE B 434 -25.73 10.62 0.42
C ILE B 434 -26.11 11.04 -0.98
N ALA B 435 -26.25 10.07 -1.87
CA ALA B 435 -26.53 10.40 -3.26
C ALA B 435 -27.28 9.27 -3.93
N TRP B 436 -28.25 9.63 -4.76
CA TRP B 436 -28.99 8.59 -5.48
C TRP B 436 -29.40 9.09 -6.85
N ASN B 437 -29.53 8.15 -7.78
CA ASN B 437 -29.87 8.51 -9.15
C ASN B 437 -31.31 8.95 -9.24
N SER B 438 -31.55 9.92 -10.10
CA SER B 438 -32.89 10.46 -10.26
C SER B 438 -33.18 10.73 -11.72
N ASN B 439 -32.87 9.78 -12.60
CA ASN B 439 -33.04 10.04 -14.01
C ASN B 439 -34.49 10.30 -14.39
N ASN B 440 -35.43 9.60 -13.78
CA ASN B 440 -36.80 9.66 -14.22
C ASN B 440 -37.50 10.94 -13.78
N LEU B 441 -37.01 11.58 -12.73
CA LEU B 441 -37.64 12.79 -12.21
C LEU B 441 -37.12 14.05 -12.84
N ASP B 442 -35.82 14.19 -13.00
CA ASP B 442 -35.26 15.45 -13.49
C ASP B 442 -34.94 15.56 -14.97
N SER B 443 -34.84 14.43 -15.64
CA SER B 443 -34.53 14.46 -17.06
C SER B 443 -35.77 14.19 -17.90
N LYS B 444 -36.23 15.22 -18.60
CA LYS B 444 -37.42 15.10 -19.44
C LYS B 444 -37.03 14.77 -20.88
N VAL B 445 -38.03 14.71 -21.75
CA VAL B 445 -37.79 14.40 -23.16
C VAL B 445 -37.36 15.65 -23.93
N GLY B 446 -36.06 15.75 -24.22
CA GLY B 446 -35.53 16.88 -24.94
C GLY B 446 -34.50 17.64 -24.13
N GLY B 447 -34.48 17.40 -22.82
CA GLY B 447 -33.55 18.06 -21.93
C GLY B 447 -34.24 18.94 -20.91
N ASN B 448 -33.72 18.93 -19.70
CA ASN B 448 -34.29 19.73 -18.61
C ASN B 448 -33.83 21.19 -18.68
N TYR B 449 -32.53 21.39 -18.86
CA TYR B 449 -31.97 22.72 -18.94
C TYR B 449 -32.52 23.60 -17.82
N ASN B 450 -32.83 22.96 -16.69
CA ASN B 450 -33.38 23.67 -15.55
C ASN B 450 -32.38 23.78 -14.41
N TYR B 451 -31.36 22.94 -14.44
CA TYR B 451 -30.33 22.93 -13.41
C TYR B 451 -29.03 23.54 -13.94
N LEU B 452 -28.61 24.65 -13.34
CA LEU B 452 -27.39 25.33 -13.74
C LEU B 452 -26.22 25.02 -12.82
N TYR B 453 -25.03 25.47 -13.22
CA TYR B 453 -23.83 25.25 -12.43
C TYR B 453 -22.73 26.21 -12.84
N ARG B 454 -22.26 27.03 -11.91
CA ARG B 454 -21.20 27.99 -12.21
C ARG B 454 -19.93 27.28 -12.64
N LEU B 455 -19.24 27.82 -13.64
CA LEU B 455 -18.01 27.23 -14.13
C LEU B 455 -16.97 28.29 -14.46
N PHE B 456 -17.24 29.52 -14.05
CA PHE B 456 -16.32 30.63 -14.30
C PHE B 456 -16.26 31.52 -13.07
N ARG B 457 -15.23 31.33 -12.25
CA ARG B 457 -15.07 32.12 -11.04
C ARG B 457 -13.68 32.73 -10.96
N LYS B 458 -13.50 33.65 -10.01
CA LYS B 458 -12.22 34.31 -9.81
C LYS B 458 -11.33 33.53 -8.86
N SER B 459 -11.91 33.00 -7.79
CA SER B 459 -11.14 32.24 -6.83
C SER B 459 -12.01 31.16 -6.21
N ASN B 460 -11.39 30.04 -5.90
CA ASN B 460 -12.10 28.91 -5.34
C ASN B 460 -12.82 29.31 -4.06
N LEU B 461 -13.90 28.60 -3.77
CA LEU B 461 -14.75 28.95 -2.65
C LEU B 461 -14.08 28.60 -1.33
N LYS B 462 -14.40 29.36 -0.31
CA LYS B 462 -14.14 28.89 1.03
C LYS B 462 -15.13 27.80 1.37
N PRO B 463 -14.80 26.89 2.28
CA PRO B 463 -15.73 25.81 2.59
C PRO B 463 -17.07 26.34 3.06
N PHE B 464 -18.14 25.79 2.49
CA PHE B 464 -19.52 26.13 2.85
C PHE B 464 -19.87 27.56 2.47
N GLU B 465 -19.15 28.13 1.52
CA GLU B 465 -19.44 29.45 1.03
C GLU B 465 -20.32 29.33 -0.21
N ARG B 466 -21.09 30.38 -0.47
CA ARG B 466 -22.13 30.33 -1.49
C ARG B 466 -22.13 31.61 -2.30
N ASP B 467 -22.37 31.50 -3.60
CA ASP B 467 -22.16 32.61 -4.52
C ASP B 467 -23.20 32.56 -5.63
N ILE B 468 -24.24 33.40 -5.55
CA ILE B 468 -25.32 33.38 -6.51
C ILE B 468 -25.26 34.58 -7.44
N SER B 469 -24.14 35.29 -7.49
CA SER B 469 -24.07 36.45 -8.36
C SER B 469 -24.04 36.01 -9.82
N THR B 470 -24.25 36.97 -10.71
CA THR B 470 -24.34 36.67 -12.12
C THR B 470 -23.62 37.75 -12.94
N GLU B 471 -22.45 38.15 -12.47
CA GLU B 471 -21.68 39.15 -13.19
C GLU B 471 -20.95 38.51 -14.35
N ILE B 472 -20.80 39.25 -15.44
CA ILE B 472 -20.11 38.71 -16.61
C ILE B 472 -18.62 38.54 -16.35
N TYR B 473 -18.10 37.37 -16.68
CA TYR B 473 -16.69 37.06 -16.50
C TYR B 473 -15.84 37.97 -17.37
N GLN B 474 -14.65 37.49 -17.74
CA GLN B 474 -13.75 38.27 -18.58
C GLN B 474 -12.36 37.64 -18.66
N ALA B 475 -12.33 36.34 -18.95
CA ALA B 475 -11.06 35.62 -19.05
C ALA B 475 -10.21 36.16 -20.19
N GLY B 476 -10.36 37.44 -20.49
CA GLY B 476 -9.60 38.07 -21.56
C GLY B 476 -8.63 39.12 -21.06
N SER B 477 -8.81 40.35 -21.55
CA SER B 477 -7.96 41.46 -21.16
C SER B 477 -8.54 42.79 -21.61
N THR B 478 -9.85 42.94 -21.45
CA THR B 478 -10.53 44.18 -21.85
C THR B 478 -11.86 44.32 -21.11
N PRO B 479 -12.21 45.62 -20.75
CA PRO B 479 -13.51 45.71 -20.04
C PRO B 479 -14.63 45.06 -20.84
N CYS B 480 -15.73 44.74 -20.17
CA CYS B 480 -16.88 44.12 -20.83
C CYS B 480 -18.12 44.98 -20.79
N ASN B 481 -18.15 45.92 -19.85
CA ASN B 481 -19.30 46.82 -19.73
C ASN B 481 -20.52 46.09 -19.19
N GLY B 482 -20.65 44.81 -19.54
CA GLY B 482 -21.78 44.02 -19.10
C GLY B 482 -22.52 43.34 -20.24
N VAL B 483 -21.77 42.67 -21.11
CA VAL B 483 -22.36 41.98 -22.24
C VAL B 483 -21.41 40.91 -22.76
N GLU B 484 -21.96 39.87 -23.38
CA GLU B 484 -21.17 38.79 -23.92
C GLU B 484 -20.11 39.31 -24.89
N GLY B 485 -19.34 38.39 -25.47
CA GLY B 485 -18.30 38.76 -26.41
C GLY B 485 -17.13 37.80 -26.32
N PHE B 486 -16.01 38.17 -26.91
CA PHE B 486 -14.83 37.32 -26.88
C PHE B 486 -13.99 37.60 -25.63
N ASN B 487 -13.47 36.54 -25.03
CA ASN B 487 -12.66 36.69 -23.83
C ASN B 487 -13.38 37.43 -22.71
N CYS B 488 -14.55 36.92 -22.37
CA CYS B 488 -15.39 37.50 -21.34
C CYS B 488 -16.78 36.92 -21.55
N TYR B 489 -17.12 35.88 -20.80
CA TYR B 489 -18.42 35.26 -20.96
C TYR B 489 -19.25 35.03 -19.71
N PHE B 490 -20.54 34.84 -19.95
CA PHE B 490 -21.56 34.59 -18.95
C PHE B 490 -21.09 33.43 -18.09
N PRO B 491 -21.26 33.49 -16.77
CA PRO B 491 -20.61 32.49 -15.90
C PRO B 491 -21.42 31.25 -15.60
N LEU B 492 -22.62 31.08 -16.13
CA LEU B 492 -23.44 29.94 -15.79
C LEU B 492 -23.76 29.11 -17.02
N GLN B 493 -23.64 27.80 -16.87
CA GLN B 493 -23.93 26.85 -17.93
C GLN B 493 -25.08 25.98 -17.44
N SER B 494 -25.73 25.25 -18.35
CA SER B 494 -26.85 24.40 -17.95
C SER B 494 -26.63 23.00 -18.45
N TYR B 495 -26.75 22.03 -17.55
CA TYR B 495 -26.85 20.64 -17.93
C TYR B 495 -28.08 20.51 -18.82
N GLY B 496 -27.92 20.01 -20.03
CA GLY B 496 -29.13 19.66 -20.73
C GLY B 496 -29.39 18.20 -20.54
N PHE B 497 -30.18 17.85 -19.54
CA PHE B 497 -30.38 16.45 -19.22
C PHE B 497 -31.40 15.85 -20.17
N GLN B 498 -31.12 14.64 -20.62
CA GLN B 498 -32.00 13.93 -21.54
C GLN B 498 -32.18 12.54 -20.98
N PRO B 499 -33.32 11.90 -21.25
CA PRO B 499 -33.51 10.56 -20.68
C PRO B 499 -32.67 9.50 -21.35
N THR B 500 -32.24 9.71 -22.57
CA THR B 500 -31.37 8.74 -23.23
C THR B 500 -29.90 9.10 -23.09
N ASN B 501 -29.46 9.37 -21.85
CA ASN B 501 -28.07 9.65 -21.58
C ASN B 501 -27.44 8.46 -20.87
N GLY B 502 -26.23 8.12 -21.27
CA GLY B 502 -25.50 7.10 -20.55
C GLY B 502 -25.33 7.46 -19.10
N VAL B 503 -25.25 6.44 -18.25
CA VAL B 503 -25.02 6.68 -16.84
C VAL B 503 -23.74 7.49 -16.69
N GLY B 504 -23.67 8.30 -15.65
CA GLY B 504 -22.59 9.25 -15.57
C GLY B 504 -22.89 10.53 -16.32
N TYR B 505 -23.99 10.60 -17.03
CA TYR B 505 -24.54 11.87 -17.48
C TYR B 505 -25.98 12.05 -17.07
N GLN B 506 -26.52 11.17 -16.30
CA GLN B 506 -27.87 11.32 -15.81
C GLN B 506 -27.85 12.02 -14.46
N PRO B 507 -28.92 12.72 -14.10
CA PRO B 507 -28.88 13.54 -12.91
C PRO B 507 -28.90 12.72 -11.64
N TYR B 508 -28.09 13.15 -10.70
CA TYR B 508 -27.99 12.54 -9.38
C TYR B 508 -28.21 13.70 -8.44
N ARG B 509 -28.46 13.41 -7.17
CA ARG B 509 -28.65 14.45 -6.17
C ARG B 509 -27.85 13.95 -4.99
N VAL B 510 -26.92 14.73 -4.46
CA VAL B 510 -26.12 14.30 -3.31
C VAL B 510 -26.46 15.19 -2.14
N VAL B 511 -26.78 14.62 -0.98
CA VAL B 511 -27.11 15.42 0.21
C VAL B 511 -25.97 15.36 1.22
N VAL B 512 -25.50 16.50 1.72
CA VAL B 512 -24.41 16.53 2.69
C VAL B 512 -24.93 16.87 4.09
N LEU B 513 -24.58 16.08 5.11
CA LEU B 513 -25.04 16.35 6.48
C LEU B 513 -23.89 16.90 7.33
N SER B 514 -24.10 18.00 8.03
CA SER B 514 -23.05 18.60 8.87
C SER B 514 -23.35 18.35 10.36
N PHE B 515 -22.35 17.89 11.09
CA PHE B 515 -22.51 17.61 12.52
C PHE B 515 -21.62 18.52 13.36
N GLU B 516 -22.25 19.29 14.25
CA GLU B 516 -21.51 20.19 15.12
C GLU B 516 -22.39 20.69 16.26
N LEU B 517 -22.52 19.89 17.30
CA LEU B 517 -23.33 20.24 18.46
C LEU B 517 -22.60 21.25 19.36
N LEU B 518 -23.36 21.95 20.19
CA LEU B 518 -22.79 22.94 21.09
C LEU B 518 -22.55 22.36 22.49
N HIS B 519 -23.49 22.61 23.39
CA HIS B 519 -23.38 22.12 24.76
C HIS B 519 -24.76 21.89 25.37
N ALA B 520 -25.78 22.48 24.74
CA ALA B 520 -27.15 22.34 25.22
C ALA B 520 -27.61 20.89 25.16
N PRO B 521 -28.98 20.69 25.12
CA PRO B 521 -29.38 19.27 25.07
C PRO B 521 -29.19 18.67 23.68
N ALA B 522 -28.36 19.33 22.86
CA ALA B 522 -28.09 18.86 21.50
C ALA B 522 -29.29 19.12 20.58
N THR B 523 -30.41 18.49 20.90
CA THR B 523 -31.62 18.65 20.09
C THR B 523 -31.54 17.82 18.81
N VAL B 524 -31.54 16.50 18.96
CA VAL B 524 -31.46 15.60 17.82
C VAL B 524 -31.20 14.19 18.34
N CYS B 525 -29.98 13.94 18.78
CA CYS B 525 -29.60 12.64 19.33
C CYS B 525 -30.20 11.48 18.55
N GLY B 526 -31.22 10.85 19.14
CA GLY B 526 -31.87 9.72 18.51
C GLY B 526 -32.84 8.98 19.41
N PRO B 527 -33.27 7.79 18.99
CA PRO B 527 -34.20 7.00 19.80
C PRO B 527 -33.49 5.95 20.65
N LYS B 528 -33.09 6.31 21.86
CA LYS B 528 -32.41 5.35 22.73
C LYS B 528 -33.25 4.94 23.93
N LYS B 529 -34.28 5.72 24.24
CA LYS B 529 -35.14 5.41 25.37
C LYS B 529 -34.38 5.61 26.68
N SER B 530 -34.59 6.76 27.31
CA SER B 530 -33.92 7.09 28.55
C SER B 530 -34.47 6.28 29.71
N THR B 531 -33.73 5.26 30.12
CA THR B 531 -34.14 4.41 31.23
C THR B 531 -34.13 5.23 32.50
N ASN B 532 -33.90 4.57 33.63
CA ASN B 532 -33.85 5.26 34.92
C ASN B 532 -32.42 5.50 35.39
N LEU B 533 -32.25 6.45 36.30
CA LEU B 533 -30.94 6.79 36.83
C LEU B 533 -30.74 6.20 38.23
N VAL B 534 -29.73 5.35 38.38
CA VAL B 534 -29.44 4.72 39.65
C VAL B 534 -28.26 5.45 40.27
N LYS B 535 -28.01 5.22 41.55
CA LYS B 535 -26.92 5.89 42.23
C LYS B 535 -26.18 4.91 43.13
N ASN B 536 -24.96 5.28 43.48
CA ASN B 536 -24.12 4.56 44.42
C ASN B 536 -23.78 3.14 43.96
N LYS B 537 -23.70 2.91 42.66
CA LYS B 537 -23.30 1.63 42.11
C LYS B 537 -22.47 1.86 40.86
N CYS B 538 -21.38 1.13 40.73
CA CYS B 538 -20.58 1.23 39.52
C CYS B 538 -21.47 0.83 38.34
N VAL B 539 -21.67 1.77 37.44
CA VAL B 539 -22.69 1.65 36.40
C VAL B 539 -22.08 2.10 35.08
N ASN B 540 -22.73 1.72 34.01
CA ASN B 540 -22.33 2.10 32.65
C ASN B 540 -23.39 3.08 32.17
N PHE B 541 -23.02 4.34 32.00
CA PHE B 541 -23.99 5.40 31.79
C PHE B 541 -23.79 6.10 30.45
N ASN B 542 -24.88 6.71 29.99
CA ASN B 542 -24.88 7.57 28.80
C ASN B 542 -25.82 8.73 29.10
N PHE B 543 -25.27 9.94 29.12
CA PHE B 543 -26.03 11.17 29.36
C PHE B 543 -26.01 11.98 28.07
N ASN B 544 -27.07 11.82 27.28
CA ASN B 544 -27.27 12.44 25.97
C ASN B 544 -25.97 12.63 25.19
N GLY B 545 -25.17 11.58 25.11
CA GLY B 545 -23.94 11.65 24.36
C GLY B 545 -22.72 11.31 25.16
N LEU B 546 -22.67 11.74 26.41
CA LEU B 546 -21.57 11.44 27.31
C LEU B 546 -21.63 9.97 27.69
N THR B 547 -20.67 9.18 27.21
CA THR B 547 -20.60 7.77 27.53
C THR B 547 -19.51 7.56 28.58
N GLY B 548 -19.85 6.86 29.66
CA GLY B 548 -18.85 6.59 30.67
C GLY B 548 -19.18 5.46 31.63
N THR B 549 -18.34 5.29 32.65
CA THR B 549 -18.52 4.27 33.67
C THR B 549 -18.18 4.87 35.02
N GLY B 550 -18.89 4.45 36.05
CA GLY B 550 -18.55 4.89 37.39
C GLY B 550 -19.75 4.90 38.29
N VAL B 551 -19.50 5.33 39.52
CA VAL B 551 -20.49 5.56 40.54
C VAL B 551 -21.02 6.98 40.39
N LEU B 552 -22.33 7.13 40.49
CA LEU B 552 -23.01 8.42 40.40
C LEU B 552 -23.44 8.81 41.80
N THR B 553 -23.26 10.09 42.15
CA THR B 553 -23.59 10.54 43.49
C THR B 553 -24.20 11.93 43.46
N GLU B 554 -25.08 12.23 44.40
CA GLU B 554 -25.72 13.54 44.45
C GLU B 554 -24.72 14.61 44.88
N SER B 555 -24.30 15.44 43.93
CA SER B 555 -23.34 16.50 44.22
C SER B 555 -24.01 17.83 44.55
N ASN B 556 -23.19 18.83 44.86
CA ASN B 556 -23.69 20.15 45.20
C ASN B 556 -22.78 21.25 44.68
N LYS B 557 -22.21 21.04 43.50
CA LYS B 557 -21.32 22.01 42.90
C LYS B 557 -21.90 23.42 42.95
N LYS B 558 -22.69 23.77 41.94
CA LYS B 558 -23.31 25.09 41.86
C LYS B 558 -23.86 25.27 40.46
N PHE B 559 -23.15 24.72 39.49
CA PHE B 559 -23.51 24.76 38.07
C PHE B 559 -24.42 25.90 37.63
N LEU B 560 -23.83 26.93 37.01
CA LEU B 560 -24.63 28.05 36.54
C LEU B 560 -25.66 27.52 35.54
N PRO B 561 -26.93 28.04 35.66
CA PRO B 561 -27.91 27.49 34.70
C PRO B 561 -27.48 27.41 33.23
N PHE B 562 -26.26 27.81 32.90
CA PHE B 562 -25.83 27.74 31.50
C PHE B 562 -24.81 26.65 31.20
N GLN B 563 -24.43 25.88 32.23
CA GLN B 563 -23.47 24.80 32.05
C GLN B 563 -24.14 23.43 31.96
N GLN B 564 -23.54 22.54 31.16
CA GLN B 564 -24.08 21.20 30.96
C GLN B 564 -23.31 20.11 31.70
N PHE B 565 -22.10 20.42 32.13
CA PHE B 565 -21.27 19.46 32.85
C PHE B 565 -19.93 20.04 33.24
N GLY B 566 -19.34 19.50 34.30
CA GLY B 566 -18.05 19.97 34.77
C GLY B 566 -16.90 19.10 34.28
N ARG B 567 -15.68 19.54 34.56
CA ARG B 567 -14.50 18.81 34.17
C ARG B 567 -13.41 19.07 35.19
N ASP B 568 -12.38 18.22 35.22
CA ASP B 568 -11.31 18.44 36.18
C ASP B 568 -10.11 19.07 35.49
N ILE B 569 -9.11 19.42 36.26
CA ILE B 569 -7.79 19.72 35.75
C ILE B 569 -7.21 18.39 35.31
N ALA B 570 -6.54 18.38 34.15
CA ALA B 570 -6.16 17.19 33.40
C ALA B 570 -7.32 16.66 32.59
N ASP B 571 -8.44 17.39 32.60
CA ASP B 571 -9.51 17.22 31.61
C ASP B 571 -10.19 15.85 31.63
N THR B 572 -10.82 15.50 32.75
CA THR B 572 -11.66 14.31 32.81
C THR B 572 -13.04 14.71 33.32
N THR B 573 -14.08 14.17 32.70
CA THR B 573 -15.45 14.45 33.13
C THR B 573 -15.66 13.97 34.55
N ASP B 574 -16.10 14.88 35.42
CA ASP B 574 -16.32 14.48 36.80
C ASP B 574 -17.67 14.89 37.36
N ALA B 575 -18.47 15.65 36.62
CA ALA B 575 -19.83 15.93 37.01
C ALA B 575 -20.69 15.97 35.75
N VAL B 576 -21.98 15.68 35.91
CA VAL B 576 -22.94 15.82 34.84
C VAL B 576 -24.21 16.45 35.40
N ARG B 577 -25.12 16.78 34.50
CA ARG B 577 -26.41 17.35 34.83
C ARG B 577 -27.44 16.43 34.18
N ASP B 578 -28.40 15.94 34.95
CA ASP B 578 -29.39 15.03 34.39
C ASP B 578 -30.36 15.82 33.53
N PRO B 579 -30.52 15.48 32.26
CA PRO B 579 -31.35 16.30 31.38
C PRO B 579 -32.79 16.45 31.86
N GLN B 580 -33.38 15.38 32.39
CA GLN B 580 -34.80 15.43 32.71
C GLN B 580 -35.06 16.21 33.99
N THR B 581 -34.36 15.90 35.08
CA THR B 581 -34.61 16.57 36.34
C THR B 581 -33.68 17.77 36.58
N LEU B 582 -32.59 17.89 35.82
CA LEU B 582 -31.66 19.03 35.88
C LEU B 582 -30.99 19.16 37.24
N GLU B 583 -30.39 18.07 37.70
CA GLU B 583 -29.62 18.07 38.93
C GLU B 583 -28.21 17.57 38.66
N ILE B 584 -27.27 18.12 39.41
CA ILE B 584 -25.85 17.85 39.20
C ILE B 584 -25.48 16.60 39.98
N LEU B 585 -24.73 15.71 39.33
CA LEU B 585 -24.30 14.45 39.91
C LEU B 585 -22.82 14.27 39.65
N ASP B 586 -22.08 13.90 40.69
CA ASP B 586 -20.65 13.65 40.57
C ASP B 586 -20.43 12.22 40.08
N ILE B 587 -19.35 12.02 39.31
CA ILE B 587 -19.02 10.72 38.76
C ILE B 587 -17.68 10.21 39.32
N THR B 588 -17.75 9.18 40.16
CA THR B 588 -16.55 8.60 40.75
C THR B 588 -16.17 7.30 40.07
N PRO B 589 -14.96 7.23 39.52
CA PRO B 589 -14.50 6.01 38.86
C PRO B 589 -14.65 4.81 39.80
N CYS B 590 -14.62 3.60 39.25
CA CYS B 590 -14.77 2.38 40.06
C CYS B 590 -13.57 2.20 40.98
N SER B 591 -13.80 1.58 42.13
CA SER B 591 -12.75 1.33 43.10
C SER B 591 -11.79 0.26 42.61
N PHE B 592 -10.59 0.67 42.23
CA PHE B 592 -9.57 -0.25 41.75
C PHE B 592 -8.40 -0.36 42.72
N GLY B 593 -7.25 -0.76 42.21
CA GLY B 593 -6.06 -0.90 43.03
C GLY B 593 -5.32 -2.19 42.78
N GLY B 594 -4.06 -2.26 43.17
CA GLY B 594 -3.31 -3.49 42.99
C GLY B 594 -3.70 -4.57 43.98
N VAL B 595 -3.38 -5.79 43.61
CA VAL B 595 -3.59 -6.94 44.47
C VAL B 595 -2.25 -7.60 44.72
N SER B 596 -1.91 -7.82 45.99
CA SER B 596 -0.66 -8.44 46.35
C SER B 596 -0.92 -9.72 47.12
N VAL B 597 -0.03 -10.68 46.97
CA VAL B 597 -0.14 -11.98 47.61
C VAL B 597 1.02 -12.16 48.57
N ILE B 598 0.70 -12.48 49.83
CA ILE B 598 1.67 -12.68 50.89
C ILE B 598 1.76 -14.17 51.15
N THR B 599 2.94 -14.72 50.97
CA THR B 599 3.17 -16.14 51.14
C THR B 599 4.39 -16.41 52.01
N PRO B 600 4.30 -17.37 52.94
CA PRO B 600 5.48 -17.76 53.71
C PRO B 600 6.51 -18.55 52.91
N GLY B 601 6.25 -18.87 51.66
CA GLY B 601 7.14 -19.67 50.82
C GLY B 601 6.56 -21.06 50.68
N THR B 602 6.59 -21.58 49.45
CA THR B 602 5.96 -22.86 49.16
C THR B 602 6.68 -24.02 49.82
N ASN B 603 7.88 -23.78 50.33
CA ASN B 603 8.67 -24.77 51.05
C ASN B 603 8.35 -24.75 52.53
N THR B 604 7.30 -24.02 52.91
CA THR B 604 6.89 -23.92 54.30
C THR B 604 5.41 -24.24 54.41
N SER B 605 4.65 -23.80 53.43
CA SER B 605 3.20 -23.89 53.46
C SER B 605 2.67 -23.41 52.11
N ASN B 606 1.40 -23.68 51.87
CA ASN B 606 0.72 -23.20 50.68
C ASN B 606 -0.42 -22.26 51.01
N GLN B 607 -0.55 -21.86 52.28
CA GLN B 607 -1.49 -20.83 52.65
C GLN B 607 -1.02 -19.48 52.13
N VAL B 608 -1.95 -18.54 52.06
CA VAL B 608 -1.71 -17.27 51.39
C VAL B 608 -2.61 -16.23 52.00
N ALA B 609 -2.14 -14.99 52.03
CA ALA B 609 -2.96 -13.84 52.39
C ALA B 609 -2.94 -12.84 51.25
N VAL B 610 -3.95 -11.97 51.19
CA VAL B 610 -4.16 -11.13 50.03
C VAL B 610 -4.39 -9.69 50.48
N LEU B 611 -3.65 -8.76 49.89
CA LEU B 611 -3.79 -7.34 50.17
C LEU B 611 -4.43 -6.66 48.97
N TYR B 612 -5.55 -5.99 49.18
CA TYR B 612 -6.17 -5.12 48.20
C TYR B 612 -5.73 -3.72 48.54
N GLN B 613 -4.93 -3.10 47.68
CA GLN B 613 -4.20 -1.91 48.08
C GLN B 613 -5.13 -0.70 48.02
N ASP B 614 -5.10 0.07 49.10
CA ASP B 614 -5.93 1.25 49.37
C ASP B 614 -7.35 1.12 48.82
N VAL B 615 -7.94 -0.03 49.12
CA VAL B 615 -9.35 -0.28 48.86
C VAL B 615 -10.05 -0.44 50.18
N ASN B 616 -11.21 0.19 50.31
CA ASN B 616 -11.99 0.02 51.53
C ASN B 616 -12.51 -1.41 51.59
N CYS B 617 -12.35 -2.02 52.75
CA CYS B 617 -12.48 -3.46 52.84
C CYS B 617 -13.93 -3.93 52.80
N THR B 618 -14.87 -3.05 52.45
CA THR B 618 -16.29 -3.38 52.40
C THR B 618 -16.75 -3.59 50.95
N GLU B 619 -15.84 -3.32 50.01
CA GLU B 619 -16.19 -3.41 48.60
C GLU B 619 -15.22 -4.32 47.87
N VAL B 620 -14.74 -5.35 48.55
CA VAL B 620 -13.74 -6.25 47.99
C VAL B 620 -14.36 -7.20 46.98
N PRO B 621 -15.42 -7.95 47.31
CA PRO B 621 -15.92 -8.85 46.27
C PRO B 621 -17.09 -8.26 45.49
N SER B 640 -14.11 -15.66 58.64
CA SER B 640 -12.79 -15.40 58.10
C SER B 640 -12.17 -14.14 58.70
N ASN B 641 -11.02 -13.75 58.17
CA ASN B 641 -10.25 -12.63 58.70
C ASN B 641 -10.20 -11.51 57.67
N VAL B 642 -10.98 -10.47 57.89
CA VAL B 642 -10.85 -9.24 57.13
C VAL B 642 -10.36 -8.17 58.08
N PHE B 643 -9.28 -7.51 57.71
CA PHE B 643 -8.59 -6.58 58.58
C PHE B 643 -8.26 -5.35 57.75
N GLN B 644 -8.57 -4.19 58.28
CA GLN B 644 -8.38 -2.94 57.57
C GLN B 644 -7.07 -2.29 57.99
N THR B 645 -6.30 -1.86 57.00
CA THR B 645 -5.00 -1.27 57.20
C THR B 645 -5.00 0.09 56.53
N ARG B 646 -4.07 0.94 56.95
CA ARG B 646 -3.79 2.17 56.23
C ARG B 646 -3.26 1.89 54.84
N ALA B 647 -2.90 0.65 54.52
CA ALA B 647 -2.37 0.28 53.22
C ALA B 647 -3.35 -0.52 52.38
N GLY B 648 -4.55 -0.76 52.87
CA GLY B 648 -5.55 -1.52 52.14
C GLY B 648 -6.25 -2.54 53.01
N CYS B 649 -6.97 -3.43 52.35
CA CYS B 649 -7.71 -4.48 53.04
C CYS B 649 -6.99 -5.82 52.94
N LEU B 650 -6.72 -6.41 54.09
CA LEU B 650 -5.97 -7.65 54.20
C LEU B 650 -6.93 -8.80 54.50
N ILE B 651 -6.84 -9.87 53.72
CA ILE B 651 -7.71 -11.03 53.89
C ILE B 651 -6.85 -12.28 54.04
N GLY B 652 -7.14 -13.06 55.07
CA GLY B 652 -6.45 -14.32 55.29
C GLY B 652 -5.37 -14.30 56.34
N ALA B 653 -5.24 -13.21 57.09
CA ALA B 653 -4.32 -13.11 58.21
C ALA B 653 -5.08 -12.57 59.40
N GLU B 654 -4.75 -13.06 60.58
CA GLU B 654 -5.38 -12.58 61.80
C GLU B 654 -4.50 -11.52 62.46
N HIS B 655 -5.16 -10.55 63.07
CA HIS B 655 -4.49 -9.45 63.74
C HIS B 655 -4.25 -9.80 65.20
N VAL B 656 -3.00 -9.73 65.64
CA VAL B 656 -2.63 -10.01 67.01
C VAL B 656 -2.22 -8.70 67.69
N ASN B 657 -2.02 -8.76 69.00
CA ASN B 657 -1.68 -7.58 69.79
C ASN B 657 -0.22 -7.54 70.20
N ASN B 658 0.51 -8.63 70.03
CA ASN B 658 1.95 -8.66 70.28
C ASN B 658 2.67 -7.76 69.28
N SER B 659 3.99 -7.64 69.42
CA SER B 659 4.78 -6.92 68.44
C SER B 659 6.13 -7.60 68.31
N TYR B 660 6.47 -7.99 67.09
CA TYR B 660 7.68 -8.72 66.81
C TYR B 660 8.57 -7.86 65.90
N GLU B 661 9.71 -8.42 65.54
CA GLU B 661 10.54 -7.83 64.50
C GLU B 661 9.89 -8.08 63.15
N CYS B 662 10.07 -7.13 62.24
CA CYS B 662 9.34 -7.19 60.98
C CYS B 662 9.83 -8.37 60.15
N ASP B 663 8.89 -9.04 59.50
CA ASP B 663 9.19 -10.21 58.70
C ASP B 663 8.90 -9.98 57.23
N ILE B 664 7.63 -9.72 56.92
CA ILE B 664 7.18 -9.41 55.58
C ILE B 664 6.52 -8.04 55.68
N PRO B 665 7.02 -7.03 55.01
CA PRO B 665 6.50 -5.68 55.22
C PRO B 665 5.22 -5.42 54.45
N ILE B 666 4.16 -5.09 55.16
CA ILE B 666 2.91 -4.71 54.53
C ILE B 666 2.87 -3.22 54.25
N GLY B 667 3.08 -2.41 55.28
CA GLY B 667 3.14 -0.98 55.10
C GLY B 667 2.52 -0.24 56.26
N ALA B 668 2.85 1.05 56.35
CA ALA B 668 2.35 1.93 57.40
C ALA B 668 2.56 1.34 58.79
N GLY B 669 3.70 0.68 58.99
CA GLY B 669 4.03 0.10 60.27
C GLY B 669 3.56 -1.31 60.50
N ILE B 670 2.88 -1.93 59.54
CA ILE B 670 2.30 -3.26 59.68
C ILE B 670 3.17 -4.26 58.96
N CYS B 671 3.49 -5.36 59.63
CA CYS B 671 4.14 -6.51 59.00
C CYS B 671 3.34 -7.79 59.21
N ALA B 672 3.73 -8.85 58.50
CA ALA B 672 3.05 -10.14 58.56
C ALA B 672 4.08 -11.22 58.79
N SER B 673 3.63 -12.33 59.35
CA SER B 673 4.50 -13.48 59.54
C SER B 673 3.68 -14.75 59.57
N TYR B 674 4.35 -15.87 59.37
CA TYR B 674 3.72 -17.18 59.44
C TYR B 674 4.03 -17.82 60.78
N GLN B 675 3.29 -17.44 61.80
CA GLN B 675 3.72 -17.87 63.13
C GLN B 675 2.64 -18.55 63.95
N THR B 676 1.49 -17.90 64.05
CA THR B 676 0.51 -18.22 65.07
C THR B 676 -0.83 -18.61 64.47
N GLN B 690 0.05 -22.62 63.30
CA GLN B 690 0.51 -21.50 62.48
C GLN B 690 -0.52 -21.14 61.44
N SER B 691 -0.97 -19.88 61.38
CA SER B 691 -1.77 -19.55 60.22
C SER B 691 -1.16 -18.49 59.32
N ILE B 692 -1.29 -17.21 59.67
CA ILE B 692 -0.56 -16.06 59.12
C ILE B 692 -1.03 -14.90 59.99
N ILE B 693 -0.12 -14.04 60.42
CA ILE B 693 -0.46 -13.01 61.38
C ILE B 693 -0.02 -11.66 60.85
N ALA B 694 -0.77 -10.63 61.24
CA ALA B 694 -0.46 -9.25 60.91
C ALA B 694 -0.35 -8.45 62.21
N TYR B 695 0.77 -7.76 62.40
CA TYR B 695 1.05 -7.10 63.66
C TYR B 695 1.75 -5.76 63.41
N THR B 696 1.81 -4.96 64.46
CA THR B 696 2.62 -3.74 64.44
C THR B 696 4.05 -4.06 64.85
N MET B 697 5.02 -3.70 64.01
CA MET B 697 6.38 -4.14 64.22
C MET B 697 7.04 -3.47 65.42
N SER B 698 7.88 -4.22 66.09
CA SER B 698 8.66 -3.70 67.21
C SER B 698 9.98 -3.17 66.69
N LEU B 699 10.47 -2.13 67.36
CA LEU B 699 11.70 -1.50 66.93
C LEU B 699 12.94 -2.10 67.57
N GLY B 700 12.78 -2.76 68.69
CA GLY B 700 13.88 -3.39 69.38
C GLY B 700 13.58 -3.47 70.86
N ALA B 701 14.49 -4.14 71.56
CA ALA B 701 14.39 -4.18 73.00
C ALA B 701 14.63 -2.79 73.58
N GLU B 702 14.12 -2.59 74.78
CA GLU B 702 14.18 -1.29 75.42
C GLU B 702 15.03 -1.40 76.67
N ASN B 703 15.80 -0.35 76.96
CA ASN B 703 16.52 -0.39 78.22
C ASN B 703 16.92 1.00 78.65
N SER B 704 16.75 1.26 79.94
CA SER B 704 17.26 2.43 80.62
C SER B 704 18.70 2.21 81.04
N VAL B 705 19.54 3.18 80.74
CA VAL B 705 20.91 3.21 81.21
C VAL B 705 20.89 3.69 82.64
N ALA B 706 21.80 3.17 83.46
CA ALA B 706 21.83 3.49 84.88
C ALA B 706 22.60 4.80 85.12
N TYR B 707 22.15 5.86 84.48
CA TYR B 707 22.85 7.14 84.56
C TYR B 707 22.71 7.76 85.94
N SER B 708 23.82 8.23 86.49
CA SER B 708 23.81 9.13 87.64
C SER B 708 24.94 10.13 87.52
N ASN B 709 25.07 11.05 88.47
CA ASN B 709 26.08 12.09 88.31
C ASN B 709 27.43 11.70 88.87
N ASN B 710 27.59 10.50 89.44
CA ASN B 710 28.92 10.07 89.84
C ASN B 710 29.13 8.58 89.65
N SER B 711 28.50 7.99 88.64
CA SER B 711 28.61 6.57 88.35
C SER B 711 29.29 6.37 87.00
N ILE B 712 30.11 5.32 86.89
CA ILE B 712 30.78 5.01 85.65
C ILE B 712 30.80 3.49 85.47
N ALA B 713 30.95 3.04 84.23
CA ALA B 713 31.08 1.63 83.89
C ALA B 713 32.34 1.41 83.07
N ILE B 714 33.21 0.52 83.53
CA ILE B 714 34.49 0.23 82.90
C ILE B 714 34.50 -1.23 82.47
N PRO B 715 34.99 -1.55 81.27
CA PRO B 715 35.08 -2.96 80.86
C PRO B 715 36.25 -3.69 81.49
N THR B 716 36.05 -4.97 81.77
CA THR B 716 37.09 -5.80 82.36
C THR B 716 37.62 -6.89 81.44
N ASN B 717 37.07 -6.98 80.23
CA ASN B 717 37.48 -7.97 79.27
C ASN B 717 37.17 -7.45 77.88
N PHE B 718 37.47 -8.25 76.87
CA PHE B 718 37.17 -7.87 75.50
C PHE B 718 36.95 -9.13 74.67
N THR B 719 36.36 -8.93 73.49
CA THR B 719 36.35 -9.95 72.44
C THR B 719 36.95 -9.40 71.16
N ILE B 720 37.48 -10.29 70.36
CA ILE B 720 37.98 -9.99 69.02
C ILE B 720 36.92 -10.44 68.01
N SER B 721 36.41 -9.50 67.23
CA SER B 721 35.40 -9.81 66.23
C SER B 721 36.01 -9.76 64.83
N VAL B 722 35.48 -10.58 63.92
CA VAL B 722 35.72 -10.43 62.49
C VAL B 722 34.39 -10.47 61.76
N THR B 723 34.17 -9.52 60.87
CA THR B 723 32.93 -9.44 60.12
C THR B 723 33.21 -9.19 58.64
N THR B 724 32.31 -9.65 57.80
CA THR B 724 32.45 -9.49 56.36
C THR B 724 31.72 -8.26 55.86
N GLU B 725 32.23 -7.70 54.77
CA GLU B 725 31.53 -6.71 53.98
C GLU B 725 31.77 -7.04 52.52
N ILE B 726 30.74 -6.96 51.70
CA ILE B 726 30.82 -7.39 50.30
C ILE B 726 30.42 -6.21 49.42
N LEU B 727 31.20 -5.97 48.38
CA LEU B 727 30.93 -4.84 47.51
C LEU B 727 31.15 -5.22 46.05
N PRO B 728 30.25 -4.80 45.15
CA PRO B 728 30.47 -4.98 43.72
C PRO B 728 31.49 -4.01 43.17
N VAL B 729 32.28 -4.46 42.21
CA VAL B 729 33.21 -3.55 41.54
C VAL B 729 33.04 -3.50 40.03
N SER B 730 32.35 -4.43 39.37
CA SER B 730 32.21 -4.33 37.92
C SER B 730 30.99 -5.10 37.43
N MET B 731 30.56 -4.75 36.21
CA MET B 731 29.56 -5.47 35.43
C MET B 731 30.20 -6.12 34.22
N THR B 732 29.44 -6.98 33.56
CA THR B 732 29.87 -7.59 32.30
C THR B 732 29.89 -6.57 31.17
N LYS B 733 30.91 -6.66 30.35
CA LYS B 733 31.09 -5.79 29.21
C LYS B 733 30.39 -6.39 28.00
N THR B 734 29.34 -5.73 27.54
CA THR B 734 28.60 -6.19 26.40
C THR B 734 28.63 -5.13 25.33
N SER B 735 28.50 -5.57 24.09
CA SER B 735 28.37 -4.68 22.95
C SER B 735 27.22 -5.17 22.09
N VAL B 736 26.54 -4.22 21.45
CA VAL B 736 25.49 -4.53 20.51
C VAL B 736 25.82 -3.83 19.20
N ASP B 737 25.70 -4.56 18.10
CA ASP B 737 25.77 -3.98 16.77
C ASP B 737 24.38 -3.45 16.42
N CYS B 738 24.21 -2.14 16.44
CA CYS B 738 22.91 -1.52 16.21
C CYS B 738 22.30 -1.99 14.89
N THR B 739 23.09 -1.97 13.81
CA THR B 739 22.57 -2.33 12.51
C THR B 739 22.15 -3.79 12.44
N MET B 740 22.88 -4.69 13.07
CA MET B 740 22.56 -6.10 13.00
C MET B 740 21.41 -6.49 13.92
N TYR B 741 21.19 -5.73 14.99
CA TYR B 741 20.02 -5.96 15.82
C TYR B 741 18.77 -5.46 15.12
N ILE B 742 18.83 -4.26 14.56
CA ILE B 742 17.65 -3.72 13.89
C ILE B 742 17.36 -4.52 12.64
N CYS B 743 17.94 -4.10 11.52
CA CYS B 743 17.72 -4.80 10.26
C CYS B 743 17.97 -6.29 10.46
N GLY B 744 19.24 -6.68 10.42
CA GLY B 744 19.61 -8.07 10.61
C GLY B 744 19.61 -8.87 9.31
N ASP B 745 20.72 -8.79 8.58
CA ASP B 745 20.87 -9.52 7.32
C ASP B 745 20.24 -8.80 6.14
N SER B 746 18.93 -8.62 6.18
CA SER B 746 18.20 -7.95 5.09
C SER B 746 18.93 -6.71 4.59
N THR B 747 18.62 -6.30 3.36
CA THR B 747 19.26 -5.14 2.76
C THR B 747 18.28 -4.00 2.51
N GLU B 748 16.99 -4.32 2.56
CA GLU B 748 15.96 -3.29 2.35
C GLU B 748 15.89 -2.46 3.62
N CYS B 749 16.27 -3.08 4.72
CA CYS B 749 16.29 -2.46 6.04
C CYS B 749 17.47 -1.51 6.21
N SER B 750 18.64 -1.87 5.71
CA SER B 750 19.81 -1.05 5.94
C SER B 750 19.71 0.31 5.25
N ASN B 751 19.21 0.35 4.02
CA ASN B 751 19.07 1.62 3.34
C ASN B 751 18.00 2.50 3.99
N LEU B 752 16.95 1.90 4.53
CA LEU B 752 15.94 2.67 5.24
C LEU B 752 16.47 3.19 6.56
N LEU B 753 17.29 2.41 7.26
CA LEU B 753 17.84 2.85 8.53
C LEU B 753 18.93 3.89 8.35
N LEU B 754 19.62 3.87 7.21
CA LEU B 754 20.58 4.93 6.89
C LEU B 754 19.96 6.32 6.92
N GLN B 755 18.63 6.42 6.91
CA GLN B 755 17.94 7.70 6.88
C GLN B 755 17.79 8.34 8.23
N TYR B 756 18.24 7.69 9.29
CA TYR B 756 18.03 8.19 10.64
C TYR B 756 19.24 8.92 11.20
N GLY B 757 20.33 8.99 10.46
CA GLY B 757 21.46 9.77 10.90
C GLY B 757 22.41 8.96 11.74
N SER B 758 22.91 9.56 12.81
CA SER B 758 23.92 8.93 13.66
C SER B 758 23.33 8.36 14.93
N PHE B 759 22.11 7.82 14.89
CA PHE B 759 21.54 7.24 16.10
C PHE B 759 22.29 6.00 16.55
N CYS B 760 22.80 5.19 15.63
CA CYS B 760 23.51 3.98 15.99
C CYS B 760 24.96 4.21 16.37
N THR B 761 25.59 5.27 15.88
CA THR B 761 26.94 5.62 16.29
C THR B 761 26.97 6.09 17.74
N GLN B 762 25.96 6.86 18.14
CA GLN B 762 25.84 7.29 19.53
C GLN B 762 25.70 6.11 20.47
N LEU B 763 24.88 5.13 20.11
CA LEU B 763 24.64 4.01 21.01
C LEU B 763 25.89 3.16 21.20
N ASN B 764 26.65 2.94 20.13
CA ASN B 764 27.90 2.20 20.26
C ASN B 764 28.93 2.97 21.06
N ARG B 765 28.99 4.28 20.91
CA ARG B 765 29.87 5.06 21.78
C ARG B 765 29.46 4.93 23.24
N ALA B 766 28.17 5.00 23.52
CA ALA B 766 27.69 4.89 24.88
C ALA B 766 28.06 3.55 25.50
N LEU B 767 27.85 2.46 24.76
CA LEU B 767 28.20 1.16 25.29
C LEU B 767 29.69 0.94 25.41
N THR B 768 30.50 1.53 24.54
CA THR B 768 31.95 1.35 24.64
C THR B 768 32.53 2.09 25.84
N GLY B 769 32.00 3.29 26.15
CA GLY B 769 32.43 3.98 27.35
C GLY B 769 32.20 3.18 28.61
N ILE B 770 31.03 2.55 28.74
CA ILE B 770 30.71 1.69 29.86
C ILE B 770 31.71 0.56 30.01
N ALA B 771 32.07 -0.10 28.92
CA ALA B 771 33.00 -1.22 28.95
C ALA B 771 34.42 -0.80 29.30
N VAL B 772 34.83 0.39 28.88
CA VAL B 772 36.14 0.87 29.29
C VAL B 772 36.15 1.29 30.76
N GLU B 773 35.01 1.72 31.29
CA GLU B 773 34.95 2.08 32.70
C GLU B 773 35.05 0.87 33.63
N GLN B 774 34.62 -0.31 33.17
CA GLN B 774 34.62 -1.48 34.03
C GLN B 774 36.03 -1.99 34.32
N ASP B 775 36.99 -1.73 33.45
CA ASP B 775 38.36 -2.13 33.73
C ASP B 775 39.06 -1.15 34.64
N LYS B 776 38.71 0.11 34.55
CA LYS B 776 39.24 1.11 35.45
C LYS B 776 38.70 0.97 36.86
N ASN B 777 37.45 0.55 37.01
CA ASN B 777 36.92 0.17 38.31
C ASN B 777 37.84 -0.84 39.01
N THR B 778 38.20 -1.91 38.31
CA THR B 778 39.00 -2.99 38.89
C THR B 778 40.43 -2.58 39.11
N GLN B 779 41.01 -1.81 38.20
CA GLN B 779 42.34 -1.30 38.41
C GLN B 779 42.40 -0.41 39.64
N GLU B 780 41.37 0.40 39.87
CA GLU B 780 41.37 1.27 41.03
C GLU B 780 41.16 0.53 42.33
N VAL B 781 40.41 -0.58 42.34
CA VAL B 781 40.25 -1.29 43.60
C VAL B 781 41.48 -2.14 43.91
N PHE B 782 42.01 -2.88 42.94
CA PHE B 782 42.96 -3.94 43.27
C PHE B 782 44.41 -3.61 43.00
N ALA B 783 44.75 -2.84 41.99
CA ALA B 783 46.16 -2.58 41.67
C ALA B 783 46.69 -1.41 42.51
N GLN B 784 46.54 -1.55 43.82
CA GLN B 784 46.95 -0.55 44.79
C GLN B 784 48.29 -0.87 45.43
N VAL B 785 49.17 -1.53 44.72
CA VAL B 785 50.41 -2.00 45.33
C VAL B 785 51.51 -1.95 44.30
N LYS B 786 52.67 -1.49 44.73
CA LYS B 786 53.82 -1.37 43.83
C LYS B 786 54.40 -2.72 43.47
N GLN B 787 54.77 -3.49 44.48
CA GLN B 787 55.46 -4.75 44.32
C GLN B 787 54.51 -5.90 44.58
N ILE B 788 54.91 -7.08 44.18
CA ILE B 788 54.15 -8.29 44.49
C ILE B 788 54.86 -8.95 45.66
N TYR B 789 54.35 -8.73 46.85
CA TYR B 789 54.97 -9.21 48.07
C TYR B 789 54.64 -10.66 48.35
N LYS B 790 55.58 -11.36 48.98
CA LYS B 790 55.44 -12.76 49.35
C LYS B 790 55.64 -12.96 50.84
N THR B 791 54.90 -13.89 51.40
CA THR B 791 55.10 -14.29 52.78
C THR B 791 56.28 -15.23 52.90
N PRO B 792 56.97 -15.21 54.04
CA PRO B 792 58.12 -16.11 54.21
C PRO B 792 57.66 -17.54 54.40
N PRO B 793 58.54 -18.52 54.14
CA PRO B 793 58.12 -19.93 54.20
C PRO B 793 57.69 -20.41 55.59
N ILE B 794 58.19 -19.81 56.67
CA ILE B 794 57.70 -20.09 58.02
C ILE B 794 56.34 -19.42 58.19
N LYS B 795 55.67 -19.71 59.29
CA LYS B 795 54.44 -19.00 59.61
C LYS B 795 54.42 -18.62 61.08
N ASP B 796 55.56 -18.16 61.61
CA ASP B 796 55.65 -17.79 63.02
C ASP B 796 55.10 -16.38 63.17
N PHE B 797 53.80 -16.27 63.40
CA PHE B 797 53.12 -14.99 63.52
C PHE B 797 52.58 -14.74 64.92
N GLY B 798 53.26 -15.20 65.95
CA GLY B 798 52.83 -14.94 67.30
C GLY B 798 51.64 -15.75 67.76
N GLY B 799 51.39 -16.89 67.15
CA GLY B 799 50.23 -17.68 67.46
C GLY B 799 49.02 -17.38 66.59
N PHE B 800 49.12 -16.40 65.71
CA PHE B 800 48.05 -16.09 64.79
C PHE B 800 48.17 -16.96 63.55
N ASN B 801 47.05 -17.40 63.02
CA ASN B 801 47.00 -18.42 61.99
C ASN B 801 46.20 -17.88 60.82
N PHE B 802 46.86 -17.66 59.69
CA PHE B 802 46.24 -17.03 58.53
C PHE B 802 46.06 -18.02 57.40
N SER B 803 46.04 -19.31 57.69
CA SER B 803 46.10 -20.31 56.63
C SER B 803 44.86 -20.35 55.78
N GLN B 804 43.71 -19.97 56.31
CA GLN B 804 42.49 -20.02 55.51
C GLN B 804 42.37 -18.86 54.54
N ILE B 805 43.23 -17.85 54.63
CA ILE B 805 43.16 -16.70 53.74
C ILE B 805 44.46 -16.47 52.99
N LEU B 806 45.45 -17.27 53.18
CA LEU B 806 46.62 -17.21 52.33
C LEU B 806 46.45 -18.13 51.13
N PRO B 807 47.17 -17.88 50.03
CA PRO B 807 46.93 -18.66 48.81
C PRO B 807 47.25 -20.14 48.96
N ASP B 808 46.58 -20.94 48.15
CA ASP B 808 46.71 -22.40 48.20
C ASP B 808 47.66 -22.86 47.10
N PRO B 809 48.87 -23.31 47.42
CA PRO B 809 49.85 -23.63 46.37
C PRO B 809 49.46 -24.83 45.52
N SER B 810 48.54 -25.69 45.97
CA SER B 810 48.10 -26.84 45.20
C SER B 810 46.84 -26.54 44.39
N LYS B 811 46.94 -25.60 43.45
CA LYS B 811 45.82 -25.21 42.62
C LYS B 811 46.34 -24.50 41.38
N PRO B 812 45.64 -24.63 40.25
CA PRO B 812 45.99 -23.79 39.10
C PRO B 812 45.71 -22.31 39.33
N SER B 813 44.64 -22.00 40.06
CA SER B 813 44.24 -20.62 40.30
C SER B 813 44.95 -19.99 41.48
N LYS B 814 45.49 -20.79 42.40
CA LYS B 814 46.21 -20.31 43.58
C LYS B 814 45.34 -19.42 44.46
N ARG B 815 44.05 -19.70 44.51
CA ARG B 815 43.18 -18.95 45.39
C ARG B 815 43.31 -19.48 46.81
N SER B 816 42.74 -18.75 47.76
CA SER B 816 42.72 -19.21 49.12
C SER B 816 41.47 -20.04 49.35
N PHE B 817 41.37 -20.62 50.54
CA PHE B 817 40.24 -21.44 50.90
C PHE B 817 38.95 -20.64 50.87
N ILE B 818 38.97 -19.42 51.40
CA ILE B 818 37.77 -18.60 51.46
C ILE B 818 37.44 -18.01 50.11
N GLU B 819 38.45 -17.73 49.29
CA GLU B 819 38.21 -17.33 47.93
C GLU B 819 37.69 -18.45 47.05
N ASP B 820 37.99 -19.70 47.38
CA ASP B 820 37.36 -20.83 46.72
C ASP B 820 35.92 -21.01 47.16
N LEU B 821 35.62 -20.79 48.44
CA LEU B 821 34.22 -20.81 48.84
C LEU B 821 33.41 -19.72 48.18
N LEU B 822 33.98 -18.54 47.99
CA LEU B 822 33.20 -17.44 47.41
C LEU B 822 32.94 -17.65 45.92
N PHE B 823 33.81 -18.37 45.22
CA PHE B 823 33.63 -18.53 43.79
C PHE B 823 32.70 -19.68 43.43
N ASN B 824 32.24 -20.45 44.39
CA ASN B 824 31.26 -21.49 44.16
C ASN B 824 29.86 -21.10 44.60
N LYS B 825 29.68 -19.87 45.05
CA LYS B 825 28.38 -19.40 45.49
C LYS B 825 27.77 -18.36 44.57
N VAL B 826 28.55 -17.78 43.66
CA VAL B 826 28.02 -16.79 42.75
C VAL B 826 28.07 -17.29 41.31
N LYS B 854 26.18 -16.77 21.38
CA LYS B 854 26.10 -15.83 20.27
C LYS B 854 24.65 -15.52 19.92
N PHE B 855 24.41 -14.30 19.47
CA PHE B 855 23.06 -13.82 19.23
C PHE B 855 23.01 -12.77 18.12
N ASN B 856 21.92 -12.01 18.08
CA ASN B 856 21.64 -11.07 17.01
C ASN B 856 22.42 -9.78 17.13
N GLY B 857 23.74 -9.85 17.11
CA GLY B 857 24.58 -8.68 17.28
C GLY B 857 25.10 -8.47 18.67
N LEU B 858 24.78 -9.34 19.62
CA LEU B 858 25.19 -9.18 21.00
C LEU B 858 26.52 -9.89 21.25
N THR B 859 27.39 -9.24 22.00
CA THR B 859 28.74 -9.75 22.26
C THR B 859 29.12 -9.44 23.70
N VAL B 860 29.89 -10.34 24.30
CA VAL B 860 30.45 -10.16 25.63
C VAL B 860 31.96 -10.13 25.51
N LEU B 861 32.56 -9.04 25.90
CA LEU B 861 34.02 -8.93 25.91
C LEU B 861 34.59 -9.46 27.21
N PRO B 862 35.81 -9.99 27.19
CA PRO B 862 36.42 -10.46 28.43
C PRO B 862 37.11 -9.34 29.18
N PRO B 863 37.18 -9.43 30.51
CA PRO B 863 37.92 -8.42 31.27
C PRO B 863 39.42 -8.45 30.98
N LEU B 864 40.06 -7.29 31.14
CA LEU B 864 41.49 -7.18 30.89
C LEU B 864 42.30 -8.01 31.87
N LEU B 865 41.93 -7.96 33.14
CA LEU B 865 42.56 -8.79 34.17
C LEU B 865 41.81 -10.09 34.30
N THR B 866 42.52 -11.20 34.16
CA THR B 866 42.03 -12.48 34.62
C THR B 866 41.78 -12.41 36.12
N ASP B 867 41.04 -13.36 36.65
CA ASP B 867 40.90 -13.38 38.09
C ASP B 867 42.01 -14.15 38.79
N GLU B 868 42.86 -14.84 38.05
CA GLU B 868 44.16 -15.21 38.58
C GLU B 868 44.99 -14.00 38.95
N MET B 869 45.05 -13.01 38.07
CA MET B 869 45.71 -11.76 38.35
C MET B 869 45.10 -11.03 39.53
N ILE B 870 43.78 -11.07 39.68
CA ILE B 870 43.14 -10.42 40.81
C ILE B 870 43.47 -11.15 42.10
N ALA B 871 43.48 -12.47 42.08
CA ALA B 871 43.88 -13.20 43.27
C ALA B 871 45.34 -12.97 43.61
N GLN B 872 46.17 -12.72 42.61
CA GLN B 872 47.56 -12.42 42.84
C GLN B 872 47.78 -11.01 43.39
N TYR B 873 46.93 -10.06 43.02
CA TYR B 873 46.97 -8.74 43.69
C TYR B 873 46.52 -8.85 45.14
N THR B 874 45.46 -9.63 45.41
CA THR B 874 44.98 -9.70 46.78
C THR B 874 45.92 -10.42 47.71
N SER B 875 46.58 -11.47 47.26
CA SER B 875 47.55 -12.13 48.13
C SER B 875 48.75 -11.26 48.44
N ALA B 876 49.15 -10.39 47.52
CA ALA B 876 50.25 -9.46 47.77
C ALA B 876 49.86 -8.37 48.74
N LEU B 877 48.63 -7.86 48.62
CA LEU B 877 48.12 -6.96 49.65
C LEU B 877 48.08 -7.63 51.02
N LEU B 878 47.76 -8.91 51.07
CA LEU B 878 47.73 -9.62 52.34
C LEU B 878 49.11 -9.81 52.95
N ALA B 879 50.08 -10.24 52.17
CA ALA B 879 51.45 -10.39 52.64
C ALA B 879 52.11 -9.07 53.00
N GLY B 880 51.73 -7.97 52.36
CA GLY B 880 52.22 -6.68 52.79
C GLY B 880 51.76 -6.32 54.18
N THR B 881 50.49 -6.57 54.47
CA THR B 881 49.91 -6.28 55.78
C THR B 881 50.44 -7.18 56.88
N ILE B 882 50.58 -8.47 56.62
CA ILE B 882 50.97 -9.39 57.69
C ILE B 882 52.45 -9.22 58.03
N THR B 883 53.22 -8.66 57.12
CA THR B 883 54.66 -8.57 57.31
C THR B 883 55.16 -7.17 57.62
N SER B 884 54.45 -6.13 57.21
CA SER B 884 54.95 -4.79 57.39
C SER B 884 53.93 -3.84 58.01
N GLY B 885 52.76 -4.31 58.39
CA GLY B 885 51.78 -3.44 58.99
C GLY B 885 51.22 -2.44 58.02
N TRP B 886 51.46 -1.15 58.25
CA TRP B 886 50.99 -0.10 57.36
C TRP B 886 52.11 0.65 56.67
N THR B 887 53.33 0.18 56.74
CA THR B 887 54.43 0.94 56.18
C THR B 887 54.52 0.80 54.67
N PHE B 888 54.09 -0.32 54.12
CA PHE B 888 54.13 -0.50 52.68
C PHE B 888 53.11 0.34 51.94
N GLY B 889 52.09 0.85 52.64
CA GLY B 889 51.13 1.75 52.00
C GLY B 889 51.57 3.19 51.94
N ALA B 890 52.68 3.54 52.58
CA ALA B 890 53.20 4.89 52.57
C ALA B 890 54.59 4.98 51.98
N GLY B 891 55.20 3.87 51.61
CA GLY B 891 56.53 3.88 51.05
C GLY B 891 57.06 2.48 50.92
N ALA B 892 58.32 2.27 51.28
CA ALA B 892 58.91 0.95 51.25
C ALA B 892 58.44 0.13 52.45
N ALA B 893 58.31 -1.17 52.24
CA ALA B 893 57.82 -2.06 53.28
C ALA B 893 58.90 -2.27 54.32
N LEU B 894 58.58 -2.03 55.58
CA LEU B 894 59.50 -2.18 56.68
C LEU B 894 58.98 -3.29 57.57
N GLN B 895 59.73 -4.38 57.69
CA GLN B 895 59.26 -5.50 58.46
C GLN B 895 59.21 -5.16 59.95
N ILE B 896 58.30 -5.82 60.65
CA ILE B 896 58.09 -5.66 62.08
C ILE B 896 57.48 -6.98 62.52
N PRO B 897 57.77 -7.50 63.72
CA PRO B 897 57.10 -8.74 64.15
C PRO B 897 55.62 -8.53 64.41
N PHE B 898 54.82 -9.57 64.16
CA PHE B 898 53.38 -9.40 64.11
C PHE B 898 52.78 -9.05 65.47
N ALA B 899 53.29 -9.61 66.56
CA ALA B 899 52.78 -9.21 67.87
C ALA B 899 53.07 -7.76 68.18
N MET B 900 54.21 -7.25 67.77
CA MET B 900 54.52 -5.84 68.02
C MET B 900 53.67 -4.93 67.17
N GLN B 901 53.30 -5.36 65.98
CA GLN B 901 52.39 -4.59 65.15
C GLN B 901 50.99 -4.60 65.75
N MET B 902 50.57 -5.74 66.27
CA MET B 902 49.30 -5.84 66.99
C MET B 902 49.28 -4.94 68.21
N ALA B 903 50.41 -4.80 68.88
CA ALA B 903 50.52 -3.90 70.02
C ALA B 903 50.52 -2.43 69.62
N TYR B 904 51.09 -2.08 68.47
CA TYR B 904 50.93 -0.73 67.94
C TYR B 904 49.48 -0.40 67.66
N ARG B 905 48.74 -1.37 67.13
CA ARG B 905 47.34 -1.16 66.82
C ARG B 905 46.48 -1.07 68.06
N PHE B 906 46.83 -1.79 69.13
CA PHE B 906 46.11 -1.60 70.38
C PHE B 906 46.28 -0.20 70.93
N ASN B 907 47.43 0.43 70.72
CA ASN B 907 47.61 1.82 71.08
C ASN B 907 46.73 2.74 70.27
N GLY B 908 46.44 2.41 69.03
CA GLY B 908 45.67 3.29 68.18
C GLY B 908 44.22 3.37 68.57
N ILE B 909 43.71 2.36 69.27
CA ILE B 909 42.35 2.42 69.80
C ILE B 909 42.32 2.83 71.26
N GLY B 910 43.44 3.26 71.82
CA GLY B 910 43.46 3.75 73.17
C GLY B 910 43.58 2.71 74.25
N VAL B 911 44.11 1.55 73.96
CA VAL B 911 44.41 0.55 74.97
C VAL B 911 45.92 0.51 75.14
N THR B 912 46.35 0.31 76.36
CA THR B 912 47.76 0.31 76.67
C THR B 912 48.37 -1.04 76.25
N GLN B 913 49.60 -1.01 75.78
CA GLN B 913 50.08 -2.11 74.96
C GLN B 913 50.53 -3.33 75.75
N ASN B 914 50.65 -3.26 77.07
CA ASN B 914 50.83 -4.49 77.82
C ASN B 914 49.56 -5.33 77.91
N VAL B 915 48.40 -4.73 77.69
CA VAL B 915 47.17 -5.50 77.63
C VAL B 915 47.24 -6.51 76.51
N LEU B 916 47.99 -6.22 75.45
CA LEU B 916 48.17 -7.21 74.40
C LEU B 916 49.18 -8.28 74.78
N TYR B 917 50.34 -7.87 75.31
CA TYR B 917 51.40 -8.83 75.53
C TYR B 917 51.08 -9.78 76.66
N GLU B 918 50.28 -9.34 77.63
CA GLU B 918 49.88 -10.20 78.73
C GLU B 918 48.69 -11.08 78.40
N ASN B 919 48.08 -10.90 77.23
CA ASN B 919 46.91 -11.66 76.82
C ASN B 919 47.09 -12.22 75.41
N GLN B 920 48.32 -12.29 74.93
CA GLN B 920 48.60 -12.71 73.57
C GLN B 920 47.93 -14.02 73.18
N LYS B 921 48.04 -15.06 74.00
CA LYS B 921 47.47 -16.35 73.63
C LYS B 921 45.96 -16.31 73.53
N LEU B 922 45.30 -15.68 74.50
CA LEU B 922 43.86 -15.54 74.44
C LEU B 922 43.42 -14.75 73.22
N ILE B 923 44.14 -13.68 72.90
CA ILE B 923 43.76 -12.84 71.76
C ILE B 923 43.94 -13.60 70.46
N ALA B 924 45.01 -14.39 70.35
CA ALA B 924 45.24 -15.19 69.16
C ALA B 924 44.21 -16.31 69.01
N ASN B 925 43.82 -16.97 70.10
CA ASN B 925 42.73 -17.94 70.05
C ASN B 925 41.42 -17.32 69.62
N GLN B 926 41.06 -16.15 70.15
CA GLN B 926 39.84 -15.51 69.71
C GLN B 926 39.86 -15.15 68.24
N PHE B 927 40.97 -14.60 67.75
CA PHE B 927 41.07 -14.38 66.31
C PHE B 927 40.86 -15.66 65.53
N ASN B 928 41.51 -16.75 65.95
CA ASN B 928 41.44 -18.01 65.20
C ASN B 928 40.03 -18.59 65.19
N SER B 929 39.32 -18.53 66.31
CA SER B 929 37.94 -18.98 66.32
C SER B 929 37.03 -18.10 65.47
N ALA B 930 37.21 -16.78 65.51
CA ALA B 930 36.39 -15.92 64.68
C ALA B 930 36.66 -16.13 63.19
N ILE B 931 37.89 -16.47 62.83
CA ILE B 931 38.16 -16.76 61.42
C ILE B 931 37.54 -18.09 61.02
N GLY B 932 37.58 -19.06 61.93
CA GLY B 932 36.90 -20.32 61.68
C GLY B 932 35.40 -20.20 61.52
N LYS B 933 34.76 -19.30 62.24
CA LYS B 933 33.32 -19.15 62.09
C LYS B 933 32.91 -18.58 60.76
N ILE B 934 33.80 -17.91 60.03
CA ILE B 934 33.39 -17.25 58.80
C ILE B 934 33.10 -18.26 57.71
N GLN B 935 33.93 -19.29 57.57
CA GLN B 935 33.63 -20.33 56.58
C GLN B 935 32.30 -21.01 56.87
N ASP B 936 32.05 -21.40 58.12
CA ASP B 936 30.76 -21.97 58.45
C ASP B 936 29.62 -21.02 58.13
N SER B 937 29.78 -19.73 58.44
CA SER B 937 28.77 -18.77 58.05
C SER B 937 28.69 -18.59 56.55
N LEU B 938 29.66 -19.10 55.80
CA LEU B 938 29.64 -18.98 54.34
C LEU B 938 29.19 -20.29 53.67
N SER B 939 29.89 -21.38 53.96
CA SER B 939 29.54 -22.68 53.39
C SER B 939 28.41 -23.34 54.18
N ALA B 944 23.86 -13.23 52.16
CA ALA B 944 25.32 -13.25 52.12
C ALA B 944 25.81 -12.56 50.85
N LEU B 945 26.00 -13.34 49.79
CA LEU B 945 26.49 -12.82 48.51
C LEU B 945 25.34 -12.45 47.58
N GLY B 946 24.22 -12.00 48.13
CA GLY B 946 23.13 -11.53 47.30
C GLY B 946 23.40 -10.22 46.59
N LYS B 947 24.28 -9.38 47.16
CA LYS B 947 24.62 -8.13 46.48
C LYS B 947 25.40 -8.37 45.20
N LEU B 948 26.12 -9.47 45.11
CA LEU B 948 26.81 -9.82 43.89
C LEU B 948 25.91 -10.58 42.93
N GLN B 949 24.93 -11.31 43.44
CA GLN B 949 23.99 -12.00 42.57
C GLN B 949 23.01 -11.05 41.92
N ASP B 950 22.57 -10.01 42.63
CA ASP B 950 21.66 -9.03 42.06
C ASP B 950 22.20 -8.36 40.81
N VAL B 951 23.49 -8.02 40.77
CA VAL B 951 24.03 -7.35 39.60
C VAL B 951 23.97 -8.27 38.39
N VAL B 952 24.41 -9.51 38.56
CA VAL B 952 24.36 -10.51 37.49
C VAL B 952 22.92 -10.75 37.05
N ASN B 953 21.99 -10.84 37.98
CA ASN B 953 20.61 -11.11 37.65
C ASN B 953 19.98 -9.96 36.89
N GLN B 954 20.15 -8.73 37.36
CA GLN B 954 19.59 -7.58 36.67
C GLN B 954 20.17 -7.43 35.28
N ASN B 955 21.45 -7.73 35.10
CA ASN B 955 21.99 -7.58 33.77
C ASN B 955 21.51 -8.69 32.83
N ALA B 956 21.48 -9.93 33.28
CA ALA B 956 20.98 -11.00 32.42
C ALA B 956 19.52 -10.79 32.07
N GLN B 957 18.72 -10.35 33.03
CA GLN B 957 17.32 -10.10 32.78
C GLN B 957 17.08 -8.92 31.85
N ALA B 958 17.93 -7.89 31.91
CA ALA B 958 17.77 -6.80 30.97
C ALA B 958 18.25 -7.17 29.57
N LEU B 959 19.16 -8.12 29.46
CA LEU B 959 19.57 -8.58 28.14
C LEU B 959 18.60 -9.57 27.53
N ASN B 960 17.82 -10.29 28.34
CA ASN B 960 16.81 -11.19 27.82
C ASN B 960 15.62 -10.43 27.23
N THR B 961 15.25 -9.29 27.81
CA THR B 961 14.17 -8.47 27.27
C THR B 961 14.49 -7.88 25.91
N LEU B 962 15.72 -7.46 25.67
CA LEU B 962 16.10 -6.94 24.37
C LEU B 962 15.94 -7.98 23.27
N VAL B 963 16.28 -9.23 23.55
CA VAL B 963 16.10 -10.28 22.56
C VAL B 963 14.64 -10.63 22.40
N LYS B 964 13.87 -10.67 23.48
CA LYS B 964 12.46 -10.96 23.34
C LYS B 964 11.70 -9.88 22.59
N GLN B 965 12.17 -8.65 22.60
CA GLN B 965 11.52 -7.57 21.87
C GLN B 965 11.67 -7.68 20.37
N LEU B 966 12.35 -8.68 19.86
CA LEU B 966 12.49 -8.82 18.42
C LEU B 966 11.34 -9.60 17.80
N SER B 967 10.58 -10.33 18.59
CA SER B 967 9.36 -10.93 18.08
C SER B 967 8.13 -10.12 18.46
N SER B 968 8.06 -8.88 18.02
CA SER B 968 6.88 -8.04 18.15
C SER B 968 6.72 -7.26 16.87
N ASN B 969 5.49 -7.12 16.38
CA ASN B 969 5.31 -6.44 15.10
C ASN B 969 5.32 -4.94 15.25
N PHE B 970 5.01 -4.41 16.42
CA PHE B 970 4.86 -2.98 16.66
C PHE B 970 3.80 -2.38 15.75
N GLY B 971 2.82 -3.16 15.34
CA GLY B 971 1.77 -2.67 14.48
C GLY B 971 2.03 -2.84 13.00
N ALA B 972 2.90 -3.76 12.63
CA ALA B 972 3.08 -4.19 11.25
C ALA B 972 2.36 -5.52 11.09
N ILE B 973 2.41 -6.09 9.88
CA ILE B 973 1.70 -7.34 9.69
C ILE B 973 2.39 -8.47 10.44
N SER B 974 3.71 -8.53 10.40
CA SER B 974 4.44 -9.57 11.10
C SER B 974 5.70 -8.96 11.69
N SER B 975 6.50 -9.80 12.33
CA SER B 975 7.70 -9.35 13.03
C SER B 975 8.97 -9.98 12.47
N VAL B 976 8.89 -10.57 11.28
CA VAL B 976 10.03 -11.22 10.66
C VAL B 976 10.25 -10.61 9.29
N LEU B 977 11.42 -10.01 9.09
CA LEU B 977 11.70 -9.11 7.98
C LEU B 977 11.67 -9.78 6.62
N ASN B 978 11.54 -11.11 6.54
CA ASN B 978 11.41 -11.75 5.24
C ASN B 978 9.95 -11.91 4.84
N ASP B 979 9.11 -12.40 5.73
CA ASP B 979 7.71 -12.63 5.37
C ASP B 979 7.00 -11.34 5.04
N ILE B 980 7.39 -10.24 5.66
CA ILE B 980 6.85 -8.95 5.24
C ILE B 980 7.37 -8.65 3.84
N LEU B 981 8.58 -9.10 3.57
CA LEU B 981 9.25 -8.70 2.34
C LEU B 981 8.94 -9.58 1.15
N SER B 982 8.49 -10.81 1.35
CA SER B 982 8.18 -11.74 0.27
C SER B 982 6.68 -11.90 0.13
N ARG B 983 5.92 -10.98 0.72
CA ARG B 983 4.47 -11.01 0.58
C ARG B 983 3.94 -9.63 0.26
N LEU B 984 4.82 -8.68 -0.02
CA LEU B 984 4.40 -7.38 -0.49
C LEU B 984 5.48 -6.84 -1.42
N ASP B 985 5.11 -5.83 -2.21
CA ASP B 985 6.01 -5.17 -3.14
C ASP B 985 6.48 -3.83 -2.57
N PRO B 986 7.63 -3.32 -3.02
CA PRO B 986 8.43 -2.38 -2.20
C PRO B 986 7.63 -1.24 -1.59
N PRO B 987 6.89 -0.51 -2.42
CA PRO B 987 6.10 0.63 -1.93
C PRO B 987 5.23 0.26 -0.73
N GLU B 988 4.69 -0.95 -0.76
CA GLU B 988 3.84 -1.47 0.29
C GLU B 988 4.63 -1.97 1.49
N ALA B 989 5.83 -2.50 1.26
CA ALA B 989 6.60 -3.11 2.33
C ALA B 989 7.39 -2.09 3.14
N GLU B 990 7.93 -1.07 2.48
CA GLU B 990 8.65 -0.01 3.17
C GLU B 990 7.83 0.58 4.31
N VAL B 991 6.52 0.67 4.16
CA VAL B 991 5.68 1.20 5.24
C VAL B 991 5.77 0.32 6.48
N GLN B 992 5.68 -0.99 6.33
CA GLN B 992 5.76 -1.88 7.49
C GLN B 992 7.17 -1.95 8.06
N ILE B 993 8.17 -1.92 7.18
CA ILE B 993 9.54 -2.02 7.66
C ILE B 993 9.91 -0.79 8.46
N ASP B 994 9.35 0.37 8.13
CA ASP B 994 9.61 1.52 8.97
C ASP B 994 9.00 1.42 10.36
N ARG B 995 7.83 0.81 10.51
CA ARG B 995 7.29 0.55 11.83
C ARG B 995 8.15 -0.41 12.64
N LEU B 996 8.57 -1.51 12.02
CA LEU B 996 9.50 -2.43 12.67
C LEU B 996 10.77 -1.71 13.12
N ILE B 997 11.34 -0.88 12.26
CA ILE B 997 12.56 -0.14 12.60
C ILE B 997 12.31 0.76 13.79
N THR B 998 11.19 1.48 13.79
CA THR B 998 10.93 2.40 14.89
C THR B 998 10.84 1.67 16.22
N GLY B 999 10.11 0.56 16.26
CA GLY B 999 10.03 -0.20 17.49
C GLY B 999 11.36 -0.75 17.96
N ARG B 1000 12.14 -1.33 17.04
CA ARG B 1000 13.41 -1.92 17.42
C ARG B 1000 14.45 -0.90 17.82
N LEU B 1001 14.37 0.31 17.29
CA LEU B 1001 15.27 1.36 17.75
C LEU B 1001 14.88 1.91 19.12
N GLN B 1002 13.58 2.01 19.39
CA GLN B 1002 13.14 2.38 20.73
C GLN B 1002 13.59 1.39 21.79
N SER B 1003 13.52 0.09 21.49
CA SER B 1003 13.97 -0.91 22.46
C SER B 1003 15.44 -0.77 22.79
N LEU B 1004 16.28 -0.56 21.78
CA LEU B 1004 17.69 -0.39 22.01
C LEU B 1004 18.03 0.88 22.77
N GLN B 1005 17.30 1.95 22.54
CA GLN B 1005 17.54 3.14 23.35
C GLN B 1005 17.18 2.93 24.81
N THR B 1006 16.06 2.28 25.07
CA THR B 1006 15.71 1.94 26.44
C THR B 1006 16.81 1.12 27.11
N TYR B 1007 17.31 0.11 26.39
CA TYR B 1007 18.38 -0.72 26.94
C TYR B 1007 19.63 0.10 27.27
N VAL B 1008 20.08 0.94 26.34
CA VAL B 1008 21.33 1.65 26.57
C VAL B 1008 21.19 2.69 27.67
N THR B 1009 20.05 3.38 27.74
CA THR B 1009 19.88 4.36 28.81
C THR B 1009 19.90 3.70 30.18
N GLN B 1010 19.26 2.54 30.31
CA GLN B 1010 19.33 1.86 31.59
C GLN B 1010 20.70 1.30 31.92
N GLN B 1011 21.47 0.86 30.92
CA GLN B 1011 22.83 0.46 31.22
C GLN B 1011 23.69 1.63 31.68
N LEU B 1012 23.47 2.81 31.11
CA LEU B 1012 24.16 4.00 31.58
C LEU B 1012 23.81 4.35 33.01
N ILE B 1013 22.54 4.21 33.39
CA ILE B 1013 22.14 4.54 34.75
C ILE B 1013 22.64 3.48 35.73
N ARG B 1014 22.70 2.23 35.29
CA ARG B 1014 23.17 1.15 36.14
C ARG B 1014 24.68 1.10 36.28
N ALA B 1015 25.43 1.66 35.34
CA ALA B 1015 26.88 1.66 35.47
C ALA B 1015 27.37 2.76 36.41
N ALA B 1016 26.67 3.87 36.48
CA ALA B 1016 27.00 4.92 37.43
C ALA B 1016 26.78 4.50 38.87
N GLU B 1017 25.91 3.53 39.10
CA GLU B 1017 25.71 2.95 40.42
C GLU B 1017 26.80 1.96 40.80
N ILE B 1018 27.37 1.27 39.81
CA ILE B 1018 28.46 0.35 40.04
C ILE B 1018 29.76 1.12 40.26
N ARG B 1019 29.88 2.28 39.64
CA ARG B 1019 31.05 3.11 39.80
C ARG B 1019 31.12 3.73 41.19
N ALA B 1020 29.98 4.18 41.72
CA ALA B 1020 29.96 4.71 43.08
C ALA B 1020 30.29 3.64 44.12
N SER B 1021 30.06 2.37 43.79
CA SER B 1021 30.38 1.26 44.67
C SER B 1021 31.84 0.87 44.60
N ALA B 1022 32.41 0.84 43.40
CA ALA B 1022 33.84 0.63 43.25
C ALA B 1022 34.66 1.77 43.83
N ASN B 1023 34.13 2.99 43.86
CA ASN B 1023 34.80 4.10 44.52
C ASN B 1023 34.83 3.94 46.03
N LEU B 1024 33.75 3.46 46.63
CA LEU B 1024 33.72 3.12 48.03
C LEU B 1024 34.65 1.98 48.37
N ALA B 1025 34.74 0.98 47.51
CA ALA B 1025 35.70 -0.10 47.68
C ALA B 1025 37.15 0.37 47.64
N ALA B 1026 37.50 1.26 46.71
CA ALA B 1026 38.86 1.78 46.67
C ALA B 1026 39.25 2.53 47.93
N THR B 1027 38.35 3.34 48.47
CA THR B 1027 38.56 4.05 49.72
C THR B 1027 38.68 3.10 50.89
N LYS B 1028 37.86 2.06 50.94
CA LYS B 1028 38.03 1.04 51.97
C LYS B 1028 39.34 0.30 51.86
N MET B 1029 39.79 -0.05 50.66
CA MET B 1029 41.05 -0.73 50.53
C MET B 1029 42.20 0.15 50.96
N SER B 1030 42.10 1.45 50.70
CA SER B 1030 43.14 2.36 51.14
C SER B 1030 43.14 2.55 52.64
N GLU B 1031 41.97 2.72 53.22
CA GLU B 1031 41.86 3.21 54.58
C GLU B 1031 41.66 2.14 55.63
N CYS B 1032 41.27 0.93 55.23
CA CYS B 1032 41.02 -0.12 56.20
C CYS B 1032 42.00 -1.29 56.07
N VAL B 1033 42.65 -1.36 54.91
CA VAL B 1033 43.61 -2.42 54.65
C VAL B 1033 45.03 -1.88 54.69
N LEU B 1034 45.25 -0.69 54.15
CA LEU B 1034 46.56 -0.05 54.18
C LEU B 1034 46.74 0.88 55.36
N GLY B 1035 45.78 0.94 56.27
CA GLY B 1035 45.98 1.71 57.47
C GLY B 1035 44.98 1.31 58.52
N GLN B 1036 45.01 2.04 59.63
CA GLN B 1036 44.04 1.90 60.71
C GLN B 1036 43.13 3.12 60.74
N SER B 1037 41.83 2.89 60.79
CA SER B 1037 40.85 3.95 60.69
C SER B 1037 40.28 4.32 62.04
N LYS B 1038 40.03 5.62 62.23
CA LYS B 1038 39.31 6.10 63.39
C LYS B 1038 37.89 6.55 63.06
N ARG B 1039 37.50 6.51 61.79
CA ARG B 1039 36.14 6.79 61.38
C ARG B 1039 35.19 5.70 61.89
N VAL B 1040 34.13 6.11 62.58
CA VAL B 1040 33.25 5.18 63.28
C VAL B 1040 32.39 4.42 62.27
N ASP B 1041 32.46 3.09 62.34
CA ASP B 1041 31.67 2.20 61.49
C ASP B 1041 32.07 2.13 60.03
N PHE B 1042 33.25 2.62 59.69
CA PHE B 1042 33.71 2.59 58.31
C PHE B 1042 34.34 1.23 58.01
N CYS B 1043 34.82 0.58 59.06
CA CYS B 1043 35.46 -0.72 58.93
C CYS B 1043 34.90 -1.72 59.95
N GLY B 1044 33.57 -1.83 60.02
CA GLY B 1044 32.94 -2.75 60.95
C GLY B 1044 32.44 -2.14 62.26
N LYS B 1045 31.97 -2.99 63.16
CA LYS B 1045 31.44 -2.55 64.46
C LYS B 1045 32.50 -2.80 65.54
N GLY B 1046 32.85 -1.77 66.29
CA GLY B 1046 33.88 -1.86 67.29
C GLY B 1046 34.99 -0.93 66.94
N TYR B 1047 36.12 -1.08 67.62
CA TYR B 1047 37.30 -0.30 67.31
C TYR B 1047 38.14 -1.03 66.29
N HIS B 1048 38.28 -0.44 65.11
CA HIS B 1048 38.98 -1.09 64.01
C HIS B 1048 40.40 -1.45 64.39
N LEU B 1049 40.72 -2.73 64.30
CA LEU B 1049 42.10 -3.17 64.44
C LEU B 1049 42.77 -3.32 63.08
N MET B 1050 42.25 -4.18 62.21
CA MET B 1050 42.85 -4.36 60.89
C MET B 1050 41.83 -5.01 59.97
N SER B 1051 42.11 -5.01 58.68
CA SER B 1051 41.20 -5.57 57.68
C SER B 1051 41.97 -6.33 56.63
N PHE B 1052 41.36 -7.40 56.12
CA PHE B 1052 41.95 -8.29 55.11
C PHE B 1052 41.06 -8.37 53.87
N PRO B 1053 41.60 -8.23 52.67
CA PRO B 1053 40.78 -8.36 51.46
C PRO B 1053 40.78 -9.74 50.84
N GLN B 1054 39.67 -10.09 50.22
CA GLN B 1054 39.53 -11.31 49.45
C GLN B 1054 38.78 -10.97 48.17
N SER B 1055 39.12 -11.63 47.08
CA SER B 1055 38.48 -11.35 45.80
C SER B 1055 37.25 -12.22 45.64
N ALA B 1056 36.19 -11.65 45.12
CA ALA B 1056 34.97 -12.40 44.83
C ALA B 1056 34.71 -12.24 43.34
N PRO B 1057 33.75 -12.94 42.75
CA PRO B 1057 33.45 -12.71 41.32
C PRO B 1057 32.74 -11.38 41.10
N HIS B 1058 33.41 -10.47 40.41
CA HIS B 1058 32.97 -9.09 40.16
C HIS B 1058 32.93 -8.24 41.42
N GLY B 1059 33.66 -8.63 42.45
CA GLY B 1059 33.55 -7.88 43.68
C GLY B 1059 34.69 -8.14 44.63
N VAL B 1060 34.55 -7.60 45.83
CA VAL B 1060 35.56 -7.75 46.86
C VAL B 1060 34.86 -8.00 48.18
N VAL B 1061 35.52 -8.74 49.05
CA VAL B 1061 35.07 -9.03 50.40
C VAL B 1061 36.13 -8.51 51.35
N PHE B 1062 35.70 -7.81 52.39
CA PHE B 1062 36.58 -7.27 53.41
C PHE B 1062 36.26 -7.98 54.70
N LEU B 1063 37.26 -8.59 55.31
CA LEU B 1063 37.15 -9.16 56.64
C LEU B 1063 37.74 -8.16 57.62
N HIS B 1064 36.87 -7.50 58.39
CA HIS B 1064 37.28 -6.50 59.36
C HIS B 1064 37.44 -7.16 60.73
N VAL B 1065 38.62 -6.98 61.32
CA VAL B 1065 38.93 -7.36 62.68
C VAL B 1065 38.79 -6.13 63.57
N THR B 1066 37.92 -6.22 64.58
CA THR B 1066 37.68 -5.14 65.52
C THR B 1066 37.77 -5.66 66.95
N TYR B 1067 37.87 -4.71 67.87
CA TYR B 1067 37.97 -4.91 69.31
C TYR B 1067 36.66 -4.50 69.94
N VAL B 1068 36.04 -5.39 70.71
CA VAL B 1068 34.74 -5.10 71.32
C VAL B 1068 34.87 -5.23 72.83
N PRO B 1069 34.60 -4.20 73.62
CA PRO B 1069 34.72 -4.33 75.07
C PRO B 1069 33.64 -5.21 75.68
N ALA B 1070 33.95 -5.83 76.81
CA ALA B 1070 33.08 -6.85 77.38
C ALA B 1070 33.21 -6.89 78.89
N GLN B 1071 32.13 -7.31 79.53
CA GLN B 1071 32.07 -7.60 80.98
C GLN B 1071 32.40 -6.39 81.83
N GLU B 1072 31.54 -5.39 81.77
CA GLU B 1072 31.80 -4.15 82.50
C GLU B 1072 31.34 -4.24 83.95
N LYS B 1073 32.02 -3.48 84.80
CA LYS B 1073 31.61 -3.26 86.18
C LYS B 1073 31.32 -1.78 86.37
N ASN B 1074 30.48 -1.48 87.35
CA ASN B 1074 30.19 -0.09 87.69
C ASN B 1074 31.07 0.33 88.87
N PHE B 1075 31.37 1.61 88.94
CA PHE B 1075 32.22 2.22 89.94
C PHE B 1075 31.68 3.60 90.25
N THR B 1076 32.17 4.16 91.33
CA THR B 1076 32.00 5.56 91.68
C THR B 1076 33.14 6.34 91.06
N THR B 1077 32.90 7.59 90.71
CA THR B 1077 33.88 8.36 89.98
C THR B 1077 33.82 9.82 90.42
N ALA B 1078 34.83 10.59 90.03
CA ALA B 1078 34.97 11.97 90.42
C ALA B 1078 35.84 12.66 89.39
N PRO B 1079 35.64 13.94 89.14
CA PRO B 1079 36.45 14.61 88.13
C PRO B 1079 37.85 15.01 88.58
N ALA B 1080 38.03 15.39 89.83
CA ALA B 1080 39.32 15.81 90.32
C ALA B 1080 39.50 15.27 91.74
N ILE B 1081 40.66 15.52 92.32
CA ILE B 1081 40.95 15.10 93.69
C ILE B 1081 41.65 16.23 94.41
N CYS B 1082 41.20 16.54 95.62
CA CYS B 1082 41.76 17.66 96.35
C CYS B 1082 42.77 17.18 97.39
N HIS B 1083 43.94 17.79 97.38
CA HIS B 1083 45.02 17.43 98.29
C HIS B 1083 45.90 18.64 98.49
N ASP B 1084 46.17 19.00 99.74
CA ASP B 1084 46.94 20.19 100.09
C ASP B 1084 46.32 21.47 99.54
N GLY B 1085 45.02 21.51 99.36
CA GLY B 1085 44.41 22.66 98.74
C GLY B 1085 44.65 22.79 97.26
N LYS B 1086 45.03 21.71 96.60
CA LYS B 1086 45.26 21.72 95.17
C LYS B 1086 44.36 20.68 94.51
N ALA B 1087 43.92 20.99 93.30
CA ALA B 1087 43.10 20.08 92.51
C ALA B 1087 44.00 19.28 91.59
N HIS B 1088 43.76 17.97 91.53
CA HIS B 1088 44.53 17.03 90.72
C HIS B 1088 43.61 16.40 89.69
N PHE B 1089 44.04 16.33 88.51
CA PHE B 1089 43.37 15.76 87.37
C PHE B 1089 44.18 14.60 86.81
N PRO B 1090 43.55 13.57 86.27
CA PRO B 1090 44.31 12.48 85.70
C PRO B 1090 44.97 12.88 84.40
N ARG B 1091 46.19 12.38 84.19
CA ARG B 1091 46.89 12.64 82.94
C ARG B 1091 46.24 11.93 81.78
N GLU B 1092 46.11 10.62 81.86
CA GLU B 1092 45.16 9.84 81.07
C GLU B 1092 44.49 8.88 82.03
N GLY B 1093 43.20 8.66 81.84
CA GLY B 1093 42.46 7.78 82.70
C GLY B 1093 41.35 8.50 83.44
N VAL B 1094 40.68 7.75 84.28
CA VAL B 1094 39.64 8.26 85.17
C VAL B 1094 39.94 7.81 86.59
N PHE B 1095 39.59 8.65 87.55
CA PHE B 1095 39.58 8.26 88.95
C PHE B 1095 38.34 7.43 89.23
N VAL B 1096 38.54 6.25 89.80
CA VAL B 1096 37.44 5.37 90.18
C VAL B 1096 37.60 4.94 91.62
N SER B 1097 36.51 4.50 92.21
CA SER B 1097 36.49 4.04 93.60
C SER B 1097 35.88 2.65 93.66
N ASN B 1098 36.56 1.73 94.33
CA ASN B 1098 36.03 0.38 94.48
C ASN B 1098 35.09 0.25 95.68
N GLY B 1099 34.79 1.34 96.35
CA GLY B 1099 33.92 1.34 97.51
C GLY B 1099 34.56 2.08 98.65
N THR B 1100 35.87 1.92 98.83
CA THR B 1100 36.60 2.59 99.89
C THR B 1100 37.89 3.25 99.46
N HIS B 1101 38.47 2.87 98.33
CA HIS B 1101 39.75 3.37 97.89
C HIS B 1101 39.62 3.97 96.50
N TRP B 1102 40.54 4.87 96.16
CA TRP B 1102 40.55 5.57 94.89
C TRP B 1102 41.74 5.15 94.05
N PHE B 1103 41.53 4.99 92.74
CA PHE B 1103 42.56 4.59 91.80
C PHE B 1103 42.42 5.42 90.52
N VAL B 1104 43.45 5.39 89.69
CA VAL B 1104 43.38 5.83 88.29
C VAL B 1104 43.37 4.60 87.41
N THR B 1105 42.53 4.60 86.40
CA THR B 1105 42.57 3.54 85.40
C THR B 1105 42.55 4.16 84.02
N GLN B 1106 42.96 3.38 83.04
CA GLN B 1106 42.72 3.75 81.65
C GLN B 1106 41.25 3.53 81.32
N ARG B 1107 40.76 4.30 80.35
CA ARG B 1107 39.31 4.43 80.21
C ARG B 1107 38.64 3.24 79.55
N ASN B 1108 39.37 2.35 78.88
CA ASN B 1108 38.74 1.30 78.10
C ASN B 1108 39.00 -0.10 78.62
N PHE B 1109 39.90 -0.26 79.56
CA PHE B 1109 40.21 -1.55 80.14
C PHE B 1109 40.51 -1.31 81.62
N TYR B 1110 39.88 -2.07 82.50
CA TYR B 1110 40.00 -1.79 83.92
C TYR B 1110 41.35 -2.30 84.44
N GLU B 1111 42.19 -1.37 84.87
CA GLU B 1111 43.54 -1.69 85.34
C GLU B 1111 43.94 -0.64 86.35
N PRO B 1112 43.57 -0.82 87.61
CA PRO B 1112 43.70 0.24 88.62
C PRO B 1112 45.09 0.39 89.22
N GLN B 1113 45.48 1.64 89.41
CA GLN B 1113 46.77 1.99 89.98
C GLN B 1113 46.59 3.04 91.06
N ILE B 1114 47.61 3.22 91.90
CA ILE B 1114 47.47 4.17 92.98
C ILE B 1114 47.85 5.56 92.49
N ILE B 1115 47.18 6.57 93.02
CA ILE B 1115 47.27 7.94 92.52
C ILE B 1115 48.54 8.58 93.04
N THR B 1116 49.44 8.92 92.14
CA THR B 1116 50.72 9.53 92.46
C THR B 1116 50.82 10.87 91.73
N THR B 1117 51.96 11.53 91.88
CA THR B 1117 52.24 12.77 91.18
C THR B 1117 52.71 12.54 89.76
N ASP B 1118 52.88 11.29 89.35
CA ASP B 1118 53.25 10.98 87.97
C ASP B 1118 52.04 10.50 87.18
N ASN B 1119 50.96 10.23 87.89
CA ASN B 1119 49.67 9.87 87.34
C ASN B 1119 48.82 11.07 86.99
N THR B 1120 49.08 12.22 87.58
CA THR B 1120 48.15 13.32 87.63
C THR B 1120 48.88 14.59 87.25
N PHE B 1121 48.12 15.67 87.09
CA PHE B 1121 48.69 17.00 87.08
C PHE B 1121 47.82 17.91 87.92
N VAL B 1122 48.39 19.05 88.30
CA VAL B 1122 47.78 19.98 89.22
C VAL B 1122 47.30 21.20 88.45
N SER B 1123 46.19 21.78 88.89
CA SER B 1123 45.76 23.05 88.37
C SER B 1123 44.77 23.69 89.34
N GLY B 1124 45.13 24.84 89.88
CA GLY B 1124 44.23 25.59 90.74
C GLY B 1124 44.06 24.97 92.10
N ASN B 1125 43.10 25.53 92.84
CA ASN B 1125 42.77 25.08 94.18
C ASN B 1125 41.41 24.40 94.15
N CYS B 1126 41.12 23.62 95.18
CA CYS B 1126 39.89 22.84 95.19
C CYS B 1126 38.71 23.61 95.74
N ASP B 1127 38.25 24.60 94.98
CA ASP B 1127 37.08 25.40 95.36
C ASP B 1127 36.16 25.62 94.18
N VAL B 1128 36.63 25.29 92.97
CA VAL B 1128 35.97 25.67 91.74
C VAL B 1128 35.38 24.49 90.99
N VAL B 1129 35.84 23.28 91.25
CA VAL B 1129 35.39 22.10 90.52
C VAL B 1129 34.18 21.52 91.23
N ILE B 1130 33.15 21.18 90.47
CA ILE B 1130 31.91 20.64 91.00
C ILE B 1130 32.11 19.13 91.12
N GLY B 1131 32.03 18.62 92.34
CA GLY B 1131 32.16 17.22 92.59
C GLY B 1131 33.54 16.75 92.97
N ILE B 1132 34.41 17.65 93.41
CA ILE B 1132 35.77 17.27 93.80
C ILE B 1132 35.73 16.45 95.09
N VAL B 1133 36.71 15.58 95.25
CA VAL B 1133 36.72 14.60 96.33
C VAL B 1133 38.07 14.64 97.03
N ASN B 1134 38.07 14.34 98.32
CA ASN B 1134 39.27 14.34 99.13
C ASN B 1134 39.97 13.00 99.07
N ASN B 1135 41.27 13.02 98.82
CA ASN B 1135 42.09 11.83 98.91
C ASN B 1135 43.54 12.27 98.97
N THR B 1136 44.43 11.31 99.15
CA THR B 1136 45.85 11.57 99.25
C THR B 1136 46.53 11.21 97.94
N VAL B 1137 47.42 12.08 97.48
CA VAL B 1137 48.17 11.88 96.27
C VAL B 1137 49.61 11.62 96.66
N TYR B 1138 50.14 10.48 96.24
CA TYR B 1138 51.38 9.96 96.77
C TYR B 1138 52.57 10.45 95.95
N ASP B 1139 53.57 10.93 96.63
CA ASP B 1139 54.84 11.38 96.08
C ASP B 1139 55.88 10.31 96.27
N PRO B 1140 56.65 9.91 95.26
CA PRO B 1140 57.64 8.86 95.45
C PRO B 1140 58.96 9.35 96.05
N LEU B 1141 59.31 10.60 95.74
CA LEU B 1141 60.62 11.09 96.07
C LEU B 1141 60.83 11.15 97.58
N GLN B 1142 59.92 11.79 98.31
CA GLN B 1142 60.18 12.00 99.74
C GLN B 1142 60.12 10.71 100.55
N PRO B 1143 59.35 9.69 100.20
CA PRO B 1143 59.54 8.39 100.87
C PRO B 1143 60.69 7.61 100.31
N GLU B 1144 61.34 8.08 99.24
CA GLU B 1144 62.66 7.57 98.93
C GLU B 1144 63.69 8.22 99.85
N LEU B 1145 63.49 9.48 100.19
CA LEU B 1145 64.46 10.21 101.02
C LEU B 1145 64.28 9.93 102.50
N ASP B 1146 63.54 8.86 102.83
CA ASP B 1146 63.25 8.49 104.21
C ASP B 1146 62.74 9.66 105.06
N ALA C 27 -14.47 62.12 23.29
CA ALA C 27 -13.63 61.74 24.41
C ALA C 27 -13.20 60.29 24.31
N TYR C 28 -12.14 59.94 25.02
CA TYR C 28 -11.66 58.58 25.13
C TYR C 28 -11.39 58.31 26.61
N THR C 29 -11.49 57.05 27.01
CA THR C 29 -11.30 56.70 28.40
C THR C 29 -10.54 55.38 28.45
N ASN C 30 -10.15 54.99 29.66
CA ASN C 30 -9.32 53.84 29.91
C ASN C 30 -10.12 52.82 30.70
N SER C 31 -10.35 51.65 30.11
CA SER C 31 -10.84 50.50 30.85
C SER C 31 -9.77 50.10 31.84
N PHE C 32 -10.11 49.36 32.88
CA PHE C 32 -9.00 48.88 33.69
C PHE C 32 -8.90 47.37 33.59
N THR C 33 -9.91 46.67 34.06
CA THR C 33 -10.02 45.22 33.91
C THR C 33 -11.50 44.95 33.65
N ARG C 34 -11.88 44.97 32.38
CA ARG C 34 -13.28 44.98 32.00
C ARG C 34 -13.44 44.16 30.74
N GLY C 35 -14.58 43.48 30.62
CA GLY C 35 -14.87 42.73 29.41
C GLY C 35 -14.34 41.31 29.46
N VAL C 36 -14.49 40.65 30.60
CA VAL C 36 -14.15 39.25 30.75
C VAL C 36 -15.45 38.45 30.79
N TYR C 37 -15.53 37.45 29.93
CA TYR C 37 -16.72 36.61 29.86
C TYR C 37 -16.30 35.15 30.00
N TYR C 38 -17.24 34.33 30.46
CA TYR C 38 -17.02 32.90 30.54
C TYR C 38 -16.96 32.33 29.14
N PRO C 39 -15.79 31.83 28.74
CA PRO C 39 -15.57 31.30 27.40
C PRO C 39 -16.51 30.17 26.99
N ASP C 40 -17.26 29.62 27.92
CA ASP C 40 -18.17 28.53 27.60
C ASP C 40 -18.76 27.89 28.84
N LYS C 41 -19.58 26.86 28.64
CA LYS C 41 -20.19 26.15 29.74
C LYS C 41 -19.12 25.43 30.53
N VAL C 42 -19.46 24.28 31.10
CA VAL C 42 -18.49 23.52 31.87
C VAL C 42 -18.16 24.23 33.17
N PHE C 43 -18.62 23.68 34.29
CA PHE C 43 -18.35 24.27 35.59
C PHE C 43 -16.85 24.35 35.79
N ARG C 44 -16.43 24.76 36.98
CA ARG C 44 -15.01 24.88 37.29
C ARG C 44 -14.79 25.61 38.60
N SER C 45 -13.75 25.22 39.32
CA SER C 45 -13.42 25.86 40.60
C SER C 45 -12.00 26.40 40.57
N SER C 46 -11.44 26.63 41.75
CA SER C 46 -10.09 27.16 41.89
C SER C 46 -9.12 26.52 40.90
N VAL C 47 -8.95 27.13 39.74
CA VAL C 47 -8.04 26.61 38.73
C VAL C 47 -7.58 27.67 37.74
N LEU C 48 -6.44 28.30 38.03
CA LEU C 48 -5.89 29.32 37.14
C LEU C 48 -5.83 28.72 35.75
N HIS C 49 -6.97 28.68 35.09
CA HIS C 49 -7.13 28.10 33.76
C HIS C 49 -6.72 29.10 32.68
N SER C 50 -6.03 28.62 31.66
CA SER C 50 -5.48 29.47 30.61
C SER C 50 -6.27 29.31 29.33
N THR C 51 -6.66 30.43 28.71
CA THR C 51 -7.45 30.39 27.48
C THR C 51 -6.88 31.30 26.41
N GLN C 52 -7.16 30.94 25.17
CA GLN C 52 -6.93 31.77 24.00
C GLN C 52 -8.28 32.10 23.38
N ASP C 53 -8.59 33.38 23.21
CA ASP C 53 -9.90 33.76 22.70
C ASP C 53 -9.86 35.23 22.27
N LEU C 54 -11.03 35.78 22.01
CA LEU C 54 -11.17 37.20 21.67
C LEU C 54 -11.59 37.96 22.91
N PHE C 55 -10.72 38.82 23.40
CA PHE C 55 -10.96 39.56 24.62
C PHE C 55 -10.71 41.04 24.36
N LEU C 56 -11.14 41.84 25.32
CA LEU C 56 -10.83 43.27 25.35
C LEU C 56 -9.57 43.45 26.18
N PRO C 57 -8.44 43.83 25.57
CA PRO C 57 -7.19 43.93 26.32
C PRO C 57 -7.28 44.84 27.52
N PHE C 58 -6.51 44.55 28.57
CA PHE C 58 -6.56 45.37 29.76
C PHE C 58 -5.99 46.75 29.47
N PHE C 59 -6.53 47.75 30.15
CA PHE C 59 -6.08 49.13 30.01
C PHE C 59 -6.13 49.55 28.54
N SER C 60 -7.33 49.62 27.97
CA SER C 60 -7.51 49.88 26.56
C SER C 60 -8.07 51.28 26.36
N ASN C 61 -8.19 51.65 25.10
CA ASN C 61 -8.59 52.98 24.66
C ASN C 61 -10.02 52.90 24.15
N VAL C 62 -10.99 53.16 25.03
CA VAL C 62 -12.40 52.97 24.70
C VAL C 62 -13.01 54.32 24.39
N THR C 63 -13.68 54.43 23.25
CA THR C 63 -14.36 55.65 22.87
C THR C 63 -15.40 56.04 23.92
N TRP C 64 -15.70 57.32 23.96
CA TRP C 64 -16.73 57.83 24.86
C TRP C 64 -17.77 58.53 24.02
N PHE C 65 -19.04 58.29 24.33
CA PHE C 65 -20.15 58.94 23.64
C PHE C 65 -21.09 59.53 24.67
N HIS C 66 -21.62 60.71 24.36
CA HIS C 66 -22.60 61.39 25.19
C HIS C 66 -23.90 61.51 24.42
N ALA C 67 -24.96 61.82 25.16
CA ALA C 67 -26.27 62.09 24.59
C ALA C 67 -27.08 62.87 25.62
N ASN C 81 -27.03 58.16 17.73
CA ASN C 81 -25.59 58.35 17.67
C ASN C 81 -25.04 57.47 16.51
N PRO C 82 -23.77 57.65 16.11
CA PRO C 82 -23.38 57.30 14.74
C PRO C 82 -23.20 55.82 14.46
N VAL C 83 -23.01 55.53 13.18
CA VAL C 83 -22.72 54.19 12.68
C VAL C 83 -21.27 53.86 13.00
N LEU C 84 -21.06 52.76 13.72
CA LEU C 84 -19.74 52.33 14.11
C LEU C 84 -19.32 51.11 13.31
N PRO C 85 -18.08 50.64 13.42
CA PRO C 85 -17.75 49.33 12.83
C PRO C 85 -17.96 48.19 13.81
N PHE C 86 -17.80 46.95 13.34
CA PHE C 86 -17.84 45.77 14.20
C PHE C 86 -16.51 45.02 14.24
N ASN C 87 -16.10 44.51 13.09
CA ASN C 87 -14.80 44.01 12.63
C ASN C 87 -14.29 42.81 13.43
N ASP C 88 -14.60 42.74 14.73
CA ASP C 88 -14.41 41.53 15.54
C ASP C 88 -15.03 41.79 16.90
N GLY C 89 -16.27 41.40 17.11
CA GLY C 89 -16.86 41.57 18.43
C GLY C 89 -16.86 42.99 18.98
N VAL C 90 -17.52 43.21 20.11
CA VAL C 90 -17.68 44.54 20.67
C VAL C 90 -17.95 44.41 22.16
N TYR C 91 -17.25 45.20 22.96
CA TYR C 91 -17.64 45.50 24.32
C TYR C 91 -18.50 46.76 24.33
N PHE C 92 -19.43 46.82 25.25
CA PHE C 92 -20.37 47.93 25.24
C PHE C 92 -20.95 48.11 26.64
N ALA C 93 -20.54 49.16 27.34
CA ALA C 93 -21.13 49.45 28.64
C ALA C 93 -22.04 50.68 28.52
N SER C 94 -22.78 50.96 29.59
CA SER C 94 -23.75 52.05 29.59
C SER C 94 -24.18 52.31 31.02
N THR C 95 -24.55 53.56 31.30
CA THR C 95 -24.86 53.97 32.67
C THR C 95 -26.06 54.91 32.68
N GLU C 96 -27.04 54.59 33.55
CA GLU C 96 -28.18 55.46 33.83
C GLU C 96 -29.12 54.86 34.87
N LYS C 97 -30.12 55.63 35.30
CA LYS C 97 -31.25 55.10 36.07
C LYS C 97 -32.53 54.99 35.24
N SER C 98 -32.84 56.00 34.43
CA SER C 98 -33.81 55.87 33.35
C SER C 98 -33.26 54.92 32.30
N ASN C 99 -33.98 54.73 31.20
CA ASN C 99 -33.52 53.80 30.17
C ASN C 99 -33.49 54.52 28.83
N ILE C 100 -32.34 55.12 28.52
CA ILE C 100 -32.16 55.87 27.28
C ILE C 100 -31.63 54.92 26.22
N ILE C 101 -30.80 53.97 26.63
CA ILE C 101 -30.26 52.98 25.73
C ILE C 101 -31.30 51.88 25.55
N ARG C 102 -31.82 51.78 24.33
CA ARG C 102 -32.95 50.92 24.03
C ARG C 102 -32.55 49.98 22.88
N GLY C 103 -31.40 49.36 23.01
CA GLY C 103 -31.00 48.35 22.07
C GLY C 103 -30.14 48.88 20.94
N TRP C 104 -29.70 47.97 20.12
CA TRP C 104 -28.74 48.21 19.07
C TRP C 104 -29.34 47.75 17.76
N ILE C 105 -28.67 48.04 16.65
CA ILE C 105 -29.05 47.49 15.37
C ILE C 105 -27.76 47.12 14.65
N PHE C 106 -27.78 46.01 13.94
CA PHE C 106 -26.54 45.44 13.43
C PHE C 106 -26.64 45.26 11.92
N GLY C 107 -25.55 44.81 11.32
CA GLY C 107 -25.60 44.38 9.93
C GLY C 107 -24.45 44.85 9.08
N THR C 108 -24.61 44.81 7.77
CA THR C 108 -23.57 45.31 6.88
C THR C 108 -23.98 46.64 6.26
N THR C 109 -25.23 46.76 5.81
CA THR C 109 -25.69 47.99 5.15
C THR C 109 -26.77 48.74 5.92
N LEU C 110 -27.40 48.11 6.90
CA LEU C 110 -28.43 48.75 7.72
C LEU C 110 -29.58 49.27 6.86
N ASP C 111 -29.93 48.50 5.85
CA ASP C 111 -31.02 48.87 4.95
C ASP C 111 -31.53 47.61 4.27
N SER C 112 -32.32 47.82 3.21
CA SER C 112 -32.74 46.72 2.37
C SER C 112 -31.60 46.30 1.45
N LYS C 113 -31.89 45.34 0.58
CA LYS C 113 -30.93 44.73 -0.35
C LYS C 113 -29.97 43.79 0.35
N THR C 114 -29.95 43.81 1.70
CA THR C 114 -29.22 42.80 2.47
C THR C 114 -29.83 42.75 3.87
N GLN C 115 -29.67 41.60 4.51
CA GLN C 115 -30.35 41.31 5.78
C GLN C 115 -29.57 41.88 6.97
N SER C 116 -30.31 42.14 8.05
CA SER C 116 -29.74 42.70 9.26
C SER C 116 -30.54 42.27 10.47
N LEU C 117 -29.94 42.42 11.65
CA LEU C 117 -30.59 42.13 12.92
C LEU C 117 -31.14 43.43 13.52
N LEU C 118 -32.11 43.30 14.42
CA LEU C 118 -32.67 44.45 15.13
C LEU C 118 -33.08 44.01 16.52
N ILE C 119 -32.51 44.65 17.54
CA ILE C 119 -32.78 44.32 18.93
C ILE C 119 -33.31 45.55 19.64
N VAL C 120 -34.54 45.46 20.10
CA VAL C 120 -35.25 46.64 20.56
C VAL C 120 -35.84 46.36 21.93
N ASN C 121 -36.17 47.40 22.69
CA ASN C 121 -36.87 47.28 23.95
C ASN C 121 -37.73 48.52 24.16
N ASN C 122 -39.05 48.42 23.94
CA ASN C 122 -39.93 49.49 24.39
C ASN C 122 -40.15 49.32 25.88
N ALA C 123 -41.08 50.07 26.48
CA ALA C 123 -41.28 49.96 27.91
C ALA C 123 -41.89 48.61 28.30
N THR C 124 -42.08 47.73 27.31
CA THR C 124 -42.68 46.43 27.56
C THR C 124 -41.64 45.36 27.84
N ASN C 125 -40.83 45.04 26.82
CA ASN C 125 -39.79 44.02 26.89
C ASN C 125 -39.10 43.89 25.53
N VAL C 126 -38.04 43.09 25.53
CA VAL C 126 -37.13 42.92 24.40
C VAL C 126 -37.86 42.41 23.17
N VAL C 127 -37.42 42.85 21.99
CA VAL C 127 -37.97 42.37 20.73
C VAL C 127 -36.82 42.10 19.76
N ILE C 128 -36.31 40.87 19.73
CA ILE C 128 -35.33 40.54 18.71
C ILE C 128 -36.09 40.35 17.39
N LYS C 129 -35.42 40.62 16.28
CA LYS C 129 -36.07 40.54 14.98
C LYS C 129 -35.01 40.48 13.90
N VAL C 130 -35.27 39.68 12.87
CA VAL C 130 -34.37 39.62 11.73
C VAL C 130 -35.16 39.65 10.44
N CYS C 131 -35.23 40.81 9.80
CA CYS C 131 -35.82 40.98 8.48
C CYS C 131 -34.82 41.71 7.58
N GLU C 132 -35.30 42.10 6.42
CA GLU C 132 -34.68 43.17 5.64
C GLU C 132 -35.44 44.45 5.94
N PHE C 133 -34.72 45.48 6.35
CA PHE C 133 -35.36 46.68 6.85
C PHE C 133 -35.11 47.86 5.92
N GLN C 134 -35.70 48.99 6.26
CA GLN C 134 -35.28 50.28 5.76
C GLN C 134 -35.12 51.17 6.98
N PHE C 135 -33.87 51.42 7.36
CA PHE C 135 -33.56 52.09 8.60
C PHE C 135 -33.41 53.58 8.36
N CYS C 136 -34.02 54.37 9.22
CA CYS C 136 -33.72 55.79 9.27
C CYS C 136 -32.23 55.99 9.46
N ASN C 137 -31.65 56.93 8.71
CA ASN C 137 -30.24 57.22 8.93
C ASN C 137 -29.97 57.76 10.32
N ASP C 138 -30.98 58.34 10.97
CA ASP C 138 -30.93 58.71 12.38
C ASP C 138 -32.15 58.09 13.07
N PRO C 139 -32.09 56.79 13.37
CA PRO C 139 -33.27 56.11 13.91
C PRO C 139 -33.30 56.16 15.43
N PHE C 140 -34.49 56.29 15.99
CA PHE C 140 -34.64 56.41 17.43
C PHE C 140 -36.09 56.11 17.79
N LEU C 141 -36.41 56.32 19.07
CA LEU C 141 -37.78 56.20 19.54
C LEU C 141 -38.04 57.31 20.55
N GLY C 142 -39.29 57.80 20.56
CA GLY C 142 -39.66 58.95 21.35
C GLY C 142 -39.98 58.62 22.78
N VAL C 143 -40.73 59.51 23.42
CA VAL C 143 -41.23 59.34 24.77
C VAL C 143 -42.26 60.43 25.03
N MET C 153 -49.01 60.35 26.08
CA MET C 153 -48.39 60.27 24.77
C MET C 153 -47.49 59.04 24.68
N GLU C 154 -46.19 59.25 24.94
CA GLU C 154 -45.20 58.19 24.99
C GLU C 154 -45.23 57.34 23.71
N SER C 155 -45.28 58.01 22.57
CA SER C 155 -45.33 57.40 21.26
C SER C 155 -43.99 57.60 20.54
N GLU C 156 -43.60 56.57 19.79
CA GLU C 156 -42.18 56.36 19.53
C GLU C 156 -41.93 55.63 18.22
N PHE C 157 -40.74 55.04 18.11
CA PHE C 157 -40.38 54.11 17.04
C PHE C 157 -40.40 54.77 15.66
N ARG C 158 -39.53 55.76 15.47
CA ARG C 158 -39.23 56.23 14.13
C ARG C 158 -38.00 55.49 13.62
N VAL C 159 -37.84 54.24 14.06
CA VAL C 159 -36.59 53.51 13.82
C VAL C 159 -36.47 53.14 12.35
N TYR C 160 -37.37 52.28 11.87
CA TYR C 160 -37.31 51.87 10.47
C TYR C 160 -38.57 52.27 9.72
N SER C 161 -38.69 51.83 8.46
CA SER C 161 -39.93 52.01 7.71
C SER C 161 -40.22 50.79 6.84
N SER C 162 -39.63 49.64 7.16
CA SER C 162 -39.77 48.44 6.35
C SER C 162 -39.43 47.23 7.22
N ALA C 163 -40.16 46.14 6.99
CA ALA C 163 -39.97 44.90 7.75
C ALA C 163 -40.13 43.67 6.86
N ASN C 164 -39.47 43.67 5.71
CA ASN C 164 -39.74 42.66 4.68
C ASN C 164 -38.97 41.37 4.94
N ASN C 165 -39.52 40.25 4.47
CA ASN C 165 -38.80 38.99 4.36
C ASN C 165 -38.28 38.43 5.69
N CYS C 166 -38.97 38.70 6.80
CA CYS C 166 -38.48 38.34 8.11
C CYS C 166 -38.17 36.85 8.24
N THR C 167 -36.95 36.55 8.70
CA THR C 167 -36.43 35.20 8.76
C THR C 167 -36.25 34.74 10.20
N PHE C 168 -36.62 35.59 11.15
CA PHE C 168 -36.51 35.28 12.57
C PHE C 168 -37.28 36.34 13.32
N GLU C 169 -38.14 35.93 14.25
CA GLU C 169 -38.82 36.90 15.11
C GLU C 169 -38.63 36.45 16.55
N TYR C 170 -39.01 37.33 17.46
CA TYR C 170 -39.11 37.05 18.87
C TYR C 170 -39.77 38.24 19.53
N VAL C 171 -40.69 38.00 20.47
CA VAL C 171 -41.22 39.06 21.30
C VAL C 171 -41.38 38.48 22.70
N SER C 172 -41.95 39.24 23.61
CA SER C 172 -42.30 38.73 24.93
C SER C 172 -43.38 39.59 25.57
N LYS C 187 -26.06 54.71 39.79
CA LYS C 187 -27.23 54.24 39.06
C LYS C 187 -27.08 52.78 38.65
N ASN C 188 -26.90 52.55 37.36
CA ASN C 188 -26.79 51.21 36.81
C ASN C 188 -25.63 51.18 35.83
N LEU C 189 -24.96 50.03 35.77
CA LEU C 189 -23.96 49.76 34.75
C LEU C 189 -24.33 48.44 34.07
N ARG C 190 -24.44 48.48 32.74
CA ARG C 190 -24.95 47.35 31.97
C ARG C 190 -23.97 47.06 30.85
N GLU C 191 -23.15 46.03 31.04
CA GLU C 191 -22.15 45.65 30.06
C GLU C 191 -22.65 44.55 29.14
N PHE C 192 -22.13 44.56 27.91
CA PHE C 192 -22.50 43.57 26.91
C PHE C 192 -21.29 43.27 26.05
N VAL C 193 -21.16 42.00 25.67
CA VAL C 193 -20.15 41.58 24.71
C VAL C 193 -20.88 40.90 23.56
N PHE C 194 -20.69 41.41 22.36
CA PHE C 194 -21.35 40.87 21.16
C PHE C 194 -20.30 40.24 20.28
N LYS C 195 -20.54 39.00 19.85
CA LYS C 195 -19.65 38.38 18.88
C LYS C 195 -20.46 37.53 17.90
N ASN C 196 -19.83 37.13 16.80
CA ASN C 196 -20.52 36.55 15.67
C ASN C 196 -19.61 35.53 14.99
N ILE C 197 -19.80 34.25 15.30
CA ILE C 197 -18.93 33.19 14.80
C ILE C 197 -19.78 32.06 14.25
N ASP C 198 -19.41 31.59 13.06
CA ASP C 198 -20.04 30.45 12.39
C ASP C 198 -21.57 30.56 12.40
N GLY C 199 -22.08 31.67 11.93
CA GLY C 199 -23.51 31.86 11.81
C GLY C 199 -24.24 31.95 13.13
N TYR C 200 -23.53 31.99 14.24
CA TYR C 200 -24.14 32.18 15.54
C TYR C 200 -23.76 33.56 16.05
N PHE C 201 -24.73 34.26 16.61
CA PHE C 201 -24.50 35.59 17.14
C PHE C 201 -24.65 35.51 18.65
N LYS C 202 -23.52 35.48 19.34
CA LYS C 202 -23.48 35.28 20.78
C LYS C 202 -23.49 36.62 21.49
N ILE C 203 -24.14 36.65 22.65
CA ILE C 203 -24.33 37.85 23.45
C ILE C 203 -24.08 37.48 24.90
N TYR C 204 -23.07 38.09 25.50
CA TYR C 204 -22.84 37.97 26.92
C TYR C 204 -23.22 39.29 27.56
N SER C 205 -23.53 39.26 28.84
CA SER C 205 -24.02 40.46 29.48
C SER C 205 -23.80 40.38 30.97
N LYS C 206 -23.90 41.54 31.62
CA LYS C 206 -23.82 41.62 33.08
C LYS C 206 -24.41 42.97 33.50
N HIS C 207 -25.08 42.97 34.65
CA HIS C 207 -25.71 44.17 35.19
C HIS C 207 -25.16 44.37 36.59
N THR C 208 -24.24 45.32 36.72
CA THR C 208 -23.72 45.69 38.01
C THR C 208 -24.32 47.01 38.44
N PRO C 209 -24.53 47.21 39.73
CA PRO C 209 -24.97 48.54 40.20
C PRO C 209 -23.81 49.45 40.53
N ILE C 210 -23.72 50.61 39.87
CA ILE C 210 -22.70 51.60 40.24
C ILE C 210 -23.19 52.37 41.45
N ASN C 211 -22.29 53.10 42.10
CA ASN C 211 -22.72 54.08 43.09
C ASN C 211 -22.40 55.48 42.58
N LEU C 212 -22.20 55.59 41.27
CA LEU C 212 -22.14 56.83 40.53
C LEU C 212 -23.36 56.89 39.62
N VAL C 213 -23.41 57.90 38.75
CA VAL C 213 -24.52 57.95 37.80
C VAL C 213 -24.05 57.55 36.41
N ARG C 214 -23.04 58.24 35.84
CA ARG C 214 -22.68 57.99 34.45
C ARG C 214 -21.18 58.09 34.11
N ASP C 215 -20.29 57.51 34.93
CA ASP C 215 -18.87 57.42 34.59
C ASP C 215 -18.39 55.99 34.71
N LEU C 216 -17.41 55.61 33.88
CA LEU C 216 -16.92 54.23 33.85
C LEU C 216 -16.11 53.93 35.10
N PRO C 217 -16.54 52.99 35.93
CA PRO C 217 -15.82 52.71 37.17
C PRO C 217 -14.64 51.77 37.00
N GLN C 218 -14.10 51.31 38.11
CA GLN C 218 -13.00 50.37 38.11
C GLN C 218 -13.41 49.11 38.88
N GLY C 219 -12.86 47.97 38.49
CA GLY C 219 -13.16 46.74 39.18
C GLY C 219 -13.19 45.53 38.27
N PHE C 220 -13.53 44.36 38.83
CA PHE C 220 -13.58 43.12 38.07
C PHE C 220 -14.97 42.51 38.16
N SER C 221 -15.53 42.14 37.02
CA SER C 221 -16.85 41.52 36.98
C SER C 221 -17.02 40.75 35.67
N ALA C 222 -17.09 39.42 35.76
CA ALA C 222 -17.14 38.57 34.57
C ALA C 222 -18.56 38.50 34.01
N LEU C 223 -18.65 38.41 32.69
CA LEU C 223 -19.91 38.50 31.96
C LEU C 223 -20.38 37.11 31.57
N GLU C 224 -21.71 36.80 31.88
CA GLU C 224 -22.31 35.48 31.70
C GLU C 224 -23.12 35.40 30.42
N PRO C 225 -23.02 34.30 29.69
CA PRO C 225 -23.69 34.20 28.38
C PRO C 225 -25.20 34.29 28.49
N LEU C 226 -25.81 34.97 27.53
CA LEU C 226 -27.25 35.26 27.57
C LEU C 226 -28.00 34.51 26.48
N VAL C 227 -27.59 34.70 25.23
CA VAL C 227 -28.36 34.33 24.06
C VAL C 227 -27.43 33.59 23.12
N ASP C 228 -28.04 33.02 22.08
CA ASP C 228 -27.38 32.31 20.99
C ASP C 228 -28.37 32.34 19.81
N LEU C 229 -27.99 32.90 18.67
CA LEU C 229 -28.93 32.96 17.56
C LEU C 229 -28.32 32.36 16.31
N PRO C 230 -28.83 31.24 15.81
CA PRO C 230 -28.30 30.65 14.55
C PRO C 230 -28.86 31.37 13.32
N ILE C 231 -28.31 32.54 13.03
CA ILE C 231 -28.83 33.38 11.97
C ILE C 231 -28.15 33.07 10.65
N GLY C 232 -26.85 33.35 10.56
CA GLY C 232 -26.13 33.21 9.32
C GLY C 232 -25.76 34.56 8.74
N ILE C 233 -26.39 35.60 9.27
CA ILE C 233 -26.21 37.00 8.91
C ILE C 233 -24.75 37.40 8.87
N ASN C 234 -24.38 38.24 7.91
CA ASN C 234 -23.09 38.92 7.87
C ASN C 234 -23.20 40.24 8.62
N ILE C 235 -22.14 40.64 9.32
CA ILE C 235 -22.16 41.89 10.06
C ILE C 235 -20.87 42.66 9.81
N THR C 236 -21.00 43.97 9.58
CA THR C 236 -19.85 44.84 9.43
C THR C 236 -20.07 46.17 10.14
N ARG C 237 -21.30 46.45 10.57
CA ARG C 237 -21.58 47.75 11.17
C ARG C 237 -22.67 47.59 12.22
N PHE C 238 -22.79 48.58 13.08
CA PHE C 238 -23.83 48.57 14.11
C PHE C 238 -24.07 49.99 14.59
N GLN C 239 -25.14 50.17 15.36
CA GLN C 239 -25.58 51.48 15.82
C GLN C 239 -26.11 51.36 17.25
N THR C 240 -26.82 52.40 17.68
CA THR C 240 -27.49 52.41 18.97
C THR C 240 -28.84 53.08 18.82
N LEU C 241 -29.68 52.93 19.85
CA LEU C 241 -31.04 53.46 19.85
C LEU C 241 -31.30 54.17 21.17
N LEU C 242 -31.90 55.36 21.09
CA LEU C 242 -32.09 56.19 22.27
C LEU C 242 -33.52 56.73 22.33
N ALA C 243 -33.99 56.97 23.55
CA ALA C 243 -35.33 57.51 23.79
C ALA C 243 -35.23 59.02 23.97
N LEU C 244 -35.83 59.76 23.02
CA LEU C 244 -35.70 61.21 22.94
C LEU C 244 -36.26 61.93 24.15
N HIS C 245 -36.11 63.25 24.13
CA HIS C 245 -36.73 64.17 25.06
C HIS C 245 -37.93 64.86 24.40
N ARG C 246 -39.12 64.63 24.95
CA ARG C 246 -40.28 65.31 24.39
C ARG C 246 -41.21 65.87 25.46
N SER C 247 -41.13 65.36 26.67
CA SER C 247 -42.00 65.83 27.75
C SER C 247 -41.20 66.27 28.97
N ALA C 264 -24.51 58.36 27.95
CA ALA C 264 -23.14 57.98 28.21
C ALA C 264 -22.93 56.51 27.91
N TYR C 265 -22.07 56.22 26.93
CA TYR C 265 -21.77 54.84 26.59
C TYR C 265 -20.44 54.74 25.85
N TYR C 266 -19.85 53.56 25.92
CA TYR C 266 -18.50 53.27 25.47
C TYR C 266 -18.51 52.16 24.44
N VAL C 267 -17.46 52.07 23.65
CA VAL C 267 -17.34 51.00 22.66
C VAL C 267 -15.90 50.52 22.58
N GLY C 268 -15.64 49.32 23.07
CA GLY C 268 -14.36 48.66 22.89
C GLY C 268 -14.43 47.66 21.75
N TYR C 269 -13.27 47.13 21.39
CA TYR C 269 -13.19 46.10 20.38
C TYR C 269 -12.37 44.95 20.92
N LEU C 270 -12.55 43.78 20.32
CA LEU C 270 -11.98 42.55 20.83
C LEU C 270 -10.92 42.04 19.88
N GLN C 271 -9.84 41.51 20.44
CA GLN C 271 -8.72 40.96 19.68
C GLN C 271 -8.39 39.60 20.23
N PRO C 272 -7.68 38.78 19.46
CA PRO C 272 -7.26 37.47 19.97
C PRO C 272 -6.12 37.59 20.98
N ARG C 273 -6.45 37.38 22.24
CA ARG C 273 -5.50 37.40 23.34
C ARG C 273 -5.47 36.04 24.04
N THR C 274 -4.57 35.94 25.02
CA THR C 274 -4.42 34.78 25.90
C THR C 274 -4.51 35.27 27.32
N PHE C 275 -5.44 34.71 28.09
CA PHE C 275 -5.65 35.15 29.47
C PHE C 275 -5.48 34.00 30.43
N LEU C 276 -5.33 34.34 31.71
CA LEU C 276 -5.23 33.39 32.80
C LEU C 276 -6.34 33.74 33.79
N LEU C 277 -7.37 32.90 33.85
CA LEU C 277 -8.53 33.16 34.68
C LEU C 277 -8.44 32.38 35.99
N LYS C 278 -8.74 33.06 37.09
CA LYS C 278 -8.75 32.44 38.40
C LYS C 278 -10.18 32.09 38.76
N TYR C 279 -10.42 30.81 39.03
CA TYR C 279 -11.76 30.33 39.32
C TYR C 279 -11.93 30.15 40.82
N ASN C 280 -13.06 30.62 41.33
CA ASN C 280 -13.46 30.44 42.71
C ASN C 280 -13.80 28.98 42.97
N GLU C 281 -14.14 28.66 44.23
CA GLU C 281 -14.62 27.33 44.57
C GLU C 281 -16.08 27.10 44.21
N ASN C 282 -16.88 28.16 44.07
CA ASN C 282 -18.20 28.03 43.48
C ASN C 282 -18.16 27.98 41.97
N GLY C 283 -17.03 28.32 41.36
CA GLY C 283 -16.91 28.24 39.93
C GLY C 283 -17.02 29.55 39.21
N THR C 284 -16.91 30.67 39.89
CA THR C 284 -16.96 31.97 39.25
C THR C 284 -15.56 32.53 39.06
N ILE C 285 -15.40 33.32 38.01
CA ILE C 285 -14.14 33.97 37.70
C ILE C 285 -14.02 35.20 38.58
N THR C 286 -13.01 35.23 39.45
CA THR C 286 -12.85 36.34 40.38
C THR C 286 -11.71 37.27 39.98
N ASP C 287 -10.70 36.76 39.29
CA ASP C 287 -9.58 37.57 38.85
C ASP C 287 -9.06 37.04 37.52
N ALA C 288 -8.23 37.83 36.86
CA ALA C 288 -7.65 37.43 35.59
C ALA C 288 -6.29 38.10 35.40
N VAL C 289 -5.54 37.58 34.45
CA VAL C 289 -4.25 38.13 34.06
C VAL C 289 -4.22 38.19 32.53
N ASP C 290 -3.93 39.37 31.99
CA ASP C 290 -3.69 39.55 30.57
C ASP C 290 -2.20 39.33 30.34
N CYS C 291 -1.85 38.35 29.52
CA CYS C 291 -0.50 37.81 29.49
C CYS C 291 0.37 38.49 28.45
N ALA C 292 -0.08 39.66 27.99
CA ALA C 292 0.66 40.37 26.97
C ALA C 292 0.75 41.84 27.32
N LEU C 293 0.36 42.17 28.55
CA LEU C 293 0.50 43.54 29.01
C LEU C 293 1.96 43.92 29.22
N ASP C 294 2.64 43.25 30.14
CA ASP C 294 3.98 43.65 30.56
C ASP C 294 4.80 42.41 30.89
N PRO C 295 6.10 42.54 31.19
CA PRO C 295 6.90 41.35 31.51
C PRO C 295 6.42 40.61 32.73
N LEU C 296 5.97 41.29 33.77
CA LEU C 296 5.44 40.59 34.95
C LEU C 296 4.27 39.68 34.60
N SER C 297 3.37 40.12 33.73
CA SER C 297 2.21 39.32 33.38
C SER C 297 2.59 38.12 32.52
N GLU C 298 3.52 38.31 31.60
CA GLU C 298 4.05 37.18 30.84
C GLU C 298 4.75 36.17 31.73
N THR C 299 5.43 36.61 32.79
CA THR C 299 6.00 35.67 33.74
C THR C 299 4.93 34.91 34.50
N LYS C 300 3.90 35.63 34.99
CA LYS C 300 2.80 34.97 35.69
C LYS C 300 2.14 33.93 34.81
N CYS C 301 2.03 34.22 33.52
CA CYS C 301 1.42 33.27 32.59
C CYS C 301 2.33 32.08 32.36
N THR C 302 3.64 32.31 32.23
CA THR C 302 4.58 31.23 32.05
C THR C 302 4.61 30.28 33.24
N LEU C 303 4.51 30.80 34.46
CA LEU C 303 4.50 29.98 35.65
C LEU C 303 3.14 29.42 36.01
N LYS C 304 2.06 29.98 35.45
CA LYS C 304 0.68 29.63 35.80
C LYS C 304 0.41 29.90 37.28
N SER C 305 0.63 31.14 37.68
CA SER C 305 0.42 31.52 39.07
C SER C 305 0.16 33.00 39.15
N PHE C 306 -0.27 33.45 40.32
CA PHE C 306 -0.51 34.86 40.58
C PHE C 306 0.54 35.46 41.50
N THR C 307 1.41 34.64 42.09
CA THR C 307 2.54 35.11 42.87
C THR C 307 3.80 34.46 42.37
N VAL C 308 4.72 35.27 41.87
CA VAL C 308 6.05 34.81 41.47
C VAL C 308 7.03 35.17 42.59
N GLU C 309 7.83 34.19 42.99
CA GLU C 309 8.90 34.40 43.95
C GLU C 309 10.16 34.85 43.23
N LYS C 310 11.07 35.44 44.00
CA LYS C 310 12.25 36.02 43.38
C LYS C 310 13.04 34.98 42.61
N GLY C 311 13.63 35.40 41.51
CA GLY C 311 14.34 34.49 40.65
C GLY C 311 14.62 35.17 39.34
N ILE C 312 14.86 34.35 38.33
CA ILE C 312 14.96 34.83 36.96
C ILE C 312 14.34 33.75 36.09
N TYR C 313 13.46 34.17 35.19
CA TYR C 313 12.59 33.27 34.46
C TYR C 313 12.72 33.52 32.98
N GLN C 314 12.85 32.46 32.20
CA GLN C 314 12.81 32.57 30.76
C GLN C 314 11.36 32.62 30.32
N THR C 315 11.02 33.64 29.54
CA THR C 315 9.62 33.98 29.37
C THR C 315 9.20 33.84 27.92
N SER C 316 10.11 34.14 26.99
CA SER C 316 9.79 34.03 25.58
C SER C 316 11.05 34.13 24.72
N ASN C 317 10.89 34.64 23.51
CA ASN C 317 12.01 34.78 22.59
C ASN C 317 11.92 36.00 21.72
N PHE C 318 13.07 36.52 21.31
CA PHE C 318 13.13 37.69 20.45
C PHE C 318 13.69 37.28 19.10
N ARG C 319 12.90 37.50 18.04
CA ARG C 319 13.35 37.14 16.71
C ARG C 319 13.12 38.28 15.75
N VAL C 320 14.20 38.88 15.27
CA VAL C 320 14.12 39.97 14.31
C VAL C 320 13.21 39.56 13.18
N GLN C 321 12.60 40.54 12.52
CA GLN C 321 11.69 40.24 11.42
C GLN C 321 12.26 40.65 10.07
N PRO C 322 12.06 39.82 9.05
CA PRO C 322 12.58 40.12 7.71
C PRO C 322 11.53 40.75 6.80
N THR C 323 11.91 41.77 6.04
CA THR C 323 10.99 42.43 5.13
C THR C 323 11.39 42.25 3.68
N GLU C 324 10.39 42.20 2.79
CA GLU C 324 10.63 42.03 1.36
C GLU C 324 11.34 40.73 1.02
N SER C 325 11.15 40.27 -0.21
CA SER C 325 11.76 39.05 -0.68
C SER C 325 12.54 39.31 -1.96
N ILE C 326 13.86 39.37 -1.86
CA ILE C 326 14.71 39.62 -3.02
C ILE C 326 15.01 38.33 -3.77
N VAL C 327 14.52 38.25 -5.00
CA VAL C 327 14.74 37.07 -5.84
C VAL C 327 15.83 37.33 -6.88
N ARG C 328 17.02 36.81 -6.62
CA ARG C 328 18.15 36.98 -7.53
C ARG C 328 18.15 35.89 -8.59
N PHE C 329 18.80 36.16 -9.71
CA PHE C 329 18.87 35.20 -10.81
C PHE C 329 19.78 35.70 -11.92
N PRO C 330 19.88 34.92 -13.00
CA PRO C 330 20.73 35.30 -14.13
C PRO C 330 19.94 35.97 -15.25
N ASN C 331 20.64 36.38 -16.31
CA ASN C 331 20.00 37.04 -17.44
C ASN C 331 19.13 36.09 -18.24
N ILE C 332 18.40 36.64 -19.21
CA ILE C 332 17.51 35.83 -20.06
C ILE C 332 17.03 36.63 -21.26
N THR C 333 16.16 36.02 -22.06
CA THR C 333 15.61 36.67 -23.24
C THR C 333 14.62 35.77 -23.96
N ASN C 334 14.84 34.46 -23.85
CA ASN C 334 13.97 33.48 -24.50
C ASN C 334 12.97 32.88 -23.52
N LEU C 335 11.68 33.02 -23.83
CA LEU C 335 10.63 32.48 -22.98
C LEU C 335 10.53 30.97 -23.11
N CYS C 336 9.66 30.51 -24.00
CA CYS C 336 9.47 29.08 -24.22
C CYS C 336 8.70 28.82 -25.51
N PRO C 337 9.27 28.00 -26.38
CA PRO C 337 8.60 27.67 -27.65
C PRO C 337 7.81 26.38 -27.56
N PHE C 338 6.94 26.26 -26.57
CA PHE C 338 6.15 25.05 -26.41
C PHE C 338 5.25 24.81 -27.63
N GLY C 339 4.98 25.87 -28.37
CA GLY C 339 4.14 25.79 -29.55
C GLY C 339 4.73 24.89 -30.61
N GLU C 340 5.52 23.90 -30.18
CA GLU C 340 6.14 22.95 -31.09
C GLU C 340 5.85 21.52 -30.69
N VAL C 341 5.94 21.25 -29.39
CA VAL C 341 5.68 19.90 -28.88
C VAL C 341 4.20 19.70 -28.57
N PHE C 342 3.52 20.79 -28.20
CA PHE C 342 2.10 20.72 -27.89
C PHE C 342 1.25 21.21 -29.07
N ASN C 343 1.91 21.45 -30.20
CA ASN C 343 1.23 21.91 -31.39
C ASN C 343 1.83 21.34 -32.68
N ALA C 344 2.21 20.06 -32.62
CA ALA C 344 2.80 19.40 -33.77
C ALA C 344 1.73 18.90 -34.73
N THR C 345 2.10 18.79 -36.01
CA THR C 345 1.18 18.29 -37.01
C THR C 345 1.14 16.76 -37.05
N ARG C 346 2.23 16.13 -36.62
CA ARG C 346 2.31 14.68 -36.60
C ARG C 346 3.07 14.21 -35.37
N PHE C 347 2.40 13.47 -34.50
CA PHE C 347 3.02 12.99 -33.28
C PHE C 347 3.96 11.82 -33.57
N ALA C 348 4.38 11.12 -32.51
CA ALA C 348 5.27 9.99 -32.65
C ALA C 348 4.63 8.71 -32.12
N SER C 349 5.03 7.57 -32.68
CA SER C 349 4.49 6.29 -32.26
C SER C 349 4.61 6.10 -30.75
N VAL C 350 4.04 5.01 -30.25
CA VAL C 350 4.08 4.72 -28.82
C VAL C 350 5.27 3.83 -28.48
N TYR C 351 5.75 3.08 -29.46
CA TYR C 351 6.90 2.20 -29.25
C TYR C 351 8.21 2.87 -29.55
N ALA C 352 8.22 3.97 -30.26
CA ALA C 352 9.40 4.83 -30.38
C ALA C 352 8.97 6.25 -30.08
N TRP C 353 8.85 6.57 -28.80
CA TRP C 353 8.36 7.88 -28.41
C TRP C 353 9.41 8.91 -28.75
N ASN C 354 9.02 10.17 -28.73
CA ASN C 354 10.07 11.13 -28.98
C ASN C 354 10.70 11.56 -27.68
N ARG C 355 11.71 12.41 -27.75
CA ARG C 355 12.36 12.89 -26.55
C ARG C 355 12.99 14.24 -26.83
N LYS C 356 12.31 15.31 -26.41
CA LYS C 356 12.82 16.66 -26.58
C LYS C 356 13.41 17.09 -25.24
N ARG C 357 14.59 17.69 -25.26
CA ARG C 357 15.22 18.11 -24.02
C ARG C 357 15.12 19.60 -23.90
N ILE C 358 14.00 20.07 -23.36
CA ILE C 358 13.86 21.48 -23.07
C ILE C 358 15.01 21.92 -22.18
N SER C 359 15.48 23.14 -22.38
CA SER C 359 16.70 23.61 -21.73
C SER C 359 16.48 25.03 -21.26
N ASN C 360 17.57 25.72 -20.93
CA ASN C 360 17.54 27.06 -20.37
C ASN C 360 16.58 27.98 -21.12
N CYS C 361 15.58 28.47 -20.39
CA CYS C 361 14.58 29.37 -20.96
C CYS C 361 13.67 29.92 -19.86
N VAL C 362 12.45 30.29 -20.23
CA VAL C 362 11.48 30.83 -19.28
C VAL C 362 10.22 29.99 -19.53
N ALA C 363 9.95 29.03 -18.65
CA ALA C 363 8.82 28.13 -18.82
C ALA C 363 7.63 28.64 -18.02
N ASP C 364 6.49 28.69 -18.68
CA ASP C 364 5.24 29.18 -18.08
C ASP C 364 4.21 28.07 -18.08
N TYR C 365 4.26 27.24 -17.05
CA TYR C 365 3.32 26.14 -16.95
C TYR C 365 1.91 26.59 -16.65
N SER C 366 1.66 27.89 -16.54
CA SER C 366 0.30 28.34 -16.32
C SER C 366 -0.52 28.27 -17.60
N VAL C 367 0.07 28.67 -18.73
CA VAL C 367 -0.62 28.56 -20.01
C VAL C 367 -1.00 27.12 -20.28
N LEU C 368 -0.21 26.18 -19.76
CA LEU C 368 -0.59 24.79 -19.84
C LEU C 368 -1.71 24.50 -18.86
N TYR C 369 -1.49 24.80 -17.59
CA TYR C 369 -2.36 24.31 -16.53
C TYR C 369 -3.79 24.79 -16.71
N ASN C 370 -3.98 26.00 -17.21
CA ASN C 370 -5.33 26.56 -17.27
C ASN C 370 -5.93 26.48 -18.67
N SER C 371 -5.30 25.75 -19.59
CA SER C 371 -5.78 25.81 -20.96
C SER C 371 -7.09 25.07 -21.15
N ALA C 372 -7.49 24.24 -20.20
CA ALA C 372 -8.79 23.60 -20.17
C ALA C 372 -9.04 22.73 -21.40
N SER C 373 -8.06 22.64 -22.29
CA SER C 373 -8.16 21.77 -23.45
C SER C 373 -7.64 20.38 -23.19
N PHE C 374 -7.02 20.16 -22.03
CA PHE C 374 -6.41 18.90 -21.70
C PHE C 374 -7.39 18.04 -20.93
N SER C 375 -7.54 16.81 -21.35
CA SER C 375 -8.42 15.91 -20.65
C SER C 375 -7.76 15.30 -19.42
N THR C 376 -6.45 15.33 -19.33
CA THR C 376 -5.77 14.75 -18.17
C THR C 376 -4.54 15.57 -17.87
N PHE C 377 -4.43 16.09 -16.65
CA PHE C 377 -3.25 16.85 -16.25
C PHE C 377 -2.89 16.45 -14.84
N LYS C 378 -2.09 15.42 -14.68
CA LYS C 378 -1.72 14.96 -13.35
C LYS C 378 -0.29 15.35 -13.07
N CYS C 379 -0.02 15.83 -11.87
CA CYS C 379 1.34 16.14 -11.47
C CYS C 379 1.69 15.29 -10.25
N TYR C 380 2.88 14.72 -10.25
CA TYR C 380 3.23 13.73 -9.23
C TYR C 380 4.25 14.20 -8.24
N GLY C 381 5.43 14.59 -8.69
CA GLY C 381 6.42 15.05 -7.73
C GLY C 381 5.99 16.34 -7.09
N VAL C 382 5.18 17.13 -7.79
CA VAL C 382 4.91 18.51 -7.40
C VAL C 382 3.56 18.95 -7.94
N SER C 383 2.73 19.47 -7.05
CA SER C 383 1.40 19.94 -7.44
C SER C 383 1.52 21.04 -8.50
N PRO C 384 0.51 21.19 -9.36
CA PRO C 384 0.71 22.00 -10.57
C PRO C 384 0.90 23.48 -10.34
N THR C 385 0.22 24.08 -9.36
CA THR C 385 0.26 25.54 -9.26
C THR C 385 1.62 26.07 -8.83
N LYS C 386 2.45 25.23 -8.23
CA LYS C 386 3.77 25.65 -7.77
C LYS C 386 4.86 25.39 -8.79
N LEU C 387 4.49 25.13 -10.04
CA LEU C 387 5.52 24.92 -11.06
C LEU C 387 6.15 26.23 -11.51
N ASN C 388 5.33 27.27 -11.59
CA ASN C 388 5.81 28.59 -12.00
C ASN C 388 6.50 29.33 -10.86
N ASP C 389 7.12 28.59 -9.96
CA ASP C 389 7.82 29.18 -8.82
C ASP C 389 9.03 28.34 -8.41
N LEU C 390 9.42 27.41 -9.28
CA LEU C 390 10.55 26.53 -9.01
C LEU C 390 11.51 26.51 -10.19
N CYS C 391 12.74 26.04 -9.94
CA CYS C 391 13.75 25.96 -10.99
C CYS C 391 14.49 24.63 -10.93
N PHE C 392 14.72 24.04 -12.10
CA PHE C 392 15.42 22.76 -12.18
C PHE C 392 16.64 22.86 -13.09
N THR C 393 17.19 21.71 -13.46
CA THR C 393 18.36 21.66 -14.34
C THR C 393 17.96 21.34 -15.78
N ASN C 394 17.05 20.39 -15.94
CA ASN C 394 16.59 19.99 -17.26
C ASN C 394 15.13 19.61 -17.17
N VAL C 395 14.39 19.86 -18.23
CA VAL C 395 13.05 19.35 -18.41
C VAL C 395 13.09 18.51 -19.65
N TYR C 396 12.58 17.31 -19.58
CA TYR C 396 12.45 16.51 -20.77
C TYR C 396 10.98 16.42 -21.12
N ALA C 397 10.66 16.34 -22.41
CA ALA C 397 9.29 16.18 -22.84
C ALA C 397 9.21 15.00 -23.77
N ASP C 398 8.44 13.98 -23.41
CA ASP C 398 8.25 12.83 -24.27
C ASP C 398 6.86 12.87 -24.88
N SER C 399 6.76 12.42 -26.13
CA SER C 399 5.52 12.58 -26.88
C SER C 399 5.15 11.29 -27.55
N PHE C 400 3.87 10.94 -27.54
CA PHE C 400 3.41 9.78 -28.30
C PHE C 400 1.90 9.75 -28.37
N VAL C 401 1.35 8.69 -28.94
CA VAL C 401 -0.08 8.54 -29.20
C VAL C 401 -0.52 7.15 -28.78
N ILE C 402 -1.57 7.05 -27.98
CA ILE C 402 -2.07 5.77 -27.51
C ILE C 402 -3.58 5.74 -27.65
N ARG C 403 -4.18 4.67 -27.13
CA ARG C 403 -5.62 4.53 -27.16
C ARG C 403 -6.18 5.46 -26.09
N GLY C 404 -7.49 5.50 -25.93
CA GLY C 404 -8.09 6.36 -24.95
C GLY C 404 -8.02 5.79 -23.56
N ASP C 405 -8.15 4.49 -23.41
CA ASP C 405 -8.19 3.91 -22.08
C ASP C 405 -6.86 3.33 -21.66
N GLU C 406 -5.81 3.74 -22.33
CA GLU C 406 -4.46 3.33 -22.00
C GLU C 406 -3.75 4.50 -21.33
N VAL C 407 -4.47 5.60 -21.05
CA VAL C 407 -3.81 6.72 -20.42
C VAL C 407 -3.64 6.47 -18.94
N ARG C 408 -4.24 5.42 -18.41
CA ARG C 408 -4.05 5.13 -17.00
C ARG C 408 -2.85 4.26 -16.74
N GLN C 409 -2.13 3.85 -17.77
CA GLN C 409 -0.87 3.15 -17.56
C GLN C 409 0.32 4.07 -17.64
N ILE C 410 0.11 5.35 -17.96
CA ILE C 410 1.19 6.33 -17.93
C ILE C 410 1.16 6.96 -16.54
N ALA C 411 1.78 6.28 -15.62
CA ALA C 411 1.77 6.68 -14.21
C ALA C 411 2.80 5.83 -13.51
N PRO C 412 3.36 6.27 -12.39
CA PRO C 412 4.39 5.47 -11.73
C PRO C 412 3.78 4.24 -11.09
N GLY C 413 4.35 3.08 -11.38
CA GLY C 413 3.84 1.84 -10.83
C GLY C 413 2.57 1.33 -11.45
N GLN C 414 2.59 0.99 -12.73
CA GLN C 414 1.46 0.35 -13.40
C GLN C 414 1.97 -0.84 -14.19
N THR C 415 1.03 -1.60 -14.74
CA THR C 415 1.34 -2.73 -15.60
C THR C 415 0.36 -2.76 -16.75
N GLY C 416 0.69 -3.54 -17.77
CA GLY C 416 -0.05 -3.54 -19.01
C GLY C 416 0.88 -3.43 -20.20
N LYS C 417 0.31 -3.73 -21.38
CA LYS C 417 1.14 -3.84 -22.57
C LYS C 417 1.87 -2.55 -22.88
N ILE C 418 1.35 -1.42 -22.41
CA ILE C 418 2.03 -0.15 -22.68
C ILE C 418 3.14 0.07 -21.68
N ALA C 419 2.82 -0.01 -20.39
CA ALA C 419 3.83 0.29 -19.38
C ALA C 419 4.83 -0.84 -19.24
N ASP C 420 4.46 -2.05 -19.62
CA ASP C 420 5.42 -3.14 -19.52
C ASP C 420 6.53 -2.97 -20.54
N TYR C 421 6.21 -3.05 -21.82
CA TYR C 421 7.20 -2.79 -22.83
C TYR C 421 6.64 -1.89 -23.92
N ASN C 422 6.44 -0.62 -23.59
CA ASN C 422 6.51 0.44 -24.59
C ASN C 422 7.14 1.68 -23.99
N TYR C 423 6.73 2.01 -22.78
CA TYR C 423 7.15 3.27 -22.13
C TYR C 423 6.94 3.12 -20.64
N LYS C 424 8.03 3.05 -19.88
CA LYS C 424 7.96 2.82 -18.45
C LYS C 424 8.47 4.05 -17.71
N LEU C 425 7.71 4.51 -16.72
CA LEU C 425 7.93 5.63 -15.84
C LEU C 425 8.53 5.17 -14.52
N PRO C 426 9.61 5.78 -14.03
CA PRO C 426 10.23 5.29 -12.81
C PRO C 426 9.28 5.41 -11.64
N ASP C 427 9.67 4.81 -10.53
CA ASP C 427 8.75 4.71 -9.40
C ASP C 427 8.79 5.94 -8.49
N ASP C 428 9.74 6.84 -8.69
CA ASP C 428 9.78 8.12 -7.99
C ASP C 428 9.70 9.28 -8.96
N PHE C 429 8.78 9.19 -9.91
CA PHE C 429 8.63 10.20 -10.94
C PHE C 429 8.49 11.57 -10.32
N THR C 430 8.84 12.60 -11.08
CA THR C 430 8.76 13.96 -10.57
C THR C 430 7.90 14.89 -11.41
N GLY C 431 7.69 14.62 -12.67
CA GLY C 431 7.10 15.59 -13.57
C GLY C 431 5.59 15.58 -13.54
N CYS C 432 5.01 15.83 -14.71
CA CYS C 432 3.58 15.80 -14.90
C CYS C 432 3.23 15.13 -16.21
N VAL C 433 2.03 14.59 -16.28
CA VAL C 433 1.55 13.85 -17.43
C VAL C 433 0.34 14.58 -17.98
N ILE C 434 0.34 14.89 -19.26
CA ILE C 434 -0.72 15.65 -19.91
C ILE C 434 -1.24 14.85 -21.08
N ALA C 435 -2.55 14.87 -21.28
CA ALA C 435 -3.13 14.05 -22.33
C ALA C 435 -4.42 14.68 -22.83
N TRP C 436 -4.63 14.62 -24.15
CA TRP C 436 -5.86 15.15 -24.70
C TRP C 436 -6.30 14.35 -25.91
N ASN C 437 -7.61 14.32 -26.13
CA ASN C 437 -8.17 13.54 -27.21
C ASN C 437 -7.83 14.18 -28.54
N SER C 438 -7.58 13.33 -29.54
CA SER C 438 -7.23 13.83 -30.85
C SER C 438 -7.90 13.00 -31.92
N ASN C 439 -9.20 12.74 -31.78
CA ASN C 439 -9.86 11.87 -32.73
C ASN C 439 -9.85 12.43 -34.14
N ASN C 440 -10.00 13.74 -34.30
CA ASN C 440 -10.18 14.30 -35.62
C ASN C 440 -8.88 14.39 -36.40
N LEU C 441 -7.75 14.39 -35.73
CA LEU C 441 -6.47 14.52 -36.39
C LEU C 441 -5.86 13.19 -36.79
N ASP C 442 -5.90 12.20 -35.91
CA ASP C 442 -5.22 10.93 -36.20
C ASP C 442 -6.04 9.80 -36.75
N SER C 443 -7.35 9.88 -36.59
CA SER C 443 -8.21 8.81 -37.08
C SER C 443 -8.90 9.22 -38.37
N LYS C 444 -8.51 8.60 -39.48
CA LYS C 444 -9.09 8.90 -40.78
C LYS C 444 -10.24 7.95 -41.09
N VAL C 445 -10.80 8.08 -42.29
CA VAL C 445 -11.91 7.23 -42.71
C VAL C 445 -11.41 5.89 -43.23
N GLY C 446 -11.56 4.85 -42.42
CA GLY C 446 -11.11 3.52 -42.79
C GLY C 446 -10.05 2.99 -41.85
N GLY C 447 -9.44 3.89 -41.09
CA GLY C 447 -8.40 3.50 -40.15
C GLY C 447 -7.06 4.12 -40.50
N ASN C 448 -6.33 4.53 -39.47
CA ASN C 448 -5.01 5.15 -39.66
C ASN C 448 -3.93 4.10 -39.88
N TYR C 449 -3.90 3.07 -39.03
CA TYR C 449 -2.91 2.02 -39.14
C TYR C 449 -1.53 2.61 -39.32
N ASN C 450 -1.32 3.80 -38.76
CA ASN C 450 -0.05 4.49 -38.86
C ASN C 450 0.71 4.49 -37.54
N TYR C 451 0.00 4.24 -36.45
CA TYR C 451 0.60 4.20 -35.12
C TYR C 451 0.72 2.77 -34.61
N LEU C 452 1.95 2.33 -34.39
CA LEU C 452 2.22 0.97 -33.91
C LEU C 452 2.50 0.94 -32.42
N TYR C 453 2.59 -0.26 -31.87
CA TYR C 453 2.86 -0.44 -30.45
C TYR C 453 3.34 -1.86 -30.16
N ARG C 454 4.55 -2.00 -29.63
CA ARG C 454 5.09 -3.31 -29.31
C ARG C 454 4.23 -4.02 -28.29
N LEU C 455 4.03 -5.33 -28.47
CA LEU C 455 3.22 -6.11 -27.53
C LEU C 455 3.82 -7.48 -27.30
N PHE C 456 5.06 -7.68 -27.75
CA PHE C 456 5.75 -8.94 -27.59
C PHE C 456 7.21 -8.69 -27.24
N ARG C 457 7.54 -8.75 -25.96
CA ARG C 457 8.90 -8.51 -25.50
C ARG C 457 9.40 -9.64 -24.62
N LYS C 458 10.70 -9.62 -24.33
CA LYS C 458 11.31 -10.63 -23.49
C LYS C 458 11.25 -10.25 -22.02
N SER C 459 11.52 -8.97 -21.73
CA SER C 459 11.48 -8.51 -20.35
C SER C 459 11.03 -7.06 -20.31
N ASN C 460 10.32 -6.72 -19.25
CA ASN C 460 9.79 -5.38 -19.10
C ASN C 460 10.92 -4.35 -19.14
N LEU C 461 10.56 -3.15 -19.57
CA LEU C 461 11.54 -2.11 -19.79
C LEU C 461 12.06 -1.57 -18.47
N LYS C 462 13.30 -1.12 -18.49
CA LYS C 462 13.75 -0.26 -17.42
C LYS C 462 13.12 1.11 -17.61
N PRO C 463 12.96 1.90 -16.55
CA PRO C 463 12.32 3.20 -16.70
C PRO C 463 13.06 4.06 -17.70
N PHE C 464 12.30 4.67 -18.61
CA PHE C 464 12.83 5.59 -19.63
C PHE C 464 13.73 4.88 -20.63
N GLU C 465 13.58 3.58 -20.76
CA GLU C 465 14.33 2.81 -21.73
C GLU C 465 13.50 2.69 -23.00
N ARG C 466 14.18 2.50 -24.13
CA ARG C 466 13.54 2.57 -25.43
C ARG C 466 14.06 1.45 -26.33
N ASP C 467 13.17 0.88 -27.13
CA ASP C 467 13.48 -0.35 -27.86
C ASP C 467 12.78 -0.33 -29.21
N ILE C 468 13.52 -0.04 -30.27
CA ILE C 468 12.95 0.07 -31.61
C ILE C 468 13.32 -1.12 -32.48
N SER C 469 13.82 -2.19 -31.90
CA SER C 469 14.20 -3.33 -32.72
C SER C 469 12.96 -4.01 -33.28
N THR C 470 13.17 -4.89 -34.25
CA THR C 470 12.07 -5.53 -34.94
C THR C 470 12.40 -7.00 -35.20
N GLU C 471 12.97 -7.66 -34.21
CA GLU C 471 13.30 -9.06 -34.34
C GLU C 471 12.06 -9.92 -34.13
N ILE C 472 11.97 -11.02 -34.85
CA ILE C 472 10.80 -11.89 -34.71
C ILE C 472 10.80 -12.60 -33.36
N TYR C 473 9.66 -12.56 -32.69
CA TYR C 473 9.49 -13.19 -31.39
C TYR C 473 9.65 -14.70 -31.51
N GLN C 474 9.01 -15.43 -30.60
CA GLN C 474 9.08 -16.89 -30.61
C GLN C 474 8.50 -17.49 -29.35
N ALA C 475 7.30 -17.06 -28.99
CA ALA C 475 6.63 -17.56 -27.80
C ALA C 475 6.32 -19.05 -27.91
N GLY C 476 7.16 -19.76 -28.66
CA GLY C 476 6.98 -21.19 -28.85
C GLY C 476 8.09 -22.03 -28.25
N SER C 477 8.76 -22.81 -29.09
CA SER C 477 9.85 -23.66 -28.63
C SER C 477 10.65 -24.21 -29.82
N THR C 478 10.90 -23.36 -30.81
CA THR C 478 11.65 -23.77 -31.99
C THR C 478 12.25 -22.56 -32.70
N PRO C 479 13.51 -22.75 -33.27
CA PRO C 479 14.04 -21.56 -33.95
C PRO C 479 13.08 -21.01 -34.98
N CYS C 480 13.26 -19.76 -35.39
CA CYS C 480 12.39 -19.13 -36.37
C CYS C 480 13.13 -18.73 -37.63
N ASN C 481 14.45 -18.62 -37.53
CA ASN C 481 15.26 -18.25 -38.68
C ASN C 481 15.05 -16.80 -39.10
N GLY C 482 13.83 -16.30 -38.90
CA GLY C 482 13.50 -14.94 -39.25
C GLY C 482 12.29 -14.83 -40.15
N VAL C 483 11.21 -15.49 -39.76
CA VAL C 483 9.98 -15.46 -40.55
C VAL C 483 8.79 -15.85 -39.68
N GLU C 484 7.61 -15.37 -40.04
CA GLU C 484 6.40 -15.67 -39.29
C GLU C 484 6.19 -17.17 -39.16
N GLY C 485 5.09 -17.55 -38.53
CA GLY C 485 4.77 -18.96 -38.34
C GLY C 485 4.04 -19.17 -37.02
N PHE C 486 3.94 -20.42 -36.59
CA PHE C 486 3.26 -20.73 -35.34
C PHE C 486 4.23 -20.65 -34.16
N ASN C 487 3.75 -20.08 -33.05
CA ASN C 487 4.57 -19.96 -31.86
C ASN C 487 5.87 -19.20 -32.13
N CYS C 488 5.71 -17.99 -32.67
CA CYS C 488 6.82 -17.13 -33.02
C CYS C 488 6.27 -16.10 -33.98
N TYR C 489 5.92 -14.91 -33.47
CA TYR C 489 5.36 -13.90 -34.34
C TYR C 489 5.98 -12.50 -34.26
N PHE C 490 5.71 -11.74 -35.31
CA PHE C 490 6.16 -10.36 -35.49
C PHE C 490 5.76 -9.57 -34.26
N PRO C 491 6.62 -8.71 -33.74
CA PRO C 491 6.36 -8.12 -32.43
C PRO C 491 5.58 -6.81 -32.43
N LEU C 492 5.15 -6.29 -33.57
CA LEU C 492 4.48 -5.00 -33.61
C LEU C 492 3.08 -5.14 -34.17
N GLN C 493 2.13 -4.49 -33.51
CA GLN C 493 0.74 -4.47 -33.92
C GLN C 493 0.39 -3.02 -34.25
N SER C 494 -0.73 -2.79 -34.94
CA SER C 494 -1.12 -1.45 -35.29
C SER C 494 -2.54 -1.19 -34.86
N TYR C 495 -2.75 -0.11 -34.13
CA TYR C 495 -4.08 0.41 -33.89
C TYR C 495 -4.70 0.72 -35.24
N GLY C 496 -5.83 0.13 -35.54
CA GLY C 496 -6.50 0.65 -36.71
C GLY C 496 -7.53 1.65 -36.28
N PHE C 497 -7.17 2.92 -36.25
CA PHE C 497 -8.07 3.92 -35.72
C PHE C 497 -9.11 4.28 -36.77
N GLN C 498 -10.35 4.43 -36.33
CA GLN C 498 -11.45 4.78 -37.22
C GLN C 498 -12.19 5.92 -36.56
N PRO C 499 -12.83 6.79 -37.34
CA PRO C 499 -13.53 7.90 -36.70
C PRO C 499 -14.80 7.49 -35.99
N THR C 500 -15.40 6.38 -36.36
CA THR C 500 -16.60 5.90 -35.66
C THR C 500 -16.26 4.89 -34.58
N ASN C 501 -15.31 5.23 -33.72
CA ASN C 501 -14.95 4.38 -32.60
C ASN C 501 -15.47 4.99 -31.31
N GLY C 502 -16.00 4.14 -30.45
CA GLY C 502 -16.40 4.62 -29.14
C GLY C 502 -15.22 5.20 -28.40
N VAL C 503 -15.51 6.16 -27.52
CA VAL C 503 -14.46 6.75 -26.72
C VAL C 503 -13.76 5.63 -25.95
N GLY C 504 -12.49 5.82 -25.66
CA GLY C 504 -11.71 4.73 -25.15
C GLY C 504 -11.16 3.83 -26.22
N TYR C 505 -11.51 4.07 -27.48
CA TYR C 505 -10.78 3.52 -28.60
C TYR C 505 -10.35 4.59 -29.57
N GLN C 506 -10.55 5.83 -29.27
CA GLN C 506 -10.09 6.90 -30.12
C GLN C 506 -8.71 7.35 -29.68
N PRO C 507 -7.91 7.90 -30.59
CA PRO C 507 -6.53 8.19 -30.25
C PRO C 507 -6.40 9.37 -29.31
N TYR C 508 -5.52 9.23 -28.34
CA TYR C 508 -5.21 10.29 -27.40
C TYR C 508 -3.75 10.63 -27.59
N ARG C 509 -3.42 11.91 -27.57
CA ARG C 509 -2.03 12.31 -27.63
C ARG C 509 -1.55 12.62 -26.23
N VAL C 510 -0.33 12.19 -25.91
CA VAL C 510 0.21 12.25 -24.56
C VAL C 510 1.56 12.94 -24.60
N VAL C 511 1.81 13.79 -23.62
CA VAL C 511 3.09 14.45 -23.40
C VAL C 511 3.46 14.28 -21.94
N VAL C 512 4.65 13.77 -21.67
CA VAL C 512 5.10 13.51 -20.32
C VAL C 512 6.25 14.43 -20.05
N LEU C 513 6.06 15.40 -19.16
CA LEU C 513 7.14 16.29 -18.77
C LEU C 513 7.84 15.73 -17.56
N SER C 514 9.15 15.67 -17.62
CA SER C 514 9.92 15.08 -16.53
C SER C 514 10.99 16.07 -16.13
N PHE C 515 10.84 16.66 -14.96
CA PHE C 515 11.81 17.63 -14.46
C PHE C 515 12.90 16.87 -13.75
N GLU C 516 14.14 17.09 -14.13
CA GLU C 516 15.24 16.42 -13.47
C GLU C 516 16.20 17.45 -12.88
N LEU C 517 16.90 17.04 -11.82
CA LEU C 517 17.85 17.92 -11.16
C LEU C 517 19.18 17.21 -10.89
N LEU C 518 20.07 17.24 -11.88
CA LEU C 518 21.37 16.60 -11.74
C LEU C 518 22.17 17.23 -10.59
N HIS C 519 23.17 18.03 -10.94
CA HIS C 519 24.01 18.69 -9.96
C HIS C 519 24.71 19.91 -10.55
N ALA C 520 24.07 20.55 -11.51
CA ALA C 520 24.63 21.73 -12.16
C ALA C 520 24.51 22.96 -11.28
N PRO C 521 24.64 24.14 -11.87
CA PRO C 521 24.55 25.40 -11.11
C PRO C 521 23.16 26.02 -11.17
N ALA C 522 22.38 25.66 -12.18
CA ALA C 522 21.03 26.18 -12.36
C ALA C 522 20.51 25.90 -13.75
N THR C 523 19.29 26.35 -14.04
CA THR C 523 18.68 26.15 -15.34
C THR C 523 17.30 26.79 -15.42
N VAL C 524 16.51 26.39 -16.41
CA VAL C 524 15.18 26.94 -16.61
C VAL C 524 14.28 26.86 -15.38
N CYS C 525 13.30 27.77 -15.30
CA CYS C 525 12.37 27.81 -14.18
C CYS C 525 10.98 28.24 -14.63
N GLY C 526 10.71 29.54 -14.58
CA GLY C 526 9.43 30.08 -14.98
C GLY C 526 9.42 31.59 -15.03
N PRO C 527 8.43 32.21 -14.41
CA PRO C 527 8.35 33.68 -14.42
C PRO C 527 8.97 34.30 -13.17
N LYS C 528 10.25 34.70 -13.25
CA LYS C 528 10.91 35.31 -12.11
C LYS C 528 10.45 36.75 -11.91
N LYS C 529 11.30 37.55 -11.26
CA LYS C 529 10.98 38.95 -11.01
C LYS C 529 12.25 39.75 -10.76
N SER C 530 13.14 39.22 -9.94
CA SER C 530 14.39 39.90 -9.62
C SER C 530 14.14 41.22 -8.91
N THR C 531 15.20 41.79 -8.33
CA THR C 531 15.09 43.06 -7.62
C THR C 531 16.47 43.64 -7.32
N ASN C 532 16.53 44.52 -6.33
CA ASN C 532 17.79 45.14 -5.94
C ASN C 532 18.59 44.26 -4.98
N LEU C 533 19.84 44.67 -4.74
CA LEU C 533 20.71 43.91 -3.84
C LEU C 533 20.88 44.62 -2.50
N VAL C 534 20.14 44.15 -1.50
CA VAL C 534 20.19 44.74 -0.16
C VAL C 534 21.18 43.99 0.73
N LYS C 535 22.02 44.73 1.43
CA LYS C 535 23.01 44.14 2.33
C LYS C 535 23.05 44.82 3.70
N ASN C 536 23.20 44.00 4.74
CA ASN C 536 23.25 44.48 6.12
C ASN C 536 21.89 44.58 6.80
N LYS C 537 20.95 43.77 6.34
CA LYS C 537 19.60 43.75 6.90
C LYS C 537 19.10 42.32 6.89
N CYS C 538 18.48 41.90 7.98
CA CYS C 538 17.89 40.57 8.01
C CYS C 538 16.83 40.51 6.92
N VAL C 539 17.04 39.61 5.96
CA VAL C 539 16.29 39.59 4.73
C VAL C 539 15.89 38.15 4.42
N ASN C 540 14.91 38.01 3.54
CA ASN C 540 14.44 36.71 3.08
C ASN C 540 14.90 36.59 1.63
N PHE C 541 15.83 35.69 1.36
CA PHE C 541 16.51 35.67 0.07
C PHE C 541 16.30 34.35 -0.65
N ASN C 542 16.46 34.44 -1.98
CA ASN C 542 16.45 33.28 -2.86
C ASN C 542 17.52 33.52 -3.93
N PHE C 543 18.54 32.66 -3.95
CA PHE C 543 19.63 32.73 -4.92
C PHE C 543 19.53 31.51 -5.82
N ASN C 544 18.88 31.69 -6.97
CA ASN C 544 18.59 30.67 -7.98
C ASN C 544 18.35 29.30 -7.38
N GLY C 545 17.50 29.22 -6.37
CA GLY C 545 17.17 27.94 -5.78
C GLY C 545 17.43 27.90 -4.30
N LEU C 546 18.52 28.51 -3.85
CA LEU C 546 18.86 28.56 -2.42
C LEU C 546 17.89 29.50 -1.73
N THR C 547 17.03 28.96 -0.88
CA THR C 547 16.08 29.75 -0.13
C THR C 547 16.58 29.88 1.30
N GLY C 548 16.64 31.11 1.81
CA GLY C 548 17.06 31.30 3.19
C GLY C 548 16.71 32.62 3.81
N THR C 549 17.21 32.86 5.01
CA THR C 549 16.98 34.11 5.74
C THR C 549 18.29 34.52 6.41
N GLY C 550 18.52 35.81 6.48
CA GLY C 550 19.68 36.30 7.20
C GLY C 550 20.17 37.62 6.67
N VAL C 551 21.24 38.08 7.27
CA VAL C 551 21.98 39.26 6.86
C VAL C 551 23.01 38.85 5.83
N LEU C 552 23.13 39.63 4.77
CA LEU C 552 24.08 39.42 3.68
C LEU C 552 25.21 40.42 3.84
N THR C 553 26.44 39.97 3.65
CA THR C 553 27.58 40.85 3.83
C THR C 553 28.66 40.58 2.79
N GLU C 554 29.39 41.62 2.41
CA GLU C 554 30.50 41.47 1.47
C GLU C 554 31.54 40.52 2.02
N SER C 555 32.00 39.60 1.19
CA SER C 555 32.92 38.58 1.62
C SER C 555 34.36 38.93 1.28
N ASN C 556 35.27 38.08 1.73
CA ASN C 556 36.66 38.15 1.30
C ASN C 556 37.24 36.75 1.07
N LYS C 557 36.39 35.74 0.93
CA LYS C 557 36.80 34.42 0.48
C LYS C 557 36.79 34.34 -1.03
N LYS C 558 37.41 33.29 -1.56
CA LYS C 558 37.56 33.11 -3.00
C LYS C 558 37.16 31.69 -3.37
N PHE C 559 35.98 31.53 -3.95
CA PHE C 559 35.53 30.24 -4.44
C PHE C 559 36.38 29.78 -5.61
N LEU C 560 36.19 28.57 -6.06
CA LEU C 560 36.73 28.22 -7.37
C LEU C 560 35.70 28.56 -8.44
N PRO C 561 36.11 28.91 -9.64
CA PRO C 561 35.16 29.52 -10.57
C PRO C 561 34.18 28.53 -11.17
N PHE C 562 33.71 27.61 -10.36
CA PHE C 562 32.53 26.82 -10.71
C PHE C 562 31.68 26.54 -9.48
N GLN C 563 32.05 27.06 -8.31
CA GLN C 563 31.34 26.79 -7.07
C GLN C 563 30.37 27.91 -6.79
N GLN C 564 29.14 27.55 -6.42
CA GLN C 564 28.06 28.51 -6.20
C GLN C 564 27.98 28.99 -4.76
N PHE C 565 27.88 28.08 -3.80
CA PHE C 565 27.74 28.46 -2.41
C PHE C 565 28.69 27.64 -1.56
N GLY C 566 28.97 28.15 -0.37
CA GLY C 566 29.86 27.50 0.57
C GLY C 566 29.10 27.02 1.80
N ARG C 567 29.64 25.96 2.39
CA ARG C 567 29.01 25.33 3.54
C ARG C 567 29.99 25.30 4.70
N ASP C 568 29.44 25.19 5.91
CA ASP C 568 30.25 25.08 7.11
C ASP C 568 30.39 23.62 7.51
N ILE C 569 31.19 23.37 8.52
CA ILE C 569 31.19 22.09 9.22
C ILE C 569 29.89 22.04 9.98
N ALA C 570 29.23 20.89 9.98
CA ALA C 570 27.85 20.68 10.41
C ALA C 570 26.88 21.10 9.30
N ASP C 571 27.41 21.45 8.14
CA ASP C 571 26.65 21.52 6.90
C ASP C 571 25.54 22.56 6.90
N THR C 572 25.86 23.83 7.06
CA THR C 572 24.90 24.91 6.88
C THR C 572 25.46 25.91 5.87
N THR C 573 24.61 26.36 4.96
CA THR C 573 25.03 27.35 3.96
C THR C 573 25.47 28.62 4.64
N ASP C 574 26.68 29.07 4.34
CA ASP C 574 27.16 30.29 4.97
C ASP C 574 27.76 31.29 3.99
N ALA C 575 27.89 30.94 2.73
CA ALA C 575 28.29 31.90 1.70
C ALA C 575 27.54 31.58 0.43
N VAL C 576 27.33 32.59 -0.41
CA VAL C 576 26.76 32.40 -1.73
C VAL C 576 27.54 33.25 -2.71
N ARG C 577 27.27 33.02 -3.99
CA ARG C 577 27.80 33.83 -5.07
C ARG C 577 26.62 34.42 -5.82
N ASP C 578 26.65 35.72 -6.07
CA ASP C 578 25.54 36.35 -6.76
C ASP C 578 25.62 36.02 -8.23
N PRO C 579 24.59 35.44 -8.82
CA PRO C 579 24.69 34.99 -10.21
C PRO C 579 25.02 36.10 -11.19
N GLN C 580 24.45 37.29 -10.99
CA GLN C 580 24.60 38.35 -11.98
C GLN C 580 25.98 39.00 -11.91
N THR C 581 26.40 39.43 -10.73
CA THR C 581 27.68 40.11 -10.60
C THR C 581 28.83 39.18 -10.21
N LEU C 582 28.53 37.96 -9.74
CA LEU C 582 29.53 36.94 -9.43
C LEU C 582 30.47 37.37 -8.31
N GLU C 583 29.89 37.79 -7.20
CA GLU C 583 30.67 38.14 -6.01
C GLU C 583 30.17 37.33 -4.82
N ILE C 584 31.10 37.01 -3.94
CA ILE C 584 30.83 36.13 -2.81
C ILE C 584 30.29 36.97 -1.66
N LEU C 585 29.24 36.49 -1.02
CA LEU C 585 28.59 37.18 0.07
C LEU C 585 28.36 36.20 1.22
N ASP C 586 28.74 36.59 2.43
CA ASP C 586 28.48 35.77 3.59
C ASP C 586 27.05 35.94 4.08
N ILE C 587 26.53 34.87 4.68
CA ILE C 587 25.17 34.87 5.20
C ILE C 587 25.17 34.42 6.66
N THR C 588 24.57 35.23 7.53
CA THR C 588 24.50 34.91 8.94
C THR C 588 23.05 34.82 9.41
N PRO C 589 22.82 34.15 10.53
CA PRO C 589 21.45 34.02 11.06
C PRO C 589 20.96 35.35 11.63
N CYS C 590 19.75 35.77 11.27
CA CYS C 590 19.21 37.03 11.77
C CYS C 590 19.47 37.15 13.27
N SER C 591 19.84 38.35 13.72
CA SER C 591 20.12 38.58 15.13
C SER C 591 19.02 38.03 16.01
N PHE C 592 19.22 36.83 16.54
CA PHE C 592 18.23 36.22 17.42
C PHE C 592 18.85 36.00 18.80
N GLY C 593 18.13 35.24 19.63
CA GLY C 593 18.61 34.96 20.96
C GLY C 593 17.44 34.80 21.90
N GLY C 594 17.72 34.73 23.19
CA GLY C 594 16.68 34.59 24.18
C GLY C 594 16.22 35.90 24.77
N VAL C 595 15.81 35.82 26.01
CA VAL C 595 15.29 36.93 26.81
C VAL C 595 14.90 36.45 28.21
N SER C 596 15.35 37.18 29.22
CA SER C 596 15.08 36.85 30.61
C SER C 596 14.53 38.07 31.31
N VAL C 597 13.67 37.83 32.30
CA VAL C 597 13.03 38.88 33.07
C VAL C 597 13.47 38.76 34.53
N ILE C 598 13.99 39.86 35.07
CA ILE C 598 14.48 39.95 36.44
C ILE C 598 13.45 40.72 37.24
N THR C 599 12.90 40.09 38.26
CA THR C 599 11.87 40.68 39.09
C THR C 599 12.19 40.52 40.56
N PRO C 600 12.00 41.56 41.37
CA PRO C 600 12.15 41.41 42.82
C PRO C 600 11.03 40.62 43.48
N GLY C 601 10.01 40.21 42.76
CA GLY C 601 8.89 39.48 43.31
C GLY C 601 7.69 40.41 43.36
N THR C 602 6.53 39.90 42.94
CA THR C 602 5.33 40.72 42.84
C THR C 602 4.81 41.17 44.18
N ASN C 603 5.30 40.57 45.25
CA ASN C 603 4.97 40.93 46.63
C ASN C 603 5.89 42.02 47.16
N THR C 604 6.70 42.59 46.28
CA THR C 604 7.62 43.65 46.66
C THR C 604 7.44 44.84 45.75
N SER C 605 7.19 44.56 44.47
CA SER C 605 7.14 45.58 43.44
C SER C 605 6.71 44.91 42.14
N ASN C 606 6.34 45.73 41.17
CA ASN C 606 5.99 45.25 39.84
C ASN C 606 6.95 45.77 38.79
N GLN C 607 8.03 46.43 39.21
CA GLN C 607 9.08 46.81 38.27
C GLN C 607 9.84 45.57 37.80
N VAL C 608 10.54 45.72 36.70
CA VAL C 608 11.14 44.58 36.02
C VAL C 608 12.35 45.07 35.25
N ALA C 609 13.34 44.20 35.11
CA ALA C 609 14.48 44.44 34.23
C ALA C 609 14.57 43.29 33.23
N VAL C 610 15.23 43.53 32.10
CA VAL C 610 15.20 42.59 31.00
C VAL C 610 16.61 42.35 30.49
N LEU C 611 16.98 41.09 30.35
CA LEU C 611 18.28 40.69 29.82
C LEU C 611 18.09 40.09 28.44
N TYR C 612 18.75 40.67 27.44
CA TYR C 612 18.84 40.09 26.11
C TYR C 612 20.17 39.36 26.05
N GLN C 613 20.13 38.03 25.96
CA GLN C 613 21.32 37.24 26.23
C GLN C 613 22.24 37.27 25.03
N ASP C 614 23.51 37.54 25.30
CA ASP C 614 24.62 37.70 24.34
C ASP C 614 24.17 38.39 23.05
N VAL C 615 23.45 39.49 23.22
CA VAL C 615 23.10 40.37 22.13
C VAL C 615 23.77 41.70 22.37
N ASN C 616 24.35 42.26 21.31
CA ASN C 616 24.96 43.57 21.43
C ASN C 616 23.87 44.61 21.65
N CYS C 617 24.09 45.47 22.62
CA CYS C 617 23.00 46.27 23.16
C CYS C 617 22.60 47.42 22.24
N THR C 618 23.09 47.43 21.00
CA THR C 618 22.80 48.49 20.04
C THR C 618 21.75 48.03 19.02
N GLU C 619 21.40 46.76 19.09
CA GLU C 619 20.47 46.18 18.13
C GLU C 619 19.30 45.52 18.83
N VAL C 620 18.89 46.08 19.97
CA VAL C 620 17.84 45.49 20.78
C VAL C 620 16.47 45.74 20.17
N PRO C 621 16.08 46.98 19.84
CA PRO C 621 14.73 47.10 19.29
C PRO C 621 14.74 47.15 17.77
N SER C 640 16.84 56.36 29.89
CA SER C 640 16.73 55.04 30.50
C SER C 640 18.08 54.42 30.77
N ASN C 641 18.07 53.16 31.19
CA ASN C 641 19.28 52.46 31.60
C ASN C 641 19.54 51.30 30.65
N VAL C 642 20.51 51.47 29.75
CA VAL C 642 21.02 50.37 28.95
C VAL C 642 22.46 50.13 29.40
N PHE C 643 22.74 48.89 29.75
CA PHE C 643 24.01 48.53 30.35
C PHE C 643 24.48 47.25 29.67
N GLN C 644 25.73 47.24 29.25
CA GLN C 644 26.28 46.11 28.51
C GLN C 644 27.04 45.20 29.45
N THR C 645 26.78 43.92 29.34
CA THR C 645 27.38 42.90 30.17
C THR C 645 28.05 41.87 29.28
N ARG C 646 28.99 41.13 29.85
CA ARG C 646 29.51 39.96 29.18
C ARG C 646 28.45 38.90 28.96
N ALA C 647 27.27 39.05 29.56
CA ALA C 647 26.18 38.08 29.43
C ALA C 647 25.04 38.59 28.57
N GLY C 648 25.15 39.80 28.02
CA GLY C 648 24.11 40.38 27.20
C GLY C 648 23.82 41.82 27.54
N CYS C 649 22.71 42.31 27.01
CA CYS C 649 22.31 43.70 27.24
C CYS C 649 21.18 43.76 28.27
N LEU C 650 21.41 44.54 29.32
CA LEU C 650 20.48 44.68 30.43
C LEU C 650 19.76 46.01 30.33
N ILE C 651 18.44 45.99 30.42
CA ILE C 651 17.62 47.19 30.32
C ILE C 651 16.73 47.29 31.55
N GLY C 652 16.73 48.44 32.20
CA GLY C 652 15.87 48.69 33.33
C GLY C 652 16.52 48.58 34.67
N ALA C 653 17.84 48.45 34.73
CA ALA C 653 18.59 48.45 35.97
C ALA C 653 19.74 49.42 35.81
N GLU C 654 20.08 50.13 36.88
CA GLU C 654 21.21 51.05 36.86
C GLU C 654 22.45 50.38 37.44
N HIS C 655 23.60 50.73 36.88
CA HIS C 655 24.87 50.18 37.29
C HIS C 655 25.48 51.05 38.38
N VAL C 656 25.79 50.45 39.52
CA VAL C 656 26.42 51.15 40.63
C VAL C 656 27.86 50.68 40.76
N ASN C 657 28.60 51.36 41.63
CA ASN C 657 30.02 51.06 41.83
C ASN C 657 30.31 50.31 43.12
N ASN C 658 29.34 50.23 44.02
CA ASN C 658 29.46 49.44 45.23
C ASN C 658 29.57 47.96 44.90
N SER C 659 29.74 47.11 45.91
CA SER C 659 29.72 45.67 45.69
C SER C 659 29.10 45.01 46.91
N TYR C 660 28.05 44.25 46.68
CA TYR C 660 27.29 43.61 47.73
C TYR C 660 27.41 42.09 47.58
N GLU C 661 26.76 41.37 48.46
CA GLU C 661 26.59 39.95 48.29
C GLU C 661 25.58 39.67 47.20
N CYS C 662 25.78 38.59 46.47
CA CYS C 662 24.96 38.35 45.28
C CYS C 662 23.51 38.07 45.69
N ASP C 663 22.59 38.62 44.91
CA ASP C 663 21.18 38.48 45.19
C ASP C 663 20.46 37.69 44.10
N ILE C 664 20.48 38.22 42.89
CA ILE C 664 19.91 37.59 41.72
C ILE C 664 21.06 37.46 40.73
N PRO C 665 21.45 36.26 40.34
CA PRO C 665 22.65 36.12 39.52
C PRO C 665 22.40 36.39 38.06
N ILE C 666 23.09 37.36 37.50
CA ILE C 666 23.01 37.64 36.08
C ILE C 666 24.03 36.83 35.30
N GLY C 667 25.28 36.93 35.67
CA GLY C 667 26.31 36.13 35.05
C GLY C 667 27.61 36.89 34.90
N ALA C 668 28.69 36.13 34.67
CA ALA C 668 30.03 36.69 34.50
C ALA C 668 30.40 37.64 35.62
N GLY C 669 30.01 37.32 36.85
CA GLY C 669 30.32 38.12 37.99
C GLY C 669 29.33 39.21 38.33
N ILE C 670 28.26 39.37 37.56
CA ILE C 670 27.30 40.45 37.75
C ILE C 670 26.06 39.90 38.42
N CYS C 671 25.60 40.60 39.47
CA CYS C 671 24.30 40.31 40.07
C CYS C 671 23.42 41.55 40.11
N ALA C 672 22.14 41.36 40.45
CA ALA C 672 21.16 42.43 40.49
C ALA C 672 20.43 42.38 41.81
N SER C 673 19.90 43.51 42.22
CA SER C 673 19.10 43.57 43.44
C SER C 673 18.11 44.71 43.34
N TYR C 674 17.11 44.69 44.22
CA TYR C 674 16.09 45.73 44.25
C TYR C 674 16.37 46.71 45.38
N GLN C 675 17.58 47.23 45.42
CA GLN C 675 17.98 48.17 46.46
C GLN C 675 17.46 49.57 46.17
N THR C 676 18.28 50.39 45.54
CA THR C 676 17.90 51.76 45.21
C THR C 676 18.05 52.02 43.71
N GLN C 690 14.43 53.51 44.90
CA GLN C 690 14.32 52.07 45.05
C GLN C 690 14.00 51.40 43.71
N SER C 691 15.04 51.02 42.98
CA SER C 691 14.88 50.38 41.69
C SER C 691 15.95 49.32 41.47
N ILE C 692 15.63 48.31 40.67
CA ILE C 692 16.55 47.22 40.36
C ILE C 692 17.92 47.80 40.03
N ILE C 693 18.99 47.19 40.53
CA ILE C 693 20.33 47.69 40.23
C ILE C 693 21.34 46.60 39.88
N ALA C 694 22.36 46.95 39.10
CA ALA C 694 23.39 46.02 38.69
C ALA C 694 24.72 46.37 39.33
N TYR C 695 25.68 45.45 39.29
CA TYR C 695 26.98 45.70 39.89
C TYR C 695 27.83 44.43 39.93
N THR C 696 29.13 44.60 40.14
CA THR C 696 30.06 43.48 40.23
C THR C 696 30.15 43.00 41.67
N MET C 697 29.64 41.80 41.93
CA MET C 697 29.65 41.23 43.27
C MET C 697 31.02 41.23 43.95
N SER C 698 30.99 41.30 45.28
CA SER C 698 32.20 41.30 46.09
C SER C 698 32.40 39.91 46.68
N LEU C 699 33.65 39.50 46.77
CA LEU C 699 33.97 38.19 47.31
C LEU C 699 34.01 38.19 48.83
N GLY C 700 34.36 39.32 49.43
CA GLY C 700 34.41 39.42 50.86
C GLY C 700 35.30 40.58 51.25
N ALA C 701 35.39 40.80 52.56
CA ALA C 701 36.21 41.87 53.08
C ALA C 701 37.67 41.46 53.10
N GLU C 702 38.55 42.43 52.86
CA GLU C 702 39.96 42.12 52.78
C GLU C 702 40.60 42.07 54.16
N ASN C 703 41.74 41.40 54.24
CA ASN C 703 42.34 41.06 55.52
C ASN C 703 43.80 40.73 55.29
N SER C 704 44.68 41.52 55.87
CA SER C 704 46.09 41.18 55.96
C SER C 704 46.35 40.62 57.35
N VAL C 705 47.05 39.51 57.39
CA VAL C 705 47.41 38.85 58.64
C VAL C 705 48.78 39.37 59.05
N ALA C 706 48.92 39.71 60.33
CA ALA C 706 50.15 40.31 60.83
C ALA C 706 51.24 39.26 60.96
N TYR C 707 51.63 38.70 59.82
CA TYR C 707 52.65 37.68 59.81
C TYR C 707 54.03 38.28 60.04
N SER C 708 54.78 37.68 60.96
CA SER C 708 56.21 37.84 61.06
C SER C 708 56.80 36.54 61.55
N ASN C 709 58.12 36.49 61.66
CA ASN C 709 58.79 35.24 61.97
C ASN C 709 59.02 35.01 63.46
N ASN C 710 58.51 35.85 64.34
CA ASN C 710 58.51 35.49 65.75
C ASN C 710 57.26 35.96 66.46
N SER C 711 56.15 36.07 65.76
CA SER C 711 54.89 36.50 66.34
C SER C 711 53.87 35.36 66.30
N ILE C 712 53.06 35.26 67.36
CA ILE C 712 52.03 34.24 67.42
C ILE C 712 50.79 34.81 68.08
N ALA C 713 49.63 34.35 67.64
CA ALA C 713 48.36 34.75 68.21
C ALA C 713 47.72 33.58 68.92
N ILE C 714 47.37 33.75 70.18
CA ILE C 714 46.83 32.67 70.99
C ILE C 714 45.51 33.10 71.63
N PRO C 715 44.46 32.31 71.52
CA PRO C 715 43.15 32.74 72.01
C PRO C 715 43.02 32.60 73.53
N THR C 716 42.28 33.53 74.10
CA THR C 716 42.10 33.59 75.54
C THR C 716 40.70 33.21 75.99
N ASN C 717 39.79 32.92 75.07
CA ASN C 717 38.42 32.59 75.41
C ASN C 717 37.88 31.68 74.32
N PHE C 718 36.62 31.30 74.43
CA PHE C 718 36.02 30.46 73.41
C PHE C 718 34.52 30.72 73.41
N THR C 719 33.87 30.26 72.35
CA THR C 719 32.43 30.19 72.28
C THR C 719 32.01 28.76 71.94
N ILE C 720 30.84 28.38 72.45
CA ILE C 720 30.16 27.16 72.04
C ILE C 720 29.19 27.53 70.93
N SER C 721 29.30 26.87 69.79
CA SER C 721 28.44 27.11 68.64
C SER C 721 27.59 25.89 68.35
N VAL C 722 26.33 26.14 67.98
CA VAL C 722 25.43 25.08 67.52
C VAL C 722 24.86 25.50 66.17
N THR C 723 25.02 24.65 65.17
CA THR C 723 24.49 24.93 63.84
C THR C 723 23.74 23.74 63.29
N THR C 724 22.87 23.97 62.33
CA THR C 724 22.04 22.93 61.77
C THR C 724 22.50 22.51 60.38
N GLU C 725 22.16 21.29 60.01
CA GLU C 725 22.44 20.76 58.69
C GLU C 725 21.29 19.85 58.28
N ILE C 726 20.75 20.07 57.09
CA ILE C 726 19.52 19.41 56.66
C ILE C 726 19.80 18.53 55.46
N LEU C 727 19.27 17.30 55.47
CA LEU C 727 19.54 16.36 54.40
C LEU C 727 18.32 15.56 53.99
N PRO C 728 17.99 15.51 52.70
CA PRO C 728 16.92 14.63 52.24
C PRO C 728 17.31 13.16 52.26
N VAL C 729 16.43 12.34 52.81
CA VAL C 729 16.67 10.92 52.92
C VAL C 729 15.83 10.11 51.95
N SER C 730 14.65 10.57 51.59
CA SER C 730 13.63 9.73 51.01
C SER C 730 12.77 10.56 50.07
N MET C 731 12.05 9.90 49.19
CA MET C 731 11.04 10.61 48.43
C MET C 731 9.74 9.81 48.36
N THR C 732 8.74 10.35 47.68
CA THR C 732 7.42 9.74 47.65
C THR C 732 7.39 8.51 46.76
N LYS C 733 6.85 7.42 47.27
CA LYS C 733 6.73 6.19 46.51
C LYS C 733 5.45 6.25 45.67
N THR C 734 5.60 6.20 44.37
CA THR C 734 4.46 6.29 43.47
C THR C 734 4.53 5.13 42.50
N SER C 735 3.36 4.65 42.10
CA SER C 735 3.27 3.67 41.05
C SER C 735 2.27 4.15 40.02
N VAL C 736 2.48 3.73 38.78
CA VAL C 736 1.54 3.97 37.70
C VAL C 736 1.26 2.65 37.03
N ASP C 737 0.00 2.31 36.88
CA ASP C 737 -0.36 1.22 36.00
C ASP C 737 -0.22 1.68 34.56
N CYS C 738 0.72 1.07 33.83
CA CYS C 738 1.00 1.51 32.48
C CYS C 738 -0.19 1.31 31.57
N THR C 739 -0.99 0.27 31.79
CA THR C 739 -2.10 0.00 30.91
C THR C 739 -3.25 0.96 31.13
N MET C 740 -3.57 1.26 32.39
CA MET C 740 -4.67 2.16 32.68
C MET C 740 -4.34 3.61 32.34
N TYR C 741 -3.06 3.98 32.34
CA TYR C 741 -2.69 5.32 31.92
C TYR C 741 -2.91 5.50 30.43
N ILE C 742 -2.50 4.53 29.64
CA ILE C 742 -2.53 4.66 28.19
C ILE C 742 -3.92 4.42 27.64
N CYS C 743 -4.56 3.33 28.07
CA CYS C 743 -5.86 2.95 27.54
C CYS C 743 -6.99 3.36 28.45
N GLY C 744 -6.89 3.03 29.73
CA GLY C 744 -7.89 3.43 30.68
C GLY C 744 -9.22 2.74 30.54
N ASP C 745 -9.27 1.43 30.76
CA ASP C 745 -10.51 0.67 30.68
C ASP C 745 -11.10 0.74 29.27
N SER C 746 -10.34 0.22 28.30
CA SER C 746 -10.82 0.09 26.94
C SER C 746 -10.14 -1.10 26.28
N THR C 747 -10.90 -2.12 25.92
CA THR C 747 -10.32 -3.33 25.36
C THR C 747 -9.79 -3.15 23.95
N GLU C 748 -10.38 -2.25 23.16
CA GLU C 748 -9.86 -1.99 21.83
C GLU C 748 -8.42 -1.49 21.90
N CYS C 749 -8.13 -0.62 22.88
CA CYS C 749 -6.79 -0.07 23.01
C CYS C 749 -5.83 -1.10 23.61
N SER C 750 -6.34 -1.94 24.51
CA SER C 750 -5.48 -2.87 25.22
C SER C 750 -4.88 -3.92 24.32
N ASN C 751 -5.63 -4.40 23.34
CA ASN C 751 -5.11 -5.43 22.43
C ASN C 751 -4.12 -4.85 21.45
N LEU C 752 -4.29 -3.59 21.08
CA LEU C 752 -3.28 -2.91 20.27
C LEU C 752 -2.03 -2.61 21.06
N LEU C 753 -2.15 -2.40 22.37
CA LEU C 753 -0.98 -2.19 23.20
C LEU C 753 -0.14 -3.45 23.33
N LEU C 754 -0.71 -4.61 23.08
CA LEU C 754 0.04 -5.85 23.16
C LEU C 754 1.04 -6.02 22.04
N GLN C 755 1.00 -5.18 21.02
CA GLN C 755 1.88 -5.30 19.89
C GLN C 755 3.22 -4.62 20.11
N TYR C 756 3.45 -4.06 21.30
CA TYR C 756 4.72 -3.43 21.62
C TYR C 756 5.54 -4.27 22.57
N GLY C 757 5.00 -5.37 23.07
CA GLY C 757 5.77 -6.27 23.87
C GLY C 757 5.75 -5.93 25.35
N SER C 758 6.93 -5.84 25.94
CA SER C 758 7.08 -5.73 27.38
C SER C 758 7.43 -4.32 27.82
N PHE C 759 6.84 -3.30 27.23
CA PHE C 759 7.15 -1.93 27.65
C PHE C 759 6.54 -1.63 29.01
N CYS C 760 5.31 -2.07 29.25
CA CYS C 760 4.66 -1.74 30.52
C CYS C 760 5.21 -2.58 31.67
N THR C 761 5.61 -3.81 31.38
CA THR C 761 6.27 -4.63 32.40
C THR C 761 7.58 -3.99 32.82
N GLN C 762 8.34 -3.49 31.84
CA GLN C 762 9.57 -2.79 32.13
C GLN C 762 9.33 -1.53 32.95
N LEU C 763 8.31 -0.76 32.59
CA LEU C 763 8.04 0.47 33.33
C LEU C 763 7.63 0.21 34.76
N ASN C 764 6.75 -0.76 34.99
CA ASN C 764 6.38 -1.08 36.36
C ASN C 764 7.56 -1.63 37.15
N ARG C 765 8.41 -2.44 36.53
CA ARG C 765 9.58 -2.95 37.22
C ARG C 765 10.56 -1.84 37.59
N ALA C 766 10.72 -0.84 36.73
CA ALA C 766 11.58 0.28 37.06
C ALA C 766 11.01 1.10 38.21
N LEU C 767 9.72 1.39 38.19
CA LEU C 767 9.13 2.20 39.24
C LEU C 767 9.04 1.49 40.57
N THR C 768 8.94 0.18 40.59
CA THR C 768 8.85 -0.56 41.84
C THR C 768 10.19 -0.68 42.53
N GLY C 769 11.27 -0.80 41.75
CA GLY C 769 12.59 -0.88 42.31
C GLY C 769 13.03 0.38 43.00
N ILE C 770 12.51 1.54 42.61
CA ILE C 770 12.85 2.77 43.29
C ILE C 770 11.89 3.08 44.42
N ALA C 771 10.79 2.35 44.53
CA ALA C 771 9.96 2.42 45.73
C ALA C 771 10.51 1.51 46.82
N VAL C 772 11.17 0.43 46.43
CA VAL C 772 11.83 -0.42 47.42
C VAL C 772 13.08 0.26 47.97
N GLU C 773 13.80 1.01 47.14
CA GLU C 773 15.01 1.70 47.58
C GLU C 773 14.71 2.77 48.62
N GLN C 774 13.51 3.32 48.64
CA GLN C 774 13.21 4.40 49.56
C GLN C 774 13.10 3.94 50.99
N ASP C 775 12.64 2.72 51.22
CA ASP C 775 12.58 2.20 52.59
C ASP C 775 13.95 1.80 53.10
N LYS C 776 14.79 1.26 52.22
CA LYS C 776 16.20 1.02 52.50
C LYS C 776 16.93 2.29 52.87
N ASN C 777 16.62 3.39 52.18
CA ASN C 777 17.21 4.69 52.48
C ASN C 777 17.01 5.10 53.92
N THR C 778 15.80 4.95 54.46
CA THR C 778 15.57 5.44 55.82
C THR C 778 15.90 4.39 56.86
N GLN C 779 15.88 3.11 56.52
CA GLN C 779 16.47 2.11 57.38
C GLN C 779 17.96 2.33 57.58
N GLU C 780 18.67 2.76 56.56
CA GLU C 780 20.11 2.96 56.67
C GLU C 780 20.49 4.20 57.46
N VAL C 781 19.60 5.18 57.57
CA VAL C 781 19.90 6.38 58.35
C VAL C 781 19.45 6.21 59.80
N PHE C 782 18.24 5.70 60.03
CA PHE C 782 17.71 5.84 61.38
C PHE C 782 17.88 4.59 62.25
N ALA C 783 17.81 3.39 61.69
CA ALA C 783 17.92 2.17 62.49
C ALA C 783 19.38 1.78 62.65
N GLN C 784 20.12 2.66 63.30
CA GLN C 784 21.55 2.48 63.55
C GLN C 784 21.80 2.13 65.01
N VAL C 785 20.77 1.74 65.72
CA VAL C 785 20.86 1.48 67.15
C VAL C 785 20.12 0.18 67.44
N LYS C 786 20.70 -0.63 68.32
CA LYS C 786 20.15 -1.95 68.61
C LYS C 786 19.03 -1.90 69.64
N GLN C 787 19.23 -1.16 70.72
CA GLN C 787 18.25 -1.03 71.78
C GLN C 787 17.55 0.32 71.68
N ILE C 788 16.38 0.40 72.31
CA ILE C 788 15.70 1.66 72.47
C ILE C 788 16.05 2.20 73.85
N TYR C 789 17.04 3.09 73.89
CA TYR C 789 17.48 3.67 75.15
C TYR C 789 16.54 4.77 75.60
N LYS C 790 16.40 4.90 76.92
CA LYS C 790 15.60 5.93 77.56
C LYS C 790 16.46 6.78 78.48
N THR C 791 16.11 8.05 78.62
CA THR C 791 16.78 8.90 79.58
C THR C 791 16.16 8.70 80.96
N PRO C 792 16.90 9.01 82.03
CA PRO C 792 16.35 8.89 83.37
C PRO C 792 15.29 9.97 83.61
N PRO C 793 14.43 9.78 84.60
CA PRO C 793 13.49 10.85 84.93
C PRO C 793 14.17 12.07 85.54
N ILE C 794 15.25 11.88 86.30
CA ILE C 794 15.99 12.97 86.92
C ILE C 794 17.12 13.38 85.98
N LYS C 795 17.00 14.58 85.42
CA LYS C 795 17.88 15.02 84.35
C LYS C 795 19.00 15.93 84.87
N ASP C 796 19.96 15.30 85.57
CA ASP C 796 21.11 16.01 86.12
C ASP C 796 22.26 15.88 85.14
N PHE C 797 22.49 16.90 84.31
CA PHE C 797 23.49 16.84 83.26
C PHE C 797 24.51 17.96 83.40
N GLY C 798 24.96 18.24 84.62
CA GLY C 798 25.97 19.23 84.83
C GLY C 798 25.56 20.64 84.53
N GLY C 799 24.27 20.89 84.32
CA GLY C 799 23.78 22.20 83.98
C GLY C 799 23.24 22.31 82.58
N PHE C 800 23.55 21.35 81.71
CA PHE C 800 23.14 21.40 80.32
C PHE C 800 21.67 21.03 80.19
N ASN C 801 20.91 21.83 79.47
CA ASN C 801 19.46 21.70 79.38
C ASN C 801 19.11 21.20 77.97
N PHE C 802 18.59 19.97 77.90
CA PHE C 802 18.30 19.30 76.63
C PHE C 802 16.81 19.19 76.36
N SER C 803 16.01 20.07 76.91
CA SER C 803 14.58 19.80 76.93
C SER C 803 13.86 20.13 75.63
N GLN C 804 14.41 21.00 74.79
CA GLN C 804 13.80 21.32 73.52
C GLN C 804 14.09 20.29 72.45
N ILE C 805 15.00 19.35 72.69
CA ILE C 805 15.30 18.30 71.73
C ILE C 805 14.95 16.92 72.24
N LEU C 806 14.46 16.80 73.42
CA LEU C 806 14.00 15.55 73.99
C LEU C 806 12.52 15.37 73.72
N PRO C 807 12.05 14.13 73.65
CA PRO C 807 10.62 13.93 73.35
C PRO C 807 9.74 14.56 74.41
N ASP C 808 8.61 15.09 73.97
CA ASP C 808 7.63 15.68 74.87
C ASP C 808 6.40 14.78 74.91
N PRO C 809 6.33 13.95 75.95
CA PRO C 809 5.27 12.97 76.12
C PRO C 809 3.87 13.53 76.34
N SER C 810 3.41 14.40 75.44
CA SER C 810 2.06 14.93 75.61
C SER C 810 1.66 15.77 74.40
N LYS C 811 2.04 15.32 73.21
CA LYS C 811 1.72 16.03 71.98
C LYS C 811 1.52 15.06 70.81
N PRO C 812 1.58 15.55 69.59
CA PRO C 812 1.42 14.66 68.43
C PRO C 812 2.37 13.46 68.53
N SER C 813 1.86 12.32 68.96
CA SER C 813 2.69 11.12 69.10
C SER C 813 3.71 11.29 70.22
N LYS C 814 4.84 11.90 69.89
CA LYS C 814 5.91 12.13 70.86
C LYS C 814 7.16 12.68 70.20
N ARG C 815 7.12 13.95 69.81
CA ARG C 815 8.24 14.58 69.17
C ARG C 815 8.80 15.65 70.09
N SER C 816 10.05 15.99 69.87
CA SER C 816 10.62 17.09 70.60
C SER C 816 9.93 18.38 70.18
N PHE C 817 10.20 19.45 70.92
CA PHE C 817 9.71 20.76 70.53
C PHE C 817 10.30 21.21 69.20
N ILE C 818 11.55 20.86 68.91
CA ILE C 818 12.18 21.25 67.65
C ILE C 818 11.62 20.47 66.47
N GLU C 819 11.26 19.21 66.66
CA GLU C 819 10.73 18.42 65.56
C GLU C 819 9.35 18.90 65.13
N ASP C 820 8.58 19.51 66.05
CA ASP C 820 7.28 20.04 65.69
C ASP C 820 7.37 21.27 64.80
N LEU C 821 8.28 22.19 65.08
CA LEU C 821 8.51 23.27 64.13
C LEU C 821 8.90 22.75 62.76
N LEU C 822 9.69 21.69 62.70
CA LEU C 822 10.13 21.19 61.41
C LEU C 822 9.01 20.49 60.65
N PHE C 823 8.11 19.84 61.36
CA PHE C 823 6.98 19.22 60.69
C PHE C 823 5.87 20.18 60.39
N ASN C 824 5.89 21.37 60.98
CA ASN C 824 5.00 22.45 60.56
C ASN C 824 5.59 23.36 59.50
N LYS C 825 6.90 23.32 59.30
CA LYS C 825 7.51 24.20 58.32
C LYS C 825 7.36 23.68 56.89
N VAL C 826 7.43 22.37 56.69
CA VAL C 826 7.29 21.79 55.36
C VAL C 826 5.85 21.42 55.06
N LYS C 854 -5.08 9.93 43.17
CA LYS C 854 -5.63 8.72 42.57
C LYS C 854 -6.57 9.09 41.44
N PHE C 855 -6.04 9.17 40.22
CA PHE C 855 -6.90 9.56 39.12
C PHE C 855 -7.03 8.48 38.05
N ASN C 856 -5.92 8.11 37.41
CA ASN C 856 -5.98 7.08 36.40
C ASN C 856 -4.64 6.35 36.35
N GLY C 857 -4.53 5.30 37.14
CA GLY C 857 -3.31 4.52 37.26
C GLY C 857 -2.37 5.00 38.34
N LEU C 858 -2.53 6.20 38.85
CA LEU C 858 -1.53 6.81 39.72
C LEU C 858 -1.84 6.51 41.18
N THR C 859 -0.82 6.02 41.89
CA THR C 859 -0.97 5.62 43.28
C THR C 859 0.23 6.10 44.07
N VAL C 860 0.02 6.34 45.35
CA VAL C 860 1.07 6.61 46.31
C VAL C 860 1.06 5.54 47.38
N LEU C 861 2.16 4.85 47.55
CA LEU C 861 2.31 3.86 48.59
C LEU C 861 2.82 4.50 49.88
N PRO C 862 2.38 4.03 51.04
CA PRO C 862 2.87 4.62 52.29
C PRO C 862 4.24 4.09 52.64
N PRO C 863 5.10 4.90 53.24
CA PRO C 863 6.36 4.36 53.76
C PRO C 863 6.12 3.31 54.81
N LEU C 864 7.09 2.40 54.95
CA LEU C 864 6.96 1.30 55.89
C LEU C 864 7.03 1.78 57.33
N LEU C 865 8.03 2.59 57.66
CA LEU C 865 8.11 3.17 58.98
C LEU C 865 7.24 4.42 59.04
N THR C 866 6.38 4.49 60.05
CA THR C 866 5.62 5.69 60.30
C THR C 866 6.53 6.77 60.88
N ASP C 867 6.03 7.99 60.93
CA ASP C 867 6.80 9.08 61.51
C ASP C 867 6.88 8.98 63.03
N GLU C 868 5.91 8.34 63.65
CA GLU C 868 6.02 8.03 65.06
C GLU C 868 7.14 7.04 65.33
N MET C 869 7.48 6.19 64.37
CA MET C 869 8.56 5.24 64.56
C MET C 869 9.93 5.88 64.32
N ILE C 870 10.01 6.82 63.38
CA ILE C 870 11.26 7.53 63.16
C ILE C 870 11.55 8.47 64.32
N ALA C 871 10.54 9.10 64.90
CA ALA C 871 10.78 9.89 66.09
C ALA C 871 11.31 9.04 67.24
N GLN C 872 10.82 7.82 67.36
CA GLN C 872 11.28 6.92 68.41
C GLN C 872 12.69 6.39 68.17
N TYR C 873 13.12 6.27 66.92
CA TYR C 873 14.52 5.96 66.66
C TYR C 873 15.43 7.12 67.02
N THR C 874 15.09 8.33 66.58
CA THR C 874 15.94 9.45 66.92
C THR C 874 15.94 9.77 68.40
N SER C 875 14.90 9.41 69.15
CA SER C 875 14.97 9.64 70.58
C SER C 875 15.88 8.66 71.32
N ALA C 876 15.99 7.43 70.84
CA ALA C 876 16.94 6.48 71.40
C ALA C 876 18.38 6.78 71.02
N LEU C 877 18.63 7.33 69.83
CA LEU C 877 19.98 7.81 69.52
C LEU C 877 20.41 8.95 70.43
N LEU C 878 19.51 9.88 70.70
CA LEU C 878 19.76 10.99 71.61
C LEU C 878 19.97 10.54 73.03
N ALA C 879 19.13 9.66 73.53
CA ALA C 879 19.34 9.13 74.87
C ALA C 879 20.62 8.32 74.98
N GLY C 880 21.02 7.60 73.94
CA GLY C 880 22.28 6.92 73.97
C GLY C 880 23.48 7.83 74.01
N THR C 881 23.42 8.96 73.31
CA THR C 881 24.60 9.81 73.32
C THR C 881 24.73 10.68 74.57
N ILE C 882 23.63 10.92 75.29
CA ILE C 882 23.66 11.81 76.43
C ILE C 882 24.05 11.08 77.71
N THR C 883 23.76 9.79 77.80
CA THR C 883 24.07 9.04 79.03
C THR C 883 25.34 8.24 78.88
N SER C 884 25.74 7.92 77.66
CA SER C 884 26.74 6.92 77.41
C SER C 884 27.90 7.38 76.57
N GLY C 885 27.91 8.62 76.11
CA GLY C 885 29.00 9.07 75.28
C GLY C 885 29.01 8.37 73.93
N TRP C 886 30.16 7.83 73.56
CA TRP C 886 30.35 7.16 72.29
C TRP C 886 30.51 5.66 72.44
N THR C 887 30.06 5.09 73.55
CA THR C 887 30.26 3.68 73.79
C THR C 887 29.13 2.80 73.28
N PHE C 888 27.92 3.33 73.19
CA PHE C 888 26.82 2.53 72.67
C PHE C 888 26.96 2.27 71.19
N GLY C 889 27.80 3.00 70.49
CA GLY C 889 28.02 2.77 69.08
C GLY C 889 29.20 1.85 68.80
N ALA C 890 29.76 1.24 69.83
CA ALA C 890 30.89 0.35 69.66
C ALA C 890 30.73 -0.90 70.50
N GLY C 891 29.54 -1.09 71.05
CA GLY C 891 29.28 -2.20 71.93
C GLY C 891 28.11 -1.92 72.84
N ALA C 892 28.27 -2.19 74.12
CA ALA C 892 27.24 -1.93 75.10
C ALA C 892 27.37 -0.52 75.66
N ALA C 893 26.23 0.09 75.94
CA ALA C 893 26.23 1.44 76.49
C ALA C 893 26.77 1.43 77.91
N LEU C 894 27.82 2.18 78.15
CA LEU C 894 28.39 2.33 79.48
C LEU C 894 28.17 3.75 79.98
N GLN C 895 27.55 3.88 81.13
CA GLN C 895 27.22 5.20 81.63
C GLN C 895 28.46 5.95 82.09
N ILE C 896 28.40 7.27 81.99
CA ILE C 896 29.44 8.19 82.43
C ILE C 896 28.72 9.50 82.72
N PRO C 897 29.12 10.30 83.70
CA PRO C 897 28.46 11.59 83.91
C PRO C 897 28.76 12.55 82.79
N PHE C 898 27.82 13.47 82.54
CA PHE C 898 27.86 14.22 81.28
C PHE C 898 28.98 15.25 81.25
N ALA C 899 29.28 15.91 82.36
CA ALA C 899 30.43 16.81 82.40
C ALA C 899 31.75 16.08 82.17
N MET C 900 31.85 14.83 82.63
CA MET C 900 33.03 14.04 82.37
C MET C 900 33.12 13.57 80.92
N GLN C 901 31.99 13.43 80.25
CA GLN C 901 31.98 13.15 78.82
C GLN C 901 32.41 14.38 78.03
N MET C 902 31.93 15.54 78.45
CA MET C 902 32.34 16.80 77.87
C MET C 902 33.83 17.05 78.04
N ALA C 903 34.41 16.60 79.14
CA ALA C 903 35.85 16.77 79.31
C ALA C 903 36.66 15.86 78.39
N TYR C 904 36.25 14.60 78.22
CA TYR C 904 36.84 13.74 77.20
C TYR C 904 36.79 14.40 75.84
N ARG C 905 35.66 14.98 75.50
CA ARG C 905 35.54 15.60 74.21
C ARG C 905 36.39 16.85 74.06
N PHE C 906 36.58 17.64 75.11
CA PHE C 906 37.56 18.71 75.07
C PHE C 906 38.98 18.19 74.88
N ASN C 907 39.33 17.09 75.52
CA ASN C 907 40.61 16.45 75.25
C ASN C 907 40.76 16.09 73.78
N GLY C 908 39.68 15.60 73.15
CA GLY C 908 39.74 15.18 71.77
C GLY C 908 39.96 16.29 70.77
N ILE C 909 39.92 17.56 71.18
CA ILE C 909 40.27 18.64 70.29
C ILE C 909 41.52 19.38 70.72
N GLY C 910 42.20 18.93 71.76
CA GLY C 910 43.47 19.51 72.14
C GLY C 910 43.45 20.47 73.30
N VAL C 911 42.39 20.51 74.08
CA VAL C 911 42.30 21.38 75.25
C VAL C 911 42.31 20.50 76.48
N THR C 912 43.05 20.91 77.50
CA THR C 912 43.06 20.12 78.73
C THR C 912 41.70 20.21 79.42
N GLN C 913 41.43 19.24 80.27
CA GLN C 913 40.08 19.11 80.78
C GLN C 913 39.81 19.99 81.98
N ASN C 914 40.85 20.45 82.67
CA ASN C 914 40.67 21.50 83.65
C ASN C 914 40.03 22.75 83.05
N VAL C 915 40.25 23.03 81.77
CA VAL C 915 39.61 24.17 81.12
C VAL C 915 38.10 23.96 81.05
N LEU C 916 37.63 22.72 80.98
CA LEU C 916 36.20 22.50 81.05
C LEU C 916 35.70 22.57 82.49
N TYR C 917 36.37 21.90 83.40
CA TYR C 917 35.86 21.85 84.77
C TYR C 917 35.89 23.20 85.46
N GLU C 918 36.79 24.09 85.08
CA GLU C 918 36.87 25.41 85.69
C GLU C 918 35.98 26.43 85.01
N ASN C 919 35.22 26.03 84.00
CA ASN C 919 34.35 26.92 83.24
C ASN C 919 32.96 26.31 83.04
N GLN C 920 32.71 25.18 83.68
CA GLN C 920 31.49 24.41 83.47
C GLN C 920 30.24 25.27 83.36
N LYS C 921 30.05 26.22 84.27
CA LYS C 921 28.81 26.99 84.27
C LYS C 921 28.70 27.91 83.08
N LEU C 922 29.80 28.54 82.68
CA LEU C 922 29.77 29.38 81.50
C LEU C 922 29.56 28.56 80.24
N ILE C 923 30.21 27.41 80.15
CA ILE C 923 30.07 26.56 78.98
C ILE C 923 28.63 26.07 78.85
N ALA C 924 27.98 25.74 79.97
CA ALA C 924 26.60 25.30 79.90
C ALA C 924 25.66 26.45 79.58
N ASN C 925 25.87 27.64 80.14
CA ASN C 925 25.11 28.81 79.74
C ASN C 925 25.21 29.06 78.24
N GLN C 926 26.42 28.95 77.68
CA GLN C 926 26.59 29.20 76.26
C GLN C 926 25.89 28.17 75.40
N PHE C 927 25.97 26.89 75.79
CA PHE C 927 25.24 25.86 75.06
C PHE C 927 23.73 26.10 75.12
N ASN C 928 23.23 26.53 76.27
CA ASN C 928 21.79 26.74 76.40
C ASN C 928 21.30 27.92 75.59
N SER C 929 22.03 29.02 75.58
CA SER C 929 21.67 30.13 74.70
C SER C 929 21.75 29.74 73.23
N ALA C 930 22.76 28.95 72.86
CA ALA C 930 22.88 28.55 71.46
C ALA C 930 21.73 27.65 71.03
N ILE C 931 21.25 26.77 71.91
CA ILE C 931 20.12 25.93 71.56
C ILE C 931 18.84 26.74 71.53
N GLY C 932 18.71 27.73 72.41
CA GLY C 932 17.53 28.58 72.40
C GLY C 932 17.46 29.50 71.21
N LYS C 933 18.59 29.78 70.57
CA LYS C 933 18.59 30.56 69.35
C LYS C 933 18.17 29.79 68.12
N ILE C 934 18.21 28.47 68.13
CA ILE C 934 17.86 27.67 66.96
C ILE C 934 16.36 27.63 66.77
N GLN C 935 15.62 27.44 67.86
CA GLN C 935 14.18 27.41 67.78
C GLN C 935 13.60 28.77 67.49
N ASP C 936 14.35 29.84 67.79
CA ASP C 936 13.89 31.17 67.43
C ASP C 936 14.01 31.39 65.93
N SER C 937 15.10 30.94 65.34
CA SER C 937 15.23 31.01 63.89
C SER C 937 14.29 30.05 63.19
N LEU C 938 13.85 28.99 63.86
CA LEU C 938 12.94 28.05 63.22
C LEU C 938 11.49 28.48 63.32
N SER C 939 11.06 29.03 64.46
CA SER C 939 9.70 29.51 64.58
C SER C 939 9.62 31.01 64.34
N ALA C 944 15.06 28.10 55.18
CA ALA C 944 15.45 27.06 56.13
C ALA C 944 15.37 25.67 55.52
N LEU C 945 14.15 25.20 55.35
CA LEU C 945 13.88 23.84 54.90
C LEU C 945 13.64 23.74 53.40
N GLY C 946 14.26 24.64 52.61
CA GLY C 946 14.11 24.60 51.18
C GLY C 946 14.73 23.40 50.50
N LYS C 947 15.76 22.82 51.10
CA LYS C 947 16.37 21.64 50.51
C LYS C 947 15.46 20.42 50.58
N LEU C 948 14.47 20.44 51.46
CA LEU C 948 13.46 19.40 51.50
C LEU C 948 12.25 19.74 50.68
N GLN C 949 11.92 21.03 50.59
CA GLN C 949 10.80 21.47 49.77
C GLN C 949 11.10 21.34 48.30
N ASP C 950 12.38 21.42 47.90
CA ASP C 950 12.75 21.20 46.52
C ASP C 950 12.41 19.81 46.01
N VAL C 951 12.61 18.78 46.82
CA VAL C 951 12.25 17.43 46.39
C VAL C 951 10.75 17.28 46.23
N VAL C 952 9.97 17.75 47.21
CA VAL C 952 8.51 17.71 47.12
C VAL C 952 8.03 18.43 45.86
N ASN C 953 8.57 19.62 45.60
CA ASN C 953 8.13 20.39 44.46
C ASN C 953 8.51 19.75 43.13
N GLN C 954 9.74 19.25 43.00
CA GLN C 954 10.12 18.60 41.75
C GLN C 954 9.27 17.37 41.46
N ASN C 955 8.93 16.59 42.48
CA ASN C 955 8.14 15.41 42.19
C ASN C 955 6.70 15.76 41.85
N ALA C 956 6.11 16.73 42.53
CA ALA C 956 4.76 17.15 42.14
C ALA C 956 4.74 17.76 40.75
N GLN C 957 5.79 18.49 40.39
CA GLN C 957 5.86 19.10 39.08
C GLN C 957 6.03 18.07 37.98
N ALA C 958 6.61 16.92 38.29
CA ALA C 958 6.68 15.86 37.28
C ALA C 958 5.35 15.12 37.14
N LEU C 959 4.69 14.80 38.27
CA LEU C 959 3.41 14.13 38.17
C LEU C 959 2.35 14.98 37.49
N ASN C 960 2.40 16.30 37.67
CA ASN C 960 1.44 17.17 37.01
C ASN C 960 1.61 17.15 35.50
N THR C 961 2.84 17.16 35.01
CA THR C 961 3.08 17.08 33.58
C THR C 961 2.62 15.75 33.02
N LEU C 962 2.84 14.66 33.76
CA LEU C 962 2.37 13.37 33.28
C LEU C 962 0.85 13.35 33.19
N VAL C 963 0.15 13.87 34.18
CA VAL C 963 -1.30 13.95 34.12
C VAL C 963 -1.75 14.80 32.94
N LYS C 964 -1.12 15.95 32.73
CA LYS C 964 -1.61 16.89 31.74
C LYS C 964 -1.32 16.47 30.31
N GLN C 965 -0.35 15.59 30.08
CA GLN C 965 -0.15 15.10 28.73
C GLN C 965 -1.26 14.18 28.26
N LEU C 966 -2.23 13.87 29.10
CA LEU C 966 -3.35 13.04 28.69
C LEU C 966 -4.42 13.81 27.94
N SER C 967 -4.13 15.03 27.51
CA SER C 967 -5.10 15.85 26.81
C SER C 967 -4.51 16.42 25.54
N SER C 968 -3.46 15.82 25.03
CA SER C 968 -2.91 16.14 23.73
C SER C 968 -3.40 15.11 22.71
N ASN C 969 -3.61 15.57 21.48
CA ASN C 969 -4.06 14.71 20.39
C ASN C 969 -2.94 13.90 19.78
N PHE C 970 -1.72 14.41 19.83
CA PHE C 970 -0.58 13.81 19.15
C PHE C 970 -0.89 13.58 17.67
N GLY C 971 -1.73 14.43 17.11
CA GLY C 971 -2.09 14.32 15.71
C GLY C 971 -3.27 13.43 15.40
N ALA C 972 -4.16 13.21 16.35
CA ALA C 972 -5.38 12.46 16.15
C ALA C 972 -6.55 13.43 16.09
N ILE C 973 -7.76 12.90 15.94
CA ILE C 973 -8.94 13.75 15.84
C ILE C 973 -9.43 14.20 17.20
N SER C 974 -9.33 13.36 18.22
CA SER C 974 -9.79 13.71 19.56
C SER C 974 -8.69 13.33 20.52
N SER C 975 -8.74 13.93 21.70
CA SER C 975 -7.86 13.56 22.80
C SER C 975 -8.45 12.47 23.67
N VAL C 976 -9.76 12.28 23.64
CA VAL C 976 -10.45 11.29 24.44
C VAL C 976 -10.73 10.08 23.56
N LEU C 977 -10.38 8.90 24.07
CA LEU C 977 -10.49 7.66 23.32
C LEU C 977 -11.93 7.24 23.05
N ASN C 978 -12.85 7.57 23.96
CA ASN C 978 -14.24 7.20 23.76
C ASN C 978 -14.90 7.98 22.62
N ASP C 979 -14.41 9.17 22.31
CA ASP C 979 -14.95 9.92 21.19
C ASP C 979 -14.34 9.50 19.87
N ILE C 980 -13.28 8.69 19.90
CA ILE C 980 -12.85 8.01 18.69
C ILE C 980 -13.60 6.71 18.53
N LEU C 981 -13.82 6.01 19.64
CA LEU C 981 -14.55 4.75 19.60
C LEU C 981 -16.02 4.93 19.26
N SER C 982 -16.63 6.04 19.66
CA SER C 982 -18.08 6.18 19.50
C SER C 982 -18.45 6.55 18.08
N ARG C 983 -17.66 7.39 17.42
CA ARG C 983 -17.99 7.84 16.08
C ARG C 983 -16.99 7.37 15.04
N LEU C 984 -16.44 6.18 15.21
CA LEU C 984 -15.61 5.56 14.19
C LEU C 984 -15.71 4.05 14.34
N ASP C 985 -15.45 3.35 13.26
CA ASP C 985 -15.51 1.90 13.21
C ASP C 985 -14.11 1.31 13.18
N PRO C 986 -13.95 0.05 13.58
CA PRO C 986 -12.62 -0.48 13.97
C PRO C 986 -11.51 -0.15 12.97
N PRO C 987 -11.71 -0.30 11.66
CA PRO C 987 -10.59 -0.05 10.73
C PRO C 987 -10.00 1.34 10.82
N GLU C 988 -10.84 2.37 11.04
CA GLU C 988 -10.33 3.73 11.13
C GLU C 988 -10.22 4.23 12.55
N ALA C 989 -10.87 3.57 13.51
CA ALA C 989 -10.57 3.83 14.90
C ALA C 989 -9.14 3.46 15.23
N GLU C 990 -8.62 2.41 14.58
CA GLU C 990 -7.31 1.88 14.89
C GLU C 990 -6.20 2.86 14.56
N VAL C 991 -6.28 3.51 13.40
CA VAL C 991 -5.25 4.44 12.98
C VAL C 991 -5.16 5.65 13.89
N GLN C 992 -6.28 6.13 14.41
CA GLN C 992 -6.30 7.21 15.37
C GLN C 992 -5.89 6.77 16.77
N ILE C 993 -6.22 5.54 17.16
CA ILE C 993 -5.83 5.05 18.47
C ILE C 993 -4.33 4.83 18.55
N ASP C 994 -3.71 4.48 17.44
CA ASP C 994 -2.27 4.22 17.45
C ASP C 994 -1.45 5.48 17.72
N ARG C 995 -1.89 6.65 17.26
CA ARG C 995 -1.15 7.86 17.56
C ARG C 995 -1.25 8.24 19.02
N LEU C 996 -2.41 8.03 19.64
CA LEU C 996 -2.53 8.25 21.06
C LEU C 996 -1.66 7.30 21.85
N ILE C 997 -1.62 6.03 21.45
CA ILE C 997 -0.76 5.07 22.12
C ILE C 997 0.70 5.49 22.01
N THR C 998 1.14 5.87 20.82
CA THR C 998 2.49 6.33 20.63
C THR C 998 2.84 7.53 21.49
N GLY C 999 1.98 8.54 21.55
CA GLY C 999 2.29 9.71 22.36
C GLY C 999 2.32 9.45 23.85
N ARG C 1000 1.35 8.68 24.35
CA ARG C 1000 1.27 8.42 25.77
C ARG C 1000 2.38 7.50 26.25
N LEU C 1001 2.79 6.52 25.44
CA LEU C 1001 3.94 5.71 25.79
C LEU C 1001 5.21 6.54 25.99
N GLN C 1002 5.47 7.48 25.08
CA GLN C 1002 6.63 8.34 25.20
C GLN C 1002 6.56 9.24 26.42
N SER C 1003 5.38 9.81 26.70
CA SER C 1003 5.21 10.55 27.94
C SER C 1003 5.62 9.72 29.16
N LEU C 1004 5.09 8.51 29.27
CA LEU C 1004 5.36 7.65 30.41
C LEU C 1004 6.84 7.29 30.52
N GLN C 1005 7.48 7.03 29.40
CA GLN C 1005 8.91 6.71 29.42
C GLN C 1005 9.76 7.88 29.88
N THR C 1006 9.41 9.10 29.46
CA THR C 1006 10.15 10.25 29.95
C THR C 1006 10.00 10.40 31.46
N TYR C 1007 8.78 10.20 31.97
CA TYR C 1007 8.58 10.27 33.41
C TYR C 1007 9.43 9.25 34.15
N VAL C 1008 9.46 8.01 33.67
CA VAL C 1008 10.21 6.99 34.39
C VAL C 1008 11.72 7.21 34.33
N THR C 1009 12.25 7.66 33.20
CA THR C 1009 13.68 7.93 33.14
C THR C 1009 14.07 9.07 34.07
N GLN C 1010 13.26 10.12 34.14
CA GLN C 1010 13.64 11.20 35.02
C GLN C 1010 13.41 10.86 36.49
N GLN C 1011 12.55 9.91 36.82
CA GLN C 1011 12.51 9.41 38.18
C GLN C 1011 13.72 8.58 38.53
N LEU C 1012 14.24 7.79 37.59
CA LEU C 1012 15.41 6.99 37.88
C LEU C 1012 16.64 7.86 38.08
N ILE C 1013 16.73 8.99 37.40
CA ILE C 1013 17.90 9.85 37.57
C ILE C 1013 17.83 10.59 38.89
N ARG C 1014 16.63 10.87 39.37
CA ARG C 1014 16.43 11.60 40.62
C ARG C 1014 16.51 10.72 41.85
N ALA C 1015 16.11 9.46 41.75
CA ALA C 1015 16.30 8.53 42.83
C ALA C 1015 17.77 8.26 43.11
N ALA C 1016 18.63 8.30 42.10
CA ALA C 1016 20.05 8.13 42.29
C ALA C 1016 20.70 9.30 42.99
N GLU C 1017 20.11 10.48 42.89
CA GLU C 1017 20.58 11.63 43.61
C GLU C 1017 20.11 11.60 45.06
N ILE C 1018 18.91 11.09 45.29
CA ILE C 1018 18.44 10.92 46.65
C ILE C 1018 19.23 9.84 47.39
N ARG C 1019 19.69 8.82 46.69
CA ARG C 1019 20.48 7.78 47.33
C ARG C 1019 21.84 8.27 47.78
N ALA C 1020 22.49 9.13 47.01
CA ALA C 1020 23.75 9.70 47.43
C ALA C 1020 23.60 10.54 48.69
N SER C 1021 22.53 11.33 48.77
CA SER C 1021 22.20 12.10 49.95
C SER C 1021 21.95 11.24 51.17
N ALA C 1022 21.19 10.17 51.04
CA ALA C 1022 20.95 9.26 52.14
C ALA C 1022 22.18 8.47 52.56
N ASN C 1023 23.08 8.16 51.65
CA ASN C 1023 24.35 7.58 52.06
C ASN C 1023 25.22 8.56 52.83
N LEU C 1024 25.26 9.82 52.39
CA LEU C 1024 25.97 10.83 53.15
C LEU C 1024 25.36 11.04 54.53
N ALA C 1025 24.03 10.99 54.65
CA ALA C 1025 23.41 11.18 55.96
C ALA C 1025 23.64 9.99 56.87
N ALA C 1026 23.67 8.78 56.33
CA ALA C 1026 24.09 7.63 57.12
C ALA C 1026 25.53 7.78 57.62
N THR C 1027 26.43 8.27 56.77
CA THR C 1027 27.82 8.42 57.20
C THR C 1027 27.98 9.50 58.26
N LYS C 1028 27.22 10.59 58.17
CA LYS C 1028 27.21 11.58 59.23
C LYS C 1028 26.58 11.10 60.51
N MET C 1029 25.55 10.28 60.45
CA MET C 1029 25.01 9.70 61.65
C MET C 1029 26.01 8.81 62.36
N SER C 1030 26.81 8.04 61.62
CA SER C 1030 27.81 7.20 62.27
C SER C 1030 28.99 8.00 62.80
N GLU C 1031 29.42 9.01 62.07
CA GLU C 1031 30.67 9.67 62.39
C GLU C 1031 30.51 10.94 63.20
N CYS C 1032 29.30 11.50 63.24
CA CYS C 1032 29.06 12.73 63.99
C CYS C 1032 28.17 12.57 65.22
N VAL C 1033 27.30 11.55 65.23
CA VAL C 1033 26.42 11.34 66.36
C VAL C 1033 26.94 10.20 67.24
N LEU C 1034 27.49 9.15 66.62
CA LEU C 1034 28.01 8.03 67.37
C LEU C 1034 29.51 8.14 67.61
N GLY C 1035 30.12 9.26 67.29
CA GLY C 1035 31.51 9.48 67.61
C GLY C 1035 31.85 10.95 67.56
N GLN C 1036 33.14 11.24 67.73
CA GLN C 1036 33.68 12.57 67.55
C GLN C 1036 34.61 12.56 66.35
N SER C 1037 34.41 13.46 65.41
CA SER C 1037 35.14 13.44 64.16
C SER C 1037 36.29 14.44 64.18
N LYS C 1038 37.35 14.11 63.45
CA LYS C 1038 38.45 15.01 63.20
C LYS C 1038 38.50 15.56 61.79
N ARG C 1039 37.64 15.07 60.90
CA ARG C 1039 37.57 15.58 59.54
C ARG C 1039 37.07 17.02 59.55
N VAL C 1040 37.86 17.92 58.96
CA VAL C 1040 37.53 19.35 59.01
C VAL C 1040 36.28 19.62 58.20
N ASP C 1041 35.35 20.35 58.81
CA ASP C 1041 34.11 20.74 58.15
C ASP C 1041 33.08 19.64 57.94
N PHE C 1042 33.39 18.42 58.34
CA PHE C 1042 32.44 17.33 58.14
C PHE C 1042 31.24 17.45 59.07
N CYS C 1043 31.46 17.92 60.28
CA CYS C 1043 30.38 18.06 61.25
C CYS C 1043 30.26 19.50 61.76
N GLY C 1044 30.09 20.45 60.85
CA GLY C 1044 29.97 21.85 61.21
C GLY C 1044 31.27 22.62 61.14
N LYS C 1045 31.21 23.94 61.30
CA LYS C 1045 32.40 24.79 61.26
C LYS C 1045 32.98 25.01 62.65
N GLY C 1046 34.21 24.53 62.85
CA GLY C 1046 34.89 24.65 64.13
C GLY C 1046 35.30 23.27 64.56
N TYR C 1047 35.84 23.13 65.76
CA TYR C 1047 36.26 21.83 66.27
C TYR C 1047 35.05 21.07 66.80
N HIS C 1048 34.68 19.99 66.11
CA HIS C 1048 33.50 19.21 66.47
C HIS C 1048 33.56 18.74 67.92
N LEU C 1049 32.50 18.99 68.68
CA LEU C 1049 32.33 18.37 69.98
C LEU C 1049 31.27 17.28 69.93
N MET C 1050 30.04 17.57 69.53
CA MET C 1050 29.06 16.50 69.43
C MET C 1050 27.96 16.90 68.48
N SER C 1051 27.08 15.96 68.18
CA SER C 1051 25.97 16.17 67.26
C SER C 1051 24.73 15.46 67.78
N PHE C 1052 23.56 16.02 67.48
CA PHE C 1052 22.27 15.45 67.84
C PHE C 1052 21.38 15.36 66.60
N PRO C 1053 20.73 14.23 66.36
CA PRO C 1053 19.80 14.10 65.24
C PRO C 1053 18.36 14.50 65.58
N GLN C 1054 17.65 14.97 64.57
CA GLN C 1054 16.23 15.28 64.64
C GLN C 1054 15.58 14.83 63.35
N SER C 1055 14.35 14.36 63.44
CA SER C 1055 13.69 13.90 62.23
C SER C 1055 12.91 15.03 61.58
N ALA C 1056 12.85 14.98 60.26
CA ALA C 1056 12.14 15.96 59.44
C ALA C 1056 11.22 15.18 58.52
N PRO C 1057 10.32 15.87 57.80
CA PRO C 1057 9.35 15.15 56.96
C PRO C 1057 9.90 14.13 55.97
N HIS C 1058 10.97 14.41 55.24
CA HIS C 1058 11.57 13.35 54.41
C HIS C 1058 13.08 13.39 54.53
N GLY C 1059 13.57 13.73 55.71
CA GLY C 1059 14.96 14.00 55.87
C GLY C 1059 15.38 13.96 57.30
N VAL C 1060 16.49 14.62 57.57
CA VAL C 1060 17.07 14.61 58.91
C VAL C 1060 17.79 15.93 59.11
N VAL C 1061 17.73 16.45 60.33
CA VAL C 1061 18.42 17.66 60.72
C VAL C 1061 19.46 17.29 61.78
N PHE C 1062 20.71 17.61 61.53
CA PHE C 1062 21.78 17.44 62.52
C PHE C 1062 22.03 18.77 63.19
N LEU C 1063 22.07 18.77 64.51
CA LEU C 1063 22.51 19.88 65.34
C LEU C 1063 23.95 19.61 65.77
N HIS C 1064 24.88 20.39 65.24
CA HIS C 1064 26.30 20.24 65.49
C HIS C 1064 26.75 21.22 66.56
N VAL C 1065 27.36 20.72 67.62
CA VAL C 1065 28.00 21.51 68.66
C VAL C 1065 29.50 21.52 68.43
N THR C 1066 30.05 22.71 68.25
CA THR C 1066 31.46 22.92 67.99
C THR C 1066 32.03 23.94 68.96
N TYR C 1067 33.36 23.92 69.03
CA TYR C 1067 34.15 24.83 69.85
C TYR C 1067 34.79 25.85 68.93
N VAL C 1068 34.66 27.13 69.23
CA VAL C 1068 35.21 28.18 68.39
C VAL C 1068 36.10 29.07 69.25
N PRO C 1069 37.40 29.13 69.01
CA PRO C 1069 38.26 29.98 69.84
C PRO C 1069 38.04 31.47 69.62
N ALA C 1070 38.30 32.26 70.65
CA ALA C 1070 37.91 33.67 70.68
C ALA C 1070 38.91 34.51 71.46
N GLN C 1071 38.97 35.80 71.09
CA GLN C 1071 39.72 36.84 71.80
C GLN C 1071 41.21 36.52 71.88
N GLU C 1072 41.83 36.49 70.71
CA GLU C 1072 43.23 36.17 70.58
C GLU C 1072 44.11 37.35 70.98
N LYS C 1073 45.27 37.02 71.54
CA LYS C 1073 46.28 38.02 71.87
C LYS C 1073 47.58 37.71 71.15
N ASN C 1074 48.40 38.74 71.02
CA ASN C 1074 49.72 38.70 70.40
C ASN C 1074 50.80 38.32 71.40
N PHE C 1075 51.79 37.54 70.95
CA PHE C 1075 52.93 37.18 71.77
C PHE C 1075 54.14 37.00 70.86
N THR C 1076 55.31 36.93 71.49
CA THR C 1076 56.57 36.59 70.86
C THR C 1076 56.86 35.12 71.08
N THR C 1077 57.34 34.43 70.05
CA THR C 1077 57.62 33.00 70.12
C THR C 1077 59.08 32.71 69.87
N ALA C 1078 59.49 31.50 70.20
CA ALA C 1078 60.79 30.94 69.89
C ALA C 1078 60.63 29.45 69.67
N PRO C 1079 61.40 28.87 68.74
CA PRO C 1079 61.36 27.41 68.56
C PRO C 1079 61.86 26.63 69.75
N ALA C 1080 62.96 27.08 70.37
CA ALA C 1080 63.62 26.32 71.42
C ALA C 1080 64.20 27.30 72.42
N ILE C 1081 64.51 26.80 73.61
CA ILE C 1081 65.20 27.56 74.63
C ILE C 1081 66.62 27.04 74.70
N CYS C 1082 67.57 27.91 75.00
CA CYS C 1082 68.93 27.48 75.24
C CYS C 1082 69.29 27.66 76.71
N HIS C 1083 69.76 26.58 77.33
CA HIS C 1083 70.15 26.61 78.73
C HIS C 1083 71.24 25.59 78.95
N ASP C 1084 72.36 26.04 79.54
CA ASP C 1084 73.51 25.19 79.81
C ASP C 1084 74.07 24.57 78.54
N GLY C 1085 74.05 25.32 77.44
CA GLY C 1085 74.48 24.75 76.18
C GLY C 1085 73.61 23.63 75.67
N LYS C 1086 72.33 23.62 76.01
CA LYS C 1086 71.41 22.60 75.55
C LYS C 1086 70.18 23.25 74.95
N ALA C 1087 69.59 22.59 73.98
CA ALA C 1087 68.36 23.05 73.33
C ALA C 1087 67.17 22.33 73.93
N HIS C 1088 66.16 23.11 74.34
CA HIS C 1088 64.98 22.59 75.01
C HIS C 1088 63.77 22.86 74.13
N PHE C 1089 62.94 21.87 73.96
CA PHE C 1089 61.73 21.92 73.18
C PHE C 1089 60.54 21.65 74.06
N PRO C 1090 59.39 22.23 73.79
CA PRO C 1090 58.21 21.95 74.60
C PRO C 1090 57.65 20.55 74.32
N ARG C 1091 57.15 19.92 75.37
CA ARG C 1091 56.52 18.62 75.21
C ARG C 1091 55.20 18.74 74.47
N GLU C 1092 54.33 19.65 74.88
CA GLU C 1092 53.08 19.88 74.19
C GLU C 1092 52.69 21.34 74.42
N GLY C 1093 53.04 22.21 73.50
CA GLY C 1093 52.71 23.60 73.66
C GLY C 1093 53.66 24.47 72.87
N VAL C 1094 53.71 25.73 73.25
CA VAL C 1094 54.58 26.70 72.63
C VAL C 1094 55.20 27.56 73.72
N PHE C 1095 56.41 28.01 73.46
CA PHE C 1095 57.06 29.02 74.26
C PHE C 1095 56.55 30.40 73.84
N VAL C 1096 56.08 31.18 74.80
CA VAL C 1096 55.58 32.51 74.52
C VAL C 1096 56.19 33.52 75.49
N SER C 1097 56.29 34.75 75.05
CA SER C 1097 56.79 35.82 75.91
C SER C 1097 55.76 36.92 76.03
N ASN C 1098 55.52 37.39 77.25
CA ASN C 1098 54.65 38.55 77.44
C ASN C 1098 55.37 39.87 77.28
N GLY C 1099 56.61 39.85 76.80
CA GLY C 1099 57.45 41.02 76.74
C GLY C 1099 58.68 40.93 77.61
N THR C 1100 58.62 40.26 78.75
CA THR C 1100 59.77 40.21 79.65
C THR C 1100 60.03 38.79 80.17
N HIS C 1101 59.02 37.93 80.14
CA HIS C 1101 59.11 36.61 80.74
C HIS C 1101 58.67 35.56 79.74
N TRP C 1102 59.25 34.36 79.85
CA TRP C 1102 58.97 33.25 78.96
C TRP C 1102 58.15 32.19 79.67
N PHE C 1103 57.13 31.66 78.98
CA PHE C 1103 56.23 30.66 79.51
C PHE C 1103 56.04 29.58 78.46
N VAL C 1104 55.46 28.46 78.89
CA VAL C 1104 54.90 27.47 77.98
C VAL C 1104 53.40 27.55 78.11
N THR C 1105 52.70 27.39 77.00
CA THR C 1105 51.25 27.36 77.01
C THR C 1105 50.78 26.29 76.05
N GLN C 1106 49.59 25.77 76.28
CA GLN C 1106 48.95 24.92 75.29
C GLN C 1106 48.44 25.78 74.15
N ARG C 1107 48.36 25.19 72.96
CA ARG C 1107 48.29 25.97 71.75
C ARG C 1107 46.91 26.56 71.46
N ASN C 1108 45.86 26.10 72.11
CA ASN C 1108 44.51 26.54 71.78
C ASN C 1108 43.88 27.40 72.86
N PHE C 1109 44.47 27.45 74.04
CA PHE C 1109 43.93 28.22 75.14
C PHE C 1109 45.13 28.82 75.84
N TYR C 1110 45.06 30.11 76.18
CA TYR C 1110 46.20 30.75 76.81
C TYR C 1110 46.18 30.43 78.29
N GLU C 1111 47.22 29.75 78.75
CA GLU C 1111 47.33 29.32 80.15
C GLU C 1111 48.80 29.17 80.48
N PRO C 1112 49.49 30.28 80.77
CA PRO C 1112 50.95 30.27 80.84
C PRO C 1112 51.51 29.61 82.09
N GLN C 1113 52.58 28.86 81.91
CA GLN C 1113 53.24 28.16 83.01
C GLN C 1113 54.74 28.34 82.90
N ILE C 1114 55.42 28.04 84.00
CA ILE C 1114 56.87 28.15 84.06
C ILE C 1114 57.51 27.05 83.21
N ILE C 1115 58.64 27.37 82.60
CA ILE C 1115 59.41 26.41 81.82
C ILE C 1115 60.28 25.61 82.77
N THR C 1116 59.99 24.33 82.92
CA THR C 1116 60.73 23.44 83.78
C THR C 1116 61.22 22.24 82.99
N THR C 1117 61.94 21.36 83.66
CA THR C 1117 62.40 20.13 83.03
C THR C 1117 61.33 19.07 82.94
N ASP C 1118 60.10 19.39 83.35
CA ASP C 1118 58.98 18.46 83.27
C ASP C 1118 58.03 18.75 82.11
N ASN C 1119 58.09 19.94 81.52
CA ASN C 1119 57.29 20.21 80.35
C ASN C 1119 58.14 20.42 79.09
N THR C 1120 59.44 20.16 79.16
CA THR C 1120 60.32 20.27 78.02
C THR C 1120 61.08 18.97 77.85
N PHE C 1121 61.77 18.82 76.73
CA PHE C 1121 62.78 17.80 76.54
C PHE C 1121 63.98 18.39 75.83
N VAL C 1122 65.10 17.69 75.89
CA VAL C 1122 66.37 18.20 75.40
C VAL C 1122 66.76 17.45 74.13
N SER C 1123 67.36 18.16 73.19
CA SER C 1123 67.95 17.50 72.02
C SER C 1123 69.01 18.43 71.42
N GLY C 1124 70.27 18.16 71.71
CA GLY C 1124 71.38 18.78 71.01
C GLY C 1124 71.95 20.00 71.71
N ASN C 1125 72.67 20.79 70.91
CA ASN C 1125 73.22 22.07 71.30
C ASN C 1125 72.33 23.20 70.83
N CYS C 1126 72.56 24.39 71.39
CA CYS C 1126 71.84 25.57 70.92
C CYS C 1126 72.67 26.33 69.89
N ASP C 1127 73.06 25.62 68.83
CA ASP C 1127 73.82 26.26 67.77
C ASP C 1127 73.43 25.76 66.39
N VAL C 1128 72.33 25.00 66.29
CA VAL C 1128 71.94 24.41 65.02
C VAL C 1128 70.55 24.88 64.63
N VAL C 1129 69.70 25.18 65.60
CA VAL C 1129 68.33 25.55 65.32
C VAL C 1129 68.25 27.06 65.15
N ILE C 1130 67.45 27.50 64.19
CA ILE C 1130 67.37 28.89 63.77
C ILE C 1130 66.32 29.60 64.62
N GLY C 1131 66.77 30.39 65.57
CA GLY C 1131 65.86 31.16 66.41
C GLY C 1131 65.83 30.82 67.88
N ILE C 1132 66.80 30.04 68.38
CA ILE C 1132 66.90 29.77 69.82
C ILE C 1132 66.99 31.08 70.57
N VAL C 1133 66.37 31.14 71.75
CA VAL C 1133 66.57 32.25 72.66
C VAL C 1133 67.12 31.71 73.97
N ASN C 1134 67.80 32.57 74.70
CA ASN C 1134 68.41 32.22 75.97
C ASN C 1134 67.49 32.47 77.15
N ASN C 1135 67.25 31.45 77.95
CA ASN C 1135 66.42 31.57 79.13
C ASN C 1135 66.74 30.39 80.03
N THR C 1136 66.16 30.39 81.22
CA THR C 1136 66.49 29.39 82.22
C THR C 1136 65.39 28.36 82.34
N VAL C 1137 65.78 27.11 82.48
CA VAL C 1137 64.84 26.00 82.62
C VAL C 1137 64.96 25.52 84.06
N TYR C 1138 63.90 25.73 84.82
CA TYR C 1138 63.95 25.52 86.25
C TYR C 1138 63.80 24.03 86.55
N ASP C 1139 64.71 23.51 87.36
CA ASP C 1139 64.65 22.12 87.81
C ASP C 1139 64.05 22.07 89.21
N PRO C 1140 62.95 21.36 89.43
CA PRO C 1140 62.32 21.35 90.75
C PRO C 1140 63.10 20.60 91.82
N LEU C 1141 63.77 19.53 91.39
CA LEU C 1141 64.45 18.65 92.32
C LEU C 1141 65.50 19.36 93.15
N GLN C 1142 66.18 20.36 92.57
CA GLN C 1142 67.29 20.95 93.29
C GLN C 1142 66.79 21.74 94.50
N PRO C 1143 65.85 22.67 94.35
CA PRO C 1143 65.28 23.29 95.55
C PRO C 1143 64.48 22.31 96.38
N GLU C 1144 64.14 21.14 95.84
CA GLU C 1144 63.53 20.10 96.68
C GLU C 1144 64.53 19.58 97.70
N LEU C 1145 65.62 18.99 97.23
CA LEU C 1145 66.59 18.40 98.13
C LEU C 1145 67.62 19.41 98.62
N ASP C 1146 67.56 20.65 98.15
CA ASP C 1146 68.53 21.68 98.51
C ASP C 1146 69.95 21.25 98.17
N GLN D 1 -24.92 -50.52 -49.86
CA GLN D 1 -26.08 -51.05 -49.17
C GLN D 1 -25.66 -52.22 -48.31
N VAL D 2 -26.25 -52.33 -47.12
CA VAL D 2 -25.89 -53.38 -46.18
C VAL D 2 -26.91 -54.48 -46.30
N GLN D 3 -26.66 -55.60 -45.61
CA GLN D 3 -27.64 -56.69 -45.57
C GLN D 3 -27.74 -57.17 -44.13
N LEU D 4 -28.91 -57.71 -43.81
CA LEU D 4 -29.26 -58.03 -42.43
C LEU D 4 -29.64 -59.50 -42.35
N GLN D 5 -29.34 -60.11 -41.22
CA GLN D 5 -29.62 -61.53 -41.01
C GLN D 5 -29.98 -61.73 -39.55
N GLU D 6 -30.72 -62.79 -39.28
CA GLU D 6 -31.28 -63.03 -37.95
C GLU D 6 -30.78 -64.35 -37.38
N SER D 7 -31.02 -64.54 -36.08
CA SER D 7 -30.60 -65.76 -35.40
C SER D 7 -31.41 -66.01 -34.14
N GLY D 8 -32.55 -66.70 -34.31
CA GLY D 8 -33.42 -67.01 -33.19
C GLY D 8 -33.18 -68.40 -32.64
N PRO D 9 -33.96 -68.78 -31.63
CA PRO D 9 -33.81 -70.11 -31.02
C PRO D 9 -34.80 -71.12 -31.60
N GLY D 10 -34.84 -71.23 -32.93
CA GLY D 10 -35.75 -72.17 -33.56
C GLY D 10 -37.11 -72.21 -32.88
N LEU D 11 -37.33 -73.24 -32.07
CA LEU D 11 -38.59 -73.40 -31.36
C LEU D 11 -38.59 -72.63 -30.05
N VAL D 12 -39.55 -72.93 -29.18
CA VAL D 12 -39.65 -72.25 -27.89
C VAL D 12 -40.77 -72.92 -27.11
N LYS D 13 -40.46 -73.36 -25.90
CA LYS D 13 -41.48 -73.91 -25.02
C LYS D 13 -42.41 -72.79 -24.55
N PRO D 14 -43.67 -73.10 -24.21
CA PRO D 14 -44.62 -72.03 -23.89
C PRO D 14 -44.26 -71.27 -22.62
N SER D 15 -44.62 -69.98 -22.62
CA SER D 15 -44.38 -69.01 -21.55
C SER D 15 -42.88 -68.88 -21.23
N GLU D 16 -42.04 -69.03 -22.26
CA GLU D 16 -40.63 -68.75 -22.15
C GLU D 16 -40.34 -67.33 -22.63
N THR D 17 -39.06 -67.04 -22.88
CA THR D 17 -38.64 -65.80 -23.50
C THR D 17 -38.16 -66.07 -24.92
N LEU D 18 -38.19 -65.04 -25.76
CA LEU D 18 -37.79 -65.18 -27.16
C LEU D 18 -36.57 -64.33 -27.47
N SER D 19 -35.58 -64.95 -28.11
CA SER D 19 -34.28 -64.31 -28.33
C SER D 19 -34.01 -64.23 -29.83
N LEU D 20 -33.88 -63.01 -30.34
CA LEU D 20 -33.57 -62.79 -31.75
C LEU D 20 -32.57 -61.66 -31.83
N THR D 21 -31.50 -61.85 -32.63
CA THR D 21 -30.52 -60.80 -32.89
C THR D 21 -30.39 -60.59 -34.38
N CYS D 22 -30.37 -59.32 -34.79
CA CYS D 22 -30.26 -58.98 -36.21
C CYS D 22 -28.99 -58.19 -36.42
N THR D 23 -28.03 -58.80 -37.11
CA THR D 23 -26.68 -58.25 -37.22
C THR D 23 -26.54 -57.51 -38.54
N VAL D 24 -26.25 -56.21 -38.46
CA VAL D 24 -25.97 -55.44 -39.65
C VAL D 24 -24.58 -55.80 -40.14
N SER D 25 -24.44 -56.03 -41.44
CA SER D 25 -23.14 -56.38 -42.01
C SER D 25 -23.05 -55.96 -43.46
N GLY D 26 -22.46 -54.82 -43.73
CA GLY D 26 -22.34 -54.33 -45.08
C GLY D 26 -21.29 -53.26 -45.21
N GLY D 27 -21.58 -52.25 -46.02
CA GLY D 27 -20.64 -51.19 -46.25
C GLY D 27 -20.74 -50.11 -45.18
N SER D 28 -21.04 -48.89 -45.61
CA SER D 28 -21.24 -47.77 -44.70
C SER D 28 -22.73 -47.67 -44.40
N ILE D 29 -23.09 -47.82 -43.12
CA ILE D 29 -24.49 -47.75 -42.74
C ILE D 29 -24.94 -46.30 -42.75
N SER D 30 -26.23 -46.11 -43.03
CA SER D 30 -26.80 -44.77 -43.09
C SER D 30 -28.19 -44.75 -42.46
N SER D 31 -28.53 -45.84 -41.78
CA SER D 31 -29.86 -46.00 -41.22
C SER D 31 -29.94 -45.33 -39.85
N TYR D 32 -31.16 -45.11 -39.39
CA TYR D 32 -31.36 -44.55 -38.07
C TYR D 32 -32.57 -45.14 -37.37
N TYR D 33 -33.20 -46.13 -37.98
CA TYR D 33 -34.42 -46.66 -37.39
C TYR D 33 -34.51 -48.13 -37.67
N TRP D 34 -34.20 -48.95 -36.67
CA TRP D 34 -34.13 -50.38 -36.84
C TRP D 34 -35.41 -51.00 -36.32
N SER D 35 -36.17 -51.63 -37.20
CA SER D 35 -37.48 -52.12 -36.82
C SER D 35 -37.53 -53.62 -37.01
N TRP D 36 -38.32 -54.28 -36.17
CA TRP D 36 -38.71 -55.65 -36.41
C TRP D 36 -40.16 -55.66 -36.85
N ILE D 37 -40.50 -56.48 -37.83
CA ILE D 37 -41.90 -56.68 -38.17
C ILE D 37 -42.19 -58.17 -38.09
N ARG D 38 -43.48 -58.52 -38.04
CA ARG D 38 -43.93 -59.85 -37.71
C ARG D 38 -44.84 -60.37 -38.81
N GLN D 39 -44.83 -61.68 -39.05
CA GLN D 39 -45.80 -62.23 -39.99
C GLN D 39 -46.23 -63.65 -39.66
N PRO D 40 -47.49 -63.85 -39.26
CA PRO D 40 -48.03 -65.20 -39.09
C PRO D 40 -48.09 -65.92 -40.43
N PRO D 41 -48.02 -67.25 -40.45
CA PRO D 41 -47.91 -67.97 -41.72
C PRO D 41 -49.20 -67.89 -42.54
N GLY D 42 -49.12 -67.20 -43.68
CA GLY D 42 -50.26 -67.01 -44.53
C GLY D 42 -51.25 -66.01 -43.98
N LYS D 43 -50.76 -65.05 -43.19
CA LYS D 43 -51.61 -63.98 -42.67
C LYS D 43 -50.92 -62.65 -42.93
N GLY D 44 -51.53 -61.59 -42.43
CA GLY D 44 -51.06 -60.23 -42.70
C GLY D 44 -49.84 -59.80 -41.91
N LEU D 45 -49.11 -58.82 -42.45
CA LEU D 45 -47.92 -58.31 -41.78
C LEU D 45 -48.31 -57.49 -40.56
N GLU D 46 -47.37 -57.38 -39.62
CA GLU D 46 -47.60 -56.60 -38.41
C GLU D 46 -46.29 -56.04 -37.90
N TRP D 47 -46.28 -54.75 -37.65
CA TRP D 47 -45.10 -54.02 -37.21
C TRP D 47 -44.97 -54.08 -35.70
N ILE D 48 -43.78 -54.44 -35.23
CA ILE D 48 -43.59 -54.71 -33.82
C ILE D 48 -43.16 -53.44 -33.10
N GLY D 49 -42.06 -52.85 -33.55
CA GLY D 49 -41.54 -51.66 -32.92
C GLY D 49 -40.20 -51.32 -33.54
N TYR D 50 -39.66 -50.17 -33.17
CA TYR D 50 -38.34 -49.84 -33.64
C TYR D 50 -37.43 -49.46 -32.49
N ILE D 51 -36.17 -49.21 -32.83
CA ILE D 51 -35.19 -48.61 -31.95
C ILE D 51 -34.42 -47.64 -32.83
N SER D 52 -34.02 -46.51 -32.25
CA SER D 52 -33.23 -45.56 -33.00
C SER D 52 -31.82 -45.55 -32.43
N TYR D 53 -30.89 -44.97 -33.17
CA TYR D 53 -29.54 -44.81 -32.66
C TYR D 53 -29.44 -43.79 -31.53
N SER D 54 -30.46 -42.97 -31.33
CA SER D 54 -30.55 -42.14 -30.14
C SER D 54 -31.13 -42.89 -28.96
N GLY D 55 -31.39 -44.18 -29.10
CA GLY D 55 -31.95 -44.95 -28.00
C GLY D 55 -33.40 -44.65 -27.74
N SER D 56 -34.12 -44.20 -28.75
CA SER D 56 -35.51 -43.80 -28.59
C SER D 56 -36.41 -44.93 -29.03
N THR D 57 -36.82 -45.76 -28.07
CA THR D 57 -37.68 -46.90 -28.35
C THR D 57 -39.08 -46.43 -28.69
N ASN D 58 -39.85 -47.32 -29.30
CA ASN D 58 -41.23 -47.09 -29.67
C ASN D 58 -41.83 -48.44 -30.02
N TYR D 59 -43.01 -48.72 -29.50
CA TYR D 59 -43.58 -50.05 -29.62
C TYR D 59 -45.03 -49.97 -30.10
N ASN D 60 -45.50 -51.10 -30.61
CA ASN D 60 -46.87 -51.20 -31.08
C ASN D 60 -47.79 -51.51 -29.90
N PRO D 61 -48.88 -50.77 -29.72
CA PRO D 61 -49.74 -51.01 -28.55
C PRO D 61 -50.63 -52.24 -28.68
N SER D 62 -50.04 -53.38 -29.01
CA SER D 62 -50.73 -54.66 -29.00
C SER D 62 -49.76 -55.70 -28.47
N LEU D 63 -48.52 -55.28 -28.26
CA LEU D 63 -47.47 -56.13 -27.71
C LEU D 63 -46.70 -55.36 -26.65
N LYS D 64 -47.31 -54.31 -26.12
CA LYS D 64 -46.69 -53.49 -25.09
C LYS D 64 -46.47 -54.30 -23.82
N SER D 65 -45.34 -54.05 -23.17
CA SER D 65 -44.87 -54.74 -21.97
C SER D 65 -44.71 -56.24 -22.20
N ARG D 66 -44.36 -56.59 -23.44
CA ARG D 66 -43.94 -57.94 -23.76
C ARG D 66 -42.69 -57.87 -24.63
N VAL D 67 -42.45 -56.70 -25.21
CA VAL D 67 -41.35 -56.48 -26.14
C VAL D 67 -40.34 -55.54 -25.49
N THR D 68 -39.06 -55.76 -25.82
CA THR D 68 -38.00 -54.86 -25.43
C THR D 68 -36.92 -54.96 -26.49
N ILE D 69 -36.71 -53.88 -27.23
CA ILE D 69 -35.68 -53.84 -28.25
C ILE D 69 -34.45 -53.17 -27.66
N SER D 70 -33.31 -53.84 -27.79
CA SER D 70 -32.06 -53.33 -27.27
C SER D 70 -31.20 -52.90 -28.44
N LEU D 71 -29.99 -52.43 -28.15
CA LEU D 71 -29.10 -51.92 -29.17
C LEU D 71 -27.67 -51.99 -28.68
N ASP D 72 -26.84 -52.77 -29.36
CA ASP D 72 -25.45 -52.95 -28.99
C ASP D 72 -24.59 -52.36 -30.11
N THR D 73 -24.07 -51.16 -29.88
CA THR D 73 -23.22 -50.50 -30.86
C THR D 73 -21.76 -50.81 -30.55
N SER D 74 -21.45 -52.09 -30.44
CA SER D 74 -20.07 -52.54 -30.31
C SER D 74 -19.90 -53.81 -31.12
N LYS D 75 -20.99 -54.26 -31.72
CA LYS D 75 -21.03 -55.46 -32.54
C LYS D 75 -21.84 -55.17 -33.79
N ASN D 76 -22.41 -53.96 -33.86
CA ASN D 76 -23.46 -53.55 -34.79
C ASN D 76 -24.64 -54.50 -34.76
N GLN D 77 -25.12 -54.83 -33.56
CA GLN D 77 -26.25 -55.73 -33.43
C GLN D 77 -27.31 -55.11 -32.56
N PHE D 78 -28.56 -55.35 -32.91
CA PHE D 78 -29.70 -55.03 -32.08
C PHE D 78 -30.56 -56.26 -31.93
N SER D 79 -31.43 -56.25 -30.93
CA SER D 79 -32.07 -57.50 -30.56
C SER D 79 -33.44 -57.23 -29.96
N LEU D 80 -34.28 -58.27 -29.95
CA LEU D 80 -35.67 -58.18 -29.54
C LEU D 80 -35.97 -59.30 -28.56
N LYS D 81 -36.61 -58.96 -27.43
CA LYS D 81 -36.97 -59.94 -26.42
C LYS D 81 -38.48 -59.98 -26.24
N LEU D 82 -39.09 -61.11 -26.62
CA LEU D 82 -40.48 -61.40 -26.30
C LEU D 82 -40.49 -62.35 -25.11
N SER D 83 -40.85 -61.83 -23.95
CA SER D 83 -41.05 -62.66 -22.77
C SER D 83 -42.51 -63.11 -22.72
N SER D 84 -42.73 -64.26 -22.08
CA SER D 84 -44.04 -64.89 -21.90
C SER D 84 -44.72 -65.14 -23.24
N VAL D 85 -44.07 -66.02 -24.02
CA VAL D 85 -44.61 -66.39 -25.32
C VAL D 85 -45.89 -67.19 -25.17
N THR D 86 -46.71 -67.16 -26.21
CA THR D 86 -48.02 -67.80 -26.19
C THR D 86 -48.16 -68.53 -27.52
N ALA D 87 -49.23 -69.29 -27.73
CA ALA D 87 -49.43 -70.03 -28.97
C ALA D 87 -49.70 -69.14 -30.17
N ALA D 88 -50.10 -67.89 -29.96
CA ALA D 88 -50.40 -66.96 -31.04
C ALA D 88 -49.18 -66.15 -31.48
N ASP D 89 -47.97 -66.60 -31.14
CA ASP D 89 -46.74 -65.96 -31.56
C ASP D 89 -46.02 -66.84 -32.56
N THR D 90 -46.79 -67.65 -33.29
CA THR D 90 -46.28 -68.46 -34.39
C THR D 90 -46.18 -67.56 -35.61
N ALA D 91 -44.96 -67.23 -36.01
CA ALA D 91 -44.76 -66.25 -37.05
C ALA D 91 -43.35 -66.39 -37.62
N VAL D 92 -43.13 -65.71 -38.72
CA VAL D 92 -41.78 -65.47 -39.22
C VAL D 92 -41.44 -64.03 -38.89
N TYR D 93 -40.25 -63.81 -38.35
CA TYR D 93 -39.86 -62.50 -37.83
C TYR D 93 -38.77 -61.91 -38.71
N TYR D 94 -39.01 -60.70 -39.20
CA TYR D 94 -38.06 -59.99 -40.04
C TYR D 94 -37.47 -58.81 -39.28
N CYS D 95 -36.27 -58.41 -39.67
CA CYS D 95 -35.72 -57.13 -39.26
C CYS D 95 -35.54 -56.27 -40.49
N ALA D 96 -35.98 -55.02 -40.42
CA ALA D 96 -35.97 -54.19 -41.60
C ALA D 96 -35.69 -52.75 -41.19
N SER D 97 -35.29 -51.95 -42.17
CA SER D 97 -34.84 -50.61 -41.88
C SER D 97 -34.96 -49.76 -43.14
N ASN D 98 -34.46 -48.54 -43.07
CA ASN D 98 -34.53 -47.60 -44.19
C ASN D 98 -33.13 -47.09 -44.47
N GLY D 99 -32.65 -47.36 -45.68
CA GLY D 99 -31.36 -46.86 -46.11
C GLY D 99 -31.47 -45.47 -46.71
N GLN D 100 -31.61 -44.47 -45.86
CA GLN D 100 -31.73 -43.09 -46.33
C GLN D 100 -30.95 -42.16 -45.43
N TYR D 101 -30.31 -41.15 -46.01
CA TYR D 101 -29.50 -40.19 -45.26
C TYR D 101 -30.38 -39.39 -44.30
N TYR D 102 -29.85 -39.04 -43.14
CA TYR D 102 -30.68 -38.61 -42.03
C TYR D 102 -30.37 -37.20 -41.57
N ASP D 103 -31.27 -36.25 -41.83
CA ASP D 103 -31.09 -34.87 -41.38
C ASP D 103 -32.38 -34.33 -40.79
N ILE D 104 -32.38 -34.00 -39.50
CA ILE D 104 -33.55 -33.39 -38.86
C ILE D 104 -33.55 -31.90 -39.18
N LEU D 105 -32.39 -31.38 -39.56
CA LEU D 105 -32.32 -30.01 -40.04
C LEU D 105 -33.09 -29.81 -41.34
N THR D 106 -33.26 -30.87 -42.14
CA THR D 106 -34.22 -30.83 -43.24
C THR D 106 -35.04 -32.14 -43.23
N GLY D 107 -36.13 -32.13 -42.48
CA GLY D 107 -36.99 -33.29 -42.49
C GLY D 107 -37.55 -33.73 -41.17
N GLN D 108 -38.84 -34.06 -41.15
CA GLN D 108 -39.49 -34.56 -39.96
C GLN D 108 -39.08 -36.01 -39.72
N PRO D 109 -39.25 -36.52 -38.50
CA PRO D 109 -38.98 -37.94 -38.25
C PRO D 109 -39.82 -38.89 -39.07
N PRO D 110 -41.19 -38.76 -39.19
CA PRO D 110 -41.89 -39.81 -39.95
C PRO D 110 -41.74 -39.67 -41.45
N ASP D 111 -40.51 -39.80 -41.90
CA ASP D 111 -40.09 -39.60 -43.27
C ASP D 111 -39.10 -40.71 -43.53
N TYR D 112 -38.66 -41.33 -42.44
CA TYR D 112 -37.57 -42.29 -42.47
C TYR D 112 -38.00 -43.69 -42.13
N TRP D 113 -39.30 -43.99 -42.16
CA TRP D 113 -39.69 -45.38 -41.92
C TRP D 113 -40.66 -45.84 -43.00
N TYR D 114 -40.12 -46.30 -44.13
CA TYR D 114 -40.91 -47.07 -45.08
C TYR D 114 -40.21 -48.36 -45.48
N PHE D 115 -39.25 -48.82 -44.68
CA PHE D 115 -38.72 -50.18 -44.68
C PHE D 115 -38.10 -50.62 -46.01
N ASP D 116 -37.02 -49.99 -46.39
CA ASP D 116 -36.31 -50.24 -47.63
C ASP D 116 -35.44 -51.49 -47.56
N LEU D 117 -34.52 -51.57 -46.60
CA LEU D 117 -33.73 -52.77 -46.45
C LEU D 117 -34.57 -53.84 -45.77
N TRP D 118 -34.26 -55.10 -46.04
CA TRP D 118 -35.07 -56.18 -45.49
C TRP D 118 -34.18 -57.36 -45.16
N GLY D 119 -34.53 -58.06 -44.10
CA GLY D 119 -33.77 -59.22 -43.67
C GLY D 119 -34.09 -60.46 -44.47
N ARG D 120 -34.07 -61.61 -43.81
CA ARG D 120 -34.42 -62.85 -44.47
C ARG D 120 -35.47 -63.66 -43.73
N GLY D 121 -35.82 -63.28 -42.52
CA GLY D 121 -36.88 -63.96 -41.82
C GLY D 121 -36.48 -65.26 -41.17
N THR D 122 -37.02 -65.53 -39.99
CA THR D 122 -36.75 -66.78 -39.29
C THR D 122 -38.05 -67.28 -38.68
N LEU D 123 -38.43 -68.50 -39.04
CA LEU D 123 -39.66 -69.10 -38.53
C LEU D 123 -39.57 -69.35 -37.04
N VAL D 124 -40.73 -69.38 -36.38
CA VAL D 124 -40.81 -69.62 -34.95
C VAL D 124 -42.19 -70.13 -34.56
N THR D 125 -42.26 -70.81 -33.43
CA THR D 125 -43.54 -71.35 -32.95
C THR D 125 -43.49 -71.62 -31.44
N VAL D 126 -44.44 -71.05 -30.72
CA VAL D 126 -44.51 -71.22 -29.27
C VAL D 126 -44.80 -72.67 -28.90
N SER D 127 -44.23 -73.59 -29.66
CA SER D 127 -44.43 -75.01 -29.42
C SER D 127 -43.69 -75.46 -28.15
N SER D 128 -43.35 -76.75 -28.10
CA SER D 128 -42.65 -77.30 -26.95
C SER D 128 -42.53 -78.82 -27.05
N ALA D 129 -43.35 -79.41 -27.92
CA ALA D 129 -43.34 -80.85 -28.11
C ALA D 129 -41.95 -81.34 -28.53
N SER D 130 -40.93 -80.90 -27.82
CA SER D 130 -39.56 -81.29 -28.12
C SER D 130 -39.28 -81.20 -29.61
N THR D 131 -38.23 -81.91 -30.05
CA THR D 131 -37.85 -81.91 -31.46
C THR D 131 -37.77 -83.34 -32.00
N LYS D 132 -37.34 -83.46 -33.25
CA LYS D 132 -37.23 -84.77 -33.88
C LYS D 132 -36.57 -84.66 -35.26
N GLY D 133 -36.33 -85.81 -35.89
CA GLY D 133 -35.71 -85.83 -37.19
C GLY D 133 -36.59 -86.49 -38.23
N PRO D 134 -36.33 -86.21 -39.50
CA PRO D 134 -37.20 -86.72 -40.55
C PRO D 134 -36.87 -88.15 -40.93
N SER D 135 -37.89 -88.88 -41.36
CA SER D 135 -37.71 -90.22 -41.95
C SER D 135 -37.93 -90.10 -43.44
N VAL D 136 -37.00 -90.63 -44.23
CA VAL D 136 -36.97 -90.42 -45.67
C VAL D 136 -37.19 -91.75 -46.37
N PHE D 137 -38.01 -91.72 -47.42
CA PHE D 137 -38.18 -92.79 -48.39
C PHE D 137 -38.05 -92.25 -49.80
N PRO D 138 -37.53 -93.03 -50.74
CA PRO D 138 -37.56 -92.60 -52.15
C PRO D 138 -38.80 -93.15 -52.85
N LEU D 139 -39.55 -92.25 -53.51
CA LEU D 139 -40.68 -92.66 -54.33
C LEU D 139 -40.16 -92.83 -55.75
N ALA D 140 -40.04 -94.08 -56.16
CA ALA D 140 -39.42 -94.54 -57.38
C ALA D 140 -40.19 -94.06 -58.60
N PRO D 141 -39.50 -93.81 -59.71
CA PRO D 141 -40.21 -93.58 -60.98
C PRO D 141 -40.83 -94.88 -61.46
N SER D 142 -42.08 -94.80 -61.91
CA SER D 142 -42.80 -95.99 -62.32
C SER D 142 -43.61 -95.69 -63.58
N SER D 143 -44.02 -96.76 -64.25
CA SER D 143 -44.87 -96.61 -65.44
C SER D 143 -46.22 -95.99 -65.08
N LYS D 144 -46.70 -96.20 -63.86
CA LYS D 144 -47.91 -95.50 -63.41
C LYS D 144 -47.67 -94.01 -63.25
N SER D 145 -46.42 -93.61 -63.04
CA SER D 145 -46.05 -92.21 -63.11
C SER D 145 -45.53 -91.81 -64.48
N THR D 146 -45.11 -92.78 -65.29
CA THR D 146 -44.59 -92.49 -66.62
C THR D 146 -45.73 -92.21 -67.59
N SER D 147 -45.51 -91.24 -68.50
CA SER D 147 -46.48 -90.91 -69.55
C SER D 147 -45.69 -90.33 -70.72
N GLY D 148 -45.50 -91.15 -71.75
CA GLY D 148 -44.88 -90.67 -72.97
C GLY D 148 -43.41 -90.33 -72.76
N GLY D 149 -43.09 -89.04 -72.87
CA GLY D 149 -41.70 -88.62 -72.89
C GLY D 149 -41.07 -88.43 -71.52
N THR D 150 -41.88 -88.34 -70.47
CA THR D 150 -41.35 -88.01 -69.14
C THR D 150 -41.91 -88.97 -68.08
N ALA D 151 -41.20 -89.04 -66.96
CA ALA D 151 -41.60 -89.84 -65.81
C ALA D 151 -41.11 -89.13 -64.55
N ALA D 152 -41.87 -89.26 -63.48
CA ALA D 152 -41.64 -88.49 -62.25
C ALA D 152 -41.11 -89.39 -61.14
N LEU D 153 -40.18 -88.87 -60.35
CA LEU D 153 -39.64 -89.54 -59.18
C LEU D 153 -39.41 -88.51 -58.07
N GLY D 154 -39.36 -88.97 -56.83
CA GLY D 154 -39.23 -88.01 -55.75
C GLY D 154 -38.79 -88.64 -54.44
N CYS D 155 -38.88 -87.83 -53.39
CA CYS D 155 -38.46 -88.24 -52.05
C CYS D 155 -39.52 -87.78 -51.05
N LEU D 156 -39.91 -88.70 -50.16
CA LEU D 156 -40.89 -88.45 -49.12
C LEU D 156 -40.16 -88.30 -47.80
N VAL D 157 -40.24 -87.12 -47.20
CA VAL D 157 -39.58 -86.83 -45.94
C VAL D 157 -40.68 -86.51 -44.93
N LYS D 158 -40.84 -87.36 -43.92
CA LYS D 158 -42.01 -87.32 -43.06
C LYS D 158 -41.63 -87.31 -41.59
N ASP D 159 -42.65 -87.10 -40.74
CA ASP D 159 -42.55 -87.17 -39.29
C ASP D 159 -41.40 -86.37 -38.71
N TYR D 160 -41.50 -85.04 -38.78
CA TYR D 160 -40.57 -84.17 -38.09
C TYR D 160 -41.32 -82.99 -37.50
N PHE D 161 -40.85 -82.51 -36.35
CA PHE D 161 -41.48 -81.38 -35.68
C PHE D 161 -40.84 -80.00 -35.89
N PRO D 162 -39.56 -79.98 -36.25
CA PRO D 162 -38.86 -78.74 -36.55
C PRO D 162 -39.34 -78.36 -37.94
N GLU D 163 -40.19 -77.35 -38.02
CA GLU D 163 -40.80 -76.94 -39.28
C GLU D 163 -39.81 -76.68 -40.42
N PRO D 164 -38.77 -75.85 -40.24
CA PRO D 164 -37.89 -75.59 -41.39
C PRO D 164 -37.04 -76.80 -41.74
N VAL D 165 -37.33 -77.42 -42.87
CA VAL D 165 -36.60 -78.57 -43.38
C VAL D 165 -36.45 -78.38 -44.88
N THR D 166 -35.37 -78.90 -45.46
CA THR D 166 -35.18 -78.68 -46.89
C THR D 166 -34.75 -79.98 -47.54
N VAL D 167 -35.20 -80.17 -48.77
CA VAL D 167 -34.79 -81.28 -49.62
C VAL D 167 -34.40 -80.70 -50.97
N SER D 168 -33.17 -80.96 -51.39
CA SER D 168 -32.70 -80.54 -52.70
C SER D 168 -32.51 -81.76 -53.58
N TRP D 169 -32.34 -81.52 -54.87
CA TRP D 169 -32.10 -82.60 -55.82
C TRP D 169 -30.70 -82.48 -56.38
N ASN D 170 -29.89 -83.51 -56.12
CA ASN D 170 -28.53 -83.59 -56.62
C ASN D 170 -27.71 -82.37 -56.21
N SER D 171 -27.69 -82.12 -54.89
CA SER D 171 -26.91 -81.05 -54.30
C SER D 171 -27.26 -79.69 -54.89
N GLY D 172 -28.48 -79.53 -55.39
CA GLY D 172 -28.91 -78.29 -56.00
C GLY D 172 -28.76 -78.22 -57.49
N ALA D 173 -28.51 -79.35 -58.15
CA ALA D 173 -28.28 -79.34 -59.60
C ALA D 173 -29.56 -79.18 -60.42
N LEU D 174 -30.56 -80.03 -60.21
CA LEU D 174 -31.76 -80.04 -61.04
C LEU D 174 -32.72 -78.97 -60.53
N THR D 175 -33.10 -78.06 -61.41
CA THR D 175 -34.07 -77.03 -61.08
C THR D 175 -35.29 -77.17 -61.97
N SER D 176 -35.23 -78.08 -62.94
CA SER D 176 -36.33 -78.35 -63.85
C SER D 176 -37.21 -79.46 -63.30
N GLY D 177 -38.50 -79.14 -63.12
CA GLY D 177 -39.46 -80.09 -62.62
C GLY D 177 -39.42 -80.34 -61.14
N VAL D 178 -38.37 -79.89 -60.45
CA VAL D 178 -38.26 -80.06 -59.01
C VAL D 178 -39.30 -79.19 -58.32
N HIS D 179 -40.23 -79.82 -57.62
CA HIS D 179 -41.28 -79.09 -56.90
C HIS D 179 -41.55 -79.72 -55.52
N THR D 180 -41.21 -78.98 -54.47
CA THR D 180 -41.42 -79.44 -53.10
C THR D 180 -42.79 -78.96 -52.66
N PHE D 181 -43.60 -79.86 -52.19
CA PHE D 181 -44.96 -79.49 -51.84
C PHE D 181 -45.03 -79.03 -50.40
N PRO D 182 -46.00 -78.18 -50.06
CA PRO D 182 -46.10 -77.70 -48.68
C PRO D 182 -46.20 -78.85 -47.70
N ALA D 183 -45.48 -78.72 -46.59
CA ALA D 183 -45.52 -79.74 -45.57
C ALA D 183 -46.92 -79.85 -44.99
N VAL D 184 -47.27 -81.05 -44.58
CA VAL D 184 -48.58 -81.29 -44.00
C VAL D 184 -48.40 -81.64 -42.53
N LEU D 185 -49.34 -81.14 -41.72
CA LEU D 185 -49.31 -81.36 -40.28
C LEU D 185 -50.32 -82.44 -39.93
N GLN D 186 -49.82 -83.57 -39.44
CA GLN D 186 -50.66 -84.71 -39.15
C GLN D 186 -51.34 -84.55 -37.79
N SER D 187 -52.22 -85.50 -37.48
CA SER D 187 -52.83 -85.54 -36.15
C SER D 187 -51.80 -85.89 -35.09
N SER D 188 -50.77 -86.65 -35.46
CA SER D 188 -49.72 -86.98 -34.52
C SER D 188 -48.98 -85.75 -34.02
N GLY D 189 -49.13 -84.62 -34.72
CA GLY D 189 -48.43 -83.41 -34.36
C GLY D 189 -47.15 -83.17 -35.11
N LEU D 190 -46.74 -84.09 -35.97
CA LEU D 190 -45.50 -83.96 -36.72
C LEU D 190 -45.78 -83.63 -38.17
N TYR D 191 -44.84 -82.94 -38.80
CA TYR D 191 -45.00 -82.54 -40.18
C TYR D 191 -44.57 -83.65 -41.12
N SER D 192 -44.91 -83.48 -42.39
CA SER D 192 -44.50 -84.40 -43.44
C SER D 192 -44.66 -83.70 -44.78
N LEU D 193 -43.80 -84.06 -45.73
CA LEU D 193 -43.86 -83.50 -47.07
C LEU D 193 -43.21 -84.48 -48.04
N SER D 194 -43.37 -84.17 -49.32
CA SER D 194 -42.82 -84.96 -50.42
C SER D 194 -42.45 -84.03 -51.58
N SER D 195 -41.24 -84.17 -52.10
CA SER D 195 -40.77 -83.34 -53.20
C SER D 195 -40.54 -84.22 -54.40
N VAL D 196 -41.09 -83.82 -55.55
CA VAL D 196 -41.07 -84.66 -56.75
C VAL D 196 -40.54 -83.86 -57.93
N VAL D 197 -39.89 -84.55 -58.85
CA VAL D 197 -39.34 -83.97 -60.06
C VAL D 197 -39.56 -84.94 -61.21
N THR D 198 -39.91 -84.39 -62.37
CA THR D 198 -40.09 -85.15 -63.59
C THR D 198 -38.81 -85.09 -64.42
N VAL D 199 -38.54 -86.14 -65.18
CA VAL D 199 -37.29 -86.30 -65.92
C VAL D 199 -37.62 -87.22 -67.10
N PRO D 200 -37.03 -87.01 -68.28
CA PRO D 200 -37.40 -87.81 -69.45
C PRO D 200 -37.41 -89.31 -69.17
N SER D 201 -38.43 -89.99 -69.69
CA SER D 201 -38.60 -91.40 -69.42
C SER D 201 -37.48 -92.23 -70.01
N SER D 202 -36.75 -91.69 -71.00
CA SER D 202 -35.55 -92.36 -71.47
C SER D 202 -34.47 -92.37 -70.40
N SER D 203 -34.59 -91.49 -69.40
CA SER D 203 -33.60 -91.30 -68.37
C SER D 203 -34.06 -91.78 -66.99
N LEU D 204 -34.73 -92.93 -66.91
CA LEU D 204 -35.21 -93.43 -65.63
C LEU D 204 -34.08 -93.61 -64.63
N GLY D 205 -33.14 -94.51 -64.90
CA GLY D 205 -32.04 -94.73 -63.97
C GLY D 205 -30.74 -94.12 -64.45
N THR D 206 -30.73 -93.56 -65.67
CA THR D 206 -29.49 -93.25 -66.37
C THR D 206 -28.59 -92.30 -65.57
N GLN D 207 -29.12 -91.16 -65.15
CA GLN D 207 -28.29 -90.16 -64.49
C GLN D 207 -28.50 -90.20 -62.99
N THR D 208 -27.89 -89.26 -62.27
CA THR D 208 -27.97 -89.21 -60.82
C THR D 208 -29.18 -88.39 -60.38
N TYR D 209 -29.98 -88.96 -59.49
CA TYR D 209 -31.08 -88.27 -58.87
C TYR D 209 -31.06 -88.59 -57.39
N ILE D 210 -30.31 -87.82 -56.62
CA ILE D 210 -30.17 -88.04 -55.19
C ILE D 210 -30.72 -86.84 -54.45
N CYS D 211 -31.71 -87.07 -53.61
CA CYS D 211 -32.30 -86.02 -52.80
C CYS D 211 -31.48 -85.83 -51.54
N ASN D 212 -31.11 -84.58 -51.30
CA ASN D 212 -30.27 -84.17 -50.18
C ASN D 212 -31.21 -83.57 -49.14
N VAL D 213 -31.38 -84.28 -48.04
CA VAL D 213 -32.30 -83.89 -46.97
C VAL D 213 -31.46 -83.25 -45.87
N ASN D 214 -31.79 -81.99 -45.54
CA ASN D 214 -31.13 -81.28 -44.46
C ASN D 214 -32.18 -80.71 -43.51
N HIS D 215 -31.96 -80.97 -42.21
CA HIS D 215 -32.82 -80.54 -41.12
C HIS D 215 -32.00 -79.61 -40.25
N LYS D 216 -32.28 -78.30 -40.34
CA LYS D 216 -31.45 -77.27 -39.74
C LYS D 216 -31.60 -77.11 -38.22
N PRO D 217 -32.81 -77.20 -37.65
CA PRO D 217 -32.88 -77.19 -36.18
C PRO D 217 -32.14 -78.36 -35.56
N SER D 218 -32.29 -79.56 -36.10
CA SER D 218 -31.38 -80.65 -35.78
C SER D 218 -30.17 -80.53 -36.71
N ASN D 219 -29.38 -81.58 -36.82
CA ASN D 219 -28.24 -81.59 -37.73
C ASN D 219 -28.28 -82.82 -38.63
N THR D 220 -29.44 -83.09 -39.22
CA THR D 220 -29.61 -84.24 -40.09
C THR D 220 -29.30 -83.89 -41.54
N LYS D 221 -28.47 -84.72 -42.16
CA LYS D 221 -28.08 -84.57 -43.56
C LYS D 221 -27.95 -85.96 -44.17
N VAL D 222 -28.86 -86.31 -45.07
CA VAL D 222 -28.87 -87.64 -45.68
C VAL D 222 -29.18 -87.51 -47.16
N ASP D 223 -28.45 -88.26 -47.99
CA ASP D 223 -28.68 -88.30 -49.43
C ASP D 223 -29.30 -89.64 -49.81
N LYS D 224 -30.43 -89.60 -50.48
CA LYS D 224 -31.17 -90.80 -50.87
C LYS D 224 -31.33 -90.85 -52.38
N LYS D 225 -30.95 -91.96 -53.00
CA LYS D 225 -31.06 -92.15 -54.43
C LYS D 225 -32.43 -92.76 -54.77
N VAL D 226 -33.04 -92.27 -55.84
CA VAL D 226 -34.33 -92.78 -56.32
C VAL D 226 -34.11 -93.49 -57.63
N GLU D 227 -34.52 -94.75 -57.70
CA GLU D 227 -34.34 -95.58 -58.87
C GLU D 227 -35.66 -96.24 -59.22
N PRO D 228 -35.87 -96.63 -60.48
CA PRO D 228 -37.11 -97.29 -60.86
C PRO D 228 -37.37 -98.53 -60.01
N LYS D 229 -38.65 -98.90 -59.93
CA LYS D 229 -39.05 -100.03 -59.10
C LYS D 229 -38.44 -101.32 -59.63
N SER D 230 -38.11 -102.20 -58.69
CA SER D 230 -37.45 -103.46 -58.98
C SER D 230 -38.23 -104.32 -59.98
N ASP E 1 -54.96 -47.63 -34.39
CA ASP E 1 -55.22 -46.21 -34.51
C ASP E 1 -55.73 -45.92 -35.91
N ILE E 2 -54.90 -46.23 -36.91
CA ILE E 2 -55.21 -45.93 -38.30
C ILE E 2 -55.05 -47.22 -39.10
N VAL E 3 -56.08 -47.55 -39.89
CA VAL E 3 -56.14 -48.84 -40.58
C VAL E 3 -56.42 -48.61 -42.05
N MET E 4 -55.77 -49.40 -42.90
CA MET E 4 -56.09 -49.45 -44.32
C MET E 4 -56.93 -50.68 -44.60
N THR E 5 -57.75 -50.60 -45.64
CA THR E 5 -58.68 -51.67 -46.02
C THR E 5 -58.48 -51.99 -47.50
N GLN E 6 -57.82 -53.10 -47.78
CA GLN E 6 -57.64 -53.52 -49.17
C GLN E 6 -58.83 -54.35 -49.62
N SER E 7 -59.64 -53.76 -50.49
CA SER E 7 -60.89 -54.41 -50.89
C SER E 7 -60.72 -55.58 -51.86
N PRO E 8 -60.08 -55.44 -53.07
CA PRO E 8 -60.06 -56.61 -53.96
C PRO E 8 -59.02 -57.61 -53.51
N ASP E 9 -59.47 -58.68 -52.87
CA ASP E 9 -58.57 -59.62 -52.21
C ASP E 9 -58.13 -60.76 -53.12
N SER E 10 -58.75 -60.89 -54.29
CA SER E 10 -58.38 -61.92 -55.23
C SER E 10 -58.60 -61.39 -56.64
N LEU E 11 -57.61 -61.56 -57.50
CA LEU E 11 -57.73 -61.13 -58.87
C LEU E 11 -57.34 -62.28 -59.79
N ALA E 12 -58.19 -62.54 -60.78
CA ALA E 12 -57.92 -63.58 -61.77
C ALA E 12 -57.51 -62.95 -63.09
N VAL E 13 -56.79 -61.84 -63.02
CA VAL E 13 -56.45 -61.06 -64.19
C VAL E 13 -55.38 -61.77 -65.01
N SER E 14 -55.72 -62.16 -66.23
CA SER E 14 -54.79 -62.86 -67.11
C SER E 14 -53.77 -61.91 -67.74
N LEU E 15 -53.08 -62.41 -68.76
CA LEU E 15 -52.07 -61.64 -69.47
C LEU E 15 -52.70 -60.57 -70.36
N GLY E 16 -52.15 -59.37 -70.31
CA GLY E 16 -52.62 -58.27 -71.15
C GLY E 16 -53.99 -57.77 -70.77
N GLU E 17 -54.14 -57.20 -69.58
CA GLU E 17 -55.46 -56.89 -69.05
C GLU E 17 -55.30 -55.66 -68.13
N ARG E 18 -56.23 -55.48 -67.21
CA ARG E 18 -56.09 -54.42 -66.22
C ARG E 18 -55.99 -55.02 -64.82
N ALA E 19 -55.06 -54.52 -64.03
CA ALA E 19 -54.81 -55.04 -62.69
C ALA E 19 -54.82 -53.88 -61.69
N THR E 20 -55.91 -53.79 -60.93
CA THR E 20 -56.17 -52.67 -60.03
C THR E 20 -56.42 -53.14 -58.61
N ILE E 21 -56.11 -52.28 -57.65
CA ILE E 21 -56.26 -52.57 -56.22
C ILE E 21 -56.65 -51.31 -55.46
N ASN E 22 -57.64 -51.42 -54.57
CA ASN E 22 -58.04 -50.31 -53.71
C ASN E 22 -57.50 -50.54 -52.31
N CYS E 23 -57.15 -49.43 -51.66
CA CYS E 23 -56.71 -49.38 -50.26
C CYS E 23 -57.12 -47.99 -49.72
N LYS E 24 -58.15 -47.92 -48.85
CA LYS E 24 -58.58 -46.63 -48.34
C LYS E 24 -57.79 -46.25 -47.10
N SER E 25 -58.30 -45.32 -46.30
CA SER E 25 -57.68 -44.98 -45.02
C SER E 25 -58.74 -44.81 -43.93
N SER E 26 -58.29 -44.62 -42.70
CA SER E 26 -59.23 -44.37 -41.62
C SER E 26 -59.05 -42.96 -41.07
N GLN E 27 -58.04 -42.27 -41.59
CA GLN E 27 -57.83 -40.86 -41.30
C GLN E 27 -57.35 -40.19 -42.56
N SER E 28 -56.81 -38.99 -42.46
CA SER E 28 -56.27 -38.36 -43.65
C SER E 28 -54.75 -38.31 -43.58
N VAL E 29 -54.13 -38.18 -44.74
CA VAL E 29 -52.69 -38.23 -44.95
C VAL E 29 -52.44 -36.93 -45.70
N LEU E 30 -51.28 -36.80 -46.35
CA LEU E 30 -50.72 -35.73 -47.17
C LEU E 30 -50.10 -34.62 -46.32
N TYR E 31 -50.33 -34.64 -44.99
CA TYR E 31 -49.62 -33.78 -44.04
C TYR E 31 -49.77 -32.31 -44.38
N SER E 32 -50.87 -31.67 -43.96
CA SER E 32 -51.31 -30.38 -44.50
C SER E 32 -50.25 -29.33 -44.24
N SER E 33 -49.36 -29.27 -45.22
CA SER E 33 -48.08 -28.58 -45.30
C SER E 33 -47.76 -28.76 -46.77
N ASN E 34 -46.47 -28.67 -47.11
CA ASN E 34 -45.94 -28.71 -48.48
C ASN E 34 -46.54 -29.74 -49.46
N ASN E 35 -46.41 -31.05 -49.18
CA ASN E 35 -46.65 -32.05 -50.21
C ASN E 35 -46.67 -33.45 -49.62
N LYS E 36 -46.55 -34.46 -50.49
CA LYS E 36 -46.00 -35.77 -50.16
C LYS E 36 -46.80 -36.61 -49.17
N ASN E 37 -47.92 -37.14 -49.61
CA ASN E 37 -48.66 -38.17 -48.87
C ASN E 37 -47.81 -39.42 -48.64
N TYR E 38 -48.22 -40.22 -47.67
CA TYR E 38 -47.36 -41.23 -47.05
C TYR E 38 -47.92 -42.63 -47.24
N LEU E 39 -47.62 -43.24 -48.37
CA LEU E 39 -47.89 -44.65 -48.59
C LEU E 39 -46.64 -45.36 -49.08
N ALA E 40 -46.68 -46.68 -49.14
CA ALA E 40 -45.70 -47.47 -49.85
C ALA E 40 -46.38 -48.71 -50.36
N TRP E 41 -45.75 -49.41 -51.29
CA TRP E 41 -46.34 -50.61 -51.86
C TRP E 41 -45.31 -51.72 -51.88
N TYR E 42 -45.70 -52.87 -51.35
CA TYR E 42 -44.78 -53.99 -51.19
C TYR E 42 -45.26 -55.18 -51.99
N GLN E 43 -44.34 -55.81 -52.71
CA GLN E 43 -44.60 -57.05 -53.41
C GLN E 43 -43.99 -58.19 -52.61
N GLN E 44 -44.78 -59.22 -52.33
CA GLN E 44 -44.27 -60.38 -51.62
C GLN E 44 -44.55 -61.64 -52.43
N LYS E 45 -43.49 -62.27 -52.90
CA LYS E 45 -43.56 -63.61 -53.46
C LYS E 45 -43.45 -64.61 -52.31
N PRO E 46 -43.96 -65.83 -52.49
CA PRO E 46 -43.88 -66.80 -51.39
C PRO E 46 -42.45 -67.25 -51.12
N GLY E 47 -42.12 -67.37 -49.84
CA GLY E 47 -40.79 -67.77 -49.44
C GLY E 47 -39.74 -66.70 -49.60
N GLN E 48 -40.17 -65.44 -49.64
CA GLN E 48 -39.26 -64.32 -49.76
C GLN E 48 -39.57 -63.29 -48.68
N PRO E 49 -38.62 -62.43 -48.33
CA PRO E 49 -38.98 -61.19 -47.67
C PRO E 49 -39.60 -60.24 -48.68
N PRO E 50 -40.49 -59.33 -48.25
CA PRO E 50 -41.09 -58.38 -49.18
C PRO E 50 -40.08 -57.42 -49.78
N LYS E 51 -40.34 -56.98 -51.00
CA LYS E 51 -39.58 -55.91 -51.62
C LYS E 51 -40.50 -54.72 -51.76
N LEU E 52 -39.94 -53.52 -51.77
CA LEU E 52 -40.80 -52.36 -51.91
C LEU E 52 -40.81 -51.90 -53.36
N LEU E 53 -41.86 -51.20 -53.71
CA LEU E 53 -42.06 -50.74 -55.08
C LEU E 53 -42.18 -49.23 -55.19
N ILE E 54 -42.85 -48.59 -54.25
CA ILE E 54 -43.27 -47.20 -54.39
C ILE E 54 -42.87 -46.43 -53.12
N TYR E 55 -42.20 -45.29 -53.31
CA TYR E 55 -41.77 -44.50 -52.16
C TYR E 55 -42.89 -43.77 -51.46
N TRP E 56 -43.58 -42.85 -52.13
CA TRP E 56 -44.41 -41.93 -51.39
C TRP E 56 -45.90 -42.14 -51.62
N ALA E 57 -46.37 -41.98 -52.85
CA ALA E 57 -47.67 -42.53 -53.17
C ALA E 57 -47.66 -43.12 -54.56
N SER E 58 -46.78 -42.61 -55.42
CA SER E 58 -46.73 -43.04 -56.81
C SER E 58 -45.30 -43.29 -57.26
N THR E 59 -44.34 -42.59 -56.66
CA THR E 59 -42.99 -42.59 -57.19
C THR E 59 -42.26 -43.88 -56.84
N ARG E 60 -41.45 -44.36 -57.78
CA ARG E 60 -40.79 -45.65 -57.63
C ARG E 60 -39.29 -45.40 -57.56
N GLU E 61 -38.53 -46.48 -57.59
CA GLU E 61 -37.08 -46.39 -57.43
C GLU E 61 -36.38 -47.36 -58.37
N SER E 62 -35.06 -47.31 -58.42
CA SER E 62 -34.26 -48.26 -59.21
C SER E 62 -34.46 -49.68 -58.72
N GLY E 63 -34.71 -50.60 -59.64
CA GLY E 63 -34.82 -52.00 -59.32
C GLY E 63 -36.16 -52.59 -59.70
N VAL E 64 -37.23 -51.83 -59.47
CA VAL E 64 -38.54 -52.28 -59.92
C VAL E 64 -38.69 -51.89 -61.39
N PRO E 65 -39.31 -52.73 -62.23
CA PRO E 65 -39.61 -52.30 -63.59
C PRO E 65 -40.64 -51.17 -63.58
N ASP E 66 -40.64 -50.41 -64.66
CA ASP E 66 -41.48 -49.22 -64.77
C ASP E 66 -42.92 -49.57 -65.10
N ARG E 67 -43.23 -50.87 -65.21
CA ARG E 67 -44.58 -51.34 -65.44
C ARG E 67 -45.43 -51.30 -64.19
N PHE E 68 -44.83 -51.30 -63.00
CA PHE E 68 -45.57 -51.07 -61.77
C PHE E 68 -45.73 -49.57 -61.57
N SER E 69 -46.97 -49.11 -61.45
CA SER E 69 -47.23 -47.68 -61.44
C SER E 69 -48.21 -47.35 -60.32
N GLY E 70 -47.90 -46.32 -59.56
CA GLY E 70 -48.74 -45.89 -58.46
C GLY E 70 -49.63 -44.74 -58.86
N SER E 71 -50.80 -44.66 -58.24
CA SER E 71 -51.73 -43.57 -58.48
C SER E 71 -52.36 -43.17 -57.17
N GLY E 72 -53.37 -42.32 -57.25
CA GLY E 72 -54.13 -41.95 -56.07
C GLY E 72 -53.45 -40.94 -55.19
N SER E 73 -54.25 -40.18 -54.44
CA SER E 73 -53.73 -39.24 -53.46
C SER E 73 -54.85 -38.97 -52.45
N GLY E 74 -54.50 -38.24 -51.40
CA GLY E 74 -55.47 -37.93 -50.37
C GLY E 74 -55.72 -39.13 -49.48
N THR E 75 -56.88 -39.77 -49.63
CA THR E 75 -57.15 -40.96 -48.82
C THR E 75 -57.58 -42.16 -49.67
N ASP E 76 -57.56 -42.05 -51.00
CA ASP E 76 -57.92 -43.16 -51.87
C ASP E 76 -56.74 -43.43 -52.80
N PHE E 77 -56.25 -44.66 -52.77
CA PHE E 77 -55.00 -45.01 -53.43
C PHE E 77 -55.19 -46.28 -54.25
N THR E 78 -54.47 -46.34 -55.36
CA THR E 78 -54.58 -47.45 -56.29
C THR E 78 -53.25 -47.59 -57.03
N LEU E 79 -52.79 -48.84 -57.14
CA LEU E 79 -51.59 -49.17 -57.88
C LEU E 79 -51.95 -49.90 -59.16
N THR E 80 -51.24 -49.57 -60.25
CA THR E 80 -51.53 -50.07 -61.58
C THR E 80 -50.31 -50.76 -62.17
N ILE E 81 -50.51 -51.91 -62.80
CA ILE E 81 -49.43 -52.67 -63.40
C ILE E 81 -49.43 -52.52 -64.92
N SER E 82 -48.62 -53.33 -65.59
CA SER E 82 -48.53 -53.29 -67.04
C SER E 82 -49.12 -54.55 -67.68
N SER E 83 -50.44 -54.70 -67.56
CA SER E 83 -51.12 -55.86 -68.11
C SER E 83 -50.57 -57.16 -67.55
N LEU E 84 -49.98 -57.06 -66.36
CA LEU E 84 -49.40 -58.23 -65.71
C LEU E 84 -48.10 -58.67 -66.38
N GLN E 85 -47.66 -59.89 -66.07
CA GLN E 85 -46.44 -60.43 -66.65
C GLN E 85 -46.39 -61.95 -66.51
N ALA E 86 -45.17 -62.49 -66.48
CA ALA E 86 -44.99 -63.94 -66.35
C ALA E 86 -44.86 -64.34 -64.89
N GLU E 87 -44.20 -63.50 -64.10
CA GLU E 87 -44.00 -63.78 -62.68
C GLU E 87 -44.46 -62.60 -61.82
N ASP E 88 -45.76 -62.38 -61.78
CA ASP E 88 -46.33 -61.28 -61.00
C ASP E 88 -47.24 -61.81 -59.90
N VAL E 89 -47.39 -63.13 -59.83
CA VAL E 89 -48.23 -63.76 -58.83
C VAL E 89 -47.59 -63.57 -57.47
N ALA E 90 -48.23 -62.76 -56.63
CA ALA E 90 -47.62 -62.31 -55.39
C ALA E 90 -48.73 -61.91 -54.45
N VAL E 91 -48.36 -61.46 -53.26
CA VAL E 91 -49.28 -60.83 -52.33
C VAL E 91 -48.80 -59.40 -52.10
N TYR E 92 -49.74 -58.45 -52.12
CA TYR E 92 -49.39 -57.04 -52.14
C TYR E 92 -49.93 -56.36 -50.90
N TYR E 93 -49.16 -55.43 -50.34
CA TYR E 93 -49.53 -54.70 -49.16
C TYR E 93 -49.26 -53.22 -49.34
N CYS E 94 -50.10 -52.39 -48.74
CA CYS E 94 -49.91 -50.93 -48.72
C CYS E 94 -49.64 -50.50 -47.28
N GLN E 95 -48.38 -50.37 -46.94
CA GLN E 95 -48.02 -49.89 -45.62
C GLN E 95 -48.20 -48.38 -45.59
N GLN E 96 -48.67 -47.86 -44.47
CA GLN E 96 -48.75 -46.41 -44.27
C GLN E 96 -47.62 -46.01 -43.33
N TYR E 97 -47.44 -44.71 -43.14
CA TYR E 97 -46.61 -44.20 -42.05
C TYR E 97 -47.05 -42.78 -41.74
N TYR E 98 -47.84 -42.61 -40.69
CA TYR E 98 -48.17 -41.23 -40.34
C TYR E 98 -47.61 -40.84 -38.99
N SER E 99 -47.91 -41.56 -37.91
CA SER E 99 -47.12 -41.15 -36.75
C SER E 99 -46.25 -42.22 -36.10
N THR E 100 -46.79 -42.99 -35.17
CA THR E 100 -46.09 -44.18 -34.74
C THR E 100 -46.64 -45.52 -35.24
N PRO E 101 -47.97 -45.85 -35.17
CA PRO E 101 -48.31 -47.27 -35.31
C PRO E 101 -48.40 -47.65 -36.78
N LEU E 102 -47.24 -48.01 -37.34
CA LEU E 102 -47.10 -48.34 -38.75
C LEU E 102 -47.94 -49.57 -39.08
N THR E 103 -49.00 -49.39 -39.83
CA THR E 103 -49.93 -50.46 -40.14
C THR E 103 -49.83 -50.86 -41.59
N PHE E 104 -50.18 -52.11 -41.86
CA PHE E 104 -50.10 -52.69 -43.17
C PHE E 104 -51.50 -53.01 -43.67
N GLY E 105 -51.58 -53.43 -44.93
CA GLY E 105 -52.85 -53.78 -45.50
C GLY E 105 -53.34 -55.15 -45.10
N GLY E 106 -54.19 -55.75 -45.93
CA GLY E 106 -54.73 -57.06 -45.63
C GLY E 106 -54.29 -58.12 -46.60
N GLY E 107 -53.82 -57.72 -47.76
CA GLY E 107 -53.37 -58.70 -48.71
C GLY E 107 -54.17 -58.67 -50.00
N THR E 108 -53.62 -59.28 -51.04
CA THR E 108 -54.19 -59.32 -52.38
C THR E 108 -53.60 -60.52 -53.09
N LYS E 109 -54.38 -61.19 -53.94
CA LYS E 109 -53.87 -62.35 -54.66
C LYS E 109 -53.99 -62.17 -56.16
N VAL E 110 -53.04 -61.45 -56.74
CA VAL E 110 -53.03 -61.21 -58.18
C VAL E 110 -52.72 -62.48 -58.95
N GLU E 111 -53.77 -63.24 -59.28
CA GLU E 111 -53.61 -64.49 -60.03
C GLU E 111 -53.58 -64.22 -61.53
N ILE E 112 -54.01 -65.21 -62.30
CA ILE E 112 -54.03 -65.07 -63.75
C ILE E 112 -55.04 -66.04 -64.40
N LYS E 113 -54.55 -67.16 -64.89
CA LYS E 113 -55.40 -68.17 -65.52
C LYS E 113 -54.56 -69.20 -66.27
N ARG E 114 -55.14 -69.78 -67.32
CA ARG E 114 -54.46 -70.79 -68.11
C ARG E 114 -55.27 -71.17 -69.35
N THR E 115 -56.02 -72.26 -69.24
CA THR E 115 -56.84 -72.73 -70.35
C THR E 115 -57.44 -74.11 -70.05
N VAL E 116 -56.72 -75.15 -70.43
CA VAL E 116 -57.18 -76.52 -70.20
C VAL E 116 -56.00 -77.49 -70.11
N ALA E 117 -55.17 -77.29 -69.09
CA ALA E 117 -54.00 -78.14 -68.89
C ALA E 117 -54.29 -79.25 -67.89
N ALA E 118 -54.42 -80.48 -68.40
CA ALA E 118 -54.70 -81.62 -67.55
C ALA E 118 -53.44 -82.04 -66.80
N PRO E 119 -53.60 -82.67 -65.65
CA PRO E 119 -52.44 -83.07 -64.87
C PRO E 119 -51.81 -84.35 -65.39
N SER E 120 -50.50 -84.44 -65.30
CA SER E 120 -49.86 -85.75 -65.31
C SER E 120 -50.11 -86.37 -63.94
N VAL E 121 -50.60 -87.62 -63.91
CA VAL E 121 -50.86 -88.30 -62.65
C VAL E 121 -49.83 -89.40 -62.46
N PHE E 122 -49.48 -89.67 -61.20
CA PHE E 122 -48.51 -90.70 -60.86
C PHE E 122 -48.74 -91.21 -59.44
N ILE E 123 -48.76 -92.53 -59.27
CA ILE E 123 -48.97 -93.12 -57.95
C ILE E 123 -47.71 -93.84 -57.54
N PHE E 124 -47.33 -93.66 -56.28
CA PHE E 124 -46.11 -94.24 -55.73
C PHE E 124 -46.47 -95.19 -54.59
N PRO E 125 -46.10 -96.45 -54.65
CA PRO E 125 -46.34 -97.36 -53.53
C PRO E 125 -45.38 -97.08 -52.39
N PRO E 126 -45.63 -97.61 -51.19
CA PRO E 126 -44.72 -97.34 -50.08
C PRO E 126 -43.39 -98.07 -50.24
N SER E 127 -42.32 -97.39 -49.83
CA SER E 127 -40.99 -97.98 -49.94
C SER E 127 -40.82 -99.12 -48.94
N ASP E 128 -40.01 -100.10 -49.32
CA ASP E 128 -39.78 -101.27 -48.46
C ASP E 128 -39.21 -100.86 -47.10
N GLU E 129 -38.47 -99.76 -47.05
CA GLU E 129 -37.91 -99.30 -45.79
C GLU E 129 -39.00 -98.92 -44.80
N GLN E 130 -40.07 -98.30 -45.30
CA GLN E 130 -41.13 -97.82 -44.43
C GLN E 130 -41.97 -98.98 -43.90
N LEU E 131 -42.19 -100.00 -44.71
CA LEU E 131 -42.96 -101.14 -44.23
C LEU E 131 -42.24 -101.88 -43.11
N LYS E 132 -40.91 -101.77 -43.04
CA LYS E 132 -40.20 -102.26 -41.86
C LYS E 132 -40.66 -101.48 -40.63
N SER E 133 -40.66 -100.15 -40.74
CA SER E 133 -41.02 -99.28 -39.62
C SER E 133 -42.42 -99.56 -39.10
N GLY E 134 -43.32 -100.03 -39.96
CA GLY E 134 -44.66 -100.40 -39.56
C GLY E 134 -45.76 -99.48 -40.02
N THR E 135 -45.53 -98.68 -41.05
CA THR E 135 -46.52 -97.75 -41.60
C THR E 135 -46.31 -97.65 -43.11
N ALA E 136 -47.39 -97.35 -43.84
CA ALA E 136 -47.37 -97.27 -45.30
C ALA E 136 -47.92 -95.93 -45.78
N SER E 137 -47.06 -95.10 -46.38
CA SER E 137 -47.55 -93.92 -47.09
C SER E 137 -47.69 -94.24 -48.57
N VAL E 138 -48.83 -93.87 -49.14
CA VAL E 138 -49.11 -94.10 -50.54
C VAL E 138 -49.30 -92.73 -51.18
N VAL E 139 -48.36 -92.30 -51.99
CA VAL E 139 -48.38 -90.95 -52.52
C VAL E 139 -48.97 -90.99 -53.92
N CYS E 140 -49.74 -89.97 -54.26
CA CYS E 140 -50.27 -89.79 -55.59
C CYS E 140 -49.99 -88.35 -55.99
N LEU E 141 -49.37 -88.18 -57.15
CA LEU E 141 -48.93 -86.87 -57.60
C LEU E 141 -49.74 -86.41 -58.81
N LEU E 142 -50.12 -85.13 -58.84
CA LEU E 142 -50.79 -84.50 -59.97
C LEU E 142 -49.91 -83.36 -60.45
N ASN E 143 -49.36 -83.48 -61.65
CA ASN E 143 -48.30 -82.57 -62.07
C ASN E 143 -48.84 -81.53 -63.03
N ASN E 144 -48.40 -80.28 -62.86
CA ASN E 144 -48.85 -79.19 -63.72
C ASN E 144 -50.35 -79.26 -64.01
N PHE E 145 -51.04 -78.15 -63.81
CA PHE E 145 -52.48 -78.09 -64.05
C PHE E 145 -53.05 -76.73 -63.63
N TYR E 146 -53.80 -76.15 -64.56
CA TYR E 146 -54.45 -74.85 -64.39
C TYR E 146 -55.52 -74.95 -63.31
N PRO E 147 -56.74 -75.37 -63.68
CA PRO E 147 -57.77 -75.46 -62.63
C PRO E 147 -57.30 -76.30 -61.45
N ARG E 148 -57.16 -75.66 -60.28
CA ARG E 148 -56.72 -76.37 -59.08
C ARG E 148 -57.87 -77.13 -58.45
N GLU E 149 -59.09 -76.85 -58.89
CA GLU E 149 -60.27 -77.51 -58.36
C GLU E 149 -60.29 -78.99 -58.75
N ALA E 150 -59.16 -79.66 -58.56
CA ALA E 150 -59.04 -81.07 -58.88
C ALA E 150 -59.51 -81.90 -57.69
N LYS E 151 -60.04 -83.09 -57.99
CA LYS E 151 -60.46 -84.06 -56.97
C LYS E 151 -59.55 -85.27 -57.00
N VAL E 152 -59.07 -85.69 -55.82
CA VAL E 152 -58.28 -86.92 -55.66
C VAL E 152 -59.09 -87.89 -54.84
N GLN E 153 -59.57 -88.95 -55.47
CA GLN E 153 -60.28 -90.02 -54.79
C GLN E 153 -59.35 -91.22 -54.67
N TRP E 154 -58.97 -91.56 -53.45
CA TRP E 154 -58.29 -92.83 -53.20
C TRP E 154 -59.30 -93.96 -53.15
N LYS E 155 -58.91 -95.11 -53.66
CA LYS E 155 -59.72 -96.30 -53.57
C LYS E 155 -58.80 -97.43 -53.16
N VAL E 156 -59.25 -98.25 -52.22
CA VAL E 156 -58.50 -99.43 -51.82
C VAL E 156 -59.38 -100.64 -52.07
N ASP E 157 -58.98 -101.49 -53.01
CA ASP E 157 -59.81 -102.60 -53.46
C ASP E 157 -61.19 -102.11 -53.88
N ASN E 158 -61.23 -100.93 -54.51
CA ASN E 158 -62.44 -100.32 -55.04
C ASN E 158 -63.34 -99.75 -53.96
N ALA E 159 -62.83 -99.51 -52.77
CA ALA E 159 -63.59 -98.87 -51.70
C ALA E 159 -63.09 -97.44 -51.58
N LEU E 160 -63.99 -96.47 -51.74
CA LEU E 160 -63.54 -95.09 -51.65
C LEU E 160 -63.09 -94.82 -50.22
N GLN E 161 -61.88 -94.30 -50.07
CA GLN E 161 -61.21 -94.10 -48.79
C GLN E 161 -61.45 -92.68 -48.28
N SER E 162 -62.01 -92.55 -47.10
CA SER E 162 -62.31 -91.23 -46.54
C SER E 162 -61.63 -91.07 -45.20
N GLY E 163 -60.84 -90.00 -45.07
CA GLY E 163 -60.34 -89.60 -43.77
C GLY E 163 -58.99 -90.14 -43.37
N ASN E 164 -58.21 -90.65 -44.32
CA ASN E 164 -56.84 -91.03 -44.04
C ASN E 164 -55.90 -90.46 -45.08
N SER E 165 -56.26 -89.35 -45.73
CA SER E 165 -55.41 -88.73 -46.73
C SER E 165 -55.16 -87.28 -46.35
N GLN E 166 -54.09 -86.72 -46.92
CA GLN E 166 -53.78 -85.30 -46.82
C GLN E 166 -53.23 -84.83 -48.17
N GLU E 167 -53.60 -83.62 -48.56
CA GLU E 167 -53.14 -83.00 -49.79
C GLU E 167 -52.35 -81.75 -49.46
N SER E 168 -51.45 -81.36 -50.37
CA SER E 168 -51.01 -79.98 -50.45
C SER E 168 -50.72 -79.63 -51.89
N VAL E 169 -50.70 -78.33 -52.16
CA VAL E 169 -50.71 -77.77 -53.50
C VAL E 169 -49.64 -76.69 -53.56
N THR E 170 -49.04 -76.51 -54.72
CA THR E 170 -47.96 -75.55 -54.83
C THR E 170 -48.51 -74.20 -55.24
N GLU E 171 -47.69 -73.17 -55.06
CA GLU E 171 -48.06 -71.86 -55.57
C GLU E 171 -48.07 -71.90 -57.09
N GLN E 172 -48.96 -71.11 -57.68
CA GLN E 172 -49.04 -71.02 -59.14
C GLN E 172 -47.66 -70.74 -59.71
N ASP E 173 -47.25 -71.60 -60.66
CA ASP E 173 -45.90 -71.56 -61.19
C ASP E 173 -45.61 -70.28 -61.97
N SER E 174 -44.47 -69.65 -61.66
CA SER E 174 -44.11 -68.38 -62.30
C SER E 174 -43.81 -68.52 -63.79
N LYS E 175 -43.47 -69.73 -64.26
CA LYS E 175 -43.22 -69.92 -65.69
C LYS E 175 -44.50 -70.24 -66.46
N ASP E 176 -45.15 -71.36 -66.16
CA ASP E 176 -46.27 -71.83 -66.96
C ASP E 176 -47.62 -71.69 -66.25
N SER E 177 -47.65 -71.00 -65.09
CA SER E 177 -48.90 -70.65 -64.41
C SER E 177 -49.77 -71.85 -64.07
N THR E 178 -49.15 -72.99 -63.76
CA THR E 178 -49.87 -74.22 -63.41
C THR E 178 -49.77 -74.50 -61.92
N TYR E 179 -50.51 -75.50 -61.48
CA TYR E 179 -50.45 -75.95 -60.10
C TYR E 179 -49.97 -77.40 -60.08
N SER E 180 -49.50 -77.86 -58.92
CA SER E 180 -49.15 -79.25 -58.74
C SER E 180 -49.61 -79.68 -57.37
N LEU E 181 -50.08 -80.93 -57.26
CA LEU E 181 -50.76 -81.39 -56.05
C LEU E 181 -50.26 -82.76 -55.65
N SER E 182 -50.08 -82.96 -54.35
CA SER E 182 -49.59 -84.22 -53.80
C SER E 182 -50.56 -84.67 -52.73
N SER E 183 -51.15 -85.85 -52.90
CA SER E 183 -52.03 -86.43 -51.89
C SER E 183 -51.37 -87.66 -51.29
N THR E 184 -51.33 -87.73 -49.97
CA THR E 184 -50.70 -88.85 -49.26
C THR E 184 -51.74 -89.64 -48.48
N LEU E 185 -51.81 -90.94 -48.73
CA LEU E 185 -52.69 -91.84 -48.00
C LEU E 185 -51.85 -92.59 -46.97
N THR E 186 -52.27 -92.58 -45.71
CA THR E 186 -51.45 -93.19 -44.65
C THR E 186 -52.18 -94.33 -43.98
N LEU E 187 -51.53 -95.50 -43.96
CA LEU E 187 -52.05 -96.74 -43.44
C LEU E 187 -51.03 -97.38 -42.51
N SER E 188 -51.49 -98.33 -41.71
CA SER E 188 -50.55 -99.13 -40.95
C SER E 188 -50.01 -100.24 -41.85
N LYS E 189 -48.85 -100.80 -41.47
CA LYS E 189 -48.35 -101.96 -42.21
C LYS E 189 -49.39 -103.06 -42.19
N ALA E 190 -49.93 -103.35 -41.00
CA ALA E 190 -50.95 -104.39 -40.86
C ALA E 190 -52.14 -104.17 -41.80
N ASP E 191 -52.74 -102.98 -41.76
CA ASP E 191 -53.90 -102.70 -42.62
C ASP E 191 -53.49 -102.64 -44.09
N TYR E 192 -52.27 -102.20 -44.38
CA TYR E 192 -51.81 -102.17 -45.77
C TYR E 192 -51.84 -103.57 -46.37
N GLU E 193 -51.23 -104.53 -45.68
CA GLU E 193 -51.15 -105.95 -46.03
C GLU E 193 -52.50 -106.67 -46.06
N LYS E 194 -53.63 -105.99 -45.83
CA LYS E 194 -54.95 -106.61 -45.88
C LYS E 194 -55.68 -106.41 -47.20
N HIS E 195 -55.13 -105.60 -48.12
CA HIS E 195 -55.78 -105.28 -49.39
C HIS E 195 -54.77 -105.38 -50.52
N LYS E 196 -55.26 -105.37 -51.77
CA LYS E 196 -54.43 -105.59 -52.95
C LYS E 196 -54.25 -104.35 -53.81
N VAL E 197 -55.33 -103.88 -54.45
CA VAL E 197 -55.24 -102.79 -55.42
C VAL E 197 -55.28 -101.46 -54.69
N TYR E 198 -54.27 -100.62 -54.90
CA TYR E 198 -54.31 -99.24 -54.45
C TYR E 198 -54.41 -98.36 -55.69
N ALA E 199 -55.43 -97.50 -55.70
CA ALA E 199 -55.78 -96.69 -56.84
C ALA E 199 -55.94 -95.25 -56.42
N CYS E 200 -55.71 -94.35 -57.36
CA CYS E 200 -55.81 -92.92 -57.15
C CYS E 200 -56.54 -92.38 -58.36
N GLU E 201 -57.76 -91.88 -58.18
CA GLU E 201 -58.59 -91.46 -59.32
C GLU E 201 -58.72 -89.95 -59.31
N VAL E 202 -58.18 -89.30 -60.34
CA VAL E 202 -58.13 -87.83 -60.42
C VAL E 202 -59.20 -87.32 -61.36
N THR E 203 -59.98 -86.36 -60.91
CA THR E 203 -61.00 -85.68 -61.69
C THR E 203 -60.55 -84.24 -61.97
N HIS E 204 -60.75 -83.77 -63.19
CA HIS E 204 -60.24 -82.45 -63.56
C HIS E 204 -60.85 -82.03 -64.88
N GLN E 205 -60.93 -80.71 -65.07
CA GLN E 205 -61.63 -80.15 -66.22
C GLN E 205 -60.94 -80.49 -67.53
N GLY E 206 -59.62 -80.63 -67.52
CA GLY E 206 -58.89 -81.03 -68.71
C GLY E 206 -58.97 -82.51 -69.03
N LEU E 207 -59.59 -83.30 -68.17
CA LEU E 207 -59.84 -84.71 -68.41
C LEU E 207 -61.30 -84.91 -68.81
N SER E 208 -61.53 -85.62 -69.92
CA SER E 208 -62.90 -85.90 -70.33
C SER E 208 -63.58 -86.90 -69.39
N SER E 209 -62.84 -87.86 -68.88
CA SER E 209 -63.30 -88.72 -67.80
C SER E 209 -62.11 -89.00 -66.88
N PRO E 210 -62.38 -89.31 -65.61
CA PRO E 210 -61.30 -89.30 -64.63
C PRO E 210 -60.22 -90.32 -64.95
N VAL E 211 -59.02 -90.01 -64.51
CA VAL E 211 -57.86 -90.84 -64.74
C VAL E 211 -57.58 -91.55 -63.44
N THR E 212 -57.33 -92.85 -63.51
CA THR E 212 -56.93 -93.64 -62.36
C THR E 212 -55.54 -94.21 -62.62
N LYS E 213 -54.62 -93.93 -61.71
CA LYS E 213 -53.33 -94.63 -61.67
C LYS E 213 -53.35 -95.57 -60.47
N SER E 214 -52.90 -96.81 -60.68
CA SER E 214 -53.05 -97.81 -59.63
C SER E 214 -51.92 -98.83 -59.71
N PHE E 215 -51.63 -99.44 -58.58
CA PHE E 215 -50.69 -100.55 -58.50
C PHE E 215 -51.30 -101.66 -57.68
N ASN E 216 -50.63 -102.79 -57.67
CA ASN E 216 -51.08 -103.98 -56.96
C ASN E 216 -50.00 -104.34 -55.95
N ARG E 217 -50.32 -104.17 -54.65
CA ARG E 217 -49.36 -104.43 -53.59
C ARG E 217 -48.67 -105.76 -53.80
N GLY E 218 -47.35 -105.71 -53.90
CA GLY E 218 -46.57 -106.92 -53.95
C GLY E 218 -46.30 -107.47 -55.32
N GLU E 219 -46.42 -106.65 -56.37
CA GLU E 219 -46.16 -107.08 -57.74
C GLU E 219 -45.02 -106.23 -58.32
N CYS E 220 -43.80 -106.79 -58.34
CA CYS E 220 -42.64 -106.14 -58.97
C CYS E 220 -42.99 -105.69 -60.38
N GLN F 1 -34.06 18.56 -36.64
CA GLN F 1 -34.32 20.00 -36.62
C GLN F 1 -35.72 20.23 -36.07
N VAL F 2 -35.88 21.29 -35.27
CA VAL F 2 -37.17 21.58 -34.65
C VAL F 2 -37.85 22.66 -35.46
N GLN F 3 -39.10 22.96 -35.12
CA GLN F 3 -39.80 24.05 -35.78
C GLN F 3 -40.51 24.86 -34.71
N LEU F 4 -40.72 26.14 -35.01
CA LEU F 4 -41.19 27.10 -34.03
C LEU F 4 -42.44 27.78 -34.56
N GLN F 5 -43.35 28.11 -33.64
CA GLN F 5 -44.61 28.74 -34.00
C GLN F 5 -44.98 29.73 -32.92
N GLU F 6 -45.79 30.72 -33.28
CA GLU F 6 -46.11 31.82 -32.39
C GLU F 6 -47.60 31.90 -32.11
N SER F 7 -47.98 32.70 -31.13
CA SER F 7 -49.38 32.86 -30.77
C SER F 7 -49.61 34.18 -30.03
N GLY F 8 -49.86 35.24 -30.79
CA GLY F 8 -50.11 36.55 -30.22
C GLY F 8 -51.58 36.85 -30.09
N PRO F 9 -51.91 38.05 -29.60
CA PRO F 9 -53.30 38.45 -29.43
C PRO F 9 -53.81 39.28 -30.61
N GLY F 10 -53.63 38.77 -31.83
CA GLY F 10 -54.08 39.50 -33.00
C GLY F 10 -53.84 40.99 -32.90
N LEU F 11 -54.89 41.74 -32.60
CA LEU F 11 -54.78 43.19 -32.47
C LEU F 11 -54.34 43.59 -31.07
N VAL F 12 -54.49 44.87 -30.74
CA VAL F 12 -54.10 45.37 -29.42
C VAL F 12 -54.53 46.83 -29.35
N LYS F 13 -55.29 47.16 -28.31
CA LYS F 13 -55.66 48.55 -28.07
C LYS F 13 -54.42 49.35 -27.65
N PRO F 14 -54.38 50.65 -27.89
CA PRO F 14 -53.16 51.42 -27.60
C PRO F 14 -52.83 51.49 -26.11
N SER F 15 -51.52 51.55 -25.84
CA SER F 15 -50.93 51.58 -24.50
C SER F 15 -51.33 50.38 -23.65
N GLU F 16 -51.52 49.24 -24.30
CA GLU F 16 -51.73 47.97 -23.63
C GLU F 16 -50.41 47.23 -23.48
N THR F 17 -50.49 45.94 -23.16
CA THR F 17 -49.35 45.04 -23.16
C THR F 17 -49.46 44.08 -24.33
N LEU F 18 -48.33 43.52 -24.74
CA LEU F 18 -48.28 42.61 -25.88
C LEU F 18 -47.81 41.23 -25.45
N SER F 19 -48.58 40.21 -25.86
CA SER F 19 -48.34 38.85 -25.39
C SER F 19 -48.04 37.94 -26.59
N LEU F 20 -46.85 37.37 -26.61
CA LEU F 20 -46.45 36.44 -27.66
C LEU F 20 -45.70 35.30 -27.03
N THR F 21 -46.04 34.06 -27.41
CA THR F 21 -45.33 32.88 -26.96
C THR F 21 -44.86 32.06 -28.16
N CYS F 22 -43.61 31.62 -28.11
CA CYS F 22 -43.04 30.85 -29.21
C CYS F 22 -42.66 29.47 -28.69
N THR F 23 -43.38 28.46 -29.15
CA THR F 23 -43.28 27.11 -28.59
C THR F 23 -42.37 26.27 -29.46
N VAL F 24 -41.27 25.78 -28.89
CA VAL F 24 -40.39 24.87 -29.59
C VAL F 24 -41.06 23.51 -29.65
N SER F 25 -41.05 22.87 -30.81
CA SER F 25 -41.67 21.56 -30.96
C SER F 25 -41.01 20.77 -32.06
N GLY F 26 -40.08 19.90 -31.73
CA GLY F 26 -39.38 19.11 -32.73
C GLY F 26 -38.70 17.93 -32.12
N GLY F 27 -37.52 17.63 -32.63
CA GLY F 27 -36.77 16.48 -32.15
C GLY F 27 -35.96 16.82 -30.91
N SER F 28 -34.64 16.65 -31.01
CA SER F 28 -33.73 16.98 -29.92
C SER F 28 -33.23 18.40 -30.14
N ILE F 29 -33.53 19.30 -29.21
CA ILE F 29 -33.09 20.68 -29.34
C ILE F 29 -31.61 20.78 -29.06
N SER F 30 -30.97 21.75 -29.70
CA SER F 30 -29.54 21.96 -29.53
C SER F 30 -29.23 23.44 -29.46
N SER F 31 -30.26 24.26 -29.32
CA SER F 31 -30.10 25.71 -29.35
C SER F 31 -29.74 26.22 -27.98
N TYR F 32 -29.25 27.45 -27.93
CA TYR F 32 -28.93 28.08 -26.66
C TYR F 32 -29.25 29.56 -26.67
N TYR F 33 -29.84 30.07 -27.74
CA TYR F 33 -30.07 31.49 -27.82
C TYR F 33 -31.36 31.75 -28.56
N TRP F 34 -32.41 32.06 -27.83
CA TRP F 34 -33.73 32.23 -28.41
C TRP F 34 -34.00 33.70 -28.60
N SER F 35 -34.17 34.12 -29.85
CA SER F 35 -34.29 35.54 -30.13
C SER F 35 -35.62 35.82 -30.79
N TRP F 36 -36.16 37.00 -30.54
CA TRP F 36 -37.25 37.53 -31.32
C TRP F 36 -36.70 38.61 -32.23
N ILE F 37 -37.17 38.65 -33.48
CA ILE F 37 -36.84 39.78 -34.34
C ILE F 37 -38.14 40.38 -34.84
N ARG F 38 -38.07 41.60 -35.36
CA ARG F 38 -39.24 42.41 -35.65
C ARG F 38 -39.20 42.86 -37.11
N GLN F 39 -40.36 43.01 -37.73
CA GLN F 39 -40.38 43.56 -39.08
C GLN F 39 -41.62 44.38 -39.38
N PRO F 40 -41.50 45.69 -39.55
CA PRO F 40 -42.62 46.51 -40.02
C PRO F 40 -42.98 46.14 -41.44
N PRO F 41 -44.24 46.35 -41.86
CA PRO F 41 -44.67 45.85 -43.18
C PRO F 41 -44.02 46.62 -44.32
N GLY F 42 -43.18 45.92 -45.07
CA GLY F 42 -42.46 46.52 -46.16
C GLY F 42 -41.34 47.42 -45.72
N LYS F 43 -40.76 47.13 -44.54
CA LYS F 43 -39.62 47.89 -44.05
C LYS F 43 -38.55 46.90 -43.61
N GLY F 44 -37.47 47.44 -43.05
CA GLY F 44 -36.32 46.64 -42.69
C GLY F 44 -36.46 45.81 -41.44
N LEU F 45 -35.67 44.74 -41.33
CA LEU F 45 -35.71 43.87 -40.17
C LEU F 45 -35.09 44.57 -38.96
N GLU F 46 -35.47 44.12 -37.77
CA GLU F 46 -34.92 44.68 -36.55
C GLU F 46 -34.93 43.63 -35.45
N TRP F 47 -33.77 43.46 -34.82
CA TRP F 47 -33.57 42.47 -33.78
C TRP F 47 -33.98 43.02 -32.42
N ILE F 48 -34.79 42.24 -31.71
CA ILE F 48 -35.39 42.74 -30.48
C ILE F 48 -34.49 42.41 -29.29
N GLY F 49 -34.19 41.13 -29.12
CA GLY F 49 -33.39 40.69 -27.99
C GLY F 49 -33.36 39.18 -27.96
N TYR F 50 -32.55 38.64 -27.07
CA TYR F 50 -32.56 37.19 -26.92
C TYR F 50 -32.73 36.82 -25.46
N ILE F 51 -32.83 35.52 -25.23
CA ILE F 51 -32.76 34.90 -23.92
C ILE F 51 -31.92 33.65 -24.11
N SER F 52 -31.13 33.31 -23.11
CA SER F 52 -30.34 32.11 -23.18
C SER F 52 -30.89 31.11 -22.18
N TYR F 53 -30.50 29.85 -22.32
CA TYR F 53 -30.88 28.85 -21.33
C TYR F 53 -30.19 29.03 -20.00
N SER F 54 -29.16 29.86 -19.91
CA SER F 54 -28.60 30.27 -18.63
C SER F 54 -29.35 31.45 -18.04
N GLY F 55 -30.45 31.87 -18.67
CA GLY F 55 -31.21 32.99 -18.14
C GLY F 55 -30.52 34.32 -18.33
N SER F 56 -29.67 34.43 -19.33
CA SER F 56 -28.89 35.64 -19.56
C SER F 56 -29.57 36.49 -20.63
N THR F 57 -30.41 37.41 -20.20
CA THR F 57 -31.15 38.29 -21.10
C THR F 57 -30.19 39.27 -21.75
N ASN F 58 -30.65 39.87 -22.84
CA ASN F 58 -29.93 40.89 -23.58
C ASN F 58 -30.91 41.53 -24.53
N TYR F 59 -30.91 42.86 -24.58
CA TYR F 59 -31.94 43.58 -25.30
C TYR F 59 -31.32 44.63 -26.22
N ASN F 60 -32.10 45.06 -27.19
CA ASN F 60 -31.66 46.09 -28.13
C ASN F 60 -31.90 47.45 -27.51
N PRO F 61 -30.92 48.35 -27.50
CA PRO F 61 -31.12 49.66 -26.86
C PRO F 61 -31.94 50.63 -27.67
N SER F 62 -33.11 50.20 -28.12
CA SER F 62 -34.09 51.08 -28.76
C SER F 62 -35.47 50.65 -28.28
N LEU F 63 -35.51 49.56 -27.52
CA LEU F 63 -36.74 49.05 -26.93
C LEU F 63 -36.50 48.68 -25.48
N LYS F 64 -35.43 49.23 -24.90
CA LYS F 64 -35.08 48.96 -23.51
C LYS F 64 -36.16 49.47 -22.58
N SER F 65 -36.43 48.70 -21.53
CA SER F 65 -37.46 48.94 -20.52
C SER F 65 -38.86 49.00 -21.14
N ARG F 66 -39.03 48.25 -22.22
CA ARG F 66 -40.35 48.00 -22.78
C ARG F 66 -40.49 46.52 -23.09
N VAL F 67 -39.37 45.82 -23.13
CA VAL F 67 -39.31 44.41 -23.49
C VAL F 67 -38.90 43.60 -22.28
N THR F 68 -39.44 42.39 -22.17
CA THR F 68 -39.01 41.44 -21.17
C THR F 68 -39.23 40.06 -21.75
N ILE F 69 -38.14 39.34 -21.98
CA ILE F 69 -38.21 37.98 -22.50
C ILE F 69 -38.11 37.01 -21.33
N SER F 70 -39.06 36.09 -21.26
CA SER F 70 -39.10 35.10 -20.19
C SER F 70 -38.72 33.76 -20.78
N LEU F 71 -38.73 32.73 -19.95
CA LEU F 71 -38.31 31.39 -20.37
C LEU F 71 -38.93 30.37 -19.44
N ASP F 72 -39.78 29.51 -20.00
CA ASP F 72 -40.46 28.47 -19.23
C ASP F 72 -39.96 27.12 -19.72
N THR F 73 -39.05 26.51 -18.97
CA THR F 73 -38.50 25.21 -19.31
C THR F 73 -39.32 24.12 -18.62
N SER F 74 -40.63 24.16 -18.82
CA SER F 74 -41.49 23.08 -18.36
C SER F 74 -42.57 22.86 -19.41
N LYS F 75 -42.51 23.66 -20.47
CA LYS F 75 -43.44 23.57 -21.59
C LYS F 75 -42.66 23.69 -22.89
N ASN F 76 -41.34 23.91 -22.77
CA ASN F 76 -40.45 24.35 -23.83
C ASN F 76 -40.95 25.61 -24.52
N GLN F 77 -41.36 26.61 -23.74
CA GLN F 77 -41.87 27.84 -24.31
C GLN F 77 -41.13 29.02 -23.71
N PHE F 78 -40.90 30.02 -24.55
CA PHE F 78 -40.41 31.31 -24.12
C PHE F 78 -41.32 32.39 -24.69
N SER F 79 -41.24 33.58 -24.11
CA SER F 79 -42.27 34.56 -24.40
C SER F 79 -41.71 35.97 -24.29
N LEU F 80 -42.42 36.91 -24.91
CA LEU F 80 -41.98 38.30 -25.00
C LEU F 80 -43.12 39.22 -24.61
N LYS F 81 -42.84 40.18 -23.73
CA LYS F 81 -43.85 41.14 -23.29
C LYS F 81 -43.45 42.55 -23.68
N LEU F 82 -44.21 43.15 -24.58
CA LEU F 82 -44.12 44.58 -24.88
C LEU F 82 -45.24 45.30 -24.15
N SER F 83 -44.89 46.00 -23.08
CA SER F 83 -45.83 46.85 -22.38
C SER F 83 -45.80 48.24 -22.99
N SER F 84 -46.93 48.95 -22.88
CA SER F 84 -47.14 50.31 -23.38
C SER F 84 -46.88 50.38 -24.89
N VAL F 85 -47.73 49.66 -25.61
CA VAL F 85 -47.65 49.65 -27.07
C VAL F 85 -48.02 51.01 -27.64
N THR F 86 -47.52 51.27 -28.84
CA THR F 86 -47.69 52.56 -29.49
C THR F 86 -48.06 52.27 -30.94
N ALA F 87 -48.38 53.28 -31.75
CA ALA F 87 -48.74 53.06 -33.14
C ALA F 87 -47.58 52.61 -34.01
N ALA F 88 -46.33 52.80 -33.57
CA ALA F 88 -45.17 52.40 -34.33
C ALA F 88 -44.72 50.98 -34.04
N ASP F 89 -45.58 50.16 -33.44
CA ASP F 89 -45.29 48.76 -33.18
C ASP F 89 -46.13 47.88 -34.08
N THR F 90 -46.48 48.41 -35.25
CA THR F 90 -47.16 47.65 -36.29
C THR F 90 -46.10 46.86 -37.06
N ALA F 91 -46.10 45.54 -36.87
CA ALA F 91 -45.04 44.72 -37.40
C ALA F 91 -45.49 43.27 -37.44
N VAL F 92 -44.72 42.46 -38.12
CA VAL F 92 -44.80 41.02 -38.00
C VAL F 92 -43.64 40.56 -37.13
N TYR F 93 -43.93 39.70 -36.17
CA TYR F 93 -42.94 39.32 -35.16
C TYR F 93 -42.55 37.86 -35.35
N TYR F 94 -41.26 37.60 -35.49
CA TYR F 94 -40.72 36.27 -35.67
C TYR F 94 -39.98 35.84 -34.42
N CYS F 95 -39.90 34.54 -34.20
CA CYS F 95 -38.98 33.96 -33.23
C CYS F 95 -37.99 33.10 -33.99
N ALA F 96 -36.71 33.26 -33.68
CA ALA F 96 -35.68 32.59 -34.46
C ALA F 96 -34.54 32.22 -33.54
N SER F 97 -33.72 31.29 -34.00
CA SER F 97 -32.67 30.74 -33.17
C SER F 97 -31.58 30.15 -34.05
N ASN F 98 -30.63 29.47 -33.43
CA ASN F 98 -29.50 28.87 -34.13
C ASN F 98 -29.41 27.41 -33.72
N GLY F 99 -29.56 26.52 -34.70
CA GLY F 99 -29.42 25.11 -34.47
C GLY F 99 -27.97 24.67 -34.59
N GLN F 100 -27.17 24.95 -33.57
CA GLN F 100 -25.77 24.57 -33.59
C GLN F 100 -25.34 24.07 -32.23
N TYR F 101 -24.48 23.06 -32.19
CA TYR F 101 -24.00 22.48 -30.95
C TYR F 101 -23.18 23.50 -30.17
N TYR F 102 -23.26 23.46 -28.84
CA TYR F 102 -22.83 24.58 -28.02
C TYR F 102 -21.72 24.21 -27.05
N ASP F 103 -20.49 24.70 -27.30
CA ASP F 103 -19.38 24.45 -26.40
C ASP F 103 -18.59 25.74 -26.17
N ILE F 104 -18.55 26.22 -24.93
CA ILE F 104 -17.76 27.41 -24.59
C ILE F 104 -16.31 26.97 -24.40
N LEU F 105 -16.11 25.67 -24.16
CA LEU F 105 -14.76 25.13 -24.12
C LEU F 105 -14.07 25.21 -25.48
N THR F 106 -14.83 25.23 -26.58
CA THR F 106 -14.27 25.60 -27.88
C THR F 106 -15.22 26.59 -28.57
N GLY F 107 -15.02 27.87 -28.29
CA GLY F 107 -15.83 28.85 -28.98
C GLY F 107 -16.33 30.01 -28.15
N GLN F 108 -16.23 31.21 -28.70
CA GLN F 108 -16.74 32.39 -28.04
C GLN F 108 -18.26 32.43 -28.14
N PRO F 109 -18.93 33.21 -27.30
CA PRO F 109 -20.38 33.37 -27.42
C PRO F 109 -20.84 33.95 -28.75
N PRO F 110 -20.26 35.08 -29.30
CA PRO F 110 -20.85 35.58 -30.55
C PRO F 110 -20.45 34.78 -31.77
N ASP F 111 -20.87 33.53 -31.77
CA ASP F 111 -20.53 32.54 -32.76
C ASP F 111 -21.82 31.77 -32.99
N TYR F 112 -22.76 31.98 -32.08
CA TYR F 112 -23.99 31.20 -32.02
C TYR F 112 -25.22 32.02 -32.32
N TRP F 113 -25.08 33.20 -32.89
CA TRP F 113 -26.29 33.93 -33.26
C TRP F 113 -26.20 34.42 -34.70
N TYR F 114 -26.56 33.55 -35.65
CA TYR F 114 -26.81 33.99 -37.01
C TYR F 114 -28.16 33.47 -37.52
N PHE F 115 -29.05 33.06 -36.63
CA PHE F 115 -30.48 32.87 -36.87
C PHE F 115 -30.80 31.85 -37.96
N ASP F 116 -30.48 30.61 -37.71
CA ASP F 116 -30.68 29.50 -38.62
C ASP F 116 -32.12 29.02 -38.65
N LEU F 117 -32.68 28.63 -37.51
CA LEU F 117 -34.08 28.24 -37.48
C LEU F 117 -34.95 29.49 -37.51
N TRP F 118 -36.16 29.36 -38.05
CA TRP F 118 -37.01 30.53 -38.19
C TRP F 118 -38.45 30.13 -37.96
N GLY F 119 -39.22 31.04 -37.37
CA GLY F 119 -40.61 30.79 -37.09
C GLY F 119 -41.50 30.98 -38.30
N ARG F 120 -42.71 31.48 -38.08
CA ARG F 120 -43.62 31.74 -39.18
C ARG F 120 -44.18 33.15 -39.15
N GLY F 121 -43.97 33.91 -38.08
CA GLY F 121 -44.41 35.29 -38.07
C GLY F 121 -45.88 35.47 -37.76
N THR F 122 -46.20 36.50 -37.01
CA THR F 122 -47.58 36.82 -36.69
C THR F 122 -47.77 38.33 -36.78
N LEU F 123 -48.70 38.77 -37.62
CA LEU F 123 -48.98 40.18 -37.80
C LEU F 123 -49.53 40.80 -36.53
N VAL F 124 -49.35 42.10 -36.38
CA VAL F 124 -49.84 42.83 -35.21
C VAL F 124 -49.96 44.32 -35.53
N THR F 125 -50.80 45.02 -34.77
CA THR F 125 -51.00 46.44 -34.97
C THR F 125 -51.57 47.10 -33.72
N VAL F 126 -50.89 48.13 -33.23
CA VAL F 126 -51.33 48.84 -32.04
C VAL F 126 -52.66 49.55 -32.27
N SER F 127 -53.54 48.91 -33.04
CA SER F 127 -54.84 49.48 -33.34
C SER F 127 -55.75 49.47 -32.12
N SER F 128 -57.05 49.45 -32.35
CA SER F 128 -58.03 49.44 -31.27
C SER F 128 -59.45 49.59 -31.80
N ALA F 129 -59.56 50.07 -33.03
CA ALA F 129 -60.87 50.27 -33.66
C ALA F 129 -61.67 48.98 -33.70
N SER F 130 -61.72 48.29 -32.55
CA SER F 130 -62.45 47.03 -32.46
C SER F 130 -62.16 46.12 -33.64
N THR F 131 -63.05 45.16 -33.89
CA THR F 131 -62.88 44.22 -34.99
C THR F 131 -64.11 44.22 -35.89
N LYS F 132 -64.10 43.32 -36.88
CA LYS F 132 -65.22 43.21 -37.80
C LYS F 132 -65.04 42.02 -38.74
N GLY F 133 -66.04 41.77 -39.58
CA GLY F 133 -66.01 40.68 -40.51
C GLY F 133 -66.12 41.14 -41.95
N PRO F 134 -65.68 40.31 -42.88
CA PRO F 134 -65.65 40.74 -44.28
C PRO F 134 -67.02 40.57 -44.95
N SER F 135 -67.29 41.43 -45.92
CA SER F 135 -68.44 41.29 -46.79
C SER F 135 -67.96 40.82 -48.16
N VAL F 136 -68.59 39.77 -48.68
CA VAL F 136 -68.10 39.09 -49.86
C VAL F 136 -69.11 39.25 -50.99
N PHE F 137 -68.61 39.51 -52.20
CA PHE F 137 -69.35 39.47 -53.44
C PHE F 137 -68.60 38.64 -54.47
N PRO F 138 -69.29 37.95 -55.36
CA PRO F 138 -68.60 37.28 -56.47
C PRO F 138 -68.56 38.17 -57.70
N LEU F 139 -67.37 38.38 -58.26
CA LEU F 139 -67.21 39.10 -59.52
C LEU F 139 -67.24 38.07 -60.64
N ALA F 140 -68.35 38.05 -61.35
CA ALA F 140 -68.72 37.07 -62.35
C ALA F 140 -67.78 37.12 -63.55
N PRO F 141 -67.53 35.99 -64.20
CA PRO F 141 -66.84 36.03 -65.49
C PRO F 141 -67.75 36.64 -66.55
N SER F 142 -67.19 37.51 -67.35
CA SER F 142 -67.98 38.22 -68.35
C SER F 142 -67.19 38.33 -69.65
N SER F 143 -67.91 38.63 -70.73
CA SER F 143 -67.26 38.83 -72.02
C SER F 143 -66.33 40.04 -71.99
N LYS F 144 -66.62 41.04 -71.15
CA LYS F 144 -65.70 42.15 -70.97
C LYS F 144 -64.42 41.72 -70.27
N SER F 145 -64.49 40.61 -69.51
CA SER F 145 -63.29 39.98 -69.00
C SER F 145 -62.80 38.85 -69.90
N THR F 146 -63.66 38.33 -70.77
CA THR F 146 -63.28 37.24 -71.65
C THR F 146 -62.47 37.77 -72.83
N SER F 147 -61.45 37.01 -73.24
CA SER F 147 -60.63 37.33 -74.41
C SER F 147 -60.09 36.02 -74.98
N GLY F 148 -60.70 35.57 -76.07
CA GLY F 148 -60.19 34.40 -76.77
C GLY F 148 -60.39 33.14 -75.96
N GLY F 149 -59.27 32.55 -75.53
CA GLY F 149 -59.31 31.22 -74.92
C GLY F 149 -59.61 31.22 -73.43
N THR F 150 -59.49 32.36 -72.76
CA THR F 150 -59.63 32.41 -71.31
C THR F 150 -60.56 33.54 -70.88
N ALA F 151 -61.09 33.41 -69.66
CA ALA F 151 -61.93 34.42 -69.04
C ALA F 151 -61.69 34.38 -67.54
N ALA F 152 -61.79 35.54 -66.90
CA ALA F 152 -61.42 35.70 -65.50
C ALA F 152 -62.64 35.90 -64.62
N LEU F 153 -62.62 35.31 -63.43
CA LEU F 153 -63.65 35.48 -62.42
C LEU F 153 -63.00 35.54 -61.04
N GLY F 154 -63.70 36.12 -60.08
CA GLY F 154 -63.08 36.27 -58.78
C GLY F 154 -64.06 36.56 -57.67
N CYS F 155 -63.50 36.94 -56.52
CA CYS F 155 -64.28 37.23 -55.32
C CYS F 155 -63.74 38.49 -54.67
N LEU F 156 -64.64 39.40 -54.32
CA LEU F 156 -64.31 40.66 -53.68
C LEU F 156 -64.69 40.56 -52.21
N VAL F 157 -63.69 40.64 -51.34
CA VAL F 157 -63.89 40.55 -49.90
C VAL F 157 -63.47 41.87 -49.30
N LYS F 158 -64.41 42.62 -48.74
CA LYS F 158 -64.17 44.01 -48.39
C LYS F 158 -64.59 44.30 -46.95
N ASP F 159 -64.26 45.52 -46.51
CA ASP F 159 -64.66 46.07 -45.21
C ASP F 159 -64.40 45.14 -44.03
N TYR F 160 -63.12 44.93 -43.72
CA TYR F 160 -62.74 44.23 -42.50
C TYR F 160 -61.53 44.91 -41.87
N PHE F 161 -61.48 44.88 -40.54
CA PHE F 161 -60.37 45.50 -39.82
C PHE F 161 -59.25 44.57 -39.34
N PRO F 162 -59.57 43.29 -39.20
CA PRO F 162 -58.57 42.28 -38.82
C PRO F 162 -57.78 42.03 -40.10
N GLU F 163 -56.56 42.55 -40.15
CA GLU F 163 -55.73 42.45 -41.34
C GLU F 163 -55.57 41.04 -41.90
N PRO F 164 -55.14 40.04 -41.12
CA PRO F 164 -54.95 38.72 -41.73
C PRO F 164 -56.27 38.07 -42.12
N VAL F 165 -56.51 37.96 -43.42
CA VAL F 165 -57.71 37.35 -43.98
C VAL F 165 -57.27 36.52 -45.18
N THR F 166 -57.97 35.42 -45.47
CA THR F 166 -57.53 34.61 -46.59
C THR F 166 -58.73 34.21 -47.42
N VAL F 167 -58.51 34.12 -48.73
CA VAL F 167 -59.50 33.61 -49.67
C VAL F 167 -58.80 32.58 -50.54
N SER F 168 -59.34 31.37 -50.56
CA SER F 168 -58.83 30.31 -51.40
C SER F 168 -59.85 30.02 -52.50
N TRP F 169 -59.41 29.27 -53.50
CA TRP F 169 -60.29 28.87 -54.59
C TRP F 169 -60.50 27.36 -54.55
N ASN F 170 -61.75 26.97 -54.36
CA ASN F 170 -62.16 25.58 -54.35
C ASN F 170 -61.37 24.79 -53.30
N SER F 171 -61.42 25.28 -52.07
CA SER F 171 -60.80 24.63 -50.92
C SER F 171 -59.30 24.40 -51.13
N GLY F 172 -58.67 25.24 -51.95
CA GLY F 172 -57.27 25.11 -52.24
C GLY F 172 -56.94 24.32 -53.49
N ALA F 173 -57.92 24.04 -54.34
CA ALA F 173 -57.69 23.23 -55.53
C ALA F 173 -56.97 23.96 -56.64
N LEU F 174 -57.49 25.10 -57.09
CA LEU F 174 -56.95 25.81 -58.25
C LEU F 174 -55.76 26.65 -57.81
N THR F 175 -54.61 26.42 -58.42
CA THR F 175 -53.41 27.20 -58.15
C THR F 175 -52.98 27.93 -59.42
N SER F 176 -53.65 27.66 -60.53
CA SER F 176 -53.36 28.28 -61.81
C SER F 176 -54.22 29.53 -61.99
N GLY F 177 -53.55 30.67 -62.19
CA GLY F 177 -54.24 31.92 -62.40
C GLY F 177 -54.80 32.58 -61.15
N VAL F 178 -54.85 31.86 -60.04
CA VAL F 178 -55.33 32.41 -58.78
C VAL F 178 -54.33 33.43 -58.26
N HIS F 179 -54.77 34.68 -58.18
CA HIS F 179 -53.93 35.77 -57.69
C HIS F 179 -54.70 36.73 -56.77
N THR F 180 -54.34 36.73 -55.49
CA THR F 180 -54.99 37.59 -54.51
C THR F 180 -54.19 38.89 -54.45
N PHE F 181 -54.88 39.99 -54.61
CA PHE F 181 -54.18 41.25 -54.67
C PHE F 181 -54.03 41.84 -53.28
N PRO F 182 -53.02 42.67 -53.06
CA PRO F 182 -52.81 43.25 -51.73
C PRO F 182 -54.05 43.99 -51.27
N ALA F 183 -54.39 43.80 -50.00
CA ALA F 183 -55.54 44.49 -49.44
C ALA F 183 -55.32 45.99 -49.46
N VAL F 184 -56.40 46.72 -49.60
CA VAL F 184 -56.33 48.17 -49.62
C VAL F 184 -57.01 48.72 -48.38
N LEU F 185 -56.43 49.78 -47.85
CA LEU F 185 -56.93 50.42 -46.64
C LEU F 185 -57.69 51.68 -47.04
N GLN F 186 -58.99 51.68 -46.79
CA GLN F 186 -59.86 52.78 -47.19
C GLN F 186 -59.77 53.92 -46.19
N SER F 187 -60.45 55.03 -46.52
CA SER F 187 -60.55 56.13 -45.58
C SER F 187 -61.43 55.76 -44.40
N SER F 188 -62.39 54.85 -44.60
CA SER F 188 -63.22 54.39 -43.50
C SER F 188 -62.41 53.70 -42.41
N GLY F 189 -61.17 53.31 -42.71
CA GLY F 189 -60.34 52.60 -41.76
C GLY F 189 -60.35 51.10 -41.90
N LEU F 190 -61.17 50.56 -42.81
CA LEU F 190 -61.27 49.12 -42.98
C LEU F 190 -60.59 48.68 -44.25
N TYR F 191 -60.11 47.44 -44.26
CA TYR F 191 -59.40 46.92 -45.40
C TYR F 191 -60.38 46.35 -46.43
N SER F 192 -59.85 46.08 -47.61
CA SER F 192 -60.61 45.45 -48.68
C SER F 192 -59.63 44.87 -49.69
N LEU F 193 -60.05 43.78 -50.33
CA LEU F 193 -59.24 43.15 -51.36
C LEU F 193 -60.13 42.37 -52.29
N SER F 194 -59.54 41.88 -53.38
CA SER F 194 -60.22 41.09 -54.39
C SER F 194 -59.24 40.08 -54.99
N SER F 195 -59.64 38.82 -55.05
CA SER F 195 -58.79 37.77 -55.60
C SER F 195 -59.42 37.23 -56.86
N VAL F 196 -58.65 37.14 -57.93
CA VAL F 196 -59.18 36.78 -59.24
C VAL F 196 -58.36 35.64 -59.83
N VAL F 197 -59.02 34.82 -60.64
CA VAL F 197 -58.40 33.70 -61.33
C VAL F 197 -58.99 33.59 -62.72
N THR F 198 -58.13 33.30 -63.69
CA THR F 198 -58.54 33.08 -65.08
C THR F 198 -58.70 31.59 -65.32
N VAL F 199 -59.60 31.25 -66.23
CA VAL F 199 -60.00 29.86 -66.49
C VAL F 199 -60.49 29.83 -67.93
N PRO F 200 -60.24 28.76 -68.70
CA PRO F 200 -60.63 28.74 -70.12
C PRO F 200 -62.07 29.18 -70.34
N SER F 201 -62.26 30.00 -71.38
CA SER F 201 -63.58 30.55 -71.65
C SER F 201 -64.58 29.48 -72.05
N SER F 202 -64.10 28.31 -72.46
CA SER F 202 -65.01 27.18 -72.68
C SER F 202 -65.57 26.68 -71.35
N SER F 203 -64.93 27.05 -70.25
CA SER F 203 -65.28 26.57 -68.92
C SER F 203 -65.86 27.67 -68.02
N LEU F 204 -66.73 28.52 -68.56
CA LEU F 204 -67.31 29.60 -67.76
C LEU F 204 -68.03 29.07 -66.53
N GLY F 205 -69.12 28.32 -66.73
CA GLY F 205 -69.85 27.78 -65.60
C GLY F 205 -69.60 26.31 -65.35
N THR F 206 -68.83 25.67 -66.24
CA THR F 206 -68.79 24.21 -66.32
C THR F 206 -68.36 23.57 -65.00
N GLN F 207 -67.22 23.98 -64.44
CA GLN F 207 -66.70 23.33 -63.27
C GLN F 207 -66.99 24.17 -62.03
N THR F 208 -66.44 23.75 -60.89
CA THR F 208 -66.68 24.43 -59.62
C THR F 208 -65.63 25.51 -59.41
N TYR F 209 -66.09 26.71 -59.09
CA TYR F 209 -65.22 27.82 -58.72
C TYR F 209 -65.85 28.50 -57.50
N ILE F 210 -65.52 28.01 -56.32
CA ILE F 210 -66.07 28.53 -55.08
C ILE F 210 -64.92 29.10 -54.25
N CYS F 211 -65.01 30.38 -53.93
CA CYS F 211 -64.02 31.04 -53.09
C CYS F 211 -64.36 30.80 -51.63
N ASN F 212 -63.37 30.32 -50.89
CA ASN F 212 -63.47 29.98 -49.48
C ASN F 212 -62.84 31.14 -48.71
N VAL F 213 -63.68 31.91 -48.03
CA VAL F 213 -63.25 33.09 -47.29
C VAL F 213 -63.14 32.70 -45.82
N ASN F 214 -61.95 32.87 -45.25
CA ASN F 214 -61.71 32.61 -43.84
C ASN F 214 -61.06 33.82 -43.19
N HIS F 215 -61.64 34.25 -42.06
CA HIS F 215 -61.19 35.38 -41.28
C HIS F 215 -60.76 34.83 -39.92
N LYS F 216 -59.45 34.78 -39.68
CA LYS F 216 -58.88 34.09 -38.52
C LYS F 216 -59.00 34.84 -37.20
N PRO F 217 -58.82 36.17 -37.15
CA PRO F 217 -59.09 36.87 -35.89
C PRO F 217 -60.53 36.71 -35.44
N SER F 218 -61.48 36.86 -36.36
CA SER F 218 -62.85 36.42 -36.10
C SER F 218 -62.93 34.94 -36.44
N ASN F 219 -64.13 34.40 -36.60
CA ASN F 219 -64.30 33.01 -36.99
C ASN F 219 -65.25 32.91 -38.19
N THR F 220 -65.00 33.73 -39.20
CA THR F 220 -65.84 33.75 -40.39
C THR F 220 -65.32 32.78 -41.45
N LYS F 221 -66.22 31.95 -41.96
CA LYS F 221 -65.91 30.98 -43.00
C LYS F 221 -67.12 30.89 -43.93
N VAL F 222 -66.97 31.36 -45.17
CA VAL F 222 -68.07 31.40 -46.13
C VAL F 222 -67.55 30.99 -47.50
N ASP F 223 -68.29 30.15 -48.21
CA ASP F 223 -67.96 29.74 -49.57
C ASP F 223 -68.94 30.40 -50.53
N LYS F 224 -68.40 31.11 -51.53
CA LYS F 224 -69.20 31.82 -52.51
C LYS F 224 -68.88 31.33 -53.91
N LYS F 225 -69.92 30.97 -54.67
CA LYS F 225 -69.74 30.48 -56.03
C LYS F 225 -69.81 31.66 -57.00
N VAL F 226 -68.95 31.65 -58.01
CA VAL F 226 -68.91 32.68 -59.04
C VAL F 226 -69.36 32.07 -60.35
N GLU F 227 -70.40 32.65 -60.96
CA GLU F 227 -70.98 32.16 -62.19
C GLU F 227 -71.10 33.32 -63.17
N PRO F 228 -71.13 33.03 -64.47
CA PRO F 228 -71.28 34.11 -65.46
C PRO F 228 -72.52 34.94 -65.21
N LYS F 229 -72.48 36.18 -65.70
CA LYS F 229 -73.56 37.12 -65.48
C LYS F 229 -74.84 36.63 -66.12
N SER F 230 -75.96 36.92 -65.47
CA SER F 230 -77.28 36.45 -65.88
C SER F 230 -77.62 36.88 -67.30
N ASP G 1 -25.13 51.07 -32.78
CA ASP G 1 -23.70 50.94 -32.53
C ASP G 1 -22.99 50.73 -33.85
N ILE G 2 -23.34 49.65 -34.53
CA ILE G 2 -22.67 49.26 -35.77
C ILE G 2 -23.74 49.04 -36.82
N VAL G 3 -23.56 49.67 -37.99
CA VAL G 3 -24.59 49.70 -39.02
C VAL G 3 -24.00 49.26 -40.34
N MET G 4 -24.75 48.49 -41.10
CA MET G 4 -24.40 48.17 -42.48
C MET G 4 -25.22 49.04 -43.42
N THR G 5 -24.68 49.30 -44.61
CA THR G 5 -25.30 50.18 -45.60
C THR G 5 -25.35 49.43 -46.94
N GLN G 6 -26.53 48.95 -47.30
CA GLN G 6 -26.69 48.29 -48.59
C GLN G 6 -26.99 49.31 -49.68
N SER G 7 -26.01 49.54 -50.54
CA SER G 7 -26.13 50.60 -51.54
C SER G 7 -27.07 50.26 -52.70
N PRO G 8 -26.89 49.16 -53.50
CA PRO G 8 -27.79 48.99 -54.65
C PRO G 8 -29.14 48.47 -54.20
N ASP G 9 -30.13 49.36 -54.12
CA ASP G 9 -31.41 49.03 -53.52
C ASP G 9 -32.42 48.50 -54.53
N SER G 10 -32.11 48.56 -55.82
CA SER G 10 -32.98 48.05 -56.85
C SER G 10 -32.13 47.54 -58.00
N LEU G 11 -32.43 46.33 -58.45
CA LEU G 11 -31.70 45.75 -59.57
C LEU G 11 -32.70 45.25 -60.60
N ALA G 12 -32.48 45.64 -61.86
CA ALA G 12 -33.31 45.17 -62.96
C ALA G 12 -32.59 44.13 -63.78
N VAL G 13 -31.80 43.29 -63.10
CA VAL G 13 -30.93 42.33 -63.77
C VAL G 13 -31.77 41.18 -64.33
N SER G 14 -31.77 41.04 -65.65
CA SER G 14 -32.52 39.99 -66.31
C SER G 14 -31.84 38.63 -66.22
N LEU G 15 -32.30 37.68 -67.03
CA LEU G 15 -31.75 36.34 -67.04
C LEU G 15 -30.38 36.30 -67.72
N GLY G 16 -29.46 35.58 -67.09
CA GLY G 16 -28.13 35.41 -67.65
C GLY G 16 -27.31 36.68 -67.64
N GLU G 17 -26.99 37.21 -66.47
CA GLU G 17 -26.38 38.53 -66.37
C GLU G 17 -25.49 38.54 -65.12
N ARG G 18 -25.21 39.71 -64.58
CA ARG G 18 -24.48 39.80 -63.32
C ARG G 18 -25.35 40.43 -62.26
N ALA G 19 -25.35 39.85 -61.06
CA ALA G 19 -26.19 40.31 -59.96
C ALA G 19 -25.32 40.51 -58.72
N THR G 20 -25.05 41.77 -58.40
CA THR G 20 -24.11 42.16 -57.36
C THR G 20 -24.78 43.09 -56.34
N ILE G 21 -24.27 43.05 -55.10
CA ILE G 21 -24.79 43.85 -54.00
C ILE G 21 -23.65 44.27 -53.08
N ASN G 22 -23.63 45.55 -52.68
CA ASN G 22 -22.66 46.03 -51.71
C ASN G 22 -23.32 46.21 -50.36
N CYS G 23 -22.53 45.96 -49.31
CA CYS G 23 -22.91 46.16 -47.91
C CYS G 23 -21.61 46.47 -47.14
N LYS G 24 -21.41 47.72 -46.71
CA LYS G 24 -20.18 48.07 -46.00
C LYS G 24 -20.34 47.82 -44.52
N SER G 25 -19.47 48.43 -43.70
CA SER G 25 -19.63 48.36 -42.26
C SER G 25 -19.36 49.72 -41.62
N SER G 26 -19.58 49.82 -40.31
CA SER G 26 -19.27 51.07 -39.62
C SER G 26 -18.14 50.85 -38.62
N GLN G 27 -17.71 49.61 -38.51
CA GLN G 27 -16.52 49.25 -37.72
C GLN G 27 -15.80 48.15 -38.46
N SER G 28 -14.87 47.48 -37.79
CA SER G 28 -14.22 46.35 -38.45
C SER G 28 -14.66 45.05 -37.82
N VAL G 29 -14.50 43.97 -38.59
CA VAL G 29 -14.96 42.63 -38.27
C VAL G 29 -13.66 41.83 -38.44
N LEU G 30 -13.78 40.49 -38.55
CA LEU G 30 -12.79 39.43 -38.74
C LEU G 30 -12.14 39.02 -37.43
N TYR G 31 -12.35 39.79 -36.35
CA TYR G 31 -11.99 39.41 -34.98
C TYR G 31 -10.50 39.10 -34.86
N SER G 32 -9.66 40.12 -34.69
CA SER G 32 -8.21 40.00 -34.91
C SER G 32 -7.61 38.97 -33.97
N SER G 33 -7.64 37.75 -34.49
CA SER G 33 -7.39 36.46 -33.89
C SER G 33 -7.35 35.58 -35.12
N ASN G 34 -7.61 34.27 -34.95
CA ASN G 34 -7.53 33.24 -35.98
C ASN G 34 -8.10 33.55 -37.37
N ASN G 35 -9.40 33.82 -37.50
CA ASN G 35 -10.03 33.79 -38.81
C ASN G 35 -11.45 34.36 -38.74
N LYS G 36 -12.25 34.08 -39.78
CA LYS G 36 -13.70 34.00 -39.70
C LYS G 36 -14.43 35.30 -39.39
N ASN G 37 -14.48 36.22 -40.35
CA ASN G 37 -15.35 37.38 -40.27
C ASN G 37 -16.82 36.99 -40.18
N TYR G 38 -17.64 37.94 -39.71
CA TYR G 38 -18.97 37.64 -39.18
C TYR G 38 -20.05 38.34 -39.99
N LEU G 39 -20.49 37.71 -41.08
CA LEU G 39 -21.66 38.15 -41.81
C LEU G 39 -22.60 36.98 -42.02
N ALA G 40 -23.81 37.26 -42.51
CA ALA G 40 -24.69 36.24 -43.04
C ALA G 40 -25.53 36.89 -44.12
N TRP G 41 -26.18 36.07 -44.93
CA TRP G 41 -26.98 36.59 -46.02
C TRP G 41 -28.34 35.90 -46.03
N TYR G 42 -29.39 36.70 -46.07
CA TYR G 42 -30.75 36.19 -45.96
C TYR G 42 -31.54 36.51 -47.21
N GLN G 43 -32.26 35.52 -47.71
CA GLN G 43 -33.19 35.70 -48.81
C GLN G 43 -34.60 35.74 -48.26
N GLN G 44 -35.37 36.77 -48.61
CA GLN G 44 -36.74 36.86 -48.17
C GLN G 44 -37.66 37.01 -49.38
N LYS G 45 -38.48 36.00 -49.63
CA LYS G 45 -39.58 36.10 -50.56
C LYS G 45 -40.78 36.70 -49.83
N PRO G 46 -41.71 37.32 -50.55
CA PRO G 46 -42.87 37.92 -49.87
C PRO G 46 -43.79 36.87 -49.27
N GLY G 47 -44.26 37.15 -48.06
CA GLY G 47 -45.14 36.23 -47.37
C GLY G 47 -44.43 35.03 -46.80
N GLN G 48 -43.13 35.13 -46.58
CA GLN G 48 -42.35 34.04 -46.01
C GLN G 48 -41.52 34.57 -44.85
N PRO G 49 -41.10 33.71 -43.93
CA PRO G 49 -39.97 34.06 -43.08
C PRO G 49 -38.69 33.98 -43.89
N PRO G 50 -37.66 34.76 -43.54
CA PRO G 50 -36.39 34.69 -44.27
C PRO G 50 -35.69 33.35 -44.13
N LYS G 51 -34.95 32.97 -45.16
CA LYS G 51 -34.08 31.82 -45.10
C LYS G 51 -32.66 32.33 -45.16
N LEU G 52 -31.71 31.59 -44.60
CA LEU G 52 -30.33 32.05 -44.65
C LEU G 52 -29.63 31.35 -45.79
N LEU G 53 -28.56 31.98 -46.26
CA LEU G 53 -27.79 31.48 -47.38
C LEU G 53 -26.33 31.22 -47.04
N ILE G 54 -25.72 32.08 -46.25
CA ILE G 54 -24.27 32.12 -46.08
C ILE G 54 -23.95 32.14 -44.59
N TYR G 55 -23.07 31.25 -44.13
CA TYR G 55 -22.70 31.19 -42.73
C TYR G 55 -21.82 32.33 -42.27
N TRP G 56 -20.62 32.47 -42.83
CA TRP G 56 -19.64 33.33 -42.18
C TRP G 56 -19.33 34.58 -42.97
N ALA G 57 -18.77 34.44 -44.17
CA ALA G 57 -18.82 35.57 -45.09
C ALA G 57 -19.07 35.08 -46.50
N SER G 58 -18.70 33.83 -46.78
CA SER G 58 -18.84 33.28 -48.11
C SER G 58 -19.42 31.88 -48.08
N THR G 59 -19.19 31.15 -47.00
CA THR G 59 -19.52 29.72 -46.99
C THR G 59 -21.01 29.49 -46.82
N ARG G 60 -21.51 28.48 -47.51
CA ARG G 60 -22.94 28.23 -47.56
C ARG G 60 -23.20 26.89 -46.89
N GLU G 61 -24.44 26.41 -46.99
CA GLU G 61 -24.85 25.20 -46.31
C GLU G 61 -25.77 24.38 -47.19
N SER G 62 -26.12 23.17 -46.75
CA SER G 62 -27.09 22.34 -47.45
C SER G 62 -28.46 23.00 -47.55
N GLY G 63 -29.03 23.02 -48.74
CA GLY G 63 -30.37 23.54 -48.93
C GLY G 63 -30.40 24.67 -49.94
N VAL G 64 -29.42 25.56 -49.87
CA VAL G 64 -29.33 26.61 -50.87
C VAL G 64 -28.61 26.04 -52.10
N PRO G 65 -29.02 26.38 -53.32
CA PRO G 65 -28.23 25.99 -54.49
C PRO G 65 -26.88 26.66 -54.48
N ASP G 66 -25.95 26.06 -55.20
CA ASP G 66 -24.56 26.50 -55.21
C ASP G 66 -24.36 27.70 -56.13
N ARG G 67 -25.44 28.18 -56.74
CA ARG G 67 -25.41 29.37 -57.57
C ARG G 67 -25.37 30.66 -56.77
N PHE G 68 -25.80 30.63 -55.51
CA PHE G 68 -25.60 31.76 -54.62
C PHE G 68 -24.21 31.69 -54.02
N SER G 69 -23.43 32.73 -54.21
CA SER G 69 -22.01 32.69 -53.84
C SER G 69 -21.63 33.95 -53.11
N GLY G 70 -20.93 33.79 -52.00
CA GLY G 70 -20.50 34.92 -51.18
C GLY G 70 -19.07 35.29 -51.49
N SER G 71 -18.76 36.58 -51.33
CA SER G 71 -17.41 37.07 -51.54
C SER G 71 -17.11 38.11 -50.47
N GLY G 72 -15.98 38.79 -50.63
CA GLY G 72 -15.64 39.88 -49.75
C GLY G 72 -15.11 39.46 -48.40
N SER G 73 -14.30 40.33 -47.79
CA SER G 73 -13.80 40.11 -46.45
C SER G 73 -13.41 41.46 -45.88
N GLY G 74 -13.05 41.46 -44.59
CA GLY G 74 -12.68 42.69 -43.94
C GLY G 74 -13.89 43.54 -43.61
N THR G 75 -14.09 44.62 -44.37
CA THR G 75 -15.28 45.46 -44.14
C THR G 75 -16.07 45.71 -45.41
N ASP G 76 -15.71 45.10 -46.53
CA ASP G 76 -16.44 45.26 -47.78
C ASP G 76 -16.87 43.89 -48.28
N PHE G 77 -18.17 43.71 -48.46
CA PHE G 77 -18.76 42.41 -48.71
C PHE G 77 -19.70 42.48 -49.90
N THR G 78 -19.76 41.39 -50.64
CA THR G 78 -20.56 41.30 -51.84
C THR G 78 -20.95 39.85 -52.07
N LEU G 79 -22.23 39.64 -52.40
CA LEU G 79 -22.76 38.33 -52.72
C LEU G 79 -23.05 38.26 -54.22
N THR G 80 -22.75 37.10 -54.81
CA THR G 80 -22.85 36.89 -56.25
C THR G 80 -23.74 35.69 -56.55
N ILE G 81 -24.62 35.84 -57.54
CA ILE G 81 -25.53 34.78 -57.92
C ILE G 81 -25.08 34.10 -59.21
N SER G 82 -25.95 33.28 -59.77
CA SER G 82 -25.65 32.56 -61.01
C SER G 82 -26.49 33.07 -62.17
N SER G 83 -26.23 34.31 -62.58
CA SER G 83 -26.98 34.91 -63.69
C SER G 83 -28.48 34.93 -63.40
N LEU G 84 -28.83 34.89 -62.11
CA LEU G 84 -30.23 34.90 -61.70
C LEU G 84 -30.90 33.56 -61.98
N GLN G 85 -32.22 33.55 -61.93
CA GLN G 85 -32.99 32.34 -62.17
C GLN G 85 -34.44 32.66 -62.51
N ALA G 86 -35.34 31.71 -62.24
CA ALA G 86 -36.76 31.90 -62.51
C ALA G 86 -37.49 32.50 -61.31
N GLU G 87 -37.07 32.08 -60.12
CA GLU G 87 -37.69 32.57 -58.88
C GLU G 87 -36.63 33.10 -57.92
N ASP G 88 -36.02 34.23 -58.27
CA ASP G 88 -34.99 34.84 -57.43
C ASP G 88 -35.42 36.22 -56.96
N VAL G 89 -36.61 36.64 -57.38
CA VAL G 89 -37.14 37.95 -57.00
C VAL G 89 -37.43 37.92 -55.51
N ALA G 90 -36.67 38.68 -54.75
CA ALA G 90 -36.70 38.58 -53.30
C ALA G 90 -36.16 39.89 -52.74
N VAL G 91 -36.10 39.97 -51.41
CA VAL G 91 -35.43 41.06 -50.72
C VAL G 91 -34.31 40.45 -49.90
N TYR G 92 -33.14 41.07 -49.94
CA TYR G 92 -31.93 40.47 -49.40
C TYR G 92 -31.38 41.34 -48.28
N TYR G 93 -30.89 40.71 -47.23
CA TYR G 93 -30.33 41.39 -46.07
C TYR G 93 -29.01 40.77 -45.67
N CYS G 94 -28.10 41.60 -45.17
CA CYS G 94 -26.82 41.14 -44.63
C CYS G 94 -26.79 41.45 -43.13
N GLN G 95 -27.14 40.45 -42.35
CA GLN G 95 -27.08 40.59 -40.91
C GLN G 95 -25.64 40.46 -40.45
N GLN G 96 -25.23 41.24 -39.47
CA GLN G 96 -23.91 41.11 -38.87
C GLN G 96 -24.09 40.44 -37.52
N TYR G 97 -22.99 40.10 -36.87
CA TYR G 97 -23.00 39.73 -35.47
C TYR G 97 -21.61 39.96 -34.90
N TYR G 98 -21.41 41.08 -34.19
CA TYR G 98 -20.12 41.23 -33.57
C TYR G 98 -20.20 41.24 -32.06
N SER G 99 -20.99 42.11 -31.44
CA SER G 99 -21.10 41.84 -30.01
C SER G 99 -22.50 41.56 -29.48
N THR G 100 -23.23 42.59 -29.09
CA THR G 100 -24.65 42.41 -28.84
C THR G 100 -25.62 42.94 -29.90
N PRO G 101 -25.53 44.22 -30.41
CA PRO G 101 -26.70 44.74 -31.11
C PRO G 101 -26.73 44.27 -32.56
N LEU G 102 -27.31 43.07 -32.75
CA LEU G 102 -27.37 42.42 -34.05
C LEU G 102 -28.17 43.26 -35.02
N THR G 103 -27.50 43.83 -36.01
CA THR G 103 -28.14 44.75 -36.94
C THR G 103 -28.24 44.12 -38.32
N PHE G 104 -29.24 44.56 -39.07
CA PHE G 104 -29.54 44.05 -40.38
C PHE G 104 -29.28 45.13 -41.41
N GLY G 105 -29.39 44.74 -42.68
CA GLY G 105 -29.19 45.69 -43.75
C GLY G 105 -30.39 46.58 -44.01
N GLY G 106 -30.51 47.09 -45.22
CA GLY G 106 -31.61 47.96 -45.56
C GLY G 106 -32.54 47.37 -46.60
N GLY G 107 -32.07 46.38 -47.32
CA GLY G 107 -32.93 45.77 -48.31
C GLY G 107 -32.37 45.92 -49.72
N THR G 108 -32.91 45.11 -50.63
CA THR G 108 -32.48 45.05 -52.02
C THR G 108 -33.63 44.47 -52.83
N LYS G 109 -33.83 44.93 -54.05
CA LYS G 109 -34.92 44.41 -54.87
C LYS G 109 -34.41 43.84 -56.19
N VAL G 110 -33.91 42.61 -56.13
CA VAL G 110 -33.40 41.93 -57.32
C VAL G 110 -34.51 41.59 -58.30
N GLU G 111 -34.82 42.52 -59.19
CA GLU G 111 -35.87 42.31 -60.18
C GLU G 111 -35.32 41.60 -61.41
N ILE G 112 -35.94 41.83 -62.56
CA ILE G 112 -35.50 41.21 -63.80
C ILE G 112 -35.96 42.02 -65.02
N LYS G 113 -37.05 41.60 -65.64
CA LYS G 113 -37.58 42.28 -66.82
C LYS G 113 -38.65 41.44 -67.51
N ARG G 114 -38.79 41.62 -68.82
CA ARG G 114 -39.77 40.87 -69.60
C ARG G 114 -39.61 41.15 -71.10
N THR G 115 -40.41 42.07 -71.61
CA THR G 115 -40.35 42.42 -73.03
C THR G 115 -41.50 43.35 -73.41
N VAL G 116 -42.62 42.77 -73.83
CA VAL G 116 -43.79 43.55 -74.22
C VAL G 116 -45.07 42.75 -74.02
N ALA G 117 -45.36 42.41 -72.77
CA ALA G 117 -46.56 41.64 -72.44
C ALA G 117 -47.70 42.54 -72.02
N ALA G 118 -48.69 42.69 -72.90
CA ALA G 118 -49.84 43.53 -72.63
C ALA G 118 -50.78 42.83 -71.65
N PRO G 119 -51.55 43.60 -70.89
CA PRO G 119 -52.46 42.98 -69.92
C PRO G 119 -53.72 42.48 -70.57
N SER G 120 -54.24 41.37 -70.05
CA SER G 120 -55.65 41.07 -70.24
C SER G 120 -56.44 42.01 -69.33
N VAL G 121 -57.43 42.70 -69.86
CA VAL G 121 -58.26 43.61 -69.06
C VAL G 121 -59.63 43.01 -68.88
N PHE G 122 -60.25 43.29 -67.73
CA PHE G 122 -61.60 42.80 -67.42
C PHE G 122 -62.28 43.71 -66.41
N ILE G 123 -63.53 44.07 -66.69
CA ILE G 123 -64.28 44.95 -65.80
C ILE G 123 -65.43 44.15 -65.21
N PHE G 124 -65.65 44.32 -63.90
CA PHE G 124 -66.69 43.61 -63.18
C PHE G 124 -67.68 44.61 -62.60
N PRO G 125 -68.96 44.51 -62.92
CA PRO G 125 -69.95 45.39 -62.31
C PRO G 125 -70.23 44.97 -60.87
N PRO G 126 -70.89 45.82 -60.07
CA PRO G 126 -71.17 45.43 -58.69
C PRO G 126 -72.22 44.34 -58.59
N SER G 127 -72.02 43.43 -57.65
CA SER G 127 -72.96 42.34 -57.45
C SER G 127 -74.27 42.84 -56.86
N ASP G 128 -75.36 42.16 -57.23
CA ASP G 128 -76.68 42.58 -56.76
C ASP G 128 -76.77 42.57 -55.24
N GLU G 129 -75.99 41.71 -54.58
CA GLU G 129 -76.01 41.68 -53.12
C GLU G 129 -75.51 42.98 -52.52
N GLN G 130 -74.50 43.57 -53.15
CA GLN G 130 -73.91 44.79 -52.60
C GLN G 130 -74.82 45.99 -52.80
N LEU G 131 -75.54 46.05 -53.92
CA LEU G 131 -76.44 47.17 -54.13
C LEU G 131 -77.59 47.16 -53.12
N LYS G 132 -77.91 45.99 -52.56
CA LYS G 132 -78.83 45.98 -51.42
C LYS G 132 -78.23 46.74 -50.25
N SER G 133 -76.97 46.43 -49.93
CA SER G 133 -76.28 47.04 -48.79
C SER G 133 -76.21 48.57 -48.93
N GLY G 134 -76.18 49.08 -50.15
CA GLY G 134 -76.18 50.51 -50.39
C GLY G 134 -74.89 51.10 -50.90
N THR G 135 -74.00 50.29 -51.47
CA THR G 135 -72.73 50.72 -52.00
C THR G 135 -72.39 49.88 -53.23
N ALA G 136 -71.62 50.46 -54.16
CA ALA G 136 -71.25 49.80 -55.41
C ALA G 136 -69.73 49.79 -55.60
N SER G 137 -69.11 48.62 -55.57
CA SER G 137 -67.72 48.50 -55.98
C SER G 137 -67.66 48.06 -57.44
N VAL G 138 -66.84 48.74 -58.23
CA VAL G 138 -66.68 48.43 -59.64
C VAL G 138 -65.22 48.06 -59.83
N VAL G 139 -64.95 46.79 -60.07
CA VAL G 139 -63.59 46.31 -60.12
C VAL G 139 -63.15 46.23 -61.57
N CYS G 140 -61.89 46.56 -61.81
CA CYS G 140 -61.27 46.43 -63.12
C CYS G 140 -59.95 45.72 -62.92
N LEU G 141 -59.74 44.63 -63.66
CA LEU G 141 -58.58 43.79 -63.48
C LEU G 141 -57.64 43.89 -64.69
N LEU G 142 -56.34 43.94 -64.44
CA LEU G 142 -55.31 43.92 -65.48
C LEU G 142 -54.43 42.72 -65.23
N ASN G 143 -54.47 41.74 -66.11
CA ASN G 143 -53.87 40.44 -65.83
C ASN G 143 -52.53 40.29 -66.54
N ASN G 144 -51.55 39.73 -65.84
CA ASN G 144 -50.23 39.53 -66.41
C ASN G 144 -49.76 40.74 -67.22
N PHE G 145 -48.55 41.21 -66.92
CA PHE G 145 -47.99 42.36 -67.63
C PHE G 145 -46.64 42.76 -67.04
N TYR G 146 -45.67 42.91 -67.94
CA TYR G 146 -44.31 43.30 -67.61
C TYR G 146 -44.27 44.72 -67.07
N PRO G 147 -44.21 45.71 -67.95
CA PRO G 147 -44.18 47.09 -67.43
C PRO G 147 -45.36 47.37 -66.48
N ARG G 148 -45.06 47.60 -65.21
CA ARG G 148 -46.08 47.87 -64.22
C ARG G 148 -46.57 49.31 -64.31
N GLU G 149 -45.83 50.13 -65.04
CA GLU G 149 -46.18 51.54 -65.21
C GLU G 149 -47.47 51.69 -66.02
N ALA G 150 -48.48 50.91 -65.67
CA ALA G 150 -49.76 50.96 -66.35
C ALA G 150 -50.62 52.06 -65.75
N LYS G 151 -51.51 52.64 -66.57
CA LYS G 151 -52.47 53.64 -66.13
C LYS G 151 -53.89 53.06 -66.21
N VAL G 152 -54.67 53.24 -65.14
CA VAL G 152 -56.07 52.85 -65.12
C VAL G 152 -56.90 54.12 -64.98
N GLN G 153 -57.60 54.49 -66.05
CA GLN G 153 -58.50 55.62 -66.04
C GLN G 153 -59.93 55.09 -65.98
N TRP G 154 -60.63 55.36 -64.89
CA TRP G 154 -62.06 55.12 -64.82
C TRP G 154 -62.80 56.27 -65.50
N LYS G 155 -63.89 55.93 -66.17
CA LYS G 155 -64.76 56.93 -66.76
C LYS G 155 -66.17 56.53 -66.42
N VAL G 156 -66.99 57.49 -66.02
CA VAL G 156 -68.39 57.24 -65.78
C VAL G 156 -69.18 58.17 -66.69
N ASP G 157 -69.91 57.58 -67.64
CA ASP G 157 -70.58 58.34 -68.69
C ASP G 157 -69.60 59.26 -69.40
N ASN G 158 -68.38 58.79 -69.59
CA ASN G 158 -67.32 59.50 -70.29
C ASN G 158 -66.73 60.66 -69.48
N ALA G 159 -66.91 60.67 -68.18
CA ALA G 159 -66.30 61.65 -67.30
C ALA G 159 -65.16 60.98 -66.56
N LEU G 160 -63.95 61.51 -66.72
CA LEU G 160 -62.83 60.86 -66.04
C LEU G 160 -63.01 61.04 -64.54
N GLN G 161 -62.94 59.92 -63.81
CA GLN G 161 -63.23 59.84 -62.38
C GLN G 161 -61.95 59.98 -61.57
N SER G 162 -61.90 60.96 -60.70
CA SER G 162 -60.70 61.19 -59.89
C SER G 162 -61.05 61.13 -58.42
N GLY G 163 -60.32 60.28 -57.68
CA GLY G 163 -60.37 60.31 -56.23
C GLY G 163 -61.38 59.41 -55.58
N ASN G 164 -61.90 58.42 -56.29
CA ASN G 164 -62.74 57.40 -55.68
C ASN G 164 -62.30 56.00 -56.09
N SER G 165 -61.03 55.83 -56.43
CA SER G 165 -60.51 54.53 -56.81
C SER G 165 -59.33 54.17 -55.92
N GLN G 166 -59.02 52.88 -55.87
CA GLN G 166 -57.82 52.35 -55.23
C GLN G 166 -57.28 51.19 -56.07
N GLU G 167 -55.97 51.12 -56.16
CA GLU G 167 -55.28 50.05 -56.88
C GLU G 167 -54.45 49.24 -55.92
N SER G 168 -54.19 47.98 -56.28
CA SER G 168 -53.02 47.29 -55.74
C SER G 168 -52.48 46.33 -56.80
N VAL G 169 -51.23 45.94 -56.62
CA VAL G 169 -50.45 45.26 -57.63
C VAL G 169 -49.76 44.08 -56.95
N THR G 170 -49.54 43.01 -57.72
CA THR G 170 -48.97 41.82 -57.12
C THR G 170 -47.46 41.85 -57.25
N GLU G 171 -46.81 41.00 -56.47
CA GLU G 171 -45.38 40.84 -56.63
C GLU G 171 -45.09 40.20 -57.99
N GLN G 172 -43.95 40.58 -58.58
CA GLN G 172 -43.54 40.00 -59.85
C GLN G 172 -43.60 38.48 -59.79
N ASP G 173 -44.32 37.90 -60.74
CA ASP G 173 -44.60 36.47 -60.72
C ASP G 173 -43.36 35.61 -60.89
N SER G 174 -43.19 34.61 -60.01
CA SER G 174 -41.99 33.77 -60.05
C SER G 174 -41.92 32.90 -61.30
N LYS G 175 -43.04 32.64 -61.98
CA LYS G 175 -43.00 31.84 -63.20
C LYS G 175 -42.72 32.71 -64.44
N ASP G 176 -43.64 33.63 -64.76
CA ASP G 176 -43.54 34.38 -66.00
C ASP G 176 -43.14 35.83 -65.81
N SER G 177 -42.73 36.23 -64.59
CA SER G 177 -42.14 37.54 -64.32
C SER G 177 -43.06 38.70 -64.71
N THR G 178 -44.38 38.52 -64.58
CA THR G 178 -45.36 39.55 -64.92
C THR G 178 -45.96 40.16 -63.66
N TYR G 179 -46.74 41.21 -63.85
CA TYR G 179 -47.47 41.83 -62.76
C TYR G 179 -48.96 41.72 -63.03
N SER G 180 -49.77 41.89 -62.00
CA SER G 180 -51.21 41.94 -62.15
C SER G 180 -51.76 43.02 -61.24
N LEU G 181 -52.78 43.73 -61.71
CA LEU G 181 -53.25 44.94 -61.03
C LEU G 181 -54.76 44.94 -60.94
N SER G 182 -55.27 45.39 -59.79
CA SER G 182 -56.70 45.45 -59.53
C SER G 182 -57.04 46.86 -59.09
N SER G 183 -57.91 47.55 -59.81
CA SER G 183 -58.37 48.87 -59.42
C SER G 183 -59.84 48.80 -59.05
N THR G 184 -60.21 49.35 -57.90
CA THR G 184 -61.59 49.31 -57.40
C THR G 184 -62.15 50.74 -57.34
N LEU G 185 -63.28 50.95 -57.99
CA LEU G 185 -63.99 52.22 -57.95
C LEU G 185 -65.16 52.07 -56.99
N THR G 186 -65.28 52.98 -56.02
CA THR G 186 -66.32 52.83 -54.99
C THR G 186 -67.29 54.00 -55.03
N LEU G 187 -68.58 53.67 -55.15
CA LEU G 187 -69.67 54.61 -55.26
C LEU G 187 -70.79 54.23 -54.29
N SER G 188 -71.68 55.17 -54.05
CA SER G 188 -72.87 54.84 -53.30
C SER G 188 -73.89 54.20 -54.24
N LYS G 189 -74.84 53.45 -53.68
CA LYS G 189 -75.92 52.93 -54.52
C LYS G 189 -76.62 54.09 -55.23
N ALA G 190 -76.97 55.13 -54.47
CA ALA G 190 -77.64 56.30 -55.03
C ALA G 190 -76.86 56.89 -56.21
N ASP G 191 -75.59 57.19 -56.01
CA ASP G 191 -74.79 57.79 -57.09
C ASP G 191 -74.55 56.80 -58.22
N TYR G 192 -74.47 55.51 -57.91
CA TYR G 192 -74.30 54.51 -58.95
C TYR G 192 -75.46 54.55 -59.93
N GLU G 193 -76.69 54.51 -59.41
CA GLU G 193 -77.96 54.58 -60.14
C GLU G 193 -78.19 55.90 -60.87
N LYS G 194 -77.25 56.85 -60.85
CA LYS G 194 -77.40 58.12 -61.57
C LYS G 194 -76.71 58.15 -62.93
N HIS G 195 -75.94 57.11 -63.28
CA HIS G 195 -75.18 57.07 -64.52
C HIS G 195 -75.36 55.71 -65.20
N LYS G 196 -74.93 55.62 -66.47
CA LYS G 196 -75.16 54.42 -67.28
C LYS G 196 -73.87 53.65 -67.58
N VAL G 197 -72.98 54.22 -68.38
CA VAL G 197 -71.79 53.50 -68.85
C VAL G 197 -70.70 53.59 -67.80
N TYR G 198 -70.20 52.44 -67.37
CA TYR G 198 -68.99 52.39 -66.54
C TYR G 198 -67.90 51.77 -67.38
N ALA G 199 -66.78 52.48 -67.49
CA ALA G 199 -65.68 52.14 -68.36
C ALA G 199 -64.38 52.17 -67.59
N CYS G 200 -63.43 51.37 -68.05
CA CYS G 200 -62.11 51.26 -67.44
C CYS G 200 -61.13 51.28 -68.60
N GLU G 201 -60.32 52.33 -68.73
CA GLU G 201 -59.44 52.49 -69.88
C GLU G 201 -58.00 52.29 -69.44
N VAL G 202 -57.35 51.25 -69.94
CA VAL G 202 -56.00 50.88 -69.54
C VAL G 202 -54.98 51.30 -70.59
N THR G 203 -53.94 52.00 -70.16
CA THR G 203 -52.83 52.42 -71.00
C THR G 203 -51.60 51.61 -70.62
N HIS G 204 -50.83 51.16 -71.62
CA HIS G 204 -49.70 50.29 -71.34
C HIS G 204 -48.83 50.18 -72.58
N GLN G 205 -47.55 49.90 -72.36
CA GLN G 205 -46.58 49.92 -73.44
C GLN G 205 -46.83 48.81 -74.46
N GLY G 206 -47.37 47.67 -74.02
CA GLY G 206 -47.73 46.60 -74.94
C GLY G 206 -49.01 46.83 -75.72
N LEU G 207 -49.73 47.92 -75.43
CA LEU G 207 -50.91 48.32 -76.19
C LEU G 207 -50.56 49.48 -77.12
N SER G 208 -50.91 49.35 -78.39
CA SER G 208 -50.66 50.44 -79.34
C SER G 208 -51.55 51.63 -79.05
N SER G 209 -52.79 51.40 -78.66
CA SER G 209 -53.66 52.45 -78.14
C SER G 209 -54.48 51.85 -77.00
N PRO G 210 -54.95 52.69 -76.08
CA PRO G 210 -55.48 52.15 -74.82
C PRO G 210 -56.71 51.28 -75.04
N VAL G 211 -56.88 50.35 -74.14
CA VAL G 211 -57.97 49.40 -74.19
C VAL G 211 -58.99 49.84 -73.18
N THR G 212 -60.26 49.86 -73.57
CA THR G 212 -61.36 50.16 -72.67
C THR G 212 -62.26 48.95 -72.57
N LYS G 213 -62.48 48.46 -71.36
CA LYS G 213 -63.54 47.49 -71.08
C LYS G 213 -64.65 48.21 -70.34
N SER G 214 -65.91 47.98 -70.76
CA SER G 214 -67.00 48.76 -70.20
C SER G 214 -68.28 47.94 -70.20
N PHE G 215 -69.17 48.31 -69.29
CA PHE G 215 -70.50 47.73 -69.24
C PHE G 215 -71.52 48.85 -69.08
N ASN G 216 -72.78 48.49 -69.19
CA ASN G 216 -73.88 49.43 -69.11
C ASN G 216 -74.76 49.00 -67.95
N ARG G 217 -74.77 49.79 -66.88
CA ARG G 217 -75.54 49.45 -65.68
C ARG G 217 -76.95 49.03 -66.04
N GLY G 218 -77.29 47.80 -65.65
CA GLY G 218 -78.65 47.34 -65.79
C GLY G 218 -78.97 46.63 -67.08
N GLU G 219 -77.95 46.12 -67.78
CA GLU G 219 -78.14 45.39 -69.02
C GLU G 219 -77.60 43.97 -68.87
N CYS G 220 -78.49 43.00 -68.63
CA CYS G 220 -78.13 41.59 -68.56
C CYS G 220 -77.31 41.20 -69.79
N GLN H 1 -17.02 -5.26 -48.25
CA GLN H 1 -15.87 -5.78 -48.98
C GLN H 1 -15.30 -4.69 -49.87
N VAL H 2 -13.98 -4.63 -49.98
CA VAL H 2 -13.34 -3.59 -50.76
C VAL H 2 -12.97 -4.17 -52.11
N GLN H 3 -12.49 -3.33 -53.02
CA GLN H 3 -12.01 -3.81 -54.31
C GLN H 3 -10.70 -3.12 -54.61
N LEU H 4 -9.87 -3.79 -55.40
CA LEU H 4 -8.50 -3.37 -55.62
C LEU H 4 -8.25 -3.23 -57.11
N GLN H 5 -7.41 -2.27 -57.47
CA GLN H 5 -7.10 -2.01 -58.87
C GLN H 5 -5.64 -1.60 -58.97
N GLU H 6 -5.06 -1.78 -60.15
CA GLU H 6 -3.64 -1.59 -60.35
C GLU H 6 -3.37 -0.52 -61.41
N SER H 7 -2.12 -0.08 -61.48
CA SER H 7 -1.73 0.93 -62.45
C SER H 7 -0.23 0.88 -62.75
N GLY H 8 0.14 0.06 -63.72
CA GLY H 8 1.54 -0.08 -64.10
C GLY H 8 1.90 0.78 -65.30
N PRO H 9 3.15 0.69 -65.73
CA PRO H 9 3.60 1.48 -66.88
C PRO H 9 3.54 0.69 -68.19
N GLY H 10 2.39 0.09 -68.49
CA GLY H 10 2.25 -0.68 -69.71
C GLY H 10 3.48 -1.51 -70.02
N LEU H 11 4.29 -1.03 -70.95
CA LEU H 11 5.51 -1.73 -71.34
C LEU H 11 6.67 -1.36 -70.43
N VAL H 12 7.88 -1.70 -70.86
CA VAL H 12 9.07 -1.40 -70.08
C VAL H 12 10.29 -1.79 -70.91
N LYS H 13 11.22 -0.86 -71.09
CA LYS H 13 12.46 -1.16 -71.77
C LYS H 13 13.32 -2.07 -70.89
N PRO H 14 14.20 -2.89 -71.48
CA PRO H 14 14.95 -3.86 -70.66
C PRO H 14 15.90 -3.21 -69.68
N SER H 15 16.09 -3.90 -68.55
CA SER H 15 16.92 -3.48 -67.42
C SER H 15 16.51 -2.13 -66.85
N GLU H 16 15.22 -1.84 -66.91
CA GLU H 16 14.63 -0.68 -66.25
C GLU H 16 14.10 -1.07 -64.87
N THR H 17 13.28 -0.19 -64.29
CA THR H 17 12.55 -0.48 -63.08
C THR H 17 11.07 -0.63 -63.40
N LEU H 18 10.34 -1.34 -62.52
CA LEU H 18 8.93 -1.60 -62.73
C LEU H 18 8.08 -0.95 -61.63
N SER H 19 7.06 -0.22 -62.05
CA SER H 19 6.26 0.58 -61.13
C SER H 19 4.81 0.12 -61.17
N LEU H 20 4.31 -0.37 -60.04
CA LEU H 20 2.93 -0.80 -59.92
C LEU H 20 2.38 -0.33 -58.58
N THR H 21 1.19 0.26 -58.59
CA THR H 21 0.51 0.67 -57.37
C THR H 21 -0.88 0.04 -57.32
N CYS H 22 -1.24 -0.50 -56.16
CA CYS H 22 -2.53 -1.14 -55.99
C CYS H 22 -3.31 -0.40 -54.92
N THR H 23 -4.37 0.28 -55.33
CA THR H 23 -5.09 1.20 -54.46
C THR H 23 -6.31 0.52 -53.89
N VAL H 24 -6.37 0.41 -52.57
CA VAL H 24 -7.54 -0.12 -51.90
C VAL H 24 -8.63 0.94 -51.95
N SER H 25 -9.86 0.54 -52.29
CA SER H 25 -10.96 1.49 -52.36
C SER H 25 -12.29 0.79 -52.12
N GLY H 26 -12.79 0.84 -50.91
CA GLY H 26 -14.03 0.18 -50.59
C GLY H 26 -14.62 0.69 -49.31
N GLY H 27 -15.20 -0.21 -48.53
CA GLY H 27 -15.82 0.17 -47.29
C GLY H 27 -14.83 0.23 -46.15
N SER H 28 -15.06 -0.57 -45.11
CA SER H 28 -14.14 -0.66 -43.98
C SER H 28 -13.18 -1.80 -44.24
N ILE H 29 -11.88 -1.49 -44.32
CA ILE H 29 -10.90 -2.53 -44.56
C ILE H 29 -10.67 -3.34 -43.30
N SER H 30 -10.32 -4.60 -43.49
CA SER H 30 -10.09 -5.51 -42.38
C SER H 30 -8.89 -6.39 -42.66
N SER H 31 -8.13 -6.06 -43.70
CA SER H 31 -7.02 -6.88 -44.12
C SER H 31 -5.77 -6.53 -43.33
N TYR H 32 -4.79 -7.42 -43.38
CA TYR H 32 -3.52 -7.16 -42.72
C TYR H 32 -2.35 -7.69 -43.52
N TYR H 33 -2.59 -8.21 -44.71
CA TYR H 33 -1.50 -8.82 -45.47
C TYR H 33 -1.73 -8.58 -46.94
N TRP H 34 -1.00 -7.62 -47.50
CA TRP H 34 -1.20 -7.22 -48.88
C TRP H 34 -0.14 -7.87 -49.74
N SER H 35 -0.57 -8.73 -50.66
CA SER H 35 0.37 -9.52 -51.43
C SER H 35 0.21 -9.22 -52.90
N TRP H 36 1.32 -9.29 -53.62
CA TRP H 36 1.28 -9.34 -55.07
C TRP H 36 1.57 -10.76 -55.51
N ILE H 37 0.84 -11.23 -56.52
CA ILE H 37 1.20 -12.51 -57.12
C ILE H 37 1.39 -12.30 -58.62
N ARG H 38 2.04 -13.24 -59.29
CA ARG H 38 2.53 -13.08 -60.64
C ARG H 38 1.98 -14.20 -61.51
N GLN H 39 1.75 -13.91 -62.79
CA GLN H 39 1.35 -14.99 -63.70
C GLN H 39 1.84 -14.78 -65.12
N PRO H 40 2.78 -15.61 -65.59
CA PRO H 40 3.17 -15.58 -67.01
C PRO H 40 2.00 -16.03 -67.88
N PRO H 41 1.95 -15.59 -69.14
CA PRO H 41 0.77 -15.86 -69.97
C PRO H 41 0.64 -17.33 -70.34
N GLY H 42 -0.39 -17.97 -69.81
CA GLY H 42 -0.61 -19.38 -70.03
C GLY H 42 0.35 -20.26 -69.27
N LYS H 43 0.83 -19.78 -68.12
CA LYS H 43 1.69 -20.58 -67.26
C LYS H 43 1.15 -20.50 -65.84
N GLY H 44 1.90 -21.10 -64.92
CA GLY H 44 1.46 -21.23 -63.54
C GLY H 44 1.58 -19.98 -62.70
N LEU H 45 0.77 -19.89 -61.64
CA LEU H 45 0.81 -18.73 -60.75
C LEU H 45 2.08 -18.74 -59.91
N GLU H 46 2.47 -17.57 -59.42
CA GLU H 46 3.66 -17.45 -58.60
C GLU H 46 3.50 -16.27 -57.65
N TRP H 47 3.73 -16.55 -56.37
CA TRP H 47 3.57 -15.57 -55.30
C TRP H 47 4.85 -14.75 -55.14
N ILE H 48 4.70 -13.44 -55.11
CA ILE H 48 5.86 -12.56 -55.12
C ILE H 48 6.30 -12.26 -53.71
N GLY H 49 5.40 -11.71 -52.91
CA GLY H 49 5.72 -11.32 -51.55
C GLY H 49 4.55 -10.58 -50.95
N TYR H 50 4.65 -10.30 -49.66
CA TYR H 50 3.61 -9.49 -49.06
C TYR H 50 4.21 -8.32 -48.30
N ILE H 51 3.32 -7.49 -47.78
CA ILE H 51 3.63 -6.43 -46.83
C ILE H 51 2.52 -6.47 -45.80
N SER H 52 2.85 -6.21 -44.55
CA SER H 52 1.83 -6.16 -43.53
C SER H 52 1.68 -4.71 -43.08
N TYR H 53 0.59 -4.44 -42.37
CA TYR H 53 0.41 -3.11 -41.80
C TYR H 53 1.36 -2.83 -40.64
N SER H 54 2.04 -3.83 -40.11
CA SER H 54 3.13 -3.62 -39.18
C SER H 54 4.44 -3.36 -39.90
N GLY H 55 4.43 -3.26 -41.23
CA GLY H 55 5.64 -3.01 -41.96
C GLY H 55 6.56 -4.20 -42.03
N SER H 56 6.02 -5.40 -41.91
CA SER H 56 6.81 -6.63 -41.88
C SER H 56 6.83 -7.24 -43.26
N THR H 57 7.85 -6.91 -44.04
CA THR H 57 8.01 -7.42 -45.40
C THR H 57 8.36 -8.89 -45.36
N ASN H 58 8.18 -9.55 -46.49
CA ASN H 58 8.49 -10.95 -46.69
C ASN H 58 8.45 -11.22 -48.18
N TYR H 59 9.47 -11.91 -48.69
CA TYR H 59 9.61 -12.04 -50.12
C TYR H 59 9.86 -13.49 -50.49
N ASN H 60 9.62 -13.80 -51.77
CA ASN H 60 9.85 -15.13 -52.29
C ASN H 60 11.31 -15.29 -52.67
N PRO H 61 11.99 -16.34 -52.23
CA PRO H 61 13.42 -16.47 -52.54
C PRO H 61 13.72 -16.92 -53.96
N SER H 62 13.13 -16.24 -54.95
CA SER H 62 13.46 -16.43 -56.35
C SER H 62 13.46 -15.07 -57.02
N LEU H 63 13.06 -14.04 -56.25
CA LEU H 63 13.06 -12.67 -56.72
C LEU H 63 13.65 -11.77 -55.65
N LYS H 64 14.41 -12.35 -54.73
CA LYS H 64 15.04 -11.62 -53.65
C LYS H 64 16.06 -10.63 -54.20
N SER H 65 16.09 -9.44 -53.58
CA SER H 65 16.94 -8.30 -53.96
C SER H 65 16.63 -7.83 -55.39
N ARG H 66 15.38 -8.00 -55.79
CA ARG H 66 14.88 -7.38 -57.00
C ARG H 66 13.52 -6.75 -56.72
N VAL H 67 12.91 -7.14 -55.60
CA VAL H 67 11.58 -6.71 -55.22
C VAL H 67 11.68 -5.83 -53.99
N THR H 68 10.81 -4.84 -53.90
CA THR H 68 10.65 -4.03 -52.70
C THR H 68 9.21 -3.57 -52.65
N ILE H 69 8.48 -4.04 -51.65
CA ILE H 69 7.09 -3.65 -51.47
C ILE H 69 7.04 -2.54 -50.44
N SER H 70 6.38 -1.44 -50.80
CA SER H 70 6.27 -0.30 -49.91
C SER H 70 4.84 -0.23 -49.42
N LEU H 71 4.54 0.78 -48.61
CA LEU H 71 3.22 0.91 -48.02
C LEU H 71 2.98 2.37 -47.64
N ASP H 72 1.99 2.99 -48.26
CA ASP H 72 1.66 4.39 -48.01
C ASP H 72 0.28 4.44 -47.37
N THR H 73 0.23 4.62 -46.05
CA THR H 73 -1.02 4.70 -45.31
C THR H 73 -1.42 6.17 -45.19
N SER H 74 -1.49 6.86 -46.33
CA SER H 74 -2.02 8.21 -46.36
C SER H 74 -2.83 8.36 -47.64
N LYS H 75 -2.84 7.29 -48.44
CA LYS H 75 -3.58 7.26 -49.70
C LYS H 75 -4.30 5.92 -49.80
N ASN H 76 -4.08 5.06 -48.80
CA ASN H 76 -4.41 3.63 -48.81
C ASN H 76 -3.83 2.93 -50.02
N GLN H 77 -2.56 3.16 -50.31
CA GLN H 77 -1.92 2.55 -51.46
C GLN H 77 -0.64 1.85 -51.03
N PHE H 78 -0.37 0.71 -51.64
CA PHE H 78 0.89 0.03 -51.52
C PHE H 78 1.42 -0.26 -52.91
N SER H 79 2.71 -0.56 -53.01
CA SER H 79 3.33 -0.56 -54.32
C SER H 79 4.49 -1.53 -54.35
N LEU H 80 4.88 -1.93 -55.56
CA LEU H 80 5.91 -2.93 -55.78
C LEU H 80 6.90 -2.42 -56.82
N LYS H 81 8.20 -2.55 -56.51
CA LYS H 81 9.24 -2.11 -57.42
C LYS H 81 10.11 -3.29 -57.83
N LEU H 82 10.05 -3.64 -59.12
CA LEU H 82 10.98 -4.59 -59.73
C LEU H 82 12.03 -3.78 -60.49
N SER H 83 13.23 -3.72 -59.93
CA SER H 83 14.35 -3.11 -60.63
C SER H 83 15.07 -4.19 -61.43
N SER H 84 15.74 -3.74 -62.50
CA SER H 84 16.50 -4.59 -63.43
C SER H 84 15.63 -5.69 -64.02
N VAL H 85 14.63 -5.23 -64.79
CA VAL H 85 13.73 -6.15 -65.46
C VAL H 85 14.46 -6.93 -66.55
N THR H 86 13.91 -8.11 -66.87
CA THR H 86 14.55 -9.01 -67.82
C THR H 86 13.42 -9.50 -68.74
N ALA H 87 13.74 -10.29 -69.77
CA ALA H 87 12.72 -10.79 -70.68
C ALA H 87 11.79 -11.82 -70.06
N ALA H 88 12.18 -12.43 -68.94
CA ALA H 88 11.37 -13.44 -68.28
C ALA H 88 10.42 -12.85 -67.24
N ASP H 89 10.16 -11.55 -67.31
CA ASP H 89 9.21 -10.89 -66.42
C ASP H 89 7.98 -10.46 -67.21
N THR H 90 7.70 -11.20 -68.27
CA THR H 90 6.47 -11.03 -69.04
C THR H 90 5.36 -11.76 -68.34
N ALA H 91 4.44 -11.01 -67.74
CA ALA H 91 3.43 -11.60 -66.89
C ALA H 91 2.27 -10.63 -66.71
N VAL H 92 1.20 -11.13 -66.16
CA VAL H 92 0.13 -10.30 -65.63
C VAL H 92 0.28 -10.29 -64.12
N TYR H 93 0.20 -9.09 -63.52
CA TYR H 93 0.49 -8.93 -62.10
C TYR H 93 -0.79 -8.58 -61.36
N TYR H 94 -1.11 -9.35 -60.33
CA TYR H 94 -2.28 -9.14 -59.50
C TYR H 94 -1.88 -8.65 -58.13
N CYS H 95 -2.78 -7.94 -57.47
CA CYS H 95 -2.65 -7.65 -56.06
C CYS H 95 -3.82 -8.31 -55.35
N ALA H 96 -3.54 -9.01 -54.27
CA ALA H 96 -4.58 -9.79 -53.62
C ALA H 96 -4.33 -9.79 -52.12
N SER H 97 -5.37 -10.12 -51.38
CA SER H 97 -5.31 -10.02 -49.93
C SER H 97 -6.37 -10.94 -49.32
N ASN H 98 -6.53 -10.85 -48.02
CA ASN H 98 -7.46 -11.67 -47.28
C ASN H 98 -8.37 -10.77 -46.46
N GLY H 99 -9.66 -10.83 -46.73
CA GLY H 99 -10.65 -10.10 -45.98
C GLY H 99 -11.10 -10.87 -44.76
N GLN H 100 -10.28 -10.90 -43.72
CA GLN H 100 -10.63 -11.61 -42.51
C GLN H 100 -10.19 -10.82 -41.29
N TYR H 101 -10.99 -10.84 -40.23
CA TYR H 101 -10.69 -10.10 -39.01
C TYR H 101 -9.43 -10.66 -38.34
N TYR H 102 -8.65 -9.79 -37.72
CA TYR H 102 -7.27 -10.12 -37.39
C TYR H 102 -7.00 -10.06 -35.89
N ASP H 103 -6.80 -11.22 -35.25
CA ASP H 103 -6.46 -11.27 -33.83
C ASP H 103 -5.34 -12.25 -33.59
N ILE H 104 -4.19 -11.78 -33.10
CA ILE H 104 -3.08 -12.64 -32.76
C ILE H 104 -3.35 -13.22 -31.37
N LEU H 105 -4.22 -12.58 -30.62
CA LEU H 105 -4.67 -13.14 -29.35
C LEU H 105 -5.45 -14.43 -29.53
N THR H 106 -6.08 -14.62 -30.69
CA THR H 106 -6.62 -15.94 -31.06
C THR H 106 -6.23 -16.23 -32.51
N GLY H 107 -5.06 -16.82 -32.70
CA GLY H 107 -4.68 -17.21 -34.04
C GLY H 107 -3.25 -16.96 -34.44
N GLN H 108 -2.65 -17.94 -35.08
CA GLN H 108 -1.29 -17.80 -35.58
C GLN H 108 -1.28 -16.92 -36.83
N PRO H 109 -0.13 -16.38 -37.21
CA PRO H 109 -0.04 -15.61 -38.46
C PRO H 109 -0.39 -16.40 -39.70
N PRO H 110 0.14 -17.65 -39.95
CA PRO H 110 -0.21 -18.28 -41.23
C PRO H 110 -1.60 -18.88 -41.25
N ASP H 111 -2.58 -18.00 -41.11
CA ASP H 111 -3.98 -18.32 -40.99
C ASP H 111 -4.68 -17.27 -41.82
N TYR H 112 -3.94 -16.22 -42.16
CA TYR H 112 -4.49 -15.03 -42.79
C TYR H 112 -3.99 -14.84 -44.20
N TRP H 113 -3.41 -15.85 -44.83
CA TRP H 113 -3.04 -15.66 -46.23
C TRP H 113 -3.54 -16.84 -47.07
N TYR H 114 -4.79 -16.75 -47.51
CA TYR H 114 -5.28 -17.62 -48.57
C TYR H 114 -5.97 -16.83 -49.68
N PHE H 115 -5.72 -15.53 -49.76
CA PHE H 115 -5.97 -14.67 -50.92
C PHE H 115 -7.43 -14.62 -51.35
N ASP H 116 -8.27 -14.08 -50.51
CA ASP H 116 -9.71 -13.95 -50.72
C ASP H 116 -10.06 -12.81 -51.67
N LEU H 117 -9.66 -11.59 -51.37
CA LEU H 117 -9.91 -10.50 -52.31
C LEU H 117 -8.91 -10.58 -53.45
N TRP H 118 -9.31 -10.08 -54.61
CA TRP H 118 -8.47 -10.19 -55.78
C TRP H 118 -8.60 -8.95 -56.63
N GLY H 119 -7.50 -8.56 -57.27
CA GLY H 119 -7.49 -7.38 -58.11
C GLY H 119 -8.05 -7.65 -59.49
N ARG H 120 -7.49 -6.99 -60.49
CA ARG H 120 -7.93 -7.21 -61.86
C ARG H 120 -6.79 -7.53 -62.81
N GLY H 121 -5.55 -7.39 -62.38
CA GLY H 121 -4.44 -7.78 -63.22
C GLY H 121 -4.07 -6.76 -64.28
N THR H 122 -2.78 -6.61 -64.53
CA THR H 122 -2.29 -5.70 -65.56
C THR H 122 -1.16 -6.37 -66.30
N LEU H 123 -1.31 -6.50 -67.62
CA LEU H 123 -0.29 -7.13 -68.45
C LEU H 123 0.99 -6.31 -68.47
N VAL H 124 2.10 -6.98 -68.73
CA VAL H 124 3.41 -6.33 -68.78
C VAL H 124 4.39 -7.18 -69.58
N THR H 125 5.43 -6.53 -70.12
CA THR H 125 6.44 -7.22 -70.90
C THR H 125 7.74 -6.43 -70.95
N VAL H 126 8.83 -7.07 -70.56
CA VAL H 126 10.14 -6.43 -70.55
C VAL H 126 10.59 -6.08 -71.97
N SER H 127 9.64 -5.66 -72.81
CA SER H 127 9.93 -5.30 -74.18
C SER H 127 10.70 -3.98 -74.25
N SER H 128 10.58 -3.29 -75.38
CA SER H 128 11.26 -2.02 -75.57
C SER H 128 11.10 -1.52 -77.01
N ALA H 129 10.71 -2.42 -77.90
CA ALA H 129 10.52 -2.08 -79.31
C ALA H 129 9.49 -0.95 -79.46
N SER H 130 9.66 0.10 -78.67
CA SER H 130 8.75 1.24 -78.72
C SER H 130 7.29 0.78 -78.76
N THR H 131 6.41 1.67 -79.21
CA THR H 131 4.98 1.36 -79.29
C THR H 131 4.46 1.60 -80.70
N LYS H 132 3.15 1.43 -80.87
CA LYS H 132 2.52 1.64 -82.17
C LYS H 132 1.00 1.54 -82.07
N GLY H 133 0.32 1.80 -83.18
CA GLY H 133 -1.12 1.75 -83.21
C GLY H 133 -1.63 0.73 -84.21
N PRO H 134 -2.88 0.30 -84.03
CA PRO H 134 -3.39 -0.77 -84.89
C PRO H 134 -3.90 -0.23 -86.22
N SER H 135 -3.81 -1.06 -87.25
CA SER H 135 -4.43 -0.79 -88.54
C SER H 135 -5.65 -1.68 -88.69
N VAL H 136 -6.78 -1.09 -89.06
CA VAL H 136 -8.07 -1.78 -89.03
C VAL H 136 -8.60 -1.89 -90.45
N PHE H 137 -9.15 -3.06 -90.77
CA PHE H 137 -9.93 -3.32 -91.97
C PHE H 137 -11.23 -4.01 -91.60
N PRO H 138 -12.31 -3.76 -92.33
CA PRO H 138 -13.54 -4.54 -92.11
C PRO H 138 -13.59 -5.74 -93.05
N LEU H 139 -13.80 -6.94 -92.48
CA LEU H 139 -14.01 -8.15 -93.27
C LEU H 139 -15.51 -8.29 -93.48
N ALA H 140 -15.93 -8.01 -94.70
CA ALA H 140 -17.32 -7.89 -95.13
C ALA H 140 -18.03 -9.23 -95.03
N PRO H 141 -19.33 -9.23 -94.75
CA PRO H 141 -20.11 -10.46 -94.89
C PRO H 141 -20.26 -10.81 -96.36
N SER H 142 -20.08 -12.10 -96.67
CA SER H 142 -20.11 -12.54 -98.05
C SER H 142 -20.85 -13.87 -98.15
N SER H 143 -21.26 -14.22 -99.37
CA SER H 143 -21.90 -15.50 -99.60
C SER H 143 -20.96 -16.66 -99.31
N LYS H 144 -19.65 -16.46 -99.48
CA LYS H 144 -18.69 -17.48 -99.09
C LYS H 144 -18.64 -17.64 -97.57
N SER H 145 -19.03 -16.61 -96.83
CA SER H 145 -19.25 -16.75 -95.40
C SER H 145 -20.70 -17.05 -95.07
N THR H 146 -21.63 -16.77 -95.98
CA THR H 146 -23.04 -17.01 -95.73
C THR H 146 -23.37 -18.49 -95.90
N SER H 147 -24.25 -19.00 -95.04
CA SER H 147 -24.73 -20.38 -95.12
C SER H 147 -26.14 -20.43 -94.51
N GLY H 148 -27.14 -20.48 -95.38
CA GLY H 148 -28.50 -20.65 -94.90
C GLY H 148 -29.00 -19.42 -94.17
N GLY H 149 -29.23 -19.57 -92.86
CA GLY H 149 -29.90 -18.53 -92.09
C GLY H 149 -28.98 -17.44 -91.56
N THR H 150 -27.67 -17.68 -91.55
CA THR H 150 -26.74 -16.74 -90.93
C THR H 150 -25.55 -16.45 -91.85
N ALA H 151 -24.90 -15.32 -91.60
CA ALA H 151 -23.69 -14.91 -92.31
C ALA H 151 -22.81 -14.14 -91.34
N ALA H 152 -21.50 -14.25 -91.52
CA ALA H 152 -20.52 -13.74 -90.57
C ALA H 152 -19.80 -12.53 -91.15
N LEU H 153 -19.52 -11.54 -90.30
CA LEU H 153 -18.75 -10.36 -90.64
C LEU H 153 -17.87 -9.97 -89.46
N GLY H 154 -16.79 -9.24 -89.72
CA GLY H 154 -15.90 -8.93 -88.64
C GLY H 154 -14.95 -7.78 -88.94
N CYS H 155 -13.97 -7.63 -88.06
CA CYS H 155 -12.99 -6.55 -88.16
C CYS H 155 -11.60 -7.13 -87.87
N LEU H 156 -10.65 -6.79 -88.74
CA LEU H 156 -9.27 -7.22 -88.62
C LEU H 156 -8.44 -6.06 -88.13
N VAL H 157 -7.86 -6.20 -86.94
CA VAL H 157 -7.04 -5.15 -86.33
C VAL H 157 -5.65 -5.72 -86.18
N LYS H 158 -4.68 -5.16 -86.91
CA LYS H 158 -3.38 -5.77 -87.06
C LYS H 158 -2.25 -4.78 -86.77
N ASP H 159 -1.03 -5.33 -86.72
CA ASP H 159 0.21 -4.57 -86.58
C ASP H 159 0.19 -3.58 -85.43
N TYR H 160 0.19 -4.09 -84.20
CA TYR H 160 0.36 -3.25 -83.03
C TYR H 160 1.26 -3.96 -82.02
N PHE H 161 2.06 -3.19 -81.30
CA PHE H 161 2.96 -3.75 -80.30
C PHE H 161 2.49 -3.72 -78.84
N PRO H 162 1.57 -2.80 -78.53
CA PRO H 162 0.99 -2.71 -77.19
C PRO H 162 -0.01 -3.86 -77.14
N GLU H 163 0.33 -4.92 -76.41
CA GLU H 163 -0.50 -6.11 -76.34
C GLU H 163 -1.96 -5.86 -75.97
N PRO H 164 -2.29 -5.16 -74.88
CA PRO H 164 -3.71 -5.00 -74.55
C PRO H 164 -4.42 -4.08 -75.52
N VAL H 165 -5.29 -4.66 -76.34
CA VAL H 165 -6.09 -3.93 -77.32
C VAL H 165 -7.50 -4.54 -77.29
N THR H 166 -8.52 -3.74 -77.57
CA THR H 166 -9.86 -4.27 -77.49
C THR H 166 -10.66 -3.83 -78.71
N VAL H 167 -11.54 -4.71 -79.17
CA VAL H 167 -12.49 -4.41 -80.22
C VAL H 167 -13.86 -4.86 -79.75
N SER H 168 -14.81 -3.94 -79.72
CA SER H 168 -16.18 -4.25 -79.36
C SER H 168 -17.05 -4.14 -80.60
N TRP H 169 -18.27 -4.64 -80.49
CA TRP H 169 -19.23 -4.55 -81.58
C TRP H 169 -20.40 -3.64 -81.17
N ASN H 170 -20.55 -2.54 -81.90
CA ASN H 170 -21.63 -1.60 -81.68
C ASN H 170 -21.63 -1.09 -80.25
N SER H 171 -20.48 -0.55 -79.84
CA SER H 171 -20.31 0.06 -78.53
C SER H 171 -20.66 -0.89 -77.39
N GLY H 172 -20.51 -2.20 -77.63
CA GLY H 172 -20.83 -3.21 -76.64
C GLY H 172 -22.24 -3.77 -76.73
N ALA H 173 -22.95 -3.53 -77.82
CA ALA H 173 -24.33 -3.98 -77.95
C ALA H 173 -24.46 -5.47 -78.23
N LEU H 174 -23.82 -5.97 -79.28
CA LEU H 174 -23.98 -7.35 -79.72
C LEU H 174 -23.08 -8.25 -78.89
N THR H 175 -23.67 -9.23 -78.23
CA THR H 175 -22.92 -10.21 -77.46
C THR H 175 -23.14 -11.60 -78.04
N SER H 176 -24.02 -11.70 -79.02
CA SER H 176 -24.32 -12.97 -79.68
C SER H 176 -23.43 -13.14 -80.90
N GLY H 177 -22.66 -14.24 -80.93
CA GLY H 177 -21.78 -14.55 -82.03
C GLY H 177 -20.49 -13.77 -82.05
N VAL H 178 -20.36 -12.70 -81.26
CA VAL H 178 -19.15 -11.91 -81.20
C VAL H 178 -18.05 -12.75 -80.54
N HIS H 179 -17.00 -13.03 -81.31
CA HIS H 179 -15.86 -13.80 -80.81
C HIS H 179 -14.54 -13.23 -81.29
N THR H 180 -13.75 -12.69 -80.36
CA THR H 180 -12.44 -12.11 -80.68
C THR H 180 -11.41 -13.22 -80.52
N PHE H 181 -10.62 -13.42 -81.54
CA PHE H 181 -9.69 -14.52 -81.51
C PHE H 181 -8.36 -14.06 -80.90
N PRO H 182 -7.61 -14.97 -80.30
CA PRO H 182 -6.33 -14.58 -79.69
C PRO H 182 -5.43 -13.88 -80.68
N ALA H 183 -4.79 -12.82 -80.23
CA ALA H 183 -3.88 -12.09 -81.09
C ALA H 183 -2.71 -12.98 -81.48
N VAL H 184 -2.18 -12.74 -82.67
CA VAL H 184 -1.07 -13.51 -83.17
C VAL H 184 0.14 -12.60 -83.26
N LEU H 185 1.30 -13.17 -82.93
CA LEU H 185 2.56 -12.44 -82.95
C LEU H 185 3.33 -12.81 -84.20
N GLN H 186 3.52 -11.84 -85.08
CA GLN H 186 4.16 -12.08 -86.36
C GLN H 186 5.67 -12.09 -86.21
N SER H 187 6.34 -12.40 -87.32
CA SER H 187 7.80 -12.31 -87.33
C SER H 187 8.27 -10.87 -87.26
N SER H 188 7.45 -9.94 -87.77
CA SER H 188 7.79 -8.52 -87.69
C SER H 188 7.89 -8.04 -86.25
N GLY H 189 7.36 -8.81 -85.30
CA GLY H 189 7.37 -8.42 -83.90
C GLY H 189 6.10 -7.75 -83.43
N LEU H 190 5.13 -7.53 -84.31
CA LEU H 190 3.89 -6.86 -83.95
C LEU H 190 2.75 -7.84 -83.91
N TYR H 191 1.76 -7.54 -83.08
CA TYR H 191 0.62 -8.41 -82.92
C TYR H 191 -0.42 -8.14 -83.99
N SER H 192 -1.39 -9.05 -84.09
CA SER H 192 -2.52 -8.90 -84.98
C SER H 192 -3.62 -9.84 -84.53
N LEU H 193 -4.86 -9.43 -84.77
CA LEU H 193 -6.01 -10.25 -84.43
C LEU H 193 -7.18 -9.87 -85.31
N SER H 194 -8.24 -10.66 -85.23
CA SER H 194 -9.48 -10.45 -85.98
C SER H 194 -10.66 -10.95 -85.15
N SER H 195 -11.69 -10.10 -85.02
CA SER H 195 -12.88 -10.46 -84.24
C SER H 195 -14.07 -10.54 -85.19
N VAL H 196 -14.82 -11.64 -85.10
CA VAL H 196 -15.88 -11.92 -86.05
C VAL H 196 -17.16 -12.23 -85.29
N VAL H 197 -18.30 -11.89 -85.91
CA VAL H 197 -19.61 -12.15 -85.36
C VAL H 197 -20.54 -12.57 -86.48
N THR H 198 -21.39 -13.55 -86.21
CA THR H 198 -22.40 -14.01 -87.15
C THR H 198 -23.73 -13.33 -86.85
N VAL H 199 -24.54 -13.14 -87.88
CA VAL H 199 -25.78 -12.37 -87.80
C VAL H 199 -26.68 -12.90 -88.91
N PRO H 200 -27.99 -13.00 -88.71
CA PRO H 200 -28.86 -13.60 -89.73
C PRO H 200 -28.62 -13.04 -91.12
N SER H 201 -28.61 -13.94 -92.11
CA SER H 201 -28.30 -13.54 -93.47
C SER H 201 -29.37 -12.62 -94.05
N SER H 202 -30.57 -12.61 -93.46
CA SER H 202 -31.56 -11.60 -93.85
C SER H 202 -31.13 -10.21 -93.43
N SER H 203 -30.17 -10.13 -92.50
CA SER H 203 -29.72 -8.87 -91.92
C SER H 203 -28.29 -8.51 -92.31
N LEU H 204 -27.92 -8.70 -93.59
CA LEU H 204 -26.57 -8.38 -94.03
C LEU H 204 -26.20 -6.92 -93.76
N GLY H 205 -26.89 -6.00 -94.41
CA GLY H 205 -26.60 -4.58 -94.21
C GLY H 205 -27.62 -3.89 -93.34
N THR H 206 -28.70 -4.59 -92.97
CA THR H 206 -29.89 -3.95 -92.43
C THR H 206 -29.60 -3.11 -91.18
N GLN H 207 -28.96 -3.70 -90.17
CA GLN H 207 -28.76 -3.00 -88.91
C GLN H 207 -27.33 -2.49 -88.82
N THR H 208 -26.98 -1.94 -87.66
CA THR H 208 -25.66 -1.35 -87.45
C THR H 208 -24.71 -2.42 -86.93
N TYR H 209 -23.55 -2.52 -87.57
CA TYR H 209 -22.47 -3.39 -87.12
C TYR H 209 -21.17 -2.60 -87.24
N ILE H 210 -20.83 -1.86 -86.19
CA ILE H 210 -19.64 -1.02 -86.18
C ILE H 210 -18.72 -1.52 -85.09
N CYS H 211 -17.51 -1.90 -85.47
CA CYS H 211 -16.51 -2.35 -84.52
C CYS H 211 -15.78 -1.14 -83.95
N ASN H 212 -15.73 -1.09 -82.62
CA ASN H 212 -15.13 0.00 -81.86
C ASN H 212 -13.76 -0.51 -81.41
N VAL H 213 -12.72 0.05 -81.99
CA VAL H 213 -11.34 -0.35 -81.71
C VAL H 213 -10.75 0.66 -80.74
N ASN H 214 -10.30 0.17 -79.59
CA ASN H 214 -9.64 0.99 -78.59
C ASN H 214 -8.31 0.37 -78.20
N HIS H 215 -7.27 1.20 -78.23
CA HIS H 215 -5.89 0.84 -77.89
C HIS H 215 -5.50 1.66 -76.68
N LYS H 216 -5.43 1.00 -75.52
CA LYS H 216 -5.28 1.67 -74.23
C LYS H 216 -3.86 2.17 -73.92
N PRO H 217 -2.80 1.43 -74.25
CA PRO H 217 -1.47 2.03 -74.08
C PRO H 217 -1.27 3.29 -74.91
N SER H 218 -1.69 3.26 -76.17
CA SER H 218 -1.85 4.49 -76.93
C SER H 218 -3.23 5.07 -76.62
N ASN H 219 -3.71 5.99 -77.43
CA ASN H 219 -5.05 6.55 -77.26
C ASN H 219 -5.84 6.47 -78.55
N THR H 220 -5.83 5.31 -79.19
CA THR H 220 -6.52 5.11 -80.45
C THR H 220 -7.94 4.62 -80.22
N LYS H 221 -8.89 5.29 -80.87
CA LYS H 221 -10.30 4.94 -80.80
C LYS H 221 -10.91 5.19 -82.18
N VAL H 222 -11.29 4.12 -82.87
CA VAL H 222 -11.83 4.22 -84.23
C VAL H 222 -13.01 3.26 -84.38
N ASP H 223 -14.08 3.73 -85.01
CA ASP H 223 -15.25 2.90 -85.29
C ASP H 223 -15.31 2.61 -86.79
N LYS H 224 -15.36 1.32 -87.14
CA LYS H 224 -15.39 0.89 -88.53
C LYS H 224 -16.65 0.08 -88.81
N LYS H 225 -17.37 0.46 -89.86
CA LYS H 225 -18.59 -0.23 -90.26
C LYS H 225 -18.26 -1.34 -91.24
N VAL H 226 -18.91 -2.49 -91.08
CA VAL H 226 -18.73 -3.63 -91.96
C VAL H 226 -20.01 -3.85 -92.75
N GLU H 227 -19.89 -3.85 -94.08
CA GLU H 227 -21.02 -3.96 -94.98
C GLU H 227 -20.72 -5.05 -96.00
N PRO H 228 -21.74 -5.67 -96.58
CA PRO H 228 -21.49 -6.71 -97.60
C PRO H 228 -20.64 -6.18 -98.75
N LYS H 229 -19.98 -7.11 -99.42
CA LYS H 229 -19.07 -6.74 -100.49
C LYS H 229 -19.82 -6.08 -101.64
N SER H 230 -19.16 -5.13 -102.27
CA SER H 230 -19.74 -4.32 -103.34
C SER H 230 -20.26 -5.17 -104.50
N ASP I 1 10.74 -24.50 -51.46
CA ASP I 1 10.76 -25.18 -50.17
C ASP I 1 9.77 -26.33 -50.22
N ILE I 2 8.50 -25.99 -50.43
CA ILE I 2 7.41 -26.97 -50.41
C ILE I 2 6.61 -26.82 -51.69
N VAL I 3 6.40 -27.94 -52.38
CA VAL I 3 5.81 -27.92 -53.72
C VAL I 3 4.64 -28.88 -53.77
N MET I 4 3.58 -28.48 -54.46
CA MET I 4 2.48 -29.37 -54.77
C MET I 4 2.60 -29.85 -56.21
N THR I 5 2.07 -31.03 -56.49
CA THR I 5 2.16 -31.66 -57.80
C THR I 5 0.76 -32.07 -58.24
N GLN I 6 0.19 -31.31 -59.17
CA GLN I 6 -1.12 -31.66 -59.71
C GLN I 6 -0.98 -32.63 -60.87
N SER I 7 -1.36 -33.88 -60.64
CA SER I 7 -1.13 -34.91 -61.63
C SER I 7 -2.08 -34.86 -62.84
N PRO I 8 -3.45 -34.91 -62.69
CA PRO I 8 -4.25 -34.95 -63.92
C PRO I 8 -4.36 -33.57 -64.54
N ASP I 9 -3.59 -33.34 -65.59
CA ASP I 9 -3.44 -32.01 -66.17
C ASP I 9 -4.45 -31.72 -67.26
N SER I 10 -5.21 -32.73 -67.70
CA SER I 10 -6.22 -32.54 -68.72
C SER I 10 -7.35 -33.52 -68.45
N LEU I 11 -8.58 -33.01 -68.45
CA LEU I 11 -9.74 -33.86 -68.26
C LEU I 11 -10.74 -33.60 -69.37
N ALA I 12 -11.22 -34.69 -69.98
CA ALA I 12 -12.23 -34.59 -71.02
C ALA I 12 -13.58 -35.03 -70.48
N VAL I 13 -13.85 -34.71 -69.23
CA VAL I 13 -15.04 -35.19 -68.53
C VAL I 13 -16.27 -34.44 -69.04
N SER I 14 -17.18 -35.17 -69.66
CA SER I 14 -18.41 -34.57 -70.19
C SER I 14 -19.44 -34.27 -69.11
N LEU I 15 -20.67 -34.00 -69.52
CA LEU I 15 -21.75 -33.70 -68.60
C LEU I 15 -22.23 -34.95 -67.88
N GLY I 16 -22.44 -34.82 -66.57
CA GLY I 16 -22.95 -35.90 -65.76
C GLY I 16 -21.97 -37.04 -65.61
N GLU I 17 -20.83 -36.80 -64.94
CA GLU I 17 -19.75 -37.78 -64.92
C GLU I 17 -19.00 -37.58 -63.60
N ARG I 18 -17.75 -38.00 -63.54
CA ARG I 18 -16.93 -37.75 -62.36
C ARG I 18 -15.75 -36.87 -62.72
N ALA I 19 -15.47 -35.87 -61.89
CA ALA I 19 -14.42 -34.90 -62.15
C ALA I 19 -13.52 -34.80 -60.93
N THR I 20 -12.33 -35.40 -61.02
CA THR I 20 -11.41 -35.56 -59.91
C THR I 20 -10.03 -34.98 -60.25
N ILE I 21 -9.31 -34.54 -59.21
CA ILE I 21 -7.99 -33.95 -59.35
C ILE I 21 -7.12 -34.30 -58.15
N ASN I 22 -5.88 -34.71 -58.40
CA ASN I 22 -4.93 -34.99 -57.34
C ASN I 22 -3.94 -33.84 -57.23
N CYS I 23 -3.51 -33.58 -55.99
CA CYS I 23 -2.49 -32.60 -55.64
C CYS I 23 -1.79 -33.11 -54.36
N LYS I 24 -0.55 -33.59 -54.44
CA LYS I 24 0.12 -34.11 -53.26
C LYS I 24 0.85 -32.99 -52.54
N SER I 25 1.80 -33.35 -51.68
CA SER I 25 2.65 -32.35 -51.02
C SER I 25 4.10 -32.80 -51.00
N SER I 26 4.99 -31.93 -50.53
CA SER I 26 6.39 -32.31 -50.41
C SER I 26 6.80 -32.32 -48.95
N GLN I 27 5.87 -31.92 -48.08
CA GLN I 27 6.04 -32.01 -46.64
C GLN I 27 4.71 -32.38 -46.03
N SER I 28 4.56 -32.23 -44.73
CA SER I 28 3.26 -32.49 -44.15
C SER I 28 2.62 -31.19 -43.68
N VAL I 29 1.29 -31.24 -43.55
CA VAL I 29 0.44 -30.09 -43.24
C VAL I 29 -0.33 -30.61 -42.02
N LEU I 30 -1.45 -29.96 -41.68
CA LEU I 30 -2.42 -30.17 -40.61
C LEU I 30 -1.95 -29.60 -39.28
N TYR I 31 -0.67 -29.19 -39.19
CA TYR I 31 -0.14 -28.42 -38.06
C TYR I 31 -0.36 -29.13 -36.72
N SER I 32 0.53 -30.06 -36.36
CA SER I 32 0.26 -31.05 -35.31
C SER I 32 0.01 -30.35 -33.99
N SER I 33 -1.27 -30.06 -33.82
CA SER I 33 -1.93 -29.21 -32.84
C SER I 33 -3.38 -29.55 -33.11
N ASN I 34 -4.29 -28.64 -32.74
CA ASN I 34 -5.74 -28.81 -32.81
C ASN I 34 -6.33 -29.44 -34.09
N ASN I 35 -6.17 -28.82 -35.25
CA ASN I 35 -6.97 -29.19 -36.41
C ASN I 35 -6.45 -28.53 -37.68
N LYS I 36 -7.29 -28.53 -38.73
CA LYS I 36 -7.27 -27.52 -39.78
C LYS I 36 -6.03 -27.51 -40.66
N ASN I 37 -5.89 -28.50 -41.54
CA ASN I 37 -4.91 -28.47 -42.61
C ASN I 37 -5.12 -27.30 -43.56
N TYR I 38 -4.07 -26.96 -44.30
CA TYR I 38 -3.93 -25.67 -44.96
C TYR I 38 -3.86 -25.81 -46.47
N LEU I 39 -5.01 -25.88 -47.12
CA LEU I 39 -5.09 -25.80 -48.57
C LEU I 39 -6.11 -24.75 -48.98
N ALA I 40 -6.16 -24.42 -50.26
CA ALA I 40 -7.26 -23.68 -50.83
C ALA I 40 -7.40 -24.12 -52.28
N TRP I 41 -8.52 -23.80 -52.89
CA TRP I 41 -8.76 -24.20 -54.27
C TRP I 41 -9.27 -23.02 -55.06
N TYR I 42 -8.64 -22.76 -56.20
CA TYR I 42 -8.93 -21.58 -57.01
C TYR I 42 -9.44 -22.00 -58.38
N GLN I 43 -10.51 -21.36 -58.82
CA GLN I 43 -11.01 -21.52 -60.17
C GLN I 43 -10.59 -20.32 -61.00
N GLN I 44 -9.99 -20.55 -62.15
CA GLN I 44 -9.62 -19.46 -63.03
C GLN I 44 -10.21 -19.69 -64.42
N LYS I 45 -11.14 -18.82 -64.79
CA LYS I 45 -11.60 -18.74 -66.17
C LYS I 45 -10.65 -17.84 -66.95
N PRO I 46 -10.58 -17.98 -68.27
CA PRO I 46 -9.65 -17.14 -69.04
C PRO I 46 -10.10 -15.68 -69.06
N GLY I 47 -9.11 -14.80 -68.91
CA GLY I 47 -9.39 -13.37 -68.89
C GLY I 47 -10.01 -12.88 -67.60
N GLN I 48 -9.83 -13.63 -66.52
CA GLN I 48 -10.36 -13.24 -65.22
C GLN I 48 -9.25 -13.32 -64.18
N PRO I 49 -9.37 -12.62 -63.07
CA PRO I 49 -8.61 -13.00 -61.89
C PRO I 49 -9.20 -14.25 -61.28
N PRO I 50 -8.39 -15.07 -60.59
CA PRO I 50 -8.92 -16.28 -59.95
C PRO I 50 -9.92 -15.99 -58.85
N LYS I 51 -10.87 -16.88 -58.65
CA LYS I 51 -11.77 -16.83 -57.52
C LYS I 51 -11.44 -18.01 -56.65
N LEU I 52 -11.70 -17.90 -55.35
CA LEU I 52 -11.41 -19.04 -54.48
C LEU I 52 -12.68 -19.83 -54.25
N LEU I 53 -12.50 -21.08 -53.89
CA LEU I 53 -13.61 -22.00 -53.68
C LEU I 53 -13.64 -22.60 -52.29
N ILE I 54 -12.48 -22.93 -51.72
CA ILE I 54 -12.39 -23.76 -50.53
C ILE I 54 -11.46 -23.08 -49.53
N TYR I 55 -11.92 -22.93 -48.28
CA TYR I 55 -11.11 -22.28 -47.26
C TYR I 55 -9.95 -23.12 -46.76
N TRP I 56 -10.22 -24.28 -46.17
CA TRP I 56 -9.16 -24.93 -45.40
C TRP I 56 -8.67 -26.22 -46.04
N ALA I 57 -9.54 -27.22 -46.16
CA ALA I 57 -9.22 -28.30 -47.08
C ALA I 57 -10.46 -28.74 -47.83
N SER I 58 -11.62 -28.53 -47.21
CA SER I 58 -12.87 -28.98 -47.79
C SER I 58 -13.94 -27.91 -47.71
N THR I 59 -13.86 -27.04 -46.70
CA THR I 59 -14.97 -26.13 -46.42
C THR I 59 -15.01 -24.98 -47.41
N ARG I 60 -16.22 -24.58 -47.77
CA ARG I 60 -16.41 -23.59 -48.81
C ARG I 60 -17.04 -22.36 -48.17
N GLU I 61 -17.45 -21.41 -49.01
CA GLU I 61 -17.97 -20.14 -48.52
C GLU I 61 -19.14 -19.69 -49.38
N SER I 62 -19.80 -18.60 -48.99
CA SER I 62 -20.87 -18.01 -49.78
C SER I 62 -20.37 -17.53 -51.13
N GLY I 63 -21.08 -17.90 -52.20
CA GLY I 63 -20.75 -17.43 -53.52
C GLY I 63 -20.47 -18.56 -54.48
N VAL I 64 -19.75 -19.57 -54.01
CA VAL I 64 -19.55 -20.75 -54.85
C VAL I 64 -20.77 -21.66 -54.71
N PRO I 65 -21.24 -22.31 -55.78
CA PRO I 65 -22.29 -23.31 -55.62
C PRO I 65 -21.79 -24.50 -54.82
N ASP I 66 -22.74 -25.22 -54.23
CA ASP I 66 -22.42 -26.32 -53.33
C ASP I 66 -22.05 -27.58 -54.10
N ARG I 67 -22.02 -27.50 -55.42
CA ARG I 67 -21.59 -28.60 -56.26
C ARG I 67 -20.08 -28.77 -56.29
N PHE I 68 -19.32 -27.73 -55.98
CA PHE I 68 -17.89 -27.87 -55.79
C PHE I 68 -17.62 -28.37 -54.38
N SER I 69 -16.93 -29.49 -54.26
CA SER I 69 -16.77 -30.12 -52.96
C SER I 69 -15.33 -30.55 -52.76
N GLY I 70 -14.80 -30.25 -51.59
CA GLY I 70 -13.42 -30.57 -51.26
C GLY I 70 -13.35 -31.85 -50.45
N SER I 71 -12.25 -32.58 -50.59
CA SER I 71 -12.02 -33.80 -49.85
C SER I 71 -10.56 -33.86 -49.46
N GLY I 72 -10.15 -34.99 -48.92
CA GLY I 72 -8.75 -35.22 -48.61
C GLY I 72 -8.28 -34.54 -47.35
N SER I 73 -7.24 -35.11 -46.74
CA SER I 73 -6.60 -34.51 -45.58
C SER I 73 -5.19 -35.07 -45.49
N GLY I 74 -4.41 -34.52 -44.56
CA GLY I 74 -3.05 -34.97 -44.39
C GLY I 74 -2.15 -34.42 -45.48
N THR I 75 -1.75 -35.28 -46.43
CA THR I 75 -0.92 -34.80 -47.53
C THR I 75 -1.49 -35.19 -48.89
N ASP I 76 -2.66 -35.80 -48.96
CA ASP I 76 -3.29 -36.17 -50.23
C ASP I 76 -4.66 -35.51 -50.30
N PHE I 77 -4.87 -34.72 -51.34
CA PHE I 77 -6.04 -33.86 -51.43
C PHE I 77 -6.69 -34.02 -52.79
N THR I 78 -8.01 -33.89 -52.81
CA THR I 78 -8.79 -34.06 -54.02
C THR I 78 -10.07 -33.25 -53.89
N LEU I 79 -10.40 -32.53 -54.97
CA LEU I 79 -11.61 -31.75 -55.07
C LEU I 79 -12.59 -32.43 -56.02
N THR I 80 -13.87 -32.41 -55.67
CA THR I 80 -14.92 -33.11 -56.40
C THR I 80 -16.02 -32.14 -56.81
N ILE I 81 -16.49 -32.26 -58.05
CA ILE I 81 -17.53 -31.38 -58.55
C ILE I 81 -18.88 -32.11 -58.60
N SER I 82 -19.85 -31.49 -59.27
CA SER I 82 -21.18 -32.09 -59.38
C SER I 82 -21.47 -32.49 -60.83
N SER I 83 -20.76 -33.50 -61.30
CA SER I 83 -20.94 -34.00 -62.66
C SER I 83 -20.70 -32.89 -63.69
N LEU I 84 -19.94 -31.87 -63.28
CA LEU I 84 -19.64 -30.75 -64.16
C LEU I 84 -20.85 -29.84 -64.32
N GLN I 85 -20.80 -28.97 -65.33
CA GLN I 85 -21.88 -28.04 -65.60
C GLN I 85 -21.81 -27.48 -67.02
N ALA I 86 -22.35 -26.29 -67.21
CA ALA I 86 -22.34 -25.64 -68.52
C ALA I 86 -21.11 -24.76 -68.69
N GLU I 87 -20.71 -24.10 -67.62
CA GLU I 87 -19.55 -23.20 -67.64
C GLU I 87 -18.57 -23.55 -66.52
N ASP I 88 -17.91 -24.70 -66.66
CA ASP I 88 -16.94 -25.15 -65.66
C ASP I 88 -15.55 -25.26 -66.26
N VAL I 89 -15.44 -24.98 -67.55
CA VAL I 89 -14.16 -25.05 -68.25
C VAL I 89 -13.26 -23.96 -67.71
N ALA I 90 -12.22 -24.35 -67.01
CA ALA I 90 -11.40 -23.41 -66.26
C ALA I 90 -10.04 -24.06 -66.04
N VAL I 91 -9.16 -23.34 -65.35
CA VAL I 91 -7.90 -23.87 -64.88
C VAL I 91 -7.91 -23.79 -63.36
N TYR I 92 -7.48 -24.86 -62.70
CA TYR I 92 -7.65 -25.01 -61.27
C TYR I 92 -6.28 -25.10 -60.60
N TYR I 93 -6.15 -24.47 -59.44
CA TYR I 93 -4.91 -24.47 -58.68
C TYR I 93 -5.19 -24.77 -57.21
N CYS I 94 -4.26 -25.44 -56.56
CA CYS I 94 -4.32 -25.70 -55.12
C CYS I 94 -3.16 -24.96 -54.46
N GLN I 95 -3.46 -23.79 -53.95
CA GLN I 95 -2.46 -23.02 -53.22
C GLN I 95 -2.32 -23.60 -51.83
N GLN I 96 -1.11 -23.65 -51.30
CA GLN I 96 -0.88 -24.05 -49.92
C GLN I 96 -0.58 -22.81 -49.12
N TYR I 97 -0.47 -22.94 -47.80
CA TYR I 97 0.10 -21.91 -46.95
C TYR I 97 0.59 -22.56 -45.68
N TYR I 98 1.90 -22.80 -45.58
CA TYR I 98 2.37 -23.32 -44.31
C TYR I 98 3.31 -22.37 -43.60
N SER I 99 4.40 -21.92 -44.23
CA SER I 99 5.06 -20.85 -43.50
C SER I 99 5.20 -19.52 -44.19
N THR I 100 6.28 -19.33 -44.95
CA THR I 100 6.32 -18.20 -45.86
C THR I 100 6.12 -18.48 -47.35
N PRO I 101 6.81 -19.47 -48.00
CA PRO I 101 6.82 -19.41 -49.47
C PRO I 101 5.56 -20.03 -50.05
N LEU I 102 4.52 -19.20 -50.15
CA LEU I 102 3.21 -19.61 -50.62
C LEU I 102 3.29 -20.11 -52.05
N THR I 103 3.12 -21.40 -52.26
CA THR I 103 3.28 -22.01 -53.56
C THR I 103 1.94 -22.46 -54.11
N PHE I 104 1.86 -22.49 -55.43
CA PHE I 104 0.65 -22.85 -56.14
C PHE I 104 0.86 -24.16 -56.87
N GLY I 105 -0.21 -24.66 -57.46
CA GLY I 105 -0.13 -25.90 -58.21
C GLY I 105 0.44 -25.72 -59.59
N GLY I 106 0.09 -26.64 -60.50
CA GLY I 106 0.61 -26.57 -61.85
C GLY I 106 -0.47 -26.33 -62.89
N GLY I 107 -1.72 -26.57 -62.52
CA GLY I 107 -2.77 -26.33 -63.46
C GLY I 107 -3.54 -27.59 -63.82
N THR I 108 -4.72 -27.41 -64.38
CA THR I 108 -5.63 -28.49 -64.75
C THR I 108 -6.56 -27.96 -65.83
N LYS I 109 -6.94 -28.79 -66.79
CA LYS I 109 -7.83 -28.35 -67.85
C LYS I 109 -9.10 -29.17 -67.92
N VAL I 110 -10.05 -28.85 -67.05
CA VAL I 110 -11.32 -29.56 -67.00
C VAL I 110 -12.16 -29.27 -68.24
N GLU I 111 -11.97 -30.08 -69.28
CA GLU I 111 -12.71 -29.91 -70.52
C GLU I 111 -14.05 -30.64 -70.45
N ILE I 112 -14.55 -31.06 -71.61
CA ILE I 112 -15.82 -31.77 -71.67
C ILE I 112 -15.92 -32.62 -72.94
N LYS I 113 -16.61 -32.09 -73.96
CA LYS I 113 -16.77 -32.81 -75.22
C LYS I 113 -17.84 -32.13 -76.09
N ARG I 114 -18.49 -32.92 -76.93
CA ARG I 114 -19.53 -32.40 -77.82
C ARG I 114 -20.24 -33.53 -78.55
N THR I 115 -19.81 -33.79 -79.78
CA THR I 115 -20.40 -34.85 -80.60
C THR I 115 -19.87 -34.81 -82.02
N VAL I 116 -20.57 -34.07 -82.89
CA VAL I 116 -20.15 -33.95 -84.29
C VAL I 116 -20.64 -32.62 -84.88
N ALA I 117 -20.13 -31.52 -84.34
CA ALA I 117 -20.51 -30.20 -84.81
C ALA I 117 -19.49 -29.67 -85.82
N ALA I 118 -19.90 -29.64 -87.09
CA ALA I 118 -19.03 -29.16 -88.15
C ALA I 118 -18.95 -27.64 -88.13
N PRO I 119 -17.86 -27.07 -88.62
CA PRO I 119 -17.73 -25.62 -88.59
C PRO I 119 -18.50 -24.95 -89.72
N SER I 120 -19.03 -23.77 -89.44
CA SER I 120 -19.35 -22.85 -90.52
C SER I 120 -18.03 -22.27 -91.02
N VAL I 121 -17.79 -22.30 -92.32
CA VAL I 121 -16.56 -21.75 -92.89
C VAL I 121 -16.88 -20.46 -93.64
N PHE I 122 -15.94 -19.53 -93.64
CA PHE I 122 -16.11 -18.26 -94.33
C PHE I 122 -14.74 -17.65 -94.69
N ILE I 123 -14.59 -17.21 -95.94
CA ILE I 123 -13.34 -16.63 -96.38
C ILE I 123 -13.58 -15.16 -96.68
N PHE I 124 -12.63 -14.33 -96.25
CA PHE I 124 -12.71 -12.88 -96.41
C PHE I 124 -11.55 -12.40 -97.27
N PRO I 125 -11.79 -11.73 -98.38
CA PRO I 125 -10.69 -11.17 -99.16
C PRO I 125 -10.13 -9.92 -98.49
N PRO I 126 -8.96 -9.44 -98.91
CA PRO I 126 -8.41 -8.25 -98.27
C PRO I 126 -9.18 -6.99 -98.63
N SER I 127 -9.32 -6.10 -97.65
CA SER I 127 -10.04 -4.86 -97.88
C SER I 127 -9.24 -3.92 -98.79
N ASP I 128 -9.98 -3.12 -99.56
CA ASP I 128 -9.32 -2.21 -100.50
C ASP I 128 -8.39 -1.24 -99.79
N GLU I 129 -8.68 -0.91 -98.53
CA GLU I 129 -7.82 0.01 -97.78
C GLU I 129 -6.43 -0.60 -97.58
N GLN I 130 -6.38 -1.90 -97.33
CA GLN I 130 -5.10 -2.54 -97.04
C GLN I 130 -4.25 -2.67 -98.30
N LEU I 131 -4.87 -2.92 -99.45
CA LEU I 131 -4.10 -3.03 -100.68
C LEU I 131 -3.46 -1.69 -101.04
N LYS I 132 -4.02 -0.58 -100.58
CA LYS I 132 -3.31 0.69 -100.70
C LYS I 132 -1.99 0.64 -99.92
N SER I 133 -2.08 0.19 -98.67
CA SER I 133 -0.92 0.14 -97.79
C SER I 133 0.19 -0.73 -98.36
N GLY I 134 -0.14 -1.73 -99.15
CA GLY I 134 0.83 -2.58 -99.81
C GLY I 134 0.94 -3.98 -99.29
N THR I 135 -0.07 -4.49 -98.59
CA THR I 135 -0.08 -5.84 -98.03
C THR I 135 -1.51 -6.38 -98.08
N ALA I 136 -1.64 -7.70 -98.17
CA ALA I 136 -2.95 -8.36 -98.29
C ALA I 136 -3.10 -9.43 -97.21
N SER I 137 -4.03 -9.23 -96.27
CA SER I 137 -4.41 -10.30 -95.35
C SER I 137 -5.66 -11.00 -95.89
N VAL I 138 -5.63 -12.32 -95.92
CA VAL I 138 -6.74 -13.13 -96.39
C VAL I 138 -7.19 -13.97 -95.23
N VAL I 139 -8.36 -13.67 -94.67
CA VAL I 139 -8.79 -14.33 -93.45
C VAL I 139 -9.76 -15.43 -93.82
N CYS I 140 -9.68 -16.54 -93.10
CA CYS I 140 -10.61 -17.65 -93.24
C CYS I 140 -11.08 -18.01 -91.85
N LEU I 141 -12.39 -18.06 -91.67
CA LEU I 141 -12.99 -18.27 -90.35
C LEU I 141 -13.67 -19.64 -90.29
N LEU I 142 -13.50 -20.34 -89.16
CA LEU I 142 -14.19 -21.60 -88.89
C LEU I 142 -15.01 -21.41 -87.63
N ASN I 143 -16.32 -21.45 -87.75
CA ASN I 143 -17.18 -21.02 -86.66
C ASN I 143 -17.78 -22.21 -85.92
N ASN I 144 -17.81 -22.14 -84.60
CA ASN I 144 -18.36 -23.22 -83.79
C ASN I 144 -17.92 -24.60 -84.30
N PHE I 145 -17.39 -25.41 -83.38
CA PHE I 145 -16.94 -26.76 -83.74
C PHE I 145 -16.29 -27.45 -82.54
N TYR I 146 -16.75 -28.67 -82.30
CA TYR I 146 -16.29 -29.52 -81.21
C TYR I 146 -14.83 -29.92 -81.44
N PRO I 147 -14.59 -30.97 -82.22
CA PRO I 147 -13.18 -31.35 -82.44
C PRO I 147 -12.36 -30.17 -82.97
N ARG I 148 -11.40 -29.72 -82.18
CA ARG I 148 -10.54 -28.60 -82.57
C ARG I 148 -9.45 -29.07 -83.53
N GLU I 149 -9.28 -30.37 -83.63
CA GLU I 149 -8.26 -30.94 -84.52
C GLU I 149 -8.61 -30.69 -85.98
N ALA I 150 -8.97 -29.45 -86.30
CA ALA I 150 -9.33 -29.08 -87.65
C ALA I 150 -8.07 -28.71 -88.41
N LYS I 151 -8.09 -28.93 -89.74
CA LYS I 151 -7.00 -28.54 -90.64
C LYS I 151 -7.47 -27.42 -91.56
N VAL I 152 -6.66 -26.37 -91.69
CA VAL I 152 -6.91 -25.27 -92.62
C VAL I 152 -5.80 -25.30 -93.66
N GLN I 153 -6.15 -25.68 -94.88
CA GLN I 153 -5.22 -25.65 -96.01
C GLN I 153 -5.57 -24.46 -96.88
N TRP I 154 -4.66 -23.48 -96.97
CA TRP I 154 -4.77 -22.43 -97.96
C TRP I 154 -4.27 -22.94 -99.30
N LYS I 155 -4.91 -22.48 -100.35
CA LYS I 155 -4.47 -22.78 -101.70
C LYS I 155 -4.54 -21.49 -102.48
N VAL I 156 -3.52 -21.20 -103.27
CA VAL I 156 -3.53 -20.05 -104.14
C VAL I 156 -3.34 -20.55 -105.56
N ASP I 157 -4.37 -20.37 -106.40
CA ASP I 157 -4.40 -20.95 -107.73
C ASP I 157 -4.12 -22.45 -107.68
N ASN I 158 -4.65 -23.10 -106.64
CA ASN I 158 -4.54 -24.55 -106.45
C ASN I 158 -3.15 -25.00 -106.01
N ALA I 159 -2.33 -24.10 -105.49
CA ALA I 159 -1.03 -24.45 -104.94
C ALA I 159 -1.14 -24.40 -103.42
N LEU I 160 -0.86 -25.50 -102.76
CA LEU I 160 -0.98 -25.49 -101.31
C LEU I 160 0.08 -24.55 -100.75
N GLN I 161 -0.35 -23.62 -99.91
CA GLN I 161 0.48 -22.53 -99.37
C GLN I 161 1.05 -22.93 -98.02
N SER I 162 2.36 -22.91 -97.89
CA SER I 162 3.00 -23.30 -96.65
C SER I 162 3.87 -22.16 -96.12
N GLY I 163 3.64 -21.76 -94.88
CA GLY I 163 4.54 -20.88 -94.19
C GLY I 163 4.27 -19.40 -94.30
N ASN I 164 3.06 -19.02 -94.70
CA ASN I 164 2.66 -17.62 -94.67
C ASN I 164 1.30 -17.46 -94.00
N SER I 165 0.91 -18.38 -93.13
CA SER I 165 -0.36 -18.30 -92.44
C SER I 165 -0.12 -18.35 -90.94
N GLN I 166 -1.13 -17.86 -90.19
CA GLN I 166 -1.17 -17.99 -88.74
C GLN I 166 -2.62 -18.26 -88.32
N GLU I 167 -2.77 -19.11 -87.31
CA GLU I 167 -4.08 -19.45 -86.76
C GLU I 167 -4.14 -19.01 -85.31
N SER I 168 -5.36 -18.78 -84.83
CA SER I 168 -5.61 -18.85 -83.39
C SER I 168 -7.04 -19.36 -83.17
N VAL I 169 -7.27 -19.84 -81.95
CA VAL I 169 -8.44 -20.61 -81.61
C VAL I 169 -8.97 -20.06 -80.29
N THR I 170 -10.28 -20.13 -80.11
CA THR I 170 -10.88 -19.55 -78.92
C THR I 170 -10.96 -20.59 -77.82
N GLU I 171 -11.17 -20.13 -76.60
CA GLU I 171 -11.44 -21.05 -75.52
C GLU I 171 -12.80 -21.73 -75.75
N GLN I 172 -12.88 -22.99 -75.32
CA GLN I 172 -14.12 -23.74 -75.44
C GLN I 172 -15.28 -22.91 -74.88
N ASP I 173 -16.32 -22.74 -75.71
CA ASP I 173 -17.42 -21.85 -75.39
C ASP I 173 -18.24 -22.33 -74.19
N SER I 174 -18.49 -21.41 -73.24
CA SER I 174 -19.20 -21.77 -72.02
C SER I 174 -20.67 -22.14 -72.27
N LYS I 175 -21.26 -21.72 -73.39
CA LYS I 175 -22.63 -22.10 -73.69
C LYS I 175 -22.73 -23.42 -74.43
N ASP I 176 -22.17 -23.50 -75.64
CA ASP I 176 -22.35 -24.67 -76.49
C ASP I 176 -21.09 -25.53 -76.62
N SER I 177 -20.04 -25.25 -75.83
CA SER I 177 -18.85 -26.10 -75.72
C SER I 177 -18.16 -26.31 -77.06
N THR I 178 -18.18 -25.31 -77.95
CA THR I 178 -17.56 -25.40 -79.26
C THR I 178 -16.29 -24.57 -79.31
N TYR I 179 -15.56 -24.71 -80.41
CA TYR I 179 -14.38 -23.90 -80.65
C TYR I 179 -14.59 -23.07 -81.89
N SER I 180 -13.79 -22.00 -82.05
CA SER I 180 -13.82 -21.22 -83.28
C SER I 180 -12.39 -20.86 -83.64
N LEU I 181 -12.09 -20.84 -84.94
CA LEU I 181 -10.71 -20.73 -85.40
C LEU I 181 -10.60 -19.73 -86.53
N SER I 182 -9.54 -18.93 -86.49
CA SER I 182 -9.30 -17.90 -87.50
C SER I 182 -7.90 -18.10 -88.05
N SER I 183 -7.78 -18.33 -89.35
CA SER I 183 -6.49 -18.46 -90.01
C SER I 183 -6.28 -17.26 -90.94
N THR I 184 -5.12 -16.61 -90.83
CA THR I 184 -4.81 -15.43 -91.64
C THR I 184 -3.63 -15.72 -92.56
N LEU I 185 -3.84 -15.51 -93.86
CA LEU I 185 -2.79 -15.66 -94.86
C LEU I 185 -2.28 -14.27 -95.22
N THR I 186 -0.97 -14.06 -95.16
CA THR I 186 -0.42 -12.71 -95.37
C THR I 186 0.50 -12.69 -96.58
N LEU I 187 0.20 -11.78 -97.52
CA LEU I 187 0.90 -11.63 -98.78
C LEU I 187 1.23 -10.16 -99.00
N SER I 188 2.14 -9.90 -99.92
CA SER I 188 2.37 -8.54 -100.34
C SER I 188 1.31 -8.15 -101.38
N LYS I 189 1.09 -6.85 -101.55
CA LYS I 189 0.20 -6.42 -102.62
C LYS I 189 0.69 -6.96 -103.95
N ALA I 190 1.99 -6.80 -104.22
CA ALA I 190 2.59 -7.28 -105.46
C ALA I 190 2.31 -8.76 -105.69
N ASP I 191 2.64 -9.61 -104.70
CA ASP I 191 2.42 -11.05 -104.86
C ASP I 191 0.93 -11.40 -104.89
N TYR I 192 0.11 -10.63 -104.17
CA TYR I 192 -1.33 -10.87 -104.21
C TYR I 192 -1.86 -10.76 -105.63
N GLU I 193 -1.55 -9.64 -106.30
CA GLU I 193 -1.91 -9.32 -107.67
C GLU I 193 -1.31 -10.25 -108.72
N LYS I 194 -0.57 -11.30 -108.35
CA LYS I 194 -0.01 -12.26 -109.29
C LYS I 194 -0.84 -13.53 -109.46
N HIS I 195 -1.89 -13.72 -108.66
CA HIS I 195 -2.71 -14.93 -108.70
C HIS I 195 -4.19 -14.55 -108.67
N LYS I 196 -5.05 -15.54 -108.95
CA LYS I 196 -6.49 -15.29 -109.09
C LYS I 196 -7.32 -15.91 -107.98
N VAL I 197 -7.38 -17.24 -107.90
CA VAL I 197 -8.27 -17.91 -106.95
C VAL I 197 -7.58 -18.01 -105.60
N TYR I 198 -8.23 -17.50 -104.56
CA TYR I 198 -7.80 -17.76 -103.19
C TYR I 198 -8.84 -18.64 -102.53
N ALA I 199 -8.37 -19.76 -101.99
CA ALA I 199 -9.22 -20.81 -101.46
C ALA I 199 -8.74 -21.18 -100.07
N CYS I 200 -9.67 -21.68 -99.27
CA CYS I 200 -9.43 -22.08 -97.90
C CYS I 200 -10.15 -23.41 -97.73
N GLU I 201 -9.42 -24.50 -97.56
CA GLU I 201 -10.03 -25.83 -97.52
C GLU I 201 -9.95 -26.38 -96.11
N VAL I 202 -11.10 -26.59 -95.48
CA VAL I 202 -11.19 -27.02 -94.08
C VAL I 202 -11.52 -28.50 -94.00
N THR I 203 -10.73 -29.23 -93.22
CA THR I 203 -10.94 -30.65 -92.95
C THR I 203 -11.38 -30.81 -91.49
N HIS I 204 -12.37 -31.67 -91.25
CA HIS I 204 -12.91 -31.80 -89.90
C HIS I 204 -13.79 -33.03 -89.83
N GLN I 205 -13.91 -33.57 -88.61
CA GLN I 205 -14.60 -34.85 -88.42
C GLN I 205 -16.08 -34.75 -88.73
N GLY I 206 -16.70 -33.58 -88.50
CA GLY I 206 -18.08 -33.39 -88.85
C GLY I 206 -18.35 -33.16 -90.32
N LEU I 207 -17.29 -33.07 -91.14
CA LEU I 207 -17.42 -32.97 -92.59
C LEU I 207 -17.08 -34.32 -93.22
N SER I 208 -17.96 -34.81 -94.09
CA SER I 208 -17.69 -36.06 -94.78
C SER I 208 -16.54 -35.91 -95.78
N SER I 209 -16.46 -34.77 -96.45
CA SER I 209 -15.30 -34.44 -97.25
C SER I 209 -15.04 -32.94 -97.08
N PRO I 210 -13.80 -32.49 -97.29
CA PRO I 210 -13.43 -31.15 -96.86
C PRO I 210 -14.23 -30.07 -97.59
N VAL I 211 -14.40 -28.96 -96.92
CA VAL I 211 -15.15 -27.84 -97.44
C VAL I 211 -14.14 -26.81 -97.88
N THR I 212 -14.35 -26.26 -99.06
CA THR I 212 -13.52 -25.16 -99.56
C THR I 212 -14.40 -23.94 -99.77
N LYS I 213 -14.03 -22.83 -99.13
CA LYS I 213 -14.59 -21.53 -99.46
C LYS I 213 -13.55 -20.73 -100.22
N SER I 214 -13.95 -20.08 -101.31
CA SER I 214 -12.96 -19.43 -102.16
C SER I 214 -13.57 -18.22 -102.84
N PHE I 215 -12.71 -17.29 -103.21
CA PHE I 215 -13.09 -16.13 -104.00
C PHE I 215 -12.09 -15.95 -105.13
N ASN I 216 -12.41 -15.04 -106.02
CA ASN I 216 -11.58 -14.76 -107.19
C ASN I 216 -11.19 -13.29 -107.11
N ARG I 217 -9.90 -13.02 -106.87
CA ARG I 217 -9.42 -11.65 -106.73
C ARG I 217 -9.93 -10.78 -107.84
N GLY I 218 -10.64 -9.72 -107.46
CA GLY I 218 -11.06 -8.72 -108.40
C GLY I 218 -12.40 -8.96 -109.05
N GLU I 219 -13.27 -9.78 -108.43
CA GLU I 219 -14.61 -10.04 -108.95
C GLU I 219 -15.65 -9.59 -107.91
N CYS I 220 -16.24 -8.40 -108.12
CA CYS I 220 -17.32 -7.90 -107.28
C CYS I 220 -18.40 -8.97 -107.12
#